data_6VCH
#
_entry.id   6VCH
#
_cell.length_a   107.250
_cell.length_b   107.250
_cell.length_c   490.238
_cell.angle_alpha   90.000
_cell.angle_beta   90.000
_cell.angle_gamma   120.000
#
_symmetry.space_group_name_H-M   'P 61'
#
loop_
_entity.id
_entity.type
_entity.pdbx_description
1 polymer 'carotenoid cleavage dioxygenase'
2 non-polymer 'COBALT (II) ION'
3 non-polymer (2E,4E,6E,8E,10E)-11-[(4R)-4-hydroxy-2,6,6-trimethylcyclohex-1-en-1-yl]-5,9-dimethylundeca-2,4,6,8,10-pentaenal
4 non-polymer 'CHLORIDE ION'
5 non-polymer 'SODIUM ION'
6 water water
#
_entity_poly.entity_id   1
_entity_poly.type   'polypeptide(L)'
_entity_poly.pdbx_seq_one_letter_code
;MAYTVTNKFQLGFSTLSEELDLESLQVKGTIPKWLSGTLIRNGPAKFEVGKEKFQHWFDGLAMLHKFSFKEGKVSYANKF
LESKAYQSARDTDKISYREFATDPCRSIFKRVSSMFSTKFTDNANVNVTKIAERFVAMTETPLPVEFDINTLKTVGVFAY
DDKIESGLTTAHPHYDFVKNELVNYATKISRSSNYNVYKIADKTNHRNLIGSIPVEEPAYMHSFAMTENYVVLVEYPFVV
KPLDLLLSGKPFIENFSWKPENGTRFIIVNRQNGNLVGTYKSDAFFAFHHVNAFEKQEEIFVDIIAYQDSSIVNALYLDI
LRGQKTDTIPTSHIRRYRIPLSGGQVEYEMLSSEAVELPRINYKQYNTKDYRFVYGISTYSASDFANQLVKIDILRKSSK
IWSEKDCYPGEPVFVGAPDATKEDEGLILSAVLDATNAKSFLLILDATTFEEVARAEVPHHIPFGFHGNYFE
;
_entity_poly.pdbx_strand_id   A,B,C,D,E,F
#
loop_
_chem_comp.id
_chem_comp.type
_chem_comp.name
_chem_comp.formula
CL non-polymer 'CHLORIDE ION' 'Cl -1'
CO non-polymer 'COBALT (II) ION' 'Co 2'
NA non-polymer 'SODIUM ION' 'Na 1'
QVM non-polymer (2E,4E,6E,8E,10E)-11-[(4R)-4-hydroxy-2,6,6-trimethylcyclohex-1-en-1-yl]-5,9-dimethylundeca-2,4,6,8,10-pentaenal 'C22 H30 O2'
#
# COMPACT_ATOMS: atom_id res chain seq x y z
N ASN A 7 16.69 -5.45 -9.56
CA ASN A 7 16.70 -6.93 -9.70
C ASN A 7 15.67 -7.53 -8.73
N LYS A 8 14.45 -7.80 -9.24
CA LYS A 8 13.29 -8.32 -8.46
C LYS A 8 13.55 -9.75 -7.96
N PHE A 9 14.34 -10.52 -8.69
CA PHE A 9 14.55 -11.98 -8.45
C PHE A 9 15.81 -12.21 -7.60
N GLN A 10 16.45 -11.14 -7.11
CA GLN A 10 17.69 -11.19 -6.27
C GLN A 10 17.55 -12.21 -5.14
N LEU A 11 16.34 -12.38 -4.61
CA LEU A 11 16.03 -13.27 -3.46
C LEU A 11 16.31 -14.73 -3.82
N GLY A 12 16.09 -15.12 -5.09
CA GLY A 12 16.34 -16.47 -5.60
C GLY A 12 17.82 -16.86 -5.55
N PHE A 13 18.72 -15.90 -5.37
CA PHE A 13 20.20 -16.10 -5.26
C PHE A 13 20.70 -15.65 -3.88
N SER A 14 19.80 -15.62 -2.88
CA SER A 14 20.15 -15.28 -1.48
C SER A 14 19.96 -16.53 -0.61
N THR A 15 20.77 -16.65 0.45
CA THR A 15 20.82 -17.82 1.35
C THR A 15 19.43 -18.06 1.96
N LEU A 16 19.07 -19.34 2.14
CA LEU A 16 17.93 -19.79 2.98
C LEU A 16 18.51 -20.59 4.16
N SER A 17 18.52 -20.01 5.36
CA SER A 17 19.08 -20.62 6.59
C SER A 17 18.02 -21.46 7.30
N GLU A 18 16.73 -21.24 7.01
CA GLU A 18 15.59 -21.91 7.70
C GLU A 18 15.39 -23.33 7.14
N GLU A 19 15.43 -24.32 8.01
CA GLU A 19 15.09 -25.75 7.73
C GLU A 19 13.88 -26.13 8.58
N LEU A 20 12.79 -26.57 7.96
CA LEU A 20 11.56 -26.96 8.70
C LEU A 20 10.95 -28.24 8.12
N ASP A 21 9.99 -28.83 8.85
CA ASP A 21 9.24 -30.05 8.49
C ASP A 21 7.77 -29.81 8.81
N LEU A 22 6.89 -29.84 7.79
CA LEU A 22 5.45 -29.49 7.89
C LEU A 22 4.60 -30.59 7.24
N GLU A 23 3.60 -31.10 7.96
CA GLU A 23 2.74 -32.23 7.53
C GLU A 23 1.83 -31.80 6.38
N SER A 24 1.32 -30.57 6.41
CA SER A 24 0.42 -29.99 5.38
C SER A 24 0.85 -28.55 5.04
N LEU A 25 1.08 -28.27 3.75
CA LEU A 25 1.14 -26.90 3.18
C LEU A 25 -0.29 -26.45 2.86
N GLN A 26 -0.55 -25.13 2.91
CA GLN A 26 -1.81 -24.51 2.43
C GLN A 26 -1.92 -24.78 0.94
N VAL A 27 -2.92 -25.55 0.52
CA VAL A 27 -3.17 -25.94 -0.91
C VAL A 27 -4.31 -25.06 -1.44
N LYS A 28 -4.19 -24.63 -2.70
CA LYS A 28 -5.27 -23.99 -3.50
C LYS A 28 -5.41 -24.78 -4.80
N GLY A 29 -6.65 -25.07 -5.21
CA GLY A 29 -6.96 -26.02 -6.29
C GLY A 29 -7.10 -27.41 -5.73
N THR A 30 -6.89 -28.43 -6.56
CA THR A 30 -6.94 -29.85 -6.14
C THR A 30 -5.81 -30.63 -6.81
N ILE A 31 -5.06 -31.39 -5.99
CA ILE A 31 -3.95 -32.29 -6.40
C ILE A 31 -4.55 -33.66 -6.65
N PRO A 32 -4.44 -34.24 -7.87
CA PRO A 32 -5.06 -35.52 -8.18
C PRO A 32 -4.74 -36.58 -7.11
N LYS A 33 -5.72 -37.42 -6.75
CA LYS A 33 -5.64 -38.47 -5.71
C LYS A 33 -4.49 -39.44 -6.04
N TRP A 34 -4.18 -39.63 -7.33
CA TRP A 34 -3.26 -40.69 -7.82
C TRP A 34 -1.80 -40.26 -7.61
N LEU A 35 -1.55 -38.98 -7.38
CA LEU A 35 -0.20 -38.46 -6.99
C LEU A 35 0.07 -38.87 -5.53
N SER A 36 0.84 -39.94 -5.33
CA SER A 36 1.11 -40.56 -4.00
C SER A 36 2.61 -40.70 -3.76
N GLY A 37 3.44 -40.01 -4.54
CA GLY A 37 4.91 -40.10 -4.46
C GLY A 37 5.51 -38.89 -3.78
N THR A 38 6.81 -38.71 -3.95
CA THR A 38 7.60 -37.61 -3.34
C THR A 38 8.40 -36.90 -4.44
N LEU A 39 8.28 -35.57 -4.50
CA LEU A 39 9.16 -34.70 -5.31
C LEU A 39 10.33 -34.26 -4.42
N ILE A 40 11.57 -34.53 -4.87
CA ILE A 40 12.81 -33.98 -4.23
C ILE A 40 13.42 -32.95 -5.18
N ARG A 41 13.64 -31.74 -4.69
CA ARG A 41 14.34 -30.64 -5.41
C ARG A 41 15.74 -30.48 -4.80
N ASN A 42 16.76 -30.35 -5.66
CA ASN A 42 18.15 -30.08 -5.22
C ASN A 42 18.58 -28.73 -5.80
N GLY A 43 19.46 -28.03 -5.08
CA GLY A 43 20.00 -26.74 -5.50
C GLY A 43 20.88 -26.13 -4.42
N PRO A 44 21.59 -25.04 -4.76
CA PRO A 44 22.36 -24.29 -3.78
C PRO A 44 21.40 -23.43 -2.94
N ALA A 45 21.64 -23.33 -1.63
CA ALA A 45 20.78 -22.54 -0.71
C ALA A 45 21.62 -21.71 0.27
N LYS A 46 22.96 -21.80 0.23
CA LYS A 46 23.89 -21.01 1.08
C LYS A 46 25.05 -20.54 0.23
N PHE A 47 25.17 -19.22 0.03
CA PHE A 47 26.05 -18.59 -0.99
C PHE A 47 27.21 -17.87 -0.31
N GLU A 48 27.34 -18.01 1.01
CA GLU A 48 28.49 -17.47 1.79
C GLU A 48 28.73 -18.31 3.06
N VAL A 49 29.96 -18.25 3.55
CA VAL A 49 30.45 -18.87 4.82
C VAL A 49 31.25 -17.78 5.53
N GLY A 50 30.75 -17.30 6.67
CA GLY A 50 31.30 -16.13 7.37
C GLY A 50 31.47 -14.95 6.43
N LYS A 51 32.71 -14.47 6.29
CA LYS A 51 33.09 -13.30 5.46
C LYS A 51 33.33 -13.73 4.00
N GLU A 52 33.54 -15.03 3.76
CA GLU A 52 33.89 -15.61 2.43
C GLU A 52 32.60 -15.84 1.62
N LYS A 53 32.53 -15.27 0.42
CA LYS A 53 31.39 -15.44 -0.52
C LYS A 53 31.75 -16.48 -1.58
N PHE A 54 30.82 -17.38 -1.90
CA PHE A 54 30.89 -18.26 -3.09
C PHE A 54 30.74 -17.38 -4.33
N GLN A 55 31.55 -17.60 -5.35
CA GLN A 55 31.64 -16.73 -6.56
C GLN A 55 30.51 -17.07 -7.54
N HIS A 56 30.13 -18.34 -7.66
CA HIS A 56 29.30 -18.88 -8.77
C HIS A 56 28.04 -19.55 -8.20
N TRP A 57 26.96 -19.50 -8.98
CA TRP A 57 25.66 -20.14 -8.68
C TRP A 57 25.88 -21.62 -8.34
N PHE A 58 26.76 -22.31 -9.07
CA PHE A 58 27.05 -23.76 -8.97
C PHE A 58 27.79 -24.09 -7.66
N ASP A 59 28.33 -23.09 -6.96
CA ASP A 59 29.16 -23.27 -5.73
C ASP A 59 28.32 -23.41 -4.46
N GLY A 60 27.07 -22.95 -4.46
CA GLY A 60 26.24 -22.87 -3.24
C GLY A 60 25.99 -24.23 -2.62
N LEU A 61 25.98 -24.29 -1.28
CA LEU A 61 25.90 -25.55 -0.50
C LEU A 61 24.50 -26.16 -0.64
N ALA A 62 24.44 -27.44 -1.00
CA ALA A 62 23.22 -28.19 -1.40
C ALA A 62 22.21 -28.18 -0.26
N MET A 63 20.94 -27.97 -0.63
CA MET A 63 19.74 -28.11 0.25
C MET A 63 18.70 -28.92 -0.51
N LEU A 64 18.12 -29.94 0.14
CA LEU A 64 17.04 -30.77 -0.44
C LEU A 64 15.68 -30.21 0.04
N HIS A 65 14.70 -30.20 -0.86
CA HIS A 65 13.29 -29.83 -0.58
C HIS A 65 12.42 -31.04 -0.91
N LYS A 66 11.58 -31.46 0.05
CA LYS A 66 10.70 -32.66 -0.07
C LYS A 66 9.25 -32.20 -0.15
N PHE A 67 8.58 -32.52 -1.26
CA PHE A 67 7.12 -32.40 -1.45
C PHE A 67 6.55 -33.82 -1.58
N SER A 68 5.91 -34.31 -0.51
CA SER A 68 5.34 -35.68 -0.43
C SER A 68 3.81 -35.57 -0.46
N PHE A 69 3.16 -36.36 -1.32
CA PHE A 69 1.72 -36.26 -1.65
C PHE A 69 0.96 -37.45 -1.05
N LYS A 70 -0.14 -37.17 -0.35
CA LYS A 70 -1.13 -38.16 0.13
C LYS A 70 -2.54 -37.61 -0.09
N GLU A 71 -3.36 -38.32 -0.87
CA GLU A 71 -4.82 -38.07 -1.08
C GLU A 71 -5.12 -36.57 -1.04
N GLY A 72 -4.50 -35.80 -1.95
CA GLY A 72 -4.80 -34.37 -2.20
C GLY A 72 -4.03 -33.42 -1.28
N LYS A 73 -3.43 -33.94 -0.20
CA LYS A 73 -2.59 -33.16 0.75
C LYS A 73 -1.16 -33.21 0.23
N VAL A 74 -0.33 -32.25 0.66
CA VAL A 74 1.13 -32.21 0.35
C VAL A 74 1.87 -31.80 1.63
N SER A 75 2.88 -32.60 2.02
CA SER A 75 3.81 -32.34 3.14
C SER A 75 5.10 -31.75 2.57
N TYR A 76 5.79 -30.91 3.34
CA TYR A 76 7.05 -30.24 2.93
C TYR A 76 8.10 -30.34 4.05
N ALA A 77 9.34 -30.60 3.64
CA ALA A 77 10.55 -30.53 4.50
C ALA A 77 11.72 -30.07 3.65
N ASN A 78 12.65 -29.33 4.27
CA ASN A 78 13.92 -28.89 3.64
C ASN A 78 15.04 -29.01 4.67
N LYS A 79 16.18 -29.54 4.25
CA LYS A 79 17.42 -29.65 5.08
C LYS A 79 18.62 -29.42 4.15
N PHE A 80 19.65 -28.76 4.68
CA PHE A 80 21.01 -28.70 4.07
C PHE A 80 21.58 -30.12 4.05
N LEU A 81 22.15 -30.53 2.93
CA LEU A 81 22.91 -31.79 2.81
C LEU A 81 24.12 -31.68 3.76
N GLU A 82 24.24 -32.60 4.71
CA GLU A 82 25.36 -32.61 5.69
C GLU A 82 26.59 -33.27 5.08
N SER A 83 26.99 -32.80 3.89
CA SER A 83 28.29 -33.09 3.23
C SER A 83 29.42 -32.66 4.17
N LYS A 84 30.63 -33.14 3.90
CA LYS A 84 31.88 -32.65 4.54
C LYS A 84 32.07 -31.18 4.19
N ALA A 85 31.70 -30.79 2.96
CA ALA A 85 31.71 -29.39 2.48
C ALA A 85 30.87 -28.53 3.43
N TYR A 86 29.62 -28.92 3.67
CA TYR A 86 28.67 -28.17 4.54
C TYR A 86 29.16 -28.20 5.99
N GLN A 87 29.41 -29.39 6.53
CA GLN A 87 29.85 -29.61 7.93
C GLN A 87 31.08 -28.76 8.23
N SER A 88 32.07 -28.78 7.34
CA SER A 88 33.35 -28.04 7.50
C SER A 88 33.10 -26.53 7.52
N ALA A 89 32.25 -26.04 6.60
CA ALA A 89 31.82 -24.62 6.52
C ALA A 89 31.10 -24.23 7.82
N ARG A 90 30.12 -25.03 8.24
CA ARG A 90 29.30 -24.80 9.46
C ARG A 90 30.21 -24.75 10.71
N ASP A 91 31.22 -25.61 10.79
CA ASP A 91 31.96 -25.89 12.05
C ASP A 91 33.29 -25.10 12.11
N THR A 92 33.80 -24.58 11.00
CA THR A 92 35.06 -23.78 10.96
C THR A 92 34.82 -22.38 10.38
N ASP A 93 33.61 -22.10 9.86
CA ASP A 93 33.25 -20.83 9.18
C ASP A 93 34.34 -20.45 8.17
N LYS A 94 34.82 -21.47 7.45
CA LYS A 94 35.81 -21.38 6.35
C LYS A 94 35.35 -22.28 5.21
N ILE A 95 35.38 -21.78 3.97
CA ILE A 95 35.19 -22.65 2.76
C ILE A 95 36.37 -23.62 2.75
N SER A 96 36.11 -24.92 2.75
CA SER A 96 37.09 -25.98 3.09
C SER A 96 37.38 -26.91 1.91
N TYR A 97 36.48 -26.97 0.92
CA TYR A 97 36.62 -27.81 -0.29
C TYR A 97 36.55 -26.93 -1.54
N ARG A 98 37.17 -27.41 -2.62
CA ARG A 98 37.20 -26.75 -3.94
C ARG A 98 35.86 -26.98 -4.62
N GLU A 99 35.15 -25.90 -4.97
CA GLU A 99 33.84 -25.95 -5.65
C GLU A 99 34.08 -25.68 -7.14
N PHE A 100 33.00 -25.61 -7.90
CA PHE A 100 33.02 -25.34 -9.36
C PHE A 100 33.85 -24.09 -9.69
N ALA A 101 33.74 -23.01 -8.91
CA ALA A 101 34.36 -21.71 -9.24
C ALA A 101 34.87 -20.95 -8.00
N THR A 102 34.94 -21.60 -6.85
CA THR A 102 35.53 -21.00 -5.62
C THR A 102 36.47 -22.01 -4.97
N ASP A 103 37.64 -21.55 -4.54
CA ASP A 103 38.66 -22.35 -3.81
C ASP A 103 38.73 -21.88 -2.36
N PRO A 104 39.02 -22.76 -1.39
CA PRO A 104 39.35 -22.34 -0.04
C PRO A 104 40.51 -21.34 0.03
N CYS A 105 40.65 -20.66 1.17
CA CYS A 105 41.81 -19.83 1.53
C CYS A 105 42.94 -20.71 2.10
N LYS A 119 40.23 -35.37 -2.29
CA LYS A 119 40.17 -33.92 -1.96
C LYS A 119 39.18 -33.20 -2.88
N PHE A 120 38.17 -33.91 -3.42
CA PHE A 120 37.03 -33.30 -4.15
C PHE A 120 35.93 -32.90 -3.16
N THR A 121 35.21 -31.82 -3.43
CA THR A 121 33.97 -31.44 -2.69
C THR A 121 32.92 -32.53 -2.86
N ASP A 122 32.14 -32.78 -1.82
CA ASP A 122 30.94 -33.66 -1.84
C ASP A 122 29.68 -32.78 -1.78
N ASN A 123 29.80 -31.50 -2.16
CA ASN A 123 28.66 -30.55 -2.21
C ASN A 123 27.75 -30.97 -3.36
N ALA A 124 26.94 -32.01 -3.15
CA ALA A 124 26.07 -32.62 -4.19
C ALA A 124 24.79 -31.80 -4.33
N ASN A 125 24.83 -30.74 -5.16
CA ASN A 125 23.78 -29.69 -5.21
C ASN A 125 23.01 -29.73 -6.54
N VAL A 126 23.28 -30.69 -7.44
CA VAL A 126 22.81 -30.60 -8.85
C VAL A 126 21.51 -31.40 -9.04
N ASN A 127 21.48 -32.66 -8.62
CA ASN A 127 20.39 -33.59 -8.97
C ASN A 127 20.27 -34.65 -7.87
N VAL A 128 19.23 -35.48 -7.94
CA VAL A 128 18.99 -36.65 -7.04
C VAL A 128 18.51 -37.82 -7.91
N THR A 129 18.82 -39.04 -7.48
CA THR A 129 18.36 -40.29 -8.13
C THR A 129 18.43 -41.43 -7.10
N LYS A 130 18.16 -42.66 -7.52
CA LYS A 130 18.32 -43.87 -6.67
C LYS A 130 19.39 -44.76 -7.30
N ILE A 131 20.35 -45.21 -6.49
CA ILE A 131 21.36 -46.23 -6.86
C ILE A 131 21.35 -47.29 -5.76
N ALA A 132 21.28 -48.57 -6.13
CA ALA A 132 21.23 -49.71 -5.19
C ALA A 132 20.09 -49.49 -4.18
N GLU A 133 18.92 -49.06 -4.67
CA GLU A 133 17.68 -48.82 -3.87
C GLU A 133 17.93 -47.78 -2.77
N ARG A 134 18.94 -46.91 -2.92
CA ARG A 134 19.26 -45.82 -1.97
C ARG A 134 19.12 -44.47 -2.68
N PHE A 135 18.66 -43.45 -1.97
CA PHE A 135 18.50 -42.07 -2.47
C PHE A 135 19.84 -41.34 -2.34
N VAL A 136 20.33 -40.77 -3.44
CA VAL A 136 21.64 -40.07 -3.50
C VAL A 136 21.44 -38.68 -4.13
N ALA A 137 22.11 -37.69 -3.55
CA ALA A 137 22.35 -36.36 -4.14
C ALA A 137 23.64 -36.43 -4.97
N MET A 138 23.67 -35.71 -6.11
CA MET A 138 24.78 -35.79 -7.09
C MET A 138 25.29 -34.39 -7.44
N THR A 139 26.61 -34.27 -7.59
CA THR A 139 27.29 -33.17 -8.31
C THR A 139 28.23 -33.83 -9.35
N GLU A 140 29.31 -33.17 -9.73
CA GLU A 140 30.17 -33.56 -10.88
C GLU A 140 31.50 -34.12 -10.39
N THR A 141 31.70 -34.16 -9.07
CA THR A 141 32.82 -34.91 -8.41
C THR A 141 32.43 -36.38 -8.35
N PRO A 142 33.40 -37.31 -8.19
CA PRO A 142 33.15 -38.74 -8.39
C PRO A 142 32.04 -39.44 -7.58
N LEU A 143 31.87 -39.10 -6.30
CA LEU A 143 31.02 -39.86 -5.36
C LEU A 143 29.76 -39.08 -5.03
N PRO A 144 28.56 -39.67 -5.21
CA PRO A 144 27.32 -39.09 -4.69
C PRO A 144 27.25 -39.14 -3.17
N VAL A 145 26.25 -38.45 -2.62
CA VAL A 145 26.00 -38.36 -1.15
C VAL A 145 24.60 -38.93 -0.88
N GLU A 146 24.56 -40.01 -0.08
CA GLU A 146 23.33 -40.74 0.26
C GLU A 146 22.54 -39.97 1.32
N PHE A 147 21.22 -39.89 1.17
CA PHE A 147 20.30 -39.23 2.13
C PHE A 147 19.07 -40.13 2.35
N ASP A 148 18.44 -39.96 3.51
CA ASP A 148 17.19 -40.65 3.90
C ASP A 148 16.03 -39.79 3.39
N ILE A 149 15.15 -40.35 2.55
CA ILE A 149 14.02 -39.59 1.93
C ILE A 149 12.96 -39.29 3.01
N ASN A 150 12.89 -40.08 4.08
CA ASN A 150 11.93 -39.87 5.19
C ASN A 150 12.30 -38.60 5.96
N THR A 151 13.57 -38.48 6.36
CA THR A 151 14.07 -37.45 7.32
C THR A 151 14.84 -36.33 6.60
N LEU A 152 15.30 -36.57 5.37
CA LEU A 152 16.28 -35.75 4.60
C LEU A 152 17.63 -35.67 5.33
N LYS A 153 17.90 -36.61 6.24
CA LYS A 153 19.22 -36.73 6.92
C LYS A 153 20.22 -37.29 5.92
N THR A 154 21.50 -36.92 6.08
CA THR A 154 22.62 -37.39 5.24
C THR A 154 23.23 -38.64 5.85
N VAL A 155 23.29 -39.73 5.09
CA VAL A 155 23.92 -41.02 5.52
C VAL A 155 25.44 -40.93 5.33
N GLY A 156 25.90 -40.36 4.21
CA GLY A 156 27.33 -40.13 3.94
C GLY A 156 27.68 -40.36 2.49
N VAL A 157 28.98 -40.35 2.17
CA VAL A 157 29.52 -40.65 0.79
C VAL A 157 29.04 -42.05 0.39
N PHE A 158 28.39 -42.15 -0.77
CA PHE A 158 27.97 -43.42 -1.42
C PHE A 158 29.13 -43.90 -2.28
N ALA A 159 29.88 -44.89 -1.79
CA ALA A 159 31.02 -45.50 -2.50
C ALA A 159 30.48 -46.45 -3.57
N TYR A 160 31.08 -46.41 -4.78
CA TYR A 160 30.88 -47.44 -5.83
C TYR A 160 31.81 -48.61 -5.48
N ASP A 161 31.37 -49.83 -5.80
CA ASP A 161 32.15 -51.07 -5.54
C ASP A 161 32.73 -51.57 -6.86
N ASP A 162 33.82 -50.95 -7.31
CA ASP A 162 34.48 -51.26 -8.61
C ASP A 162 35.85 -50.57 -8.64
N LYS A 163 36.60 -50.72 -9.75
CA LYS A 163 37.98 -50.17 -9.89
C LYS A 163 38.01 -49.10 -11.00
N ILE A 164 36.84 -48.56 -11.37
CA ILE A 164 36.74 -47.50 -12.42
C ILE A 164 37.33 -46.21 -11.84
N GLU A 165 38.31 -45.62 -12.52
CA GLU A 165 38.97 -44.35 -12.12
C GLU A 165 38.11 -43.19 -12.62
N SER A 166 37.92 -42.16 -11.81
CA SER A 166 37.22 -40.91 -12.24
C SER A 166 37.64 -39.71 -11.39
N GLY A 167 37.61 -38.53 -11.99
CA GLY A 167 37.79 -37.23 -11.33
C GLY A 167 36.60 -36.32 -11.56
N LEU A 168 35.94 -36.45 -12.71
CA LEU A 168 34.85 -35.54 -13.19
C LEU A 168 33.76 -36.41 -13.79
N THR A 169 32.49 -36.14 -13.48
CA THR A 169 31.34 -36.96 -13.94
C THR A 169 30.13 -36.03 -14.09
N THR A 170 28.96 -36.60 -14.39
CA THR A 170 27.70 -35.82 -14.52
C THR A 170 26.78 -36.17 -13.35
N ALA A 171 25.91 -35.23 -13.01
CA ALA A 171 24.73 -35.43 -12.15
C ALA A 171 23.50 -35.62 -13.05
N HIS A 172 23.71 -36.11 -14.28
CA HIS A 172 22.65 -36.35 -15.29
C HIS A 172 22.74 -37.79 -15.81
N PRO A 173 22.73 -38.80 -14.92
CA PRO A 173 22.69 -40.19 -15.37
C PRO A 173 21.42 -40.44 -16.17
N HIS A 174 21.48 -41.30 -17.19
CA HIS A 174 20.29 -41.83 -17.89
C HIS A 174 19.86 -43.13 -17.19
N TYR A 175 18.61 -43.54 -17.38
CA TYR A 175 18.08 -44.82 -16.83
C TYR A 175 17.32 -45.57 -17.93
N ASP A 176 17.74 -46.81 -18.16
CA ASP A 176 17.11 -47.80 -19.08
C ASP A 176 16.07 -48.58 -18.27
N PHE A 177 14.78 -48.38 -18.57
CA PHE A 177 13.64 -48.99 -17.84
C PHE A 177 13.45 -50.45 -18.28
N VAL A 178 13.85 -50.79 -19.51
CA VAL A 178 13.79 -52.17 -20.07
C VAL A 178 14.79 -53.06 -19.33
N LYS A 179 16.06 -52.63 -19.28
CA LYS A 179 17.19 -53.40 -18.70
C LYS A 179 17.35 -53.09 -17.21
N ASN A 180 16.68 -52.05 -16.72
CA ASN A 180 16.80 -51.58 -15.31
C ASN A 180 18.28 -51.33 -14.99
N GLU A 181 18.92 -50.49 -15.81
CA GLU A 181 20.33 -50.04 -15.66
C GLU A 181 20.38 -48.52 -15.62
N LEU A 182 21.06 -47.95 -14.63
CA LEU A 182 21.57 -46.56 -14.66
C LEU A 182 22.76 -46.50 -15.62
N VAL A 183 22.85 -45.45 -16.44
CA VAL A 183 23.97 -45.23 -17.41
C VAL A 183 24.53 -43.83 -17.20
N ASN A 184 25.86 -43.72 -17.12
CA ASN A 184 26.58 -42.44 -16.91
C ASN A 184 27.99 -42.60 -17.48
N TYR A 185 28.80 -41.54 -17.49
CA TYR A 185 30.24 -41.59 -17.79
C TYR A 185 30.99 -40.85 -16.68
N ALA A 186 32.27 -41.15 -16.52
CA ALA A 186 33.21 -40.42 -15.64
C ALA A 186 34.53 -40.26 -16.38
N THR A 187 35.14 -39.08 -16.28
CA THR A 187 36.44 -38.74 -16.91
C THR A 187 37.55 -38.95 -15.87
N LYS A 188 38.46 -39.89 -16.13
CA LYS A 188 39.76 -39.93 -15.44
C LYS A 188 40.61 -38.77 -15.98
N ILE A 189 40.95 -37.80 -15.12
CA ILE A 189 41.75 -36.61 -15.52
C ILE A 189 43.19 -36.83 -15.06
N SER A 190 44.09 -37.05 -16.01
CA SER A 190 45.52 -37.38 -15.79
C SER A 190 46.26 -37.05 -17.08
N ARG A 191 47.54 -37.42 -17.16
CA ARG A 191 48.37 -37.18 -18.36
C ARG A 191 47.96 -38.11 -19.50
N SER A 192 47.14 -39.12 -19.21
CA SER A 192 46.39 -39.90 -20.25
C SER A 192 44.94 -40.08 -19.82
N SER A 193 44.14 -39.03 -20.04
CA SER A 193 42.73 -38.92 -19.61
C SER A 193 41.85 -39.87 -20.44
N ASN A 194 40.72 -40.27 -19.86
CA ASN A 194 39.76 -41.24 -20.46
C ASN A 194 38.34 -40.80 -20.10
N TYR A 195 37.43 -40.82 -21.07
CA TYR A 195 35.97 -40.84 -20.82
C TYR A 195 35.60 -42.31 -20.57
N ASN A 196 35.17 -42.64 -19.35
CA ASN A 196 34.78 -44.01 -18.95
C ASN A 196 33.25 -44.08 -18.89
N VAL A 197 32.63 -44.61 -19.94
CA VAL A 197 31.16 -44.88 -20.02
C VAL A 197 30.86 -46.15 -19.23
N TYR A 198 29.88 -46.13 -18.33
CA TYR A 198 29.55 -47.26 -17.44
C TYR A 198 28.03 -47.38 -17.22
N LYS A 199 27.62 -48.50 -16.63
CA LYS A 199 26.22 -48.80 -16.24
C LYS A 199 26.20 -49.41 -14.83
N ILE A 200 25.09 -49.26 -14.12
CA ILE A 200 24.84 -49.89 -12.78
C ILE A 200 23.49 -50.61 -12.85
N ALA A 201 23.53 -51.95 -12.78
CA ALA A 201 22.34 -52.83 -12.66
C ALA A 201 21.60 -52.49 -11.37
N ASP A 202 20.27 -52.63 -11.36
CA ASP A 202 19.43 -52.50 -10.13
C ASP A 202 19.99 -53.39 -9.02
N LYS A 203 19.93 -52.90 -7.78
CA LYS A 203 20.27 -53.64 -6.54
C LYS A 203 21.77 -53.96 -6.52
N THR A 204 22.60 -53.04 -7.02
CA THR A 204 24.08 -53.09 -6.91
C THR A 204 24.65 -51.66 -7.01
N ASN A 205 25.83 -51.45 -6.41
CA ASN A 205 26.63 -50.20 -6.50
C ASN A 205 27.90 -50.47 -7.31
N HIS A 206 28.04 -51.66 -7.90
CA HIS A 206 29.13 -52.01 -8.85
C HIS A 206 28.79 -51.38 -10.21
N ARG A 207 29.71 -50.57 -10.76
CA ARG A 207 29.65 -50.04 -12.14
C ARG A 207 30.37 -51.00 -13.08
N ASN A 208 29.72 -51.41 -14.17
CA ASN A 208 30.38 -52.13 -15.30
C ASN A 208 30.86 -51.08 -16.29
N LEU A 209 32.16 -51.09 -16.61
CA LEU A 209 32.74 -50.26 -17.70
C LEU A 209 32.16 -50.76 -19.02
N ILE A 210 31.50 -49.87 -19.76
CA ILE A 210 31.05 -50.13 -21.16
C ILE A 210 32.25 -49.90 -22.08
N GLY A 211 32.88 -48.73 -21.99
CA GLY A 211 34.02 -48.34 -22.85
C GLY A 211 34.79 -47.16 -22.30
N SER A 212 36.09 -47.09 -22.61
CA SER A 212 36.99 -45.93 -22.37
C SER A 212 37.33 -45.28 -23.70
N ILE A 213 37.13 -43.98 -23.82
CA ILE A 213 37.62 -43.16 -24.96
C ILE A 213 38.79 -42.33 -24.44
N PRO A 214 40.03 -42.56 -24.94
CA PRO A 214 41.16 -41.71 -24.58
C PRO A 214 40.98 -40.30 -25.18
N VAL A 215 41.45 -39.28 -24.47
CA VAL A 215 41.28 -37.84 -24.81
C VAL A 215 42.45 -37.04 -24.20
N GLU A 216 43.05 -36.13 -24.98
CA GLU A 216 44.19 -35.29 -24.54
C GLU A 216 43.68 -34.26 -23.54
N GLU A 217 42.63 -33.53 -23.92
CA GLU A 217 42.07 -32.37 -23.17
C GLU A 217 40.58 -32.60 -22.94
N PRO A 218 40.18 -33.14 -21.78
CA PRO A 218 38.78 -33.46 -21.52
C PRO A 218 37.86 -32.24 -21.64
N ALA A 219 36.69 -32.44 -22.23
CA ALA A 219 35.64 -31.42 -22.38
C ALA A 219 34.74 -31.45 -21.14
N TYR A 220 34.21 -30.29 -20.73
CA TYR A 220 33.14 -30.19 -19.73
C TYR A 220 31.83 -30.57 -20.41
N MET A 221 31.35 -31.79 -20.15
CA MET A 221 30.10 -32.36 -20.70
C MET A 221 29.13 -32.66 -19.55
N HIS A 222 28.33 -31.65 -19.21
CA HIS A 222 27.38 -31.62 -18.07
C HIS A 222 26.35 -32.75 -18.19
N SER A 223 26.05 -33.16 -19.42
CA SER A 223 25.08 -34.23 -19.74
C SER A 223 25.45 -34.87 -21.07
N PHE A 224 24.76 -35.96 -21.42
CA PHE A 224 25.00 -36.72 -22.68
C PHE A 224 23.67 -37.30 -23.17
N ALA A 225 23.69 -37.83 -24.39
CA ALA A 225 22.53 -38.44 -25.08
C ALA A 225 22.55 -39.97 -24.93
N MET A 226 21.38 -40.59 -24.79
CA MET A 226 21.20 -42.07 -24.85
C MET A 226 20.08 -42.41 -25.83
N THR A 227 20.34 -43.37 -26.73
CA THR A 227 19.35 -43.95 -27.66
C THR A 227 19.08 -45.40 -27.23
N GLU A 228 18.36 -46.17 -28.06
CA GLU A 228 18.06 -47.60 -27.78
C GLU A 228 19.38 -48.36 -27.62
N ASN A 229 20.34 -48.14 -28.52
CA ASN A 229 21.58 -48.96 -28.66
C ASN A 229 22.84 -48.18 -28.25
N TYR A 230 22.77 -46.87 -28.08
CA TYR A 230 23.98 -46.00 -28.01
C TYR A 230 23.96 -45.06 -26.81
N VAL A 231 25.16 -44.77 -26.32
CA VAL A 231 25.51 -43.50 -25.61
C VAL A 231 26.17 -42.60 -26.66
N VAL A 232 25.75 -41.33 -26.72
CA VAL A 232 26.42 -40.28 -27.54
C VAL A 232 26.97 -39.22 -26.57
N LEU A 233 28.30 -39.15 -26.43
CA LEU A 233 28.99 -38.02 -25.74
C LEU A 233 29.18 -36.90 -26.76
N VAL A 234 28.54 -35.75 -26.53
CA VAL A 234 28.73 -34.55 -27.40
C VAL A 234 29.81 -33.67 -26.75
N GLU A 235 31.01 -33.74 -27.30
CA GLU A 235 32.25 -33.11 -26.77
C GLU A 235 32.35 -31.68 -27.33
N TYR A 236 31.73 -30.73 -26.63
CA TYR A 236 31.87 -29.27 -26.90
C TYR A 236 33.34 -28.92 -26.72
N PRO A 237 33.90 -28.02 -27.56
CA PRO A 237 35.31 -27.65 -27.45
C PRO A 237 35.57 -26.66 -26.30
N PHE A 238 35.03 -26.97 -25.12
CA PHE A 238 35.29 -26.28 -23.83
C PHE A 238 36.09 -27.26 -22.98
N VAL A 239 37.43 -27.12 -22.97
CA VAL A 239 38.37 -28.22 -22.62
C VAL A 239 39.43 -27.74 -21.63
N VAL A 240 39.99 -28.68 -20.87
CA VAL A 240 41.00 -28.43 -19.81
C VAL A 240 42.28 -29.20 -20.12
N LYS A 241 43.44 -28.59 -19.89
CA LYS A 241 44.73 -29.29 -19.79
C LYS A 241 44.79 -29.94 -18.41
N PRO A 242 44.87 -31.29 -18.33
CA PRO A 242 44.94 -31.96 -17.03
C PRO A 242 45.91 -31.32 -16.03
N LEU A 243 47.13 -30.97 -16.45
CA LEU A 243 48.15 -30.38 -15.54
C LEU A 243 47.72 -29.01 -15.00
N ASP A 244 46.94 -28.22 -15.76
CA ASP A 244 46.40 -26.92 -15.28
C ASP A 244 45.47 -27.19 -14.10
N LEU A 245 44.65 -28.22 -14.20
CA LEU A 245 43.69 -28.61 -13.14
C LEU A 245 44.46 -29.07 -11.91
N LEU A 246 45.56 -29.82 -12.10
CA LEU A 246 46.34 -30.42 -10.99
C LEU A 246 47.17 -29.35 -10.28
N LEU A 247 47.59 -28.28 -10.97
CA LEU A 247 48.72 -27.43 -10.51
C LEU A 247 48.39 -25.94 -10.49
N SER A 248 47.47 -25.43 -11.30
CA SER A 248 47.21 -23.96 -11.38
C SER A 248 46.66 -23.50 -10.03
N GLY A 249 46.69 -22.19 -9.77
CA GLY A 249 46.11 -21.63 -8.54
C GLY A 249 44.60 -21.49 -8.63
N LYS A 250 44.04 -21.74 -9.82
CA LYS A 250 42.70 -21.23 -10.22
C LYS A 250 41.61 -22.24 -9.91
N PRO A 251 40.43 -21.78 -9.45
CA PRO A 251 39.26 -22.63 -9.29
C PRO A 251 38.94 -23.46 -10.54
N PHE A 252 38.32 -24.62 -10.33
CA PHE A 252 38.04 -25.68 -11.35
C PHE A 252 37.74 -25.07 -12.71
N ILE A 253 36.63 -24.34 -12.83
CA ILE A 253 36.04 -23.94 -14.15
C ILE A 253 36.94 -22.92 -14.85
N GLU A 254 37.76 -22.15 -14.13
CA GLU A 254 38.66 -21.14 -14.73
C GLU A 254 39.74 -21.81 -15.59
N ASN A 255 39.96 -23.11 -15.43
CA ASN A 255 41.02 -23.86 -16.15
C ASN A 255 40.51 -24.34 -17.51
N PHE A 256 39.21 -24.17 -17.81
CA PHE A 256 38.60 -24.60 -19.09
C PHE A 256 38.69 -23.45 -20.10
N SER A 257 38.98 -23.78 -21.36
CA SER A 257 39.16 -22.82 -22.49
C SER A 257 38.19 -23.18 -23.61
N TRP A 258 37.64 -22.15 -24.25
CA TRP A 258 36.82 -22.27 -25.49
C TRP A 258 37.77 -22.34 -26.69
N LYS A 259 37.75 -23.45 -27.43
CA LYS A 259 38.63 -23.70 -28.59
C LYS A 259 37.76 -24.09 -29.79
N PRO A 260 36.99 -23.15 -30.38
CA PRO A 260 36.00 -23.48 -31.38
C PRO A 260 36.59 -24.09 -32.68
N GLU A 261 37.89 -23.87 -32.92
CA GLU A 261 38.62 -24.44 -34.07
C GLU A 261 38.58 -25.99 -34.01
N ASN A 262 38.45 -26.58 -32.82
CA ASN A 262 38.33 -28.06 -32.62
C ASN A 262 36.98 -28.57 -33.14
N GLY A 263 35.96 -27.71 -33.24
CA GLY A 263 34.58 -28.11 -33.55
C GLY A 263 33.98 -28.90 -32.40
N THR A 264 32.73 -29.34 -32.52
CA THR A 264 32.07 -30.26 -31.56
C THR A 264 32.19 -31.69 -32.11
N ARG A 265 32.45 -32.66 -31.24
CA ARG A 265 32.69 -34.06 -31.62
C ARG A 265 31.61 -34.93 -30.98
N PHE A 266 30.83 -35.63 -31.80
CA PHE A 266 29.81 -36.61 -31.36
C PHE A 266 30.49 -37.99 -31.32
N ILE A 267 30.70 -38.53 -30.12
CA ILE A 267 31.32 -39.87 -29.88
C ILE A 267 30.20 -40.88 -29.62
N ILE A 268 30.01 -41.84 -30.53
CA ILE A 268 28.89 -42.82 -30.49
C ILE A 268 29.42 -44.18 -30.02
N VAL A 269 28.95 -44.63 -28.85
CA VAL A 269 29.35 -45.92 -28.22
C VAL A 269 28.12 -46.83 -28.11
N ASN A 270 28.23 -48.07 -28.58
CA ASN A 270 27.26 -49.17 -28.31
C ASN A 270 27.26 -49.43 -26.80
N ARG A 271 26.12 -49.24 -26.13
CA ARG A 271 26.04 -49.26 -24.65
C ARG A 271 25.63 -50.67 -24.17
N GLN A 272 25.78 -51.70 -25.00
CA GLN A 272 25.64 -53.12 -24.59
C GLN A 272 26.98 -53.86 -24.72
N ASN A 273 27.83 -53.48 -25.67
CA ASN A 273 29.11 -54.21 -25.95
C ASN A 273 30.30 -53.25 -26.04
N GLY A 274 30.09 -51.94 -25.85
CA GLY A 274 31.17 -50.94 -25.77
C GLY A 274 31.87 -50.65 -27.09
N ASN A 275 31.38 -51.19 -28.21
CA ASN A 275 31.96 -50.94 -29.56
C ASN A 275 31.83 -49.45 -29.91
N LEU A 276 32.87 -48.88 -30.52
CA LEU A 276 32.89 -47.48 -31.04
C LEU A 276 32.18 -47.47 -32.39
N VAL A 277 30.95 -46.95 -32.42
CA VAL A 277 30.13 -46.83 -33.66
C VAL A 277 30.82 -45.81 -34.58
N GLY A 278 31.30 -44.70 -34.03
CA GLY A 278 32.11 -43.70 -34.75
C GLY A 278 32.13 -42.36 -34.06
N THR A 279 32.94 -41.44 -34.60
CA THR A 279 33.04 -40.02 -34.18
C THR A 279 32.66 -39.14 -35.37
N TYR A 280 31.90 -38.07 -35.12
CA TYR A 280 31.39 -37.12 -36.14
C TYR A 280 31.58 -35.71 -35.61
N LYS A 281 31.88 -34.76 -36.51
CA LYS A 281 32.12 -33.34 -36.13
C LYS A 281 31.01 -32.46 -36.69
N SER A 282 30.60 -31.46 -35.91
CA SER A 282 29.83 -30.27 -36.33
C SER A 282 30.65 -29.01 -36.00
N ASP A 283 30.18 -27.84 -36.43
CA ASP A 283 30.73 -26.53 -35.99
C ASP A 283 30.62 -26.46 -34.46
N ALA A 284 31.52 -25.71 -33.83
CA ALA A 284 31.55 -25.50 -32.36
C ALA A 284 30.18 -25.00 -31.87
N PHE A 285 29.73 -25.53 -30.74
CA PHE A 285 28.64 -25.00 -29.90
C PHE A 285 28.84 -25.56 -28.49
N PHE A 286 28.09 -25.05 -27.51
CA PHE A 286 28.15 -25.53 -26.09
C PHE A 286 26.72 -25.81 -25.62
N ALA A 287 26.60 -26.69 -24.63
CA ALA A 287 25.30 -27.04 -24.00
C ALA A 287 25.57 -27.58 -22.60
N PHE A 288 24.66 -27.29 -21.68
CA PHE A 288 24.54 -27.98 -20.38
C PHE A 288 23.67 -29.22 -20.58
N HIS A 289 22.49 -29.05 -21.19
CA HIS A 289 21.36 -30.01 -21.11
C HIS A 289 20.98 -30.56 -22.48
N HIS A 290 21.07 -31.88 -22.62
CA HIS A 290 20.39 -32.69 -23.66
C HIS A 290 18.89 -32.71 -23.34
N VAL A 291 18.05 -32.83 -24.38
CA VAL A 291 16.57 -32.92 -24.29
C VAL A 291 16.16 -34.39 -24.43
N ASN A 292 16.55 -34.99 -25.56
CA ASN A 292 16.25 -36.40 -25.92
C ASN A 292 17.00 -36.74 -27.21
N ALA A 293 17.24 -38.03 -27.46
CA ALA A 293 17.85 -38.54 -28.71
C ALA A 293 17.18 -39.85 -29.11
N PHE A 294 17.22 -40.21 -30.40
CA PHE A 294 16.61 -41.46 -30.91
C PHE A 294 17.21 -41.82 -32.27
N GLU A 295 17.24 -43.13 -32.55
CA GLU A 295 17.65 -43.72 -33.85
C GLU A 295 16.44 -43.73 -34.77
N LYS A 296 16.64 -43.45 -36.06
CA LYS A 296 15.60 -43.53 -37.10
C LYS A 296 16.28 -43.91 -38.42
N GLN A 297 16.02 -45.13 -38.91
CA GLN A 297 16.70 -45.73 -40.08
C GLN A 297 18.20 -45.77 -39.78
N GLU A 298 19.06 -45.22 -40.65
CA GLU A 298 20.55 -45.25 -40.50
C GLU A 298 21.04 -43.92 -39.90
N GLU A 299 20.22 -43.26 -39.07
CA GLU A 299 20.47 -41.88 -38.55
C GLU A 299 20.17 -41.82 -37.05
N ILE A 300 20.87 -40.93 -36.35
CA ILE A 300 20.63 -40.56 -34.93
C ILE A 300 20.25 -39.08 -34.90
N PHE A 301 19.13 -38.75 -34.27
CA PHE A 301 18.70 -37.36 -33.98
C PHE A 301 18.99 -37.07 -32.51
N VAL A 302 19.73 -35.99 -32.25
CA VAL A 302 20.16 -35.54 -30.90
C VAL A 302 19.62 -34.13 -30.69
N ASP A 303 18.68 -33.97 -29.77
CA ASP A 303 18.04 -32.69 -29.41
C ASP A 303 18.78 -32.12 -28.19
N ILE A 304 19.32 -30.91 -28.33
CA ILE A 304 20.23 -30.27 -27.33
C ILE A 304 19.79 -28.81 -27.14
N ILE A 305 19.84 -28.34 -25.90
CA ILE A 305 19.71 -26.89 -25.54
C ILE A 305 21.08 -26.26 -25.76
N ALA A 306 21.29 -25.68 -26.94
CA ALA A 306 22.60 -25.24 -27.47
C ALA A 306 22.77 -23.72 -27.31
N TYR A 307 23.96 -23.30 -26.86
CA TYR A 307 24.47 -21.91 -26.89
C TYR A 307 25.49 -21.82 -28.03
N GLN A 308 25.75 -20.62 -28.55
CA GLN A 308 26.77 -20.42 -29.62
C GLN A 308 28.16 -20.78 -29.08
N ASP A 309 28.41 -20.50 -27.80
CA ASP A 309 29.72 -20.76 -27.16
C ASP A 309 29.55 -20.96 -25.66
N SER A 310 30.65 -20.99 -24.91
CA SER A 310 30.72 -21.37 -23.48
C SER A 310 30.59 -20.13 -22.59
N SER A 311 30.27 -18.96 -23.15
CA SER A 311 30.27 -17.68 -22.39
C SER A 311 29.17 -17.69 -21.31
N ILE A 312 28.11 -18.47 -21.51
CA ILE A 312 27.04 -18.70 -20.48
C ILE A 312 27.67 -19.06 -19.13
N VAL A 313 28.74 -19.84 -19.11
CA VAL A 313 29.39 -20.31 -17.84
C VAL A 313 29.80 -19.09 -17.00
N ASN A 314 30.42 -18.07 -17.61
CA ASN A 314 30.87 -16.85 -16.89
C ASN A 314 29.70 -15.92 -16.58
N ALA A 315 28.55 -16.11 -17.23
CA ALA A 315 27.34 -15.30 -17.02
C ALA A 315 26.60 -15.78 -15.76
N LEU A 316 26.91 -16.98 -15.28
CA LEU A 316 26.23 -17.60 -14.11
C LEU A 316 27.06 -17.41 -12.83
N TYR A 317 28.06 -16.52 -12.85
CA TYR A 317 28.67 -15.94 -11.63
C TYR A 317 27.61 -15.08 -10.93
N LEU A 318 27.60 -15.09 -9.59
CA LEU A 318 26.51 -14.50 -8.78
C LEU A 318 26.46 -12.98 -8.99
N ASP A 319 27.60 -12.30 -9.20
CA ASP A 319 27.62 -10.82 -9.32
C ASP A 319 26.92 -10.39 -10.62
N ILE A 320 26.90 -11.24 -11.64
CA ILE A 320 26.11 -11.01 -12.89
C ILE A 320 24.65 -11.35 -12.65
N LEU A 321 24.37 -12.53 -12.07
CA LEU A 321 22.98 -13.00 -11.80
C LEU A 321 22.24 -12.03 -10.89
N ARG A 322 22.96 -11.32 -10.01
CA ARG A 322 22.35 -10.40 -9.00
C ARG A 322 22.34 -8.95 -9.54
N GLY A 323 22.97 -8.70 -10.68
CA GLY A 323 23.31 -7.35 -11.18
C GLY A 323 22.24 -6.75 -12.08
N GLN A 324 22.54 -5.59 -12.69
CA GLN A 324 21.58 -4.79 -13.49
C GLN A 324 21.87 -5.02 -14.98
N LYS A 325 22.62 -6.06 -15.33
CA LYS A 325 22.99 -6.38 -16.73
C LYS A 325 22.62 -7.80 -17.11
N THR A 326 21.48 -8.32 -16.69
CA THR A 326 21.13 -9.75 -16.88
C THR A 326 20.72 -10.04 -18.32
N ASP A 327 20.38 -9.02 -19.14
CA ASP A 327 20.22 -9.21 -20.60
C ASP A 327 21.57 -9.56 -21.24
N THR A 328 22.65 -9.67 -20.46
CA THR A 328 23.99 -10.09 -20.93
C THR A 328 24.10 -11.63 -20.97
N ILE A 329 23.19 -12.31 -20.31
CA ILE A 329 23.16 -13.79 -20.16
C ILE A 329 22.72 -14.41 -21.49
N PRO A 330 23.62 -15.14 -22.19
CA PRO A 330 23.31 -15.70 -23.50
C PRO A 330 22.13 -16.68 -23.46
N THR A 331 21.35 -16.70 -24.54
CA THR A 331 20.15 -17.55 -24.70
C THR A 331 20.56 -18.87 -25.36
N SER A 332 19.82 -19.94 -25.04
CA SER A 332 19.96 -21.29 -25.64
C SER A 332 18.64 -21.64 -26.34
N HIS A 333 18.70 -22.49 -27.37
CA HIS A 333 17.55 -22.91 -28.22
C HIS A 333 17.67 -24.41 -28.50
N ILE A 334 16.54 -25.08 -28.75
CA ILE A 334 16.48 -26.54 -29.04
C ILE A 334 16.99 -26.74 -30.47
N ARG A 335 18.17 -27.37 -30.60
CA ARG A 335 18.76 -27.79 -31.89
C ARG A 335 18.61 -29.31 -32.03
N ARG A 336 18.04 -29.76 -33.15
CA ARG A 336 18.03 -31.19 -33.55
C ARG A 336 19.23 -31.43 -34.47
N TYR A 337 20.27 -32.08 -33.96
CA TYR A 337 21.46 -32.54 -34.72
C TYR A 337 21.11 -33.89 -35.37
N ARG A 338 21.39 -34.01 -36.67
CA ARG A 338 21.19 -35.25 -37.46
C ARG A 338 22.57 -35.85 -37.76
N ILE A 339 22.86 -37.00 -37.16
CA ILE A 339 24.13 -37.78 -37.39
C ILE A 339 23.84 -38.86 -38.42
N PRO A 340 24.36 -38.73 -39.67
CA PRO A 340 24.23 -39.80 -40.65
C PRO A 340 25.33 -40.83 -40.38
N LEU A 341 24.98 -41.99 -39.82
CA LEU A 341 25.95 -43.05 -39.47
C LEU A 341 26.69 -43.48 -40.74
N SER A 342 25.99 -43.47 -41.88
CA SER A 342 26.52 -43.71 -43.26
C SER A 342 27.79 -42.88 -43.51
N GLY A 343 27.87 -41.67 -42.93
CA GLY A 343 29.01 -40.75 -43.05
C GLY A 343 28.57 -39.39 -43.57
N GLY A 344 29.21 -38.32 -43.10
CA GLY A 344 28.94 -36.93 -43.50
C GLY A 344 29.01 -35.98 -42.32
N GLN A 345 29.23 -34.69 -42.57
CA GLN A 345 29.22 -33.63 -41.52
C GLN A 345 27.84 -33.64 -40.85
N VAL A 346 27.83 -33.43 -39.53
CA VAL A 346 26.59 -33.33 -38.70
C VAL A 346 26.03 -31.92 -38.86
N GLU A 347 24.81 -31.82 -39.41
CA GLU A 347 24.05 -30.54 -39.54
C GLU A 347 22.93 -30.54 -38.48
N TYR A 348 22.32 -29.38 -38.21
CA TYR A 348 21.16 -29.25 -37.28
C TYR A 348 20.09 -28.33 -37.86
N GLU A 349 18.89 -28.40 -37.30
CA GLU A 349 17.77 -27.44 -37.48
C GLU A 349 17.22 -27.06 -36.10
N MET A 350 16.60 -25.89 -35.98
CA MET A 350 15.94 -25.41 -34.74
C MET A 350 14.55 -26.03 -34.66
N LEU A 351 14.17 -26.55 -33.49
CA LEU A 351 12.84 -27.19 -33.27
C LEU A 351 11.83 -26.14 -32.80
N SER A 352 12.31 -24.97 -32.39
CA SER A 352 11.49 -23.88 -31.78
C SER A 352 12.29 -22.59 -31.78
N SER A 353 11.60 -21.46 -31.87
CA SER A 353 12.18 -20.09 -31.82
C SER A 353 12.30 -19.60 -30.37
N GLU A 354 11.71 -20.34 -29.42
N GLU A 354 11.71 -20.33 -29.41
CA GLU A 354 11.73 -19.99 -27.98
CA GLU A 354 11.73 -19.98 -27.97
C GLU A 354 13.14 -20.23 -27.43
C GLU A 354 13.14 -20.23 -27.43
N ALA A 355 13.69 -19.29 -26.66
CA ALA A 355 14.87 -19.54 -25.80
C ALA A 355 14.42 -20.44 -24.65
N VAL A 356 15.12 -21.55 -24.40
CA VAL A 356 14.73 -22.59 -23.40
C VAL A 356 15.94 -23.01 -22.56
N GLU A 357 15.72 -23.27 -21.27
CA GLU A 357 16.68 -24.05 -20.43
C GLU A 357 15.88 -25.00 -19.51
N LEU A 358 16.59 -25.84 -18.77
CA LEU A 358 16.03 -26.83 -17.83
C LEU A 358 14.97 -27.66 -18.54
N PRO A 359 15.32 -28.32 -19.67
CA PRO A 359 14.37 -29.11 -20.44
C PRO A 359 14.00 -30.39 -19.67
N ARG A 360 12.74 -30.81 -19.80
CA ARG A 360 12.22 -32.09 -19.27
C ARG A 360 11.20 -32.66 -20.27
N ILE A 361 11.09 -33.98 -20.31
CA ILE A 361 10.14 -34.71 -21.19
C ILE A 361 9.39 -35.74 -20.37
N ASN A 362 8.45 -36.43 -21.01
CA ASN A 362 7.90 -37.72 -20.53
C ASN A 362 9.04 -38.74 -20.63
N TYR A 363 9.98 -38.68 -19.70
CA TYR A 363 11.25 -39.45 -19.73
C TYR A 363 10.94 -40.96 -19.72
N LYS A 364 10.09 -41.41 -18.79
CA LYS A 364 9.83 -42.85 -18.54
C LYS A 364 9.30 -43.54 -19.81
N GLN A 365 8.56 -42.83 -20.66
CA GLN A 365 7.90 -43.44 -21.86
C GLN A 365 8.60 -43.06 -23.16
N TYR A 366 9.31 -41.92 -23.22
CA TYR A 366 9.75 -41.32 -24.51
C TYR A 366 11.26 -41.03 -24.57
N ASN A 367 12.02 -41.18 -23.48
CA ASN A 367 13.50 -41.09 -23.55
C ASN A 367 13.99 -42.20 -24.48
N THR A 368 14.91 -41.86 -25.40
CA THR A 368 15.49 -42.75 -26.44
C THR A 368 14.53 -42.93 -27.62
N LYS A 369 13.35 -42.31 -27.59
CA LYS A 369 12.27 -42.54 -28.60
C LYS A 369 11.89 -41.22 -29.28
N ASP A 370 11.40 -41.31 -30.52
CA ASP A 370 10.74 -40.19 -31.24
C ASP A 370 9.61 -39.67 -30.34
N TYR A 371 9.44 -38.36 -30.25
CA TYR A 371 8.60 -37.68 -29.24
C TYR A 371 8.14 -36.34 -29.80
N ARG A 372 7.28 -35.62 -29.06
CA ARG A 372 6.57 -34.41 -29.56
C ARG A 372 6.70 -33.22 -28.60
N PHE A 373 6.92 -33.43 -27.31
CA PHE A 373 6.74 -32.39 -26.26
C PHE A 373 8.01 -32.21 -25.42
N VAL A 374 8.44 -30.94 -25.29
CA VAL A 374 9.53 -30.48 -24.37
C VAL A 374 8.95 -29.43 -23.42
N TYR A 375 9.20 -29.57 -22.13
CA TYR A 375 8.88 -28.57 -21.09
C TYR A 375 10.20 -27.92 -20.65
N GLY A 376 10.17 -26.62 -20.37
CA GLY A 376 11.36 -25.87 -19.93
C GLY A 376 11.01 -24.50 -19.40
N ILE A 377 12.05 -23.71 -19.08
CA ILE A 377 11.90 -22.30 -18.67
C ILE A 377 12.27 -21.42 -19.85
N SER A 378 11.49 -20.36 -20.10
CA SER A 378 11.77 -19.36 -21.16
C SER A 378 12.87 -18.42 -20.66
N THR A 379 13.89 -18.25 -21.50
CA THR A 379 15.04 -17.32 -21.32
C THR A 379 15.05 -16.37 -22.51
N TYR A 380 13.87 -16.14 -23.09
CA TYR A 380 13.65 -15.32 -24.31
C TYR A 380 13.68 -13.82 -23.93
N SER A 381 13.30 -13.52 -22.68
CA SER A 381 13.31 -12.17 -22.05
C SER A 381 12.31 -11.24 -22.75
N ALA A 382 11.14 -11.77 -23.10
CA ALA A 382 10.02 -10.99 -23.71
C ALA A 382 9.56 -9.91 -22.73
N SER A 383 9.45 -10.26 -21.43
CA SER A 383 8.96 -9.37 -20.36
C SER A 383 9.88 -9.38 -19.12
N ASP A 384 10.53 -10.52 -18.83
CA ASP A 384 11.47 -10.64 -17.68
C ASP A 384 12.46 -11.79 -17.88
N PHE A 385 13.44 -11.89 -16.97
CA PHE A 385 14.39 -13.01 -16.84
C PHE A 385 13.66 -14.27 -16.34
N ALA A 386 13.74 -15.39 -17.06
CA ALA A 386 13.34 -16.73 -16.56
C ALA A 386 12.00 -16.70 -15.84
N ASN A 387 10.98 -16.08 -16.44
CA ASN A 387 9.67 -15.78 -15.79
C ASN A 387 8.56 -16.59 -16.44
N GLN A 388 8.88 -17.53 -17.33
CA GLN A 388 7.86 -18.34 -18.02
C GLN A 388 8.22 -19.83 -17.91
N LEU A 389 7.21 -20.66 -17.66
CA LEU A 389 7.20 -22.08 -18.06
C LEU A 389 6.68 -22.15 -19.49
N VAL A 390 7.31 -22.99 -20.32
CA VAL A 390 6.97 -23.17 -21.75
C VAL A 390 6.79 -24.67 -22.00
N LYS A 391 5.84 -25.03 -22.86
CA LYS A 391 5.64 -26.37 -23.40
C LYS A 391 5.76 -26.27 -24.93
N ILE A 392 6.78 -26.88 -25.51
CA ILE A 392 7.05 -26.80 -26.98
C ILE A 392 6.42 -28.03 -27.63
N ASP A 393 5.62 -27.79 -28.67
CA ASP A 393 5.06 -28.86 -29.54
C ASP A 393 5.97 -28.94 -30.76
N ILE A 394 6.86 -29.92 -30.79
CA ILE A 394 7.87 -30.12 -31.88
C ILE A 394 7.14 -30.35 -33.20
N LEU A 395 6.01 -31.07 -33.18
CA LEU A 395 5.29 -31.46 -34.42
C LEU A 395 4.67 -30.21 -35.05
N ARG A 396 3.89 -29.46 -34.28
CA ARG A 396 3.10 -28.29 -34.75
C ARG A 396 3.96 -27.03 -34.70
N LYS A 397 5.21 -27.11 -34.23
CA LYS A 397 6.13 -25.94 -34.12
C LYS A 397 5.37 -24.81 -33.44
N SER A 398 4.78 -25.10 -32.28
CA SER A 398 4.02 -24.13 -31.45
C SER A 398 4.42 -24.30 -29.99
N SER A 399 3.99 -23.39 -29.12
CA SER A 399 4.29 -23.40 -27.67
C SER A 399 3.09 -22.91 -26.85
N LYS A 400 2.92 -23.48 -25.66
CA LYS A 400 2.01 -22.98 -24.60
C LYS A 400 2.88 -22.39 -23.49
N ILE A 401 2.39 -21.34 -22.81
CA ILE A 401 3.15 -20.55 -21.82
C ILE A 401 2.38 -20.47 -20.51
N TRP A 402 3.08 -20.59 -19.38
CA TRP A 402 2.56 -20.22 -18.04
C TRP A 402 3.45 -19.14 -17.46
N SER A 403 2.86 -18.11 -16.86
CA SER A 403 3.58 -17.01 -16.17
C SER A 403 2.64 -16.29 -15.20
N GLU A 404 3.22 -15.51 -14.28
CA GLU A 404 2.50 -14.72 -13.26
C GLU A 404 3.37 -13.52 -12.84
N LYS A 405 2.80 -12.32 -12.77
CA LYS A 405 3.50 -11.07 -12.37
C LYS A 405 4.49 -11.38 -11.23
N ASP A 406 5.77 -11.07 -11.44
CA ASP A 406 6.83 -11.07 -10.40
C ASP A 406 7.08 -12.48 -9.85
N CYS A 407 6.72 -13.52 -10.63
CA CYS A 407 6.96 -14.95 -10.29
C CYS A 407 8.01 -15.52 -11.24
N TYR A 408 8.90 -16.36 -10.72
CA TYR A 408 10.05 -16.98 -11.44
C TYR A 408 9.99 -18.48 -11.24
N PRO A 409 9.46 -19.25 -12.22
CA PRO A 409 9.28 -20.69 -12.07
C PRO A 409 10.55 -21.52 -12.29
N GLY A 410 10.72 -22.58 -11.48
CA GLY A 410 11.84 -23.54 -11.59
C GLY A 410 11.56 -24.62 -12.62
N GLU A 411 12.48 -25.59 -12.73
CA GLU A 411 12.44 -26.74 -13.67
C GLU A 411 11.06 -27.41 -13.64
N PRO A 412 10.41 -27.58 -14.81
CA PRO A 412 9.14 -28.29 -14.90
C PRO A 412 9.36 -29.81 -14.89
N VAL A 413 9.03 -30.48 -13.78
CA VAL A 413 9.13 -31.96 -13.63
C VAL A 413 7.80 -32.58 -14.09
N PHE A 414 7.84 -33.41 -15.13
CA PHE A 414 6.67 -34.14 -15.68
C PHE A 414 6.42 -35.43 -14.89
N VAL A 415 5.18 -35.70 -14.51
CA VAL A 415 4.72 -37.01 -13.91
C VAL A 415 3.53 -37.51 -14.74
N GLY A 416 3.70 -38.63 -15.45
CA GLY A 416 2.66 -39.25 -16.30
C GLY A 416 1.51 -39.77 -15.45
N ALA A 417 0.27 -39.64 -15.92
CA ALA A 417 -0.94 -40.10 -15.23
C ALA A 417 -1.01 -41.62 -15.30
N PRO A 418 -1.76 -42.30 -14.41
CA PRO A 418 -1.92 -43.76 -14.46
C PRO A 418 -2.61 -44.21 -15.76
N ASP A 419 -2.06 -45.26 -16.40
CA ASP A 419 -2.60 -45.89 -17.63
C ASP A 419 -2.86 -44.81 -18.70
N ALA A 420 -1.94 -43.85 -18.85
CA ALA A 420 -2.02 -42.77 -19.84
C ALA A 420 -1.72 -43.34 -21.24
N THR A 421 -2.47 -42.89 -22.26
CA THR A 421 -2.32 -43.31 -23.67
C THR A 421 -1.70 -42.17 -24.50
N LYS A 422 -1.41 -41.01 -23.88
CA LYS A 422 -0.85 -39.81 -24.56
C LYS A 422 0.47 -39.38 -23.91
N GLU A 423 1.37 -38.79 -24.72
CA GLU A 423 2.73 -38.38 -24.29
C GLU A 423 2.65 -37.29 -23.21
N ASP A 424 1.64 -36.42 -23.29
CA ASP A 424 1.51 -35.22 -22.42
C ASP A 424 0.32 -35.39 -21.47
N GLU A 425 -0.12 -36.62 -21.22
CA GLU A 425 -1.18 -36.93 -20.22
C GLU A 425 -0.49 -37.12 -18.86
N GLY A 426 -0.59 -36.10 -17.99
CA GLY A 426 -0.04 -36.10 -16.62
C GLY A 426 0.04 -34.70 -16.05
N LEU A 427 0.99 -34.47 -15.15
CA LEU A 427 1.16 -33.19 -14.40
C LEU A 427 2.58 -32.64 -14.61
N ILE A 428 2.71 -31.32 -14.50
CA ILE A 428 4.01 -30.59 -14.41
C ILE A 428 4.13 -30.01 -12.99
N LEU A 429 5.22 -30.31 -12.29
CA LEU A 429 5.53 -29.76 -10.95
C LEU A 429 6.72 -28.79 -11.09
N SER A 430 6.53 -27.55 -10.65
CA SER A 430 7.55 -26.46 -10.70
C SER A 430 7.55 -25.71 -9.37
N ALA A 431 8.70 -25.63 -8.71
CA ALA A 431 8.96 -24.71 -7.58
C ALA A 431 9.06 -23.28 -8.14
N VAL A 432 8.16 -22.39 -7.72
CA VAL A 432 8.04 -21.01 -8.26
C VAL A 432 8.36 -20.01 -7.15
N LEU A 433 9.27 -19.07 -7.43
CA LEU A 433 9.57 -17.92 -6.52
C LEU A 433 8.54 -16.82 -6.80
N ASP A 434 7.84 -16.35 -5.77
CA ASP A 434 6.97 -15.15 -5.78
C ASP A 434 7.74 -14.01 -5.11
N ALA A 435 8.30 -13.09 -5.91
CA ALA A 435 9.28 -12.07 -5.48
C ALA A 435 8.61 -11.03 -4.57
N THR A 436 7.38 -10.62 -4.87
CA THR A 436 6.60 -9.62 -4.09
C THR A 436 6.23 -10.20 -2.72
N ASN A 437 5.89 -11.49 -2.69
CA ASN A 437 5.52 -12.26 -1.47
C ASN A 437 6.76 -12.72 -0.71
N ALA A 438 7.93 -12.76 -1.37
CA ALA A 438 9.24 -13.18 -0.81
C ALA A 438 9.13 -14.61 -0.27
N LYS A 439 8.34 -15.44 -0.94
CA LYS A 439 8.12 -16.87 -0.61
C LYS A 439 7.86 -17.63 -1.92
N SER A 440 8.03 -18.95 -1.90
CA SER A 440 7.88 -19.85 -3.07
C SER A 440 6.62 -20.69 -2.91
N PHE A 441 6.06 -21.15 -4.03
CA PHE A 441 4.93 -22.12 -4.07
C PHE A 441 5.28 -23.23 -5.07
N LEU A 442 4.77 -24.44 -4.81
CA LEU A 442 4.78 -25.55 -5.80
C LEU A 442 3.56 -25.39 -6.71
N LEU A 443 3.82 -25.20 -8.01
CA LEU A 443 2.79 -25.06 -9.05
C LEU A 443 2.55 -26.43 -9.69
N ILE A 444 1.29 -26.87 -9.76
CA ILE A 444 0.90 -28.13 -10.47
C ILE A 444 0.03 -27.74 -11.67
N LEU A 445 0.58 -27.92 -12.87
CA LEU A 445 -0.13 -27.74 -14.16
C LEU A 445 -0.61 -29.12 -14.64
N ASP A 446 -1.77 -29.19 -15.28
CA ASP A 446 -2.09 -30.32 -16.19
C ASP A 446 -1.17 -30.19 -17.40
N ALA A 447 -0.47 -31.26 -17.77
CA ALA A 447 0.55 -31.26 -18.85
C ALA A 447 -0.12 -31.04 -20.22
N THR A 448 -1.38 -31.46 -20.40
CA THR A 448 -2.12 -31.39 -21.69
C THR A 448 -2.54 -29.93 -21.96
N THR A 449 -3.30 -29.32 -21.04
CA THR A 449 -3.80 -27.93 -21.15
C THR A 449 -2.67 -26.92 -20.85
N PHE A 450 -1.71 -27.33 -20.01
CA PHE A 450 -0.61 -26.49 -19.45
C PHE A 450 -1.19 -25.37 -18.60
N GLU A 451 -2.37 -25.60 -17.99
CA GLU A 451 -3.04 -24.66 -17.05
C GLU A 451 -2.99 -25.23 -15.64
N GLU A 452 -3.05 -24.33 -14.64
CA GLU A 452 -2.91 -24.65 -13.19
C GLU A 452 -4.10 -25.52 -12.74
N VAL A 453 -3.81 -26.59 -11.99
CA VAL A 453 -4.83 -27.42 -11.30
C VAL A 453 -4.69 -27.24 -9.78
N ALA A 454 -3.53 -26.78 -9.29
CA ALA A 454 -3.28 -26.58 -7.84
C ALA A 454 -1.97 -25.82 -7.61
N ARG A 455 -1.82 -25.28 -6.41
CA ARG A 455 -0.52 -24.78 -5.87
C ARG A 455 -0.48 -24.99 -4.36
N ALA A 456 0.72 -25.17 -3.82
CA ALA A 456 0.98 -25.33 -2.37
C ALA A 456 1.99 -24.27 -1.91
N GLU A 457 1.59 -23.43 -0.95
CA GLU A 457 2.42 -22.30 -0.44
C GLU A 457 3.52 -22.86 0.47
N VAL A 458 4.74 -22.32 0.38
CA VAL A 458 5.87 -22.65 1.29
C VAL A 458 6.14 -21.42 2.16
N PRO A 459 6.30 -21.56 3.50
CA PRO A 459 6.50 -20.41 4.39
C PRO A 459 7.75 -19.54 4.14
N HIS A 460 8.65 -19.94 3.24
CA HIS A 460 9.91 -19.22 2.92
C HIS A 460 10.18 -19.28 1.42
N HIS A 461 11.20 -18.55 0.95
CA HIS A 461 11.71 -18.63 -0.44
C HIS A 461 12.57 -19.89 -0.59
N ILE A 462 12.37 -20.62 -1.69
CA ILE A 462 13.27 -21.70 -2.18
C ILE A 462 14.23 -21.06 -3.17
N PRO A 463 15.55 -20.95 -2.84
CA PRO A 463 16.51 -20.38 -3.79
C PRO A 463 16.48 -21.12 -5.13
N PHE A 464 16.76 -20.40 -6.22
CA PHE A 464 16.79 -20.97 -7.59
C PHE A 464 17.72 -22.18 -7.57
N GLY A 465 17.14 -23.35 -7.89
CA GLY A 465 17.81 -24.65 -7.82
C GLY A 465 18.17 -25.14 -9.21
N PHE A 466 18.62 -26.39 -9.30
CA PHE A 466 18.98 -27.05 -10.58
C PHE A 466 17.89 -28.07 -10.91
N HIS A 467 18.04 -29.30 -10.44
CA HIS A 467 17.19 -30.45 -10.87
C HIS A 467 16.50 -31.09 -9.69
N GLY A 468 15.35 -31.69 -9.97
CA GLY A 468 14.60 -32.55 -9.03
C GLY A 468 14.04 -33.76 -9.76
N ASN A 469 13.53 -34.72 -9.00
CA ASN A 469 12.87 -35.92 -9.56
C ASN A 469 11.68 -36.30 -8.68
N TYR A 470 10.65 -36.85 -9.31
CA TYR A 470 9.47 -37.45 -8.62
C TYR A 470 9.74 -38.94 -8.47
N PHE A 471 9.64 -39.45 -7.24
CA PHE A 471 9.77 -40.88 -6.86
C PHE A 471 8.40 -41.37 -6.39
N GLU A 472 7.89 -42.42 -7.04
CA GLU A 472 6.57 -43.02 -6.73
C GLU A 472 6.61 -43.66 -5.34
N ASN B 7 -13.12 -5.47 -2.39
CA ASN B 7 -13.85 -6.38 -1.46
C ASN B 7 -12.85 -6.93 -0.44
N LYS B 8 -12.74 -6.27 0.73
CA LYS B 8 -11.79 -6.60 1.83
C LYS B 8 -12.13 -7.95 2.47
N PHE B 9 -13.42 -8.32 2.47
CA PHE B 9 -13.96 -9.49 3.19
C PHE B 9 -14.00 -10.72 2.27
N GLN B 10 -13.49 -10.61 1.03
CA GLN B 10 -13.44 -11.71 0.02
C GLN B 10 -12.91 -13.00 0.64
N LEU B 11 -11.98 -12.89 1.60
CA LEU B 11 -11.31 -14.02 2.29
C LEU B 11 -12.34 -14.87 3.06
N GLY B 12 -13.37 -14.24 3.61
CA GLY B 12 -14.45 -14.92 4.37
C GLY B 12 -15.27 -15.85 3.50
N PHE B 13 -15.16 -15.74 2.16
CA PHE B 13 -15.86 -16.60 1.18
C PHE B 13 -14.84 -17.40 0.34
N SER B 14 -13.62 -17.57 0.87
CA SER B 14 -12.56 -18.40 0.24
C SER B 14 -12.31 -19.65 1.09
N THR B 15 -11.95 -20.74 0.44
CA THR B 15 -11.75 -22.09 1.05
C THR B 15 -10.71 -21.99 2.18
N LEU B 16 -10.92 -22.75 3.25
CA LEU B 16 -9.93 -23.04 4.32
C LEU B 16 -9.62 -24.54 4.26
N SER B 17 -8.45 -24.92 3.75
CA SER B 17 -7.99 -26.32 3.59
C SER B 17 -7.28 -26.81 4.85
N GLU B 18 -6.83 -25.91 5.73
CA GLU B 18 -6.03 -26.23 6.94
C GLU B 18 -6.95 -26.70 8.07
N GLU B 19 -6.70 -27.90 8.59
CA GLU B 19 -7.36 -28.49 9.79
C GLU B 19 -6.28 -28.69 10.85
N LEU B 20 -6.43 -28.10 12.04
CA LEU B 20 -5.44 -28.24 13.15
C LEU B 20 -6.14 -28.43 14.50
N ASP B 21 -5.36 -28.84 15.50
CA ASP B 21 -5.79 -29.03 16.92
C ASP B 21 -4.73 -28.39 17.82
N LEU B 22 -5.11 -27.37 18.60
CA LEU B 22 -4.20 -26.54 19.43
C LEU B 22 -4.75 -26.43 20.86
N GLU B 23 -3.91 -26.74 21.85
CA GLU B 23 -4.32 -26.85 23.29
C GLU B 23 -4.63 -25.45 23.84
N SER B 24 -3.85 -24.42 23.44
CA SER B 24 -4.02 -23.02 23.87
C SER B 24 -3.88 -22.07 22.66
N LEU B 25 -4.89 -21.21 22.45
CA LEU B 25 -4.79 -20.00 21.59
C LEU B 25 -4.20 -18.87 22.44
N GLN B 26 -3.48 -17.94 21.80
CA GLN B 26 -2.99 -16.69 22.47
C GLN B 26 -4.23 -15.88 22.85
N VAL B 27 -4.44 -15.68 24.16
CA VAL B 27 -5.59 -14.91 24.71
C VAL B 27 -5.10 -13.51 25.09
N LYS B 28 -5.96 -12.50 24.87
CA LYS B 28 -5.78 -11.10 25.31
C LYS B 28 -7.05 -10.70 26.06
N GLY B 29 -6.91 -10.03 27.21
CA GLY B 29 -7.98 -9.82 28.19
C GLY B 29 -8.02 -10.99 29.15
N THR B 30 -9.18 -11.27 29.76
CA THR B 30 -9.38 -12.45 30.62
C THR B 30 -10.77 -13.05 30.39
N ILE B 31 -10.81 -14.38 30.23
CA ILE B 31 -12.02 -15.21 30.03
C ILE B 31 -12.48 -15.68 31.41
N PRO B 32 -13.71 -15.35 31.86
CA PRO B 32 -14.15 -15.73 33.21
C PRO B 32 -13.92 -17.23 33.49
N LYS B 33 -13.49 -17.55 34.71
CA LYS B 33 -13.12 -18.93 35.16
C LYS B 33 -14.30 -19.88 34.97
N TRP B 34 -15.54 -19.35 35.07
CA TRP B 34 -16.79 -20.15 35.13
C TRP B 34 -17.18 -20.67 33.74
N LEU B 35 -16.61 -20.10 32.68
CA LEU B 35 -16.75 -20.63 31.30
C LEU B 35 -15.92 -21.90 31.17
N SER B 36 -16.55 -23.07 31.25
CA SER B 36 -15.88 -24.40 31.29
C SER B 36 -16.49 -25.35 30.23
N GLY B 37 -17.23 -24.81 29.26
CA GLY B 37 -17.89 -25.59 28.20
C GLY B 37 -17.16 -25.50 26.88
N THR B 38 -17.84 -25.87 25.78
CA THR B 38 -17.29 -25.90 24.41
C THR B 38 -18.24 -25.13 23.47
N LEU B 39 -17.69 -24.19 22.71
CA LEU B 39 -18.38 -23.54 21.57
C LEU B 39 -18.05 -24.33 20.30
N ILE B 40 -19.10 -24.80 19.60
CA ILE B 40 -18.96 -25.40 18.24
C ILE B 40 -19.58 -24.43 17.22
N ARG B 41 -18.81 -24.06 16.21
CA ARG B 41 -19.23 -23.21 15.05
C ARG B 41 -19.36 -24.12 13.83
N ASN B 42 -20.45 -23.96 13.06
CA ASN B 42 -20.65 -24.68 11.78
C ASN B 42 -20.74 -23.64 10.66
N GLY B 43 -20.32 -24.04 9.46
CA GLY B 43 -20.39 -23.20 8.26
C GLY B 43 -19.71 -23.86 7.06
N PRO B 44 -19.88 -23.30 5.86
CA PRO B 44 -19.16 -23.75 4.69
C PRO B 44 -17.71 -23.28 4.75
N ALA B 45 -16.76 -24.13 4.35
CA ALA B 45 -15.31 -23.80 4.37
C ALA B 45 -14.60 -24.25 3.10
N LYS B 46 -15.31 -24.88 2.15
CA LYS B 46 -14.77 -25.32 0.83
C LYS B 46 -15.81 -24.99 -0.25
N PHE B 47 -15.47 -24.07 -1.15
CA PHE B 47 -16.42 -23.43 -2.09
C PHE B 47 -16.18 -23.90 -3.52
N GLU B 48 -15.28 -24.87 -3.70
CA GLU B 48 -15.02 -25.50 -5.03
C GLU B 48 -14.50 -26.94 -4.84
N VAL B 49 -14.69 -27.76 -5.87
CA VAL B 49 -14.17 -29.15 -6.01
C VAL B 49 -13.57 -29.24 -7.41
N GLY B 50 -12.26 -29.41 -7.51
CA GLY B 50 -11.53 -29.37 -8.78
C GLY B 50 -11.83 -28.10 -9.55
N LYS B 51 -12.38 -28.24 -10.77
CA LYS B 51 -12.72 -27.12 -11.69
C LYS B 51 -14.13 -26.60 -11.39
N GLU B 52 -14.95 -27.39 -10.68
CA GLU B 52 -16.38 -27.09 -10.39
C GLU B 52 -16.48 -26.18 -9.15
N LYS B 53 -17.15 -25.04 -9.29
CA LYS B 53 -17.39 -24.05 -8.21
C LYS B 53 -18.81 -24.24 -7.67
N PHE B 54 -18.97 -24.19 -6.35
CA PHE B 54 -20.29 -24.07 -5.68
C PHE B 54 -20.84 -22.68 -6.01
N GLN B 55 -22.12 -22.58 -6.35
CA GLN B 55 -22.74 -21.32 -6.83
C GLN B 55 -23.11 -20.41 -5.65
N HIS B 56 -23.53 -21.00 -4.53
CA HIS B 56 -24.21 -20.27 -3.42
C HIS B 56 -23.46 -20.50 -2.10
N TRP B 57 -23.51 -19.50 -1.23
CA TRP B 57 -22.91 -19.52 0.13
C TRP B 57 -23.36 -20.78 0.87
N PHE B 58 -24.63 -21.17 0.74
CA PHE B 58 -25.28 -22.30 1.46
C PHE B 58 -24.76 -23.65 0.95
N ASP B 59 -24.06 -23.68 -0.19
CA ASP B 59 -23.57 -24.92 -0.85
C ASP B 59 -22.24 -25.41 -0.28
N GLY B 60 -21.44 -24.55 0.36
CA GLY B 60 -20.07 -24.89 0.77
C GLY B 60 -20.01 -26.04 1.76
N LEU B 61 -18.99 -26.89 1.65
CA LEU B 61 -18.85 -28.15 2.43
C LEU B 61 -18.53 -27.82 3.89
N ALA B 62 -19.31 -28.39 4.82
CA ALA B 62 -19.33 -28.08 6.27
C ALA B 62 -17.96 -28.32 6.88
N MET B 63 -17.56 -27.39 7.76
CA MET B 63 -16.37 -27.50 8.65
C MET B 63 -16.79 -27.09 10.07
N LEU B 64 -16.42 -27.88 11.08
CA LEU B 64 -16.71 -27.58 12.50
C LEU B 64 -15.47 -26.90 13.12
N HIS B 65 -15.69 -25.92 13.97
CA HIS B 65 -14.66 -25.21 14.77
C HIS B 65 -15.00 -25.38 16.25
N LYS B 66 -14.03 -25.84 17.04
CA LYS B 66 -14.19 -26.12 18.49
C LYS B 66 -13.37 -25.09 19.29
N PHE B 67 -14.06 -24.32 20.14
CA PHE B 67 -13.48 -23.45 21.19
C PHE B 67 -13.88 -24.04 22.55
N SER B 68 -12.95 -24.71 23.22
CA SER B 68 -13.15 -25.38 24.53
C SER B 68 -12.40 -24.60 25.62
N PHE B 69 -13.08 -24.29 26.72
CA PHE B 69 -12.63 -23.37 27.79
C PHE B 69 -12.27 -24.16 29.06
N LYS B 70 -11.09 -23.89 29.62
CA LYS B 70 -10.68 -24.35 30.98
C LYS B 70 -9.96 -23.20 31.71
N GLU B 71 -10.50 -22.80 32.87
CA GLU B 71 -9.91 -21.81 33.81
C GLU B 71 -9.13 -20.73 33.05
N GLY B 72 -9.80 -19.99 32.18
CA GLY B 72 -9.25 -18.79 31.50
C GLY B 72 -8.49 -19.11 30.23
N LYS B 73 -8.12 -20.37 30.00
CA LYS B 73 -7.47 -20.84 28.75
C LYS B 73 -8.57 -21.24 27.76
N VAL B 74 -8.24 -21.26 26.47
CA VAL B 74 -9.15 -21.69 25.37
C VAL B 74 -8.33 -22.55 24.39
N SER B 75 -8.83 -23.76 24.10
CA SER B 75 -8.29 -24.69 23.08
C SER B 75 -9.11 -24.55 21.79
N TYR B 76 -8.50 -24.80 20.64
CA TYR B 76 -9.13 -24.71 19.30
C TYR B 76 -8.81 -25.94 18.46
N ALA B 77 -9.82 -26.43 17.73
CA ALA B 77 -9.69 -27.49 16.70
C ALA B 77 -10.71 -27.21 15.60
N ASN B 78 -10.37 -27.56 14.36
CA ASN B 78 -11.29 -27.46 13.19
C ASN B 78 -11.05 -28.68 12.29
N LYS B 79 -12.14 -29.28 11.81
CA LYS B 79 -12.14 -30.41 10.84
C LYS B 79 -13.32 -30.24 9.89
N PHE B 80 -13.13 -30.59 8.62
CA PHE B 80 -14.23 -30.79 7.63
C PHE B 80 -15.10 -31.94 8.12
N LEU B 81 -16.43 -31.75 8.08
CA LEU B 81 -17.40 -32.85 8.31
C LEU B 81 -17.17 -33.89 7.21
N GLU B 82 -16.85 -35.13 7.58
CA GLU B 82 -16.63 -36.24 6.62
C GLU B 82 -17.98 -36.84 6.21
N SER B 83 -18.89 -35.99 5.73
CA SER B 83 -20.14 -36.37 5.03
C SER B 83 -19.77 -37.17 3.78
N LYS B 84 -20.75 -37.87 3.20
CA LYS B 84 -20.64 -38.52 1.87
C LYS B 84 -20.41 -37.44 0.82
N ALA B 85 -21.03 -36.26 1.00
CA ALA B 85 -20.85 -35.08 0.15
C ALA B 85 -19.36 -34.71 0.11
N TYR B 86 -18.74 -34.54 1.28
CA TYR B 86 -17.30 -34.17 1.41
C TYR B 86 -16.42 -35.30 0.88
N GLN B 87 -16.61 -36.52 1.39
CA GLN B 87 -15.81 -37.72 1.03
C GLN B 87 -15.81 -37.90 -0.49
N SER B 88 -16.98 -37.82 -1.12
CA SER B 88 -17.17 -38.01 -2.58
C SER B 88 -16.41 -36.93 -3.37
N ALA B 89 -16.51 -35.67 -2.93
CA ALA B 89 -15.80 -34.51 -3.50
C ALA B 89 -14.28 -34.74 -3.37
N ARG B 90 -13.81 -35.08 -2.16
CA ARG B 90 -12.38 -35.32 -1.82
C ARG B 90 -11.82 -36.46 -2.70
N ASP B 91 -12.60 -37.52 -2.92
CA ASP B 91 -12.09 -38.81 -3.47
C ASP B 91 -12.34 -38.94 -4.98
N THR B 92 -13.24 -38.14 -5.57
CA THR B 92 -13.53 -38.16 -7.03
C THR B 92 -13.30 -36.78 -7.68
N ASP B 93 -13.01 -35.75 -6.89
CA ASP B 93 -12.85 -34.34 -7.35
C ASP B 93 -14.01 -33.96 -8.29
N LYS B 94 -15.21 -34.39 -7.91
CA LYS B 94 -16.50 -34.11 -8.60
C LYS B 94 -17.55 -33.77 -7.52
N ILE B 95 -18.32 -32.71 -7.71
CA ILE B 95 -19.54 -32.44 -6.87
C ILE B 95 -20.49 -33.60 -7.14
N SER B 96 -20.90 -34.34 -6.10
CA SER B 96 -21.54 -35.68 -6.20
C SER B 96 -22.97 -35.68 -5.66
N TYR B 97 -23.34 -34.70 -4.82
CA TYR B 97 -24.69 -34.57 -4.24
C TYR B 97 -25.27 -33.19 -4.59
N ARG B 98 -26.60 -33.12 -4.61
CA ARG B 98 -27.39 -31.91 -4.89
C ARG B 98 -27.40 -31.04 -3.64
N GLU B 99 -26.90 -29.80 -3.77
CA GLU B 99 -26.84 -28.82 -2.65
C GLU B 99 -28.01 -27.83 -2.83
N PHE B 100 -28.06 -26.82 -1.96
CA PHE B 100 -29.09 -25.75 -1.95
C PHE B 100 -29.23 -25.13 -3.35
N ALA B 101 -28.13 -24.86 -4.06
CA ALA B 101 -28.16 -24.10 -5.34
C ALA B 101 -27.15 -24.61 -6.36
N THR B 102 -26.54 -25.77 -6.15
CA THR B 102 -25.61 -26.39 -7.14
C THR B 102 -25.95 -27.88 -7.27
N ASP B 103 -26.01 -28.37 -8.51
CA ASP B 103 -26.24 -29.80 -8.83
C ASP B 103 -24.94 -30.38 -9.40
N PRO B 104 -24.65 -31.69 -9.18
CA PRO B 104 -23.58 -32.37 -9.92
C PRO B 104 -23.76 -32.29 -11.45
N CYS B 105 -22.69 -32.58 -12.20
CA CYS B 105 -22.64 -32.52 -13.68
C CYS B 105 -23.07 -33.87 -14.25
N LYS B 119 -31.96 -39.61 -2.41
CA LYS B 119 -30.48 -39.40 -2.30
C LYS B 119 -30.19 -37.89 -2.13
N PHE B 120 -30.38 -37.41 -0.90
CA PHE B 120 -30.16 -36.01 -0.46
C PHE B 120 -28.70 -35.83 -0.03
N THR B 121 -28.14 -34.62 -0.16
CA THR B 121 -26.81 -34.27 0.41
C THR B 121 -26.89 -34.39 1.94
N ASP B 122 -25.79 -34.83 2.56
CA ASP B 122 -25.59 -34.85 4.02
C ASP B 122 -24.58 -33.75 4.39
N ASN B 123 -24.42 -32.74 3.53
CA ASN B 123 -23.54 -31.57 3.78
C ASN B 123 -24.17 -30.71 4.88
N ALA B 124 -24.07 -31.15 6.14
CA ALA B 124 -24.71 -30.52 7.31
C ALA B 124 -23.86 -29.32 7.77
N ASN B 125 -24.09 -28.15 7.17
CA ASN B 125 -23.20 -26.96 7.27
C ASN B 125 -23.88 -25.82 8.05
N VAL B 126 -25.09 -26.01 8.58
CA VAL B 126 -25.92 -24.87 9.05
C VAL B 126 -25.79 -24.67 10.57
N ASN B 127 -25.96 -25.74 11.35
CA ASN B 127 -26.11 -25.63 12.83
C ASN B 127 -25.64 -26.94 13.45
N VAL B 128 -25.55 -26.98 14.78
CA VAL B 128 -25.22 -28.17 15.60
C VAL B 128 -26.14 -28.18 16.82
N THR B 129 -26.46 -29.36 17.34
CA THR B 129 -27.26 -29.55 18.57
C THR B 129 -26.96 -30.94 19.14
N LYS B 130 -27.67 -31.34 20.18
CA LYS B 130 -27.60 -32.71 20.75
C LYS B 130 -28.96 -33.38 20.58
N ILE B 131 -28.98 -34.61 20.05
CA ILE B 131 -30.17 -35.50 20.00
C ILE B 131 -29.74 -36.85 20.55
N ALA B 132 -30.52 -37.44 21.45
CA ALA B 132 -30.24 -38.72 22.12
C ALA B 132 -28.82 -38.68 22.71
N GLU B 133 -28.47 -37.56 23.37
CA GLU B 133 -27.17 -37.33 24.06
C GLU B 133 -25.99 -37.46 23.09
N ARG B 134 -26.23 -37.29 21.78
CA ARG B 134 -25.19 -37.30 20.72
C ARG B 134 -25.13 -35.92 20.05
N PHE B 135 -23.93 -35.51 19.64
CA PHE B 135 -23.67 -34.24 18.94
C PHE B 135 -23.91 -34.46 17.44
N VAL B 136 -24.76 -33.62 16.83
CA VAL B 136 -25.14 -33.71 15.39
C VAL B 136 -24.97 -32.35 14.72
N ALA B 137 -24.42 -32.37 13.51
CA ALA B 137 -24.43 -31.26 12.54
C ALA B 137 -25.72 -31.38 11.70
N MET B 138 -26.33 -30.24 11.35
CA MET B 138 -27.66 -30.18 10.69
C MET B 138 -27.60 -29.30 9.44
N THR B 139 -28.30 -29.72 8.39
CA THR B 139 -28.74 -28.88 7.25
C THR B 139 -30.24 -29.09 7.11
N GLU B 140 -30.80 -28.93 5.90
CA GLU B 140 -32.26 -28.86 5.67
C GLU B 140 -32.75 -30.14 4.98
N THR B 141 -31.83 -31.07 4.67
CA THR B 141 -32.16 -32.44 4.23
C THR B 141 -32.52 -33.27 5.46
N PRO B 142 -33.24 -34.40 5.32
CA PRO B 142 -33.89 -35.06 6.45
C PRO B 142 -33.03 -35.51 7.65
N LEU B 143 -31.81 -36.01 7.41
CA LEU B 143 -30.97 -36.68 8.43
C LEU B 143 -29.79 -35.79 8.80
N PRO B 144 -29.60 -35.48 10.11
CA PRO B 144 -28.37 -34.89 10.60
C PRO B 144 -27.16 -35.84 10.49
N VAL B 145 -25.97 -35.29 10.73
CA VAL B 145 -24.66 -36.03 10.71
C VAL B 145 -24.04 -35.94 12.10
N GLU B 146 -23.84 -37.09 12.73
CA GLU B 146 -23.28 -37.22 14.10
C GLU B 146 -21.76 -37.01 14.05
N PHE B 147 -21.23 -36.27 15.03
CA PHE B 147 -19.77 -36.04 15.20
C PHE B 147 -19.39 -36.19 16.67
N ASP B 148 -18.13 -36.52 16.90
CA ASP B 148 -17.51 -36.63 18.25
C ASP B 148 -17.01 -35.23 18.64
N ILE B 149 -17.49 -34.66 19.74
CA ILE B 149 -17.10 -33.31 20.21
C ILE B 149 -15.64 -33.31 20.69
N ASN B 150 -15.11 -34.45 21.14
CA ASN B 150 -13.71 -34.57 21.60
C ASN B 150 -12.75 -34.40 20.42
N THR B 151 -12.99 -35.13 19.32
CA THR B 151 -12.05 -35.29 18.17
C THR B 151 -12.50 -34.48 16.95
N LEU B 152 -13.77 -34.08 16.89
CA LEU B 152 -14.47 -33.51 15.71
C LEU B 152 -14.50 -34.54 14.56
N LYS B 153 -14.32 -35.82 14.85
CA LYS B 153 -14.49 -36.92 13.85
C LYS B 153 -15.98 -37.08 13.55
N THR B 154 -16.30 -37.49 12.31
CA THR B 154 -17.67 -37.76 11.84
C THR B 154 -17.99 -39.23 12.10
N VAL B 155 -19.08 -39.50 12.85
CA VAL B 155 -19.57 -40.89 13.13
C VAL B 155 -20.39 -41.37 11.93
N GLY B 156 -21.24 -40.50 11.37
CA GLY B 156 -22.03 -40.78 10.15
C GLY B 156 -23.45 -40.26 10.27
N VAL B 157 -24.32 -40.61 9.31
CA VAL B 157 -25.76 -40.21 9.28
C VAL B 157 -26.43 -40.67 10.58
N PHE B 158 -27.04 -39.72 11.31
CA PHE B 158 -27.89 -39.95 12.50
C PHE B 158 -29.32 -40.25 12.04
N ALA B 159 -29.69 -41.52 12.01
CA ALA B 159 -31.04 -41.99 11.61
C ALA B 159 -32.00 -41.75 12.77
N TYR B 160 -33.21 -41.27 12.46
CA TYR B 160 -34.34 -41.21 13.41
C TYR B 160 -34.98 -42.59 13.43
N ASP B 161 -35.53 -42.99 14.58
CA ASP B 161 -36.16 -44.32 14.74
C ASP B 161 -37.69 -44.12 14.79
N ASP B 162 -38.31 -43.93 13.62
CA ASP B 162 -39.76 -43.64 13.50
C ASP B 162 -40.18 -43.78 12.03
N LYS B 163 -41.45 -43.54 11.71
CA LYS B 163 -42.03 -43.70 10.34
C LYS B 163 -42.45 -42.33 9.77
N ILE B 164 -41.98 -41.23 10.36
CA ILE B 164 -42.31 -39.86 9.89
C ILE B 164 -41.61 -39.62 8.55
N GLU B 165 -42.40 -39.23 7.54
CA GLU B 165 -41.92 -38.96 6.17
C GLU B 165 -41.40 -37.52 6.14
N SER B 166 -40.25 -37.30 5.48
CA SER B 166 -39.73 -35.93 5.26
C SER B 166 -38.79 -35.89 4.06
N GLY B 167 -38.77 -34.74 3.38
CA GLY B 167 -37.79 -34.40 2.34
C GLY B 167 -37.03 -33.13 2.70
N LEU B 168 -37.66 -32.21 3.43
CA LEU B 168 -37.14 -30.85 3.72
C LEU B 168 -37.42 -30.53 5.18
N THR B 169 -36.46 -29.97 5.90
CA THR B 169 -36.58 -29.70 7.36
C THR B 169 -35.76 -28.47 7.70
N THR B 170 -35.66 -28.12 8.98
CA THR B 170 -34.85 -26.97 9.46
C THR B 170 -33.64 -27.51 10.24
N ALA B 171 -32.58 -26.72 10.24
CA ALA B 171 -31.43 -26.83 11.15
C ALA B 171 -31.62 -25.88 12.32
N HIS B 172 -32.88 -25.54 12.64
CA HIS B 172 -33.25 -24.59 13.72
C HIS B 172 -34.27 -25.22 14.65
N PRO B 173 -34.01 -26.42 15.20
CA PRO B 173 -34.91 -27.01 16.18
C PRO B 173 -35.05 -26.10 17.40
N HIS B 174 -36.24 -26.06 18.01
CA HIS B 174 -36.46 -25.44 19.34
C HIS B 174 -36.27 -26.53 20.42
N TYR B 175 -36.04 -26.12 21.67
CA TYR B 175 -35.94 -27.05 22.82
C TYR B 175 -36.77 -26.51 23.98
N ASP B 176 -37.70 -27.35 24.47
CA ASP B 176 -38.56 -27.11 25.65
C ASP B 176 -37.82 -27.65 26.88
N PHE B 177 -37.36 -26.76 27.77
CA PHE B 177 -36.55 -27.11 28.98
C PHE B 177 -37.44 -27.68 30.07
N VAL B 178 -38.73 -27.31 30.09
CA VAL B 178 -39.74 -27.82 31.07
C VAL B 178 -40.02 -29.31 30.77
N LYS B 179 -40.38 -29.62 29.53
CA LYS B 179 -40.78 -30.98 29.07
C LYS B 179 -39.55 -31.78 28.62
N ASN B 180 -38.41 -31.13 28.42
CA ASN B 180 -37.15 -31.77 27.93
C ASN B 180 -37.45 -32.48 26.60
N GLU B 181 -38.01 -31.72 25.64
CA GLU B 181 -38.30 -32.17 24.26
C GLU B 181 -37.65 -31.22 23.28
N LEU B 182 -36.92 -31.75 22.29
CA LEU B 182 -36.58 -31.04 21.03
C LEU B 182 -37.85 -30.94 20.18
N VAL B 183 -38.08 -29.80 19.54
CA VAL B 183 -39.26 -29.56 18.65
C VAL B 183 -38.74 -29.05 17.30
N ASN B 184 -39.24 -29.65 16.23
CA ASN B 184 -38.91 -29.28 14.84
C ASN B 184 -40.08 -29.66 13.96
N TYR B 185 -40.03 -29.32 12.67
CA TYR B 185 -40.98 -29.81 11.65
C TYR B 185 -40.17 -30.33 10.46
N ALA B 186 -40.77 -31.20 9.68
CA ALA B 186 -40.24 -31.70 8.41
C ALA B 186 -41.39 -31.74 7.39
N THR B 187 -41.12 -31.31 6.17
CA THR B 187 -42.09 -31.28 5.06
C THR B 187 -41.93 -32.56 4.23
N LYS B 188 -42.97 -33.39 4.20
CA LYS B 188 -43.09 -34.44 3.17
C LYS B 188 -43.45 -33.72 1.87
N ILE B 189 -42.58 -33.80 0.87
CA ILE B 189 -42.77 -33.17 -0.45
C ILE B 189 -43.21 -34.25 -1.44
N SER B 190 -44.47 -34.18 -1.84
CA SER B 190 -45.15 -35.15 -2.72
C SER B 190 -46.36 -34.45 -3.33
N ARG B 191 -47.21 -35.19 -4.03
CA ARG B 191 -48.43 -34.63 -4.68
C ARG B 191 -49.48 -34.31 -3.60
N SER B 192 -49.29 -34.80 -2.37
CA SER B 192 -50.05 -34.34 -1.17
C SER B 192 -49.08 -34.09 -0.02
N SER B 193 -48.43 -32.93 -0.07
CA SER B 193 -47.36 -32.50 0.87
C SER B 193 -47.96 -32.20 2.24
N ASN B 194 -47.14 -32.33 3.27
CA ASN B 194 -47.51 -32.15 4.69
C ASN B 194 -46.35 -31.45 5.40
N TYR B 195 -46.66 -30.44 6.21
CA TYR B 195 -45.77 -29.96 7.30
C TYR B 195 -46.00 -30.91 8.49
N ASN B 196 -44.98 -31.69 8.84
CA ASN B 196 -45.03 -32.66 9.96
C ASN B 196 -44.29 -32.07 11.15
N VAL B 197 -45.02 -31.50 12.11
CA VAL B 197 -44.49 -30.96 13.38
C VAL B 197 -44.28 -32.15 14.32
N TYR B 198 -43.09 -32.25 14.92
CA TYR B 198 -42.71 -33.40 15.79
C TYR B 198 -41.86 -32.93 16.97
N LYS B 199 -41.69 -33.84 17.93
CA LYS B 199 -40.86 -33.66 19.14
C LYS B 199 -39.99 -34.90 19.33
N ILE B 200 -38.83 -34.72 19.95
CA ILE B 200 -37.94 -35.82 20.40
C ILE B 200 -37.68 -35.67 21.90
N ALA B 201 -38.22 -36.61 22.69
CA ALA B 201 -37.99 -36.73 24.14
C ALA B 201 -36.49 -36.93 24.37
N ASP B 202 -35.96 -36.45 25.50
CA ASP B 202 -34.58 -36.70 25.94
C ASP B 202 -34.29 -38.21 25.91
N LYS B 203 -33.07 -38.57 25.51
CA LYS B 203 -32.51 -39.95 25.56
C LYS B 203 -33.28 -40.87 24.61
N THR B 204 -33.68 -40.36 23.44
CA THR B 204 -34.29 -41.15 22.34
C THR B 204 -34.06 -40.44 20.99
N ASN B 205 -34.04 -41.20 19.90
CA ASN B 205 -33.98 -40.69 18.50
C ASN B 205 -35.32 -40.95 17.81
N HIS B 206 -36.34 -41.45 18.53
CA HIS B 206 -37.74 -41.58 18.05
C HIS B 206 -38.39 -40.20 18.08
N ARG B 207 -38.91 -39.74 16.95
CA ARG B 207 -39.75 -38.52 16.81
C ARG B 207 -41.22 -38.91 17.00
N ASN B 208 -41.93 -38.22 17.90
CA ASN B 208 -43.41 -38.28 18.00
C ASN B 208 -43.99 -37.19 17.09
N LEU B 209 -44.86 -37.58 16.17
CA LEU B 209 -45.65 -36.62 15.35
C LEU B 209 -46.59 -35.86 16.28
N ILE B 210 -46.49 -34.54 16.31
CA ILE B 210 -47.48 -33.65 16.98
C ILE B 210 -48.67 -33.47 16.03
N GLY B 211 -48.42 -33.05 14.79
CA GLY B 211 -49.47 -32.78 13.80
C GLY B 211 -48.94 -32.69 12.40
N SER B 212 -49.78 -33.04 11.41
CA SER B 212 -49.55 -32.82 9.96
C SER B 212 -50.50 -31.74 9.47
N ILE B 213 -49.95 -30.71 8.83
CA ILE B 213 -50.73 -29.66 8.12
C ILE B 213 -50.56 -29.93 6.63
N PRO B 214 -51.65 -30.27 5.90
CA PRO B 214 -51.57 -30.46 4.47
C PRO B 214 -51.33 -29.11 3.78
N VAL B 215 -50.59 -29.13 2.68
CA VAL B 215 -50.18 -27.91 1.91
C VAL B 215 -49.99 -28.30 0.43
N GLU B 216 -50.54 -27.50 -0.48
N GLU B 216 -50.54 -27.50 -0.47
CA GLU B 216 -50.43 -27.72 -1.94
CA GLU B 216 -50.44 -27.70 -1.95
C GLU B 216 -49.00 -27.40 -2.38
C GLU B 216 -49.00 -27.40 -2.38
N GLU B 217 -48.48 -26.22 -2.00
CA GLU B 217 -47.16 -25.70 -2.42
C GLU B 217 -46.34 -25.33 -1.20
N PRO B 218 -45.47 -26.22 -0.69
CA PRO B 218 -44.70 -25.96 0.53
C PRO B 218 -43.86 -24.69 0.43
N ALA B 219 -43.83 -23.92 1.51
CA ALA B 219 -43.00 -22.71 1.65
C ALA B 219 -41.62 -23.12 2.18
N TYR B 220 -40.58 -22.39 1.77
CA TYR B 220 -39.24 -22.49 2.38
C TYR B 220 -39.28 -21.75 3.71
N MET B 221 -39.35 -22.50 4.81
CA MET B 221 -39.41 -21.97 6.20
C MET B 221 -38.17 -22.44 6.95
N HIS B 222 -37.11 -21.64 6.89
CA HIS B 222 -35.76 -21.92 7.44
C HIS B 222 -35.81 -22.14 8.95
N SER B 223 -36.79 -21.51 9.61
CA SER B 223 -37.01 -21.59 11.07
C SER B 223 -38.49 -21.34 11.36
N PHE B 224 -38.91 -21.51 12.60
CA PHE B 224 -40.30 -21.33 13.05
C PHE B 224 -40.31 -20.79 14.49
N ALA B 225 -41.50 -20.39 14.95
CA ALA B 225 -41.74 -19.82 16.30
C ALA B 225 -42.28 -20.91 17.22
N MET B 226 -41.88 -20.86 18.49
CA MET B 226 -42.47 -21.67 19.57
C MET B 226 -42.86 -20.77 20.75
N THR B 227 -44.08 -20.93 21.25
CA THR B 227 -44.59 -20.28 22.49
C THR B 227 -44.77 -21.36 23.56
N GLU B 228 -45.42 -21.04 24.67
CA GLU B 228 -45.71 -22.01 25.77
C GLU B 228 -46.53 -23.18 25.21
N ASN B 229 -47.57 -22.87 24.44
CA ASN B 229 -48.62 -23.84 24.03
C ASN B 229 -48.57 -24.16 22.52
N TYR B 230 -47.82 -23.38 21.73
CA TYR B 230 -47.96 -23.40 20.25
C TYR B 230 -46.60 -23.55 19.55
N VAL B 231 -46.65 -24.20 18.39
CA VAL B 231 -45.73 -24.01 17.25
C VAL B 231 -46.44 -23.07 16.28
N VAL B 232 -45.75 -22.02 15.82
CA VAL B 232 -46.26 -21.10 14.76
C VAL B 232 -45.34 -21.25 13.54
N LEU B 233 -45.85 -21.88 12.47
CA LEU B 233 -45.18 -21.92 11.16
C LEU B 233 -45.59 -20.64 10.42
N VAL B 234 -44.63 -19.76 10.15
CA VAL B 234 -44.88 -18.51 9.37
C VAL B 234 -44.52 -18.83 7.91
N GLU B 235 -45.56 -19.05 7.11
CA GLU B 235 -45.48 -19.53 5.72
C GLU B 235 -45.36 -18.30 4.80
N TYR B 236 -44.13 -17.85 4.57
CA TYR B 236 -43.77 -16.81 3.59
C TYR B 236 -44.19 -17.34 2.23
N PRO B 237 -44.72 -16.49 1.32
CA PRO B 237 -45.17 -16.96 0.00
C PRO B 237 -44.00 -17.18 -0.96
N PHE B 238 -42.96 -17.88 -0.49
CA PHE B 238 -41.81 -18.36 -1.28
C PHE B 238 -41.94 -19.88 -1.33
N VAL B 239 -42.51 -20.40 -2.42
CA VAL B 239 -43.16 -21.74 -2.45
C VAL B 239 -42.72 -22.54 -3.68
N VAL B 240 -42.81 -23.86 -3.58
CA VAL B 240 -42.38 -24.82 -4.64
C VAL B 240 -43.57 -25.69 -5.03
N LYS B 241 -43.71 -25.99 -6.31
CA LYS B 241 -44.57 -27.09 -6.81
C LYS B 241 -43.80 -28.38 -6.59
N PRO B 242 -44.31 -29.31 -5.75
CA PRO B 242 -43.60 -30.56 -5.47
C PRO B 242 -43.03 -31.27 -6.72
N LEU B 243 -43.82 -31.38 -7.79
CA LEU B 243 -43.40 -32.08 -9.03
C LEU B 243 -42.25 -31.36 -9.71
N ASP B 244 -42.15 -30.02 -9.60
CA ASP B 244 -41.01 -29.24 -10.16
C ASP B 244 -39.73 -29.67 -9.44
N LEU B 245 -39.79 -29.85 -8.12
CA LEU B 245 -38.64 -30.31 -7.30
C LEU B 245 -38.24 -31.72 -7.72
N LEU B 246 -39.23 -32.60 -7.97
CA LEU B 246 -38.99 -34.03 -8.26
C LEU B 246 -38.44 -34.20 -9.69
N LEU B 247 -38.77 -33.31 -10.63
CA LEU B 247 -38.63 -33.58 -12.08
C LEU B 247 -37.85 -32.50 -12.83
N SER B 248 -37.80 -31.25 -12.38
CA SER B 248 -37.09 -30.17 -13.12
C SER B 248 -35.59 -30.51 -13.18
N GLY B 249 -34.86 -29.85 -14.08
CA GLY B 249 -33.40 -30.00 -14.15
C GLY B 249 -32.68 -29.18 -13.09
N LYS B 250 -33.41 -28.34 -12.36
CA LYS B 250 -32.85 -27.13 -11.69
C LYS B 250 -32.45 -27.45 -10.25
N PRO B 251 -31.33 -26.86 -9.75
CA PRO B 251 -30.97 -26.96 -8.34
C PRO B 251 -32.12 -26.55 -7.41
N PHE B 252 -32.13 -27.13 -6.20
CA PHE B 252 -33.21 -27.04 -5.19
C PHE B 252 -33.88 -25.65 -5.20
N ILE B 253 -33.14 -24.60 -4.86
CA ILE B 253 -33.72 -23.26 -4.52
C ILE B 253 -34.29 -22.60 -5.78
N GLU B 254 -33.79 -22.95 -6.97
CA GLU B 254 -34.28 -22.35 -8.24
C GLU B 254 -35.75 -22.73 -8.49
N ASN B 255 -36.27 -23.75 -7.82
CA ASN B 255 -37.65 -24.26 -8.03
C ASN B 255 -38.65 -23.44 -7.20
N PHE B 256 -38.19 -22.56 -6.31
CA PHE B 256 -39.05 -21.75 -5.43
C PHE B 256 -39.40 -20.43 -6.13
N SER B 257 -40.64 -19.98 -5.98
CA SER B 257 -41.21 -18.75 -6.58
C SER B 257 -41.75 -17.83 -5.48
N TRP B 258 -41.56 -16.53 -5.66
CA TRP B 258 -42.15 -15.46 -4.82
C TRP B 258 -43.56 -15.17 -5.36
N LYS B 259 -44.58 -15.39 -4.54
CA LYS B 259 -46.00 -15.19 -4.90
C LYS B 259 -46.65 -14.29 -3.85
N PRO B 260 -46.31 -12.98 -3.80
CA PRO B 260 -46.74 -12.10 -2.71
C PRO B 260 -48.26 -11.93 -2.61
N GLU B 261 -48.99 -12.20 -3.69
CA GLU B 261 -50.48 -12.14 -3.73
C GLU B 261 -51.07 -13.14 -2.72
N ASN B 262 -50.36 -14.21 -2.38
CA ASN B 262 -50.78 -15.22 -1.36
C ASN B 262 -50.73 -14.62 0.05
N GLY B 263 -49.95 -13.56 0.27
CA GLY B 263 -49.68 -13.01 1.62
C GLY B 263 -48.82 -13.98 2.42
N THR B 264 -48.51 -13.63 3.66
CA THR B 264 -47.83 -14.55 4.63
C THR B 264 -48.92 -15.17 5.51
N ARG B 265 -48.79 -16.45 5.80
CA ARG B 265 -49.80 -17.22 6.57
C ARG B 265 -49.16 -17.70 7.85
N PHE B 266 -49.70 -17.28 8.99
CA PHE B 266 -49.29 -17.74 10.35
C PHE B 266 -50.19 -18.94 10.70
N ILE B 267 -49.59 -20.14 10.71
CA ILE B 267 -50.29 -21.41 11.06
C ILE B 267 -49.97 -21.74 12.51
N ILE B 268 -50.97 -21.71 13.38
CA ILE B 268 -50.82 -21.90 14.85
C ILE B 268 -51.28 -23.31 15.21
N VAL B 269 -50.35 -24.12 15.70
CA VAL B 269 -50.57 -25.55 16.06
C VAL B 269 -50.31 -25.69 17.56
N ASN B 270 -51.28 -26.26 18.28
CA ASN B 270 -51.13 -26.69 19.69
C ASN B 270 -50.07 -27.79 19.72
N ARG B 271 -48.97 -27.58 20.44
CA ARG B 271 -47.78 -28.47 20.38
C ARG B 271 -47.85 -29.53 21.48
N GLN B 272 -49.02 -29.73 22.09
CA GLN B 272 -49.27 -30.82 23.07
C GLN B 272 -50.32 -31.81 22.51
N ASN B 273 -51.25 -31.37 21.66
CA ASN B 273 -52.34 -32.23 21.12
C ASN B 273 -52.46 -32.10 19.59
N GLY B 274 -51.64 -31.26 18.96
CA GLY B 274 -51.55 -31.17 17.48
C GLY B 274 -52.75 -30.49 16.84
N ASN B 275 -53.69 -29.95 17.61
CA ASN B 275 -54.89 -29.24 17.09
C ASN B 275 -54.44 -27.98 16.34
N LEU B 276 -55.08 -27.68 15.21
CA LEU B 276 -54.91 -26.42 14.44
C LEU B 276 -55.72 -25.33 15.15
N VAL B 277 -55.03 -24.43 15.86
CA VAL B 277 -55.64 -23.30 16.61
C VAL B 277 -56.26 -22.34 15.59
N GLY B 278 -55.54 -22.09 14.49
CA GLY B 278 -56.02 -21.20 13.42
C GLY B 278 -54.91 -20.75 12.49
N THR B 279 -55.31 -20.18 11.35
CA THR B 279 -54.43 -19.55 10.34
C THR B 279 -54.80 -18.07 10.23
N TYR B 280 -53.80 -17.20 10.12
CA TYR B 280 -53.94 -15.73 10.02
C TYR B 280 -53.00 -15.24 8.92
N LYS B 281 -53.42 -14.21 8.19
CA LYS B 281 -52.65 -13.64 7.07
C LYS B 281 -52.16 -12.23 7.43
N SER B 282 -50.93 -11.92 7.03
CA SER B 282 -50.37 -10.55 6.91
C SER B 282 -49.98 -10.31 5.45
N ASP B 283 -49.58 -9.08 5.13
CA ASP B 283 -48.96 -8.74 3.82
C ASP B 283 -47.72 -9.63 3.66
N ALA B 284 -47.36 -9.96 2.41
CA ALA B 284 -46.18 -10.79 2.08
C ALA B 284 -44.92 -10.19 2.72
N PHE B 285 -44.07 -11.05 3.28
CA PHE B 285 -42.68 -10.76 3.66
C PHE B 285 -41.94 -12.11 3.70
N PHE B 286 -40.62 -12.08 3.83
CA PHE B 286 -39.77 -13.30 3.90
C PHE B 286 -38.83 -13.15 5.12
N ALA B 287 -38.40 -14.29 5.66
CA ALA B 287 -37.45 -14.35 6.79
C ALA B 287 -36.74 -15.69 6.77
N PHE B 288 -35.46 -15.68 7.16
CA PHE B 288 -34.70 -16.90 7.51
C PHE B 288 -34.96 -17.19 9.00
N HIS B 289 -34.79 -16.19 9.86
CA HIS B 289 -34.59 -16.36 11.33
C HIS B 289 -35.70 -15.69 12.14
N HIS B 290 -36.40 -16.50 12.93
CA HIS B 290 -37.22 -16.09 14.09
C HIS B 290 -36.26 -15.65 15.21
N VAL B 291 -36.72 -14.72 16.05
CA VAL B 291 -35.97 -14.17 17.23
C VAL B 291 -36.50 -14.85 18.49
N ASN B 292 -37.81 -14.71 18.72
CA ASN B 292 -38.54 -15.25 19.89
C ASN B 292 -40.03 -14.95 19.70
N ALA B 293 -40.89 -15.71 20.37
CA ALA B 293 -42.36 -15.51 20.36
C ALA B 293 -42.91 -15.82 21.76
N PHE B 294 -44.06 -15.26 22.11
CA PHE B 294 -44.71 -15.48 23.43
C PHE B 294 -46.20 -15.12 23.35
N GLU B 295 -47.00 -15.79 24.19
CA GLU B 295 -48.45 -15.52 24.39
C GLU B 295 -48.59 -14.44 25.45
N LYS B 296 -49.54 -13.53 25.27
CA LYS B 296 -49.87 -12.47 26.26
C LYS B 296 -51.37 -12.16 26.13
N GLN B 297 -52.16 -12.49 27.17
CA GLN B 297 -53.63 -12.42 27.16
C GLN B 297 -54.13 -13.32 26.02
N GLU B 298 -54.97 -12.80 25.11
CA GLU B 298 -55.58 -13.57 24.00
C GLU B 298 -54.81 -13.28 22.69
N GLU B 299 -53.50 -13.01 22.80
CA GLU B 299 -52.63 -12.58 21.67
C GLU B 299 -51.32 -13.36 21.68
N ILE B 300 -50.74 -13.53 20.48
CA ILE B 300 -49.37 -14.10 20.28
C ILE B 300 -48.53 -13.01 19.61
N PHE B 301 -47.35 -12.73 20.18
CA PHE B 301 -46.32 -11.83 19.61
C PHE B 301 -45.22 -12.71 19.01
N VAL B 302 -44.92 -12.50 17.73
CA VAL B 302 -43.89 -13.26 16.96
C VAL B 302 -42.86 -12.25 16.45
N ASP B 303 -41.64 -12.33 16.96
CA ASP B 303 -40.51 -11.44 16.59
C ASP B 303 -39.69 -12.16 15.52
N ILE B 304 -39.53 -11.53 14.35
CA ILE B 304 -38.94 -12.15 13.12
C ILE B 304 -37.97 -11.13 12.50
N ILE B 305 -36.84 -11.64 12.00
CA ILE B 305 -35.89 -10.89 11.14
C ILE B 305 -36.44 -10.91 9.72
N ALA B 306 -37.20 -9.88 9.34
CA ALA B 306 -38.04 -9.84 8.13
C ALA B 306 -37.39 -9.03 7.02
N TYR B 307 -37.44 -9.55 5.79
CA TYR B 307 -37.13 -8.86 4.52
C TYR B 307 -38.45 -8.53 3.83
N GLN B 308 -38.46 -7.53 2.94
N GLN B 308 -38.44 -7.52 2.94
CA GLN B 308 -39.70 -7.16 2.18
CA GLN B 308 -39.63 -7.12 2.14
C GLN B 308 -40.08 -8.31 1.25
C GLN B 308 -40.06 -8.29 1.25
N ASP B 309 -39.10 -9.05 0.73
CA ASP B 309 -39.36 -10.18 -0.21
C ASP B 309 -38.22 -11.21 -0.13
N SER B 310 -38.20 -12.17 -1.06
CA SER B 310 -37.28 -13.33 -1.03
C SER B 310 -36.00 -13.04 -1.82
N SER B 311 -35.77 -11.80 -2.23
CA SER B 311 -34.64 -11.42 -3.13
C SER B 311 -33.30 -11.63 -2.42
N ILE B 312 -33.27 -11.56 -1.09
CA ILE B 312 -32.06 -11.89 -0.26
C ILE B 312 -31.47 -13.24 -0.69
N VAL B 313 -32.31 -14.23 -1.02
CA VAL B 313 -31.84 -15.60 -1.37
C VAL B 313 -30.88 -15.52 -2.57
N ASN B 314 -31.24 -14.76 -3.60
CA ASN B 314 -30.44 -14.64 -4.85
C ASN B 314 -29.24 -13.70 -4.63
N ALA B 315 -29.24 -12.91 -3.54
CA ALA B 315 -28.15 -11.98 -3.20
C ALA B 315 -27.01 -12.74 -2.54
N LEU B 316 -27.28 -13.95 -2.04
CA LEU B 316 -26.29 -14.76 -1.29
C LEU B 316 -25.64 -15.80 -2.20
N TYR B 317 -25.78 -15.66 -3.53
CA TYR B 317 -24.89 -16.32 -4.52
C TYR B 317 -23.48 -15.73 -4.37
N LEU B 318 -22.46 -16.56 -4.55
CA LEU B 318 -21.05 -16.22 -4.20
C LEU B 318 -20.54 -15.09 -5.10
N ASP B 319 -20.97 -15.02 -6.37
CA ASP B 319 -20.46 -14.00 -7.32
C ASP B 319 -20.91 -12.60 -6.88
N ILE B 320 -22.04 -12.48 -6.18
CA ILE B 320 -22.52 -11.21 -5.58
C ILE B 320 -21.75 -10.96 -4.28
N LEU B 321 -21.69 -11.95 -3.39
CA LEU B 321 -21.00 -11.83 -2.07
C LEU B 321 -19.53 -11.47 -2.27
N ARG B 322 -18.90 -11.87 -3.37
CA ARG B 322 -17.46 -11.66 -3.64
C ARG B 322 -17.23 -10.38 -4.46
N GLY B 323 -18.30 -9.76 -4.97
CA GLY B 323 -18.24 -8.46 -5.65
C GLY B 323 -17.92 -8.59 -7.13
N GLN B 324 -18.00 -9.79 -7.67
CA GLN B 324 -17.75 -10.09 -9.10
C GLN B 324 -18.97 -9.69 -9.93
N LYS B 325 -20.15 -9.72 -9.30
CA LYS B 325 -21.40 -9.11 -9.82
C LYS B 325 -21.86 -8.06 -8.79
N THR B 326 -22.04 -6.81 -9.22
CA THR B 326 -22.62 -5.73 -8.39
C THR B 326 -24.11 -6.01 -8.20
N ASP B 327 -24.55 -6.14 -6.96
CA ASP B 327 -25.98 -6.17 -6.61
C ASP B 327 -26.13 -5.76 -5.14
N THR B 328 -27.34 -5.45 -4.70
CA THR B 328 -27.67 -5.04 -3.32
C THR B 328 -27.94 -6.30 -2.49
N ILE B 329 -27.31 -6.43 -1.34
CA ILE B 329 -27.76 -7.41 -0.31
C ILE B 329 -28.83 -6.72 0.52
N PRO B 330 -30.13 -7.09 0.39
CA PRO B 330 -31.19 -6.39 1.10
C PRO B 330 -31.03 -6.57 2.62
N THR B 331 -31.45 -5.54 3.37
CA THR B 331 -31.41 -5.53 4.85
C THR B 331 -32.71 -6.11 5.41
N SER B 332 -32.62 -6.70 6.60
CA SER B 332 -33.74 -7.24 7.41
C SER B 332 -33.79 -6.46 8.72
N HIS B 333 -34.98 -6.37 9.33
CA HIS B 333 -35.23 -5.67 10.60
C HIS B 333 -36.09 -6.54 11.51
N ILE B 334 -36.00 -6.33 12.82
CA ILE B 334 -36.83 -7.06 13.83
C ILE B 334 -38.24 -6.49 13.75
N ARG B 335 -39.19 -7.32 13.29
CA ARG B 335 -40.63 -7.01 13.27
C ARG B 335 -41.30 -7.83 14.37
N ARG B 336 -42.08 -7.18 15.23
CA ARG B 336 -43.01 -7.84 16.18
C ARG B 336 -44.39 -7.93 15.53
N TYR B 337 -44.77 -9.13 15.07
CA TYR B 337 -46.12 -9.43 14.55
C TYR B 337 -47.02 -9.74 15.75
N ARG B 338 -48.20 -9.10 15.79
CA ARG B 338 -49.25 -9.33 16.80
C ARG B 338 -50.39 -10.10 16.14
N ILE B 339 -50.60 -11.36 16.56
CA ILE B 339 -51.72 -12.23 16.12
C ILE B 339 -52.83 -12.12 17.16
N PRO B 340 -53.96 -11.45 16.83
CA PRO B 340 -55.12 -11.45 17.72
C PRO B 340 -55.89 -12.75 17.48
N LEU B 341 -55.81 -13.71 18.41
CA LEU B 341 -56.49 -15.02 18.28
C LEU B 341 -58.00 -14.77 18.13
N SER B 342 -58.51 -13.73 18.81
CA SER B 342 -59.88 -13.18 18.72
C SER B 342 -60.33 -13.03 17.26
N GLY B 343 -59.39 -12.70 16.36
CA GLY B 343 -59.64 -12.55 14.91
C GLY B 343 -59.20 -11.18 14.42
N GLY B 344 -58.68 -11.12 13.18
CA GLY B 344 -58.27 -9.88 12.51
C GLY B 344 -56.98 -10.06 11.73
N GLN B 345 -56.71 -9.18 10.77
CA GLN B 345 -55.42 -9.13 10.02
C GLN B 345 -54.28 -8.96 11.02
N VAL B 346 -53.17 -9.66 10.76
CA VAL B 346 -51.92 -9.60 11.58
C VAL B 346 -51.13 -8.36 11.13
N GLU B 347 -50.95 -7.41 12.05
CA GLU B 347 -50.11 -6.20 11.85
C GLU B 347 -48.79 -6.40 12.61
N TYR B 348 -47.79 -5.59 12.30
CA TYR B 348 -46.48 -5.58 13.00
C TYR B 348 -46.03 -4.15 13.30
N GLU B 349 -45.08 -4.03 14.22
CA GLU B 349 -44.26 -2.81 14.46
C GLU B 349 -42.78 -3.22 14.50
N MET B 350 -41.89 -2.28 14.18
CA MET B 350 -40.42 -2.47 14.23
C MET B 350 -39.95 -2.32 15.67
N LEU B 351 -39.09 -3.24 16.15
CA LEU B 351 -38.55 -3.21 17.53
C LEU B 351 -37.26 -2.41 17.56
N SER B 352 -36.69 -2.12 16.39
CA SER B 352 -35.41 -1.38 16.21
C SER B 352 -35.30 -0.93 14.75
N SER B 353 -34.59 0.18 14.50
CA SER B 353 -34.29 0.73 13.16
C SER B 353 -33.01 0.09 12.60
N GLU B 354 -32.26 -0.64 13.44
CA GLU B 354 -30.99 -1.30 13.06
C GLU B 354 -31.33 -2.49 12.16
N ALA B 355 -30.57 -2.66 11.07
CA ALA B 355 -30.59 -3.89 10.25
C ALA B 355 -29.96 -5.01 11.07
N VAL B 356 -30.63 -6.16 11.17
CA VAL B 356 -30.20 -7.30 12.02
C VAL B 356 -30.32 -8.61 11.24
N GLU B 357 -29.34 -9.49 11.38
CA GLU B 357 -29.41 -10.92 11.01
C GLU B 357 -28.72 -11.74 12.11
N LEU B 358 -28.80 -13.06 11.99
CA LEU B 358 -28.18 -14.03 12.92
C LEU B 358 -28.57 -13.69 14.36
N PRO B 359 -29.89 -13.59 14.65
CA PRO B 359 -30.35 -13.14 15.96
C PRO B 359 -30.11 -14.26 16.99
N ARG B 360 -29.78 -13.87 18.23
CA ARG B 360 -29.63 -14.77 19.38
C ARG B 360 -30.17 -14.07 20.63
N ILE B 361 -30.69 -14.86 21.57
CA ILE B 361 -31.25 -14.36 22.85
C ILE B 361 -30.66 -15.20 23.99
N ASN B 362 -31.01 -14.81 25.21
CA ASN B 362 -30.90 -15.67 26.41
C ASN B 362 -31.95 -16.77 26.23
N TYR B 363 -31.65 -17.75 25.37
CA TYR B 363 -32.61 -18.80 24.92
C TYR B 363 -33.10 -19.61 26.12
N LYS B 364 -32.17 -20.09 26.95
CA LYS B 364 -32.46 -21.05 28.05
C LYS B 364 -33.47 -20.45 29.04
N GLN B 365 -33.48 -19.13 29.24
CA GLN B 365 -34.32 -18.48 30.28
C GLN B 365 -35.52 -17.74 29.65
N TYR B 366 -35.44 -17.31 28.39
CA TYR B 366 -36.41 -16.34 27.81
C TYR B 366 -37.08 -16.84 26.50
N ASN B 367 -36.66 -17.94 25.90
CA ASN B 367 -37.38 -18.50 24.71
C ASN B 367 -38.81 -18.85 25.14
N THR B 368 -39.81 -18.47 24.33
CA THR B 368 -41.28 -18.64 24.57
C THR B 368 -41.80 -17.58 25.56
N LYS B 369 -40.95 -16.69 26.06
CA LYS B 369 -41.31 -15.73 27.14
C LYS B 369 -41.09 -14.29 26.69
N ASP B 370 -41.85 -13.36 27.28
CA ASP B 370 -41.63 -11.89 27.17
C ASP B 370 -40.18 -11.62 27.58
N TYR B 371 -39.50 -10.75 26.85
CA TYR B 371 -38.02 -10.55 26.92
C TYR B 371 -37.69 -9.14 26.46
N ARG B 372 -36.41 -8.75 26.56
CA ARG B 372 -35.97 -7.35 26.35
C ARG B 372 -34.79 -7.24 25.37
N PHE B 373 -33.97 -8.29 25.19
CA PHE B 373 -32.64 -8.19 24.55
C PHE B 373 -32.49 -9.17 23.38
N VAL B 374 -32.06 -8.64 22.23
CA VAL B 374 -31.68 -9.41 21.01
C VAL B 374 -30.24 -9.04 20.65
N TYR B 375 -29.40 -10.04 20.35
CA TYR B 375 -28.04 -9.87 19.81
C TYR B 375 -28.07 -10.33 18.35
N GLY B 376 -27.30 -9.68 17.49
CA GLY B 376 -27.22 -10.01 16.06
C GLY B 376 -26.08 -9.30 15.36
N ILE B 377 -26.01 -9.46 14.05
CA ILE B 377 -25.06 -8.75 13.16
C ILE B 377 -25.83 -7.62 12.46
N SER B 378 -25.23 -6.45 12.32
CA SER B 378 -25.77 -5.31 11.56
C SER B 378 -24.68 -4.84 10.60
N THR B 379 -24.92 -3.81 9.81
CA THR B 379 -23.87 -3.16 9.00
C THR B 379 -24.04 -1.65 9.14
N TYR B 380 -22.96 -0.88 8.97
CA TYR B 380 -22.97 0.60 8.95
C TYR B 380 -23.43 1.06 7.55
N SER B 381 -23.20 0.23 6.53
CA SER B 381 -23.44 0.57 5.10
C SER B 381 -23.37 -0.69 4.21
N ALA B 382 -23.80 -0.55 2.95
CA ALA B 382 -23.82 -1.64 1.95
C ALA B 382 -22.39 -2.13 1.69
N SER B 383 -21.43 -1.21 1.58
CA SER B 383 -19.99 -1.52 1.35
C SER B 383 -19.41 -2.33 2.52
N ASP B 384 -19.80 -2.01 3.76
CA ASP B 384 -19.33 -2.68 5.01
C ASP B 384 -19.86 -4.12 5.04
N PHE B 385 -21.06 -4.34 4.50
CA PHE B 385 -21.69 -5.68 4.30
C PHE B 385 -22.14 -6.26 5.65
N ALA B 386 -21.24 -6.52 6.60
CA ALA B 386 -21.60 -7.13 7.90
C ALA B 386 -20.45 -6.90 8.88
N ASN B 387 -20.29 -5.66 9.34
CA ASN B 387 -19.10 -5.22 10.11
C ASN B 387 -19.49 -4.83 11.55
N GLN B 388 -20.72 -5.10 11.99
CA GLN B 388 -21.14 -4.72 13.37
C GLN B 388 -21.77 -5.93 14.08
N LEU B 389 -21.43 -6.12 15.35
CA LEU B 389 -22.30 -6.78 16.35
C LEU B 389 -23.20 -5.71 16.95
N VAL B 390 -24.47 -6.05 17.16
CA VAL B 390 -25.51 -5.12 17.70
C VAL B 390 -26.21 -5.84 18.86
N LYS B 391 -26.57 -5.08 19.90
CA LYS B 391 -27.44 -5.52 21.02
C LYS B 391 -28.64 -4.59 21.05
N ILE B 392 -29.82 -5.13 20.80
CA ILE B 392 -31.08 -4.34 20.70
C ILE B 392 -31.78 -4.42 22.05
N ASP B 393 -32.13 -3.25 22.59
CA ASP B 393 -33.00 -3.13 23.79
C ASP B 393 -34.43 -2.89 23.29
N ILE B 394 -35.26 -3.93 23.31
CA ILE B 394 -36.66 -3.90 22.79
C ILE B 394 -37.48 -2.92 23.63
N LEU B 395 -37.20 -2.81 24.93
CA LEU B 395 -38.01 -1.95 25.83
C LEU B 395 -37.77 -0.49 25.46
N ARG B 396 -36.50 -0.05 25.40
CA ARG B 396 -36.12 1.37 25.12
C ARG B 396 -36.03 1.62 23.61
N LYS B 397 -36.23 0.60 22.77
CA LYS B 397 -36.04 0.67 21.29
C LYS B 397 -34.74 1.41 20.99
N SER B 398 -33.65 0.93 21.57
CA SER B 398 -32.26 1.45 21.41
C SER B 398 -31.30 0.28 21.14
N SER B 399 -30.05 0.58 20.79
CA SER B 399 -29.03 -0.44 20.44
C SER B 399 -27.63 -0.02 20.89
N LYS B 400 -26.81 -0.99 21.28
CA LYS B 400 -25.34 -0.87 21.49
C LYS B 400 -24.65 -1.59 20.34
N ILE B 401 -23.48 -1.12 19.91
CA ILE B 401 -22.74 -1.59 18.70
C ILE B 401 -21.31 -1.95 19.09
N TRP B 402 -20.80 -3.05 18.55
CA TRP B 402 -19.35 -3.39 18.55
C TRP B 402 -18.88 -3.49 17.09
N SER B 403 -17.71 -2.90 16.81
CA SER B 403 -17.05 -2.95 15.49
C SER B 403 -15.56 -2.61 15.64
N GLU B 404 -14.77 -2.94 14.63
CA GLU B 404 -13.30 -2.72 14.54
C GLU B 404 -12.90 -2.63 13.07
N LYS B 405 -12.11 -1.63 12.69
CA LYS B 405 -11.58 -1.41 11.31
C LYS B 405 -11.27 -2.77 10.67
N ASP B 406 -11.90 -3.06 9.53
CA ASP B 406 -11.59 -4.21 8.63
C ASP B 406 -11.85 -5.55 9.34
N CYS B 407 -12.71 -5.56 10.36
CA CYS B 407 -13.16 -6.79 11.07
C CYS B 407 -14.63 -7.06 10.76
N TYR B 408 -14.98 -8.33 10.56
CA TYR B 408 -16.33 -8.81 10.16
C TYR B 408 -16.79 -9.89 11.15
N PRO B 409 -17.62 -9.53 12.16
CA PRO B 409 -17.99 -10.46 13.22
C PRO B 409 -19.10 -11.46 12.85
N GLY B 410 -18.98 -12.70 13.31
CA GLY B 410 -19.98 -13.78 13.13
C GLY B 410 -21.07 -13.73 14.17
N GLU B 411 -21.98 -14.70 14.13
CA GLU B 411 -23.16 -14.83 15.03
C GLU B 411 -22.75 -14.65 16.49
N PRO B 412 -23.42 -13.74 17.24
CA PRO B 412 -23.18 -13.58 18.66
C PRO B 412 -23.90 -14.66 19.48
N VAL B 413 -23.15 -15.61 20.03
CA VAL B 413 -23.68 -16.70 20.91
C VAL B 413 -23.66 -16.21 22.37
N PHE B 414 -24.83 -16.13 23.00
CA PHE B 414 -25.01 -15.71 24.42
C PHE B 414 -24.80 -16.91 25.36
N VAL B 415 -24.02 -16.73 26.42
CA VAL B 415 -23.86 -17.72 27.55
C VAL B 415 -24.15 -16.98 28.87
N GLY B 416 -25.23 -17.34 29.55
CA GLY B 416 -25.64 -16.73 30.83
C GLY B 416 -24.65 -17.07 31.93
N ALA B 417 -24.39 -16.12 32.84
CA ALA B 417 -23.45 -16.28 33.97
C ALA B 417 -24.08 -17.19 35.02
N PRO B 418 -23.30 -17.82 35.91
CA PRO B 418 -23.85 -18.67 36.96
C PRO B 418 -24.73 -17.86 37.94
N ASP B 419 -25.91 -18.39 38.29
CA ASP B 419 -26.88 -17.81 39.23
C ASP B 419 -27.14 -16.33 38.87
N ALA B 420 -27.29 -16.03 37.59
CA ALA B 420 -27.60 -14.68 37.06
C ALA B 420 -29.08 -14.36 37.37
N THR B 421 -29.35 -13.12 37.77
CA THR B 421 -30.70 -12.59 38.09
C THR B 421 -31.20 -11.65 36.99
N LYS B 422 -30.39 -11.42 35.93
CA LYS B 422 -30.71 -10.47 34.83
C LYS B 422 -30.65 -11.19 33.48
N GLU B 423 -31.48 -10.76 32.52
CA GLU B 423 -31.63 -11.38 31.18
C GLU B 423 -30.31 -11.31 30.40
N ASP B 424 -29.54 -10.23 30.59
CA ASP B 424 -28.33 -9.91 29.79
C ASP B 424 -27.07 -10.05 30.67
N GLU B 425 -27.16 -10.79 31.78
CA GLU B 425 -25.99 -11.10 32.65
C GLU B 425 -25.32 -12.35 32.08
N GLY B 426 -24.18 -12.17 31.41
CA GLY B 426 -23.37 -13.27 30.84
C GLY B 426 -22.39 -12.76 29.79
N LEU B 427 -22.03 -13.61 28.83
CA LEU B 427 -21.02 -13.32 27.78
C LEU B 427 -21.63 -13.50 26.39
N ILE B 428 -21.07 -12.80 25.39
CA ILE B 428 -21.33 -12.99 23.94
C ILE B 428 -20.04 -13.52 23.31
N LEU B 429 -20.12 -14.64 22.60
CA LEU B 429 -19.00 -15.25 21.83
C LEU B 429 -19.28 -15.09 20.34
N SER B 430 -18.35 -14.47 19.61
CA SER B 430 -18.42 -14.21 18.15
C SER B 430 -17.08 -14.54 17.50
N ALA B 431 -17.08 -15.44 16.51
CA ALA B 431 -15.94 -15.66 15.58
C ALA B 431 -15.86 -14.46 14.62
N VAL B 432 -14.75 -13.72 14.67
CA VAL B 432 -14.55 -12.44 13.92
C VAL B 432 -13.44 -12.63 12.89
N LEU B 433 -13.69 -12.27 11.63
CA LEU B 433 -12.65 -12.21 10.56
C LEU B 433 -11.94 -10.87 10.66
N ASP B 434 -10.60 -10.89 10.77
CA ASP B 434 -9.72 -9.69 10.68
C ASP B 434 -9.07 -9.72 9.30
N ALA B 435 -9.57 -8.88 8.37
CA ALA B 435 -9.25 -8.91 6.93
C ALA B 435 -7.79 -8.47 6.68
N THR B 436 -7.30 -7.48 7.42
CA THR B 436 -5.91 -6.95 7.29
C THR B 436 -4.91 -8.00 7.79
N ASN B 437 -5.27 -8.73 8.85
CA ASN B 437 -4.46 -9.81 9.48
C ASN B 437 -4.63 -11.12 8.70
N ALA B 438 -5.72 -11.26 7.92
CA ALA B 438 -6.07 -12.45 7.11
C ALA B 438 -6.19 -13.68 8.04
N LYS B 439 -6.69 -13.46 9.25
CA LYS B 439 -6.90 -14.48 10.30
C LYS B 439 -8.11 -14.06 11.13
N SER B 440 -8.72 -15.00 11.86
CA SER B 440 -9.93 -14.78 12.69
C SER B 440 -9.56 -14.83 14.17
N PHE B 441 -10.37 -14.19 15.02
CA PHE B 441 -10.26 -14.26 16.50
C PHE B 441 -11.65 -14.53 17.08
N LEU B 442 -11.70 -15.22 18.21
CA LEU B 442 -12.92 -15.33 19.06
C LEU B 442 -13.01 -14.10 19.96
N LEU B 443 -14.07 -13.30 19.79
CA LEU B 443 -14.35 -12.08 20.58
C LEU B 443 -15.29 -12.46 21.73
N ILE B 444 -14.93 -12.10 22.97
CA ILE B 444 -15.80 -12.30 24.16
C ILE B 444 -16.17 -10.92 24.70
N LEU B 445 -17.45 -10.57 24.56
CA LEU B 445 -18.06 -9.34 25.12
C LEU B 445 -18.76 -9.72 26.42
N ASP B 446 -18.74 -8.83 27.43
CA ASP B 446 -19.73 -8.87 28.53
C ASP B 446 -21.08 -8.47 27.90
N ALA B 447 -22.12 -9.27 28.13
CA ALA B 447 -23.46 -9.09 27.50
C ALA B 447 -24.13 -7.80 28.00
N THR B 448 -23.84 -7.38 29.23
CA THR B 448 -24.47 -6.20 29.89
C THR B 448 -23.92 -4.90 29.29
N THR B 449 -22.59 -4.71 29.34
CA THR B 449 -21.89 -3.51 28.81
C THR B 449 -21.80 -3.58 27.28
N PHE B 450 -21.75 -4.79 26.72
CA PHE B 450 -21.50 -5.08 25.28
C PHE B 450 -20.09 -4.60 24.89
N GLU B 451 -19.16 -4.59 25.84
CA GLU B 451 -17.73 -4.23 25.63
C GLU B 451 -16.86 -5.49 25.78
N GLU B 452 -15.69 -5.49 25.13
CA GLU B 452 -14.75 -6.64 25.08
C GLU B 452 -14.19 -6.92 26.47
N VAL B 453 -14.16 -8.21 26.87
CA VAL B 453 -13.46 -8.68 28.10
C VAL B 453 -12.27 -9.57 27.71
N ALA B 454 -12.25 -10.10 26.48
CA ALA B 454 -11.16 -10.98 25.99
C ALA B 454 -11.29 -11.24 24.49
N ARG B 455 -10.20 -11.70 23.87
CA ARG B 455 -10.20 -12.31 22.50
C ARG B 455 -9.11 -13.38 22.44
N ALA B 456 -9.30 -14.38 21.58
CA ALA B 456 -8.37 -15.51 21.34
C ALA B 456 -8.05 -15.59 19.85
N GLU B 457 -6.78 -15.46 19.47
CA GLU B 457 -6.31 -15.43 18.06
C GLU B 457 -6.35 -16.87 17.50
N VAL B 458 -6.78 -17.03 16.25
CA VAL B 458 -6.73 -18.32 15.50
C VAL B 458 -5.68 -18.19 14.39
N PRO B 459 -4.78 -19.19 14.21
CA PRO B 459 -3.71 -19.09 13.21
C PRO B 459 -4.13 -18.97 11.73
N HIS B 460 -5.43 -19.07 11.42
CA HIS B 460 -5.97 -19.00 10.04
C HIS B 460 -7.30 -18.22 10.04
N HIS B 461 -7.82 -17.91 8.85
CA HIS B 461 -9.19 -17.34 8.67
C HIS B 461 -10.23 -18.46 8.85
N ILE B 462 -11.29 -18.16 9.60
CA ILE B 462 -12.53 -18.96 9.67
C ILE B 462 -13.50 -18.37 8.65
N PRO B 463 -13.82 -19.09 7.55
CA PRO B 463 -14.77 -18.61 6.56
C PRO B 463 -16.11 -18.23 7.22
N PHE B 464 -16.80 -17.24 6.65
CA PHE B 464 -18.11 -16.77 7.14
C PHE B 464 -19.04 -17.97 7.26
N GLY B 465 -19.51 -18.25 8.46
CA GLY B 465 -20.30 -19.43 8.81
C GLY B 465 -21.73 -19.05 9.08
N PHE B 466 -22.54 -20.00 9.56
CA PHE B 466 -23.97 -19.79 9.87
C PHE B 466 -24.13 -19.77 11.39
N HIS B 467 -24.33 -20.92 12.02
CA HIS B 467 -24.75 -21.02 13.44
C HIS B 467 -23.76 -21.87 14.23
N GLY B 468 -23.68 -21.58 15.53
CA GLY B 468 -22.96 -22.36 16.53
C GLY B 468 -23.76 -22.45 17.81
N ASN B 469 -23.31 -23.28 18.75
CA ASN B 469 -23.92 -23.40 20.08
C ASN B 469 -22.82 -23.64 21.12
N TYR B 470 -23.05 -23.14 22.33
CA TYR B 470 -22.22 -23.40 23.53
C TYR B 470 -22.85 -24.58 24.26
N PHE B 471 -22.05 -25.62 24.52
CA PHE B 471 -22.41 -26.83 25.30
C PHE B 471 -21.58 -26.82 26.58
N GLU B 472 -22.26 -26.90 27.73
CA GLU B 472 -21.62 -26.92 29.08
C GLU B 472 -20.80 -28.21 29.23
N ASN C 7 1.31 -19.15 -38.42
CA ASN C 7 1.80 -17.75 -38.41
C ASN C 7 0.61 -16.82 -38.71
N LYS C 8 -0.05 -16.30 -37.67
CA LYS C 8 -1.28 -15.46 -37.75
C LYS C 8 -0.96 -14.09 -38.38
N PHE C 9 0.27 -13.61 -38.21
CA PHE C 9 0.71 -12.24 -38.59
C PHE C 9 1.35 -12.25 -39.99
N GLN C 10 1.33 -13.39 -40.69
CA GLN C 10 1.92 -13.57 -42.05
C GLN C 10 1.45 -12.45 -42.99
N LEU C 11 0.23 -11.95 -42.80
CA LEU C 11 -0.40 -10.90 -43.63
C LEU C 11 0.40 -9.59 -43.55
N GLY C 12 0.99 -9.28 -42.39
CA GLY C 12 1.81 -8.08 -42.16
C GLY C 12 3.08 -8.06 -43.01
N PHE C 13 3.46 -9.21 -43.59
CA PHE C 13 4.65 -9.36 -44.48
C PHE C 13 4.20 -9.78 -45.88
N SER C 14 2.94 -9.51 -46.25
CA SER C 14 2.40 -9.76 -47.60
C SER C 14 2.11 -8.44 -48.29
N THR C 15 2.25 -8.41 -49.62
CA THR C 15 2.10 -7.20 -50.46
C THR C 15 0.72 -6.59 -50.25
N LEU C 16 0.64 -5.25 -50.28
CA LEU C 16 -0.61 -4.45 -50.39
C LEU C 16 -0.57 -3.71 -51.72
N SER C 17 -1.36 -4.15 -52.70
CA SER C 17 -1.44 -3.59 -54.08
C SER C 17 -2.46 -2.44 -54.13
N GLU C 18 -3.39 -2.36 -53.17
CA GLU C 18 -4.51 -1.38 -53.16
C GLU C 18 -4.01 -0.02 -52.66
N GLU C 19 -4.20 1.02 -53.46
CA GLU C 19 -3.97 2.44 -53.12
C GLU C 19 -5.31 3.17 -53.19
N LEU C 20 -5.75 3.81 -52.09
CA LEU C 20 -7.05 4.53 -52.06
C LEU C 20 -6.92 5.87 -51.32
N ASP C 21 -7.94 6.72 -51.46
CA ASP C 21 -8.06 8.05 -50.79
C ASP C 21 -9.49 8.18 -50.25
N LEU C 22 -9.64 8.31 -48.93
CA LEU C 22 -10.96 8.31 -48.23
C LEU C 22 -11.03 9.49 -47.26
N GLU C 23 -12.10 10.29 -47.35
CA GLU C 23 -12.28 11.57 -46.60
C GLU C 23 -12.49 11.27 -45.10
N SER C 24 -13.25 10.21 -44.78
CA SER C 24 -13.55 9.78 -43.38
C SER C 24 -13.41 8.26 -43.25
N LEU C 25 -12.58 7.82 -42.29
CA LEU C 25 -12.57 6.41 -41.80
C LEU C 25 -13.65 6.27 -40.71
N GLN C 26 -14.22 5.07 -40.56
CA GLN C 26 -15.15 4.72 -39.45
C GLN C 26 -14.38 4.85 -38.14
N VAL C 27 -14.77 5.81 -37.29
CA VAL C 27 -14.13 6.08 -35.97
C VAL C 27 -14.98 5.45 -34.86
N LYS C 28 -14.33 4.89 -33.84
CA LYS C 28 -14.92 4.41 -32.57
C LYS C 28 -14.15 5.07 -31.43
N GLY C 29 -14.87 5.57 -30.42
CA GLY C 29 -14.32 6.46 -29.37
C GLY C 29 -14.41 7.90 -29.83
N THR C 30 -13.55 8.78 -29.31
CA THR C 30 -13.48 10.20 -29.73
C THR C 30 -12.01 10.65 -29.79
N ILE C 31 -11.66 11.29 -30.92
CA ILE C 31 -10.32 11.87 -31.21
C ILE C 31 -10.34 13.33 -30.77
N PRO C 32 -9.48 13.76 -29.83
CA PRO C 32 -9.52 15.14 -29.34
C PRO C 32 -9.52 16.16 -30.49
N LYS C 33 -10.33 17.23 -30.33
CA LYS C 33 -10.57 18.27 -31.37
C LYS C 33 -9.24 18.93 -31.78
N TRP C 34 -8.27 18.99 -30.86
CA TRP C 34 -7.01 19.76 -30.99
C TRP C 34 -6.01 19.04 -31.91
N LEU C 35 -6.23 17.75 -32.17
CA LEU C 35 -5.45 16.98 -33.18
C LEU C 35 -5.88 17.43 -34.58
N SER C 36 -5.10 18.30 -35.23
CA SER C 36 -5.44 18.95 -36.52
C SER C 36 -4.30 18.79 -37.53
N GLY C 37 -3.36 17.87 -37.28
CA GLY C 37 -2.18 17.63 -38.14
C GLY C 37 -2.35 16.37 -38.99
N THR C 38 -1.24 15.89 -39.55
CA THR C 38 -1.20 14.69 -40.43
C THR C 38 -0.13 13.72 -39.92
N LEU C 39 -0.52 12.46 -39.74
CA LEU C 39 0.41 11.33 -39.48
C LEU C 39 0.78 10.70 -40.83
N ILE C 40 2.07 10.62 -41.13
CA ILE C 40 2.61 9.87 -42.31
C ILE C 40 3.36 8.65 -41.79
N ARG C 41 2.99 7.46 -42.27
CA ARG C 41 3.66 6.16 -41.98
C ARG C 41 4.43 5.72 -43.22
N ASN C 42 5.66 5.26 -43.04
CA ASN C 42 6.49 4.69 -44.13
C ASN C 42 6.80 3.23 -43.79
N GLY C 43 6.98 2.40 -44.82
CA GLY C 43 7.33 0.98 -44.68
C GLY C 43 7.30 0.28 -46.03
N PRO C 44 7.79 -0.97 -46.08
CA PRO C 44 7.71 -1.80 -47.28
C PRO C 44 6.28 -2.32 -47.42
N ALA C 45 5.74 -2.36 -48.64
CA ALA C 45 4.36 -2.83 -48.93
C ALA C 45 4.31 -3.73 -50.17
N LYS C 46 5.44 -3.97 -50.84
CA LYS C 46 5.55 -4.89 -52.01
C LYS C 46 6.84 -5.71 -51.87
N PHE C 47 6.71 -7.02 -51.69
CA PHE C 47 7.82 -7.91 -51.24
C PHE C 47 8.25 -8.84 -52.39
N GLU C 48 7.69 -8.63 -53.58
CA GLU C 48 8.09 -9.38 -54.81
C GLU C 48 7.81 -8.52 -56.05
N VAL C 49 8.53 -8.84 -57.12
CA VAL C 49 8.40 -8.25 -58.48
C VAL C 49 8.40 -9.43 -59.45
N GLY C 50 7.27 -9.69 -60.12
CA GLY C 50 7.05 -10.89 -60.93
C GLY C 50 7.40 -12.16 -60.17
N LYS C 51 8.38 -12.93 -60.67
CA LYS C 51 8.84 -14.22 -60.09
C LYS C 51 9.91 -13.97 -59.02
N GLU C 52 10.53 -12.78 -59.03
CA GLU C 52 11.67 -12.41 -58.13
C GLU C 52 11.13 -11.92 -56.78
N LYS C 53 11.58 -12.56 -55.69
CA LYS C 53 11.19 -12.21 -54.30
C LYS C 53 12.29 -11.38 -53.65
N PHE C 54 11.91 -10.32 -52.93
CA PHE C 54 12.83 -9.59 -52.01
C PHE C 54 13.15 -10.53 -50.85
N GLN C 55 14.42 -10.57 -50.44
CA GLN C 55 14.91 -11.55 -49.42
C GLN C 55 14.59 -11.05 -48.01
N HIS C 56 14.66 -9.74 -47.78
CA HIS C 56 14.68 -9.12 -46.42
C HIS C 56 13.52 -8.13 -46.28
N TRP C 57 13.03 -7.99 -45.06
CA TRP C 57 11.97 -7.03 -44.65
C TRP C 57 12.35 -5.61 -45.13
N PHE C 58 13.62 -5.24 -45.02
CA PHE C 58 14.15 -3.89 -45.32
C PHE C 58 14.16 -3.63 -46.84
N ASP C 59 13.98 -4.66 -47.67
CA ASP C 59 14.06 -4.58 -49.16
C ASP C 59 12.73 -4.12 -49.79
N GLY C 60 11.60 -4.27 -49.10
CA GLY C 60 10.26 -4.06 -49.70
C GLY C 60 10.05 -2.62 -50.17
N LEU C 61 9.35 -2.45 -51.28
CA LEU C 61 9.17 -1.13 -51.97
C LEU C 61 8.25 -0.23 -51.14
N ALA C 62 8.72 0.99 -50.85
CA ALA C 62 8.12 1.97 -49.92
C ALA C 62 6.69 2.31 -50.35
N MET C 63 5.79 2.39 -49.35
CA MET C 63 4.40 2.91 -49.47
C MET C 63 4.15 3.89 -48.31
N LEU C 64 3.59 5.06 -48.61
CA LEU C 64 3.23 6.07 -47.59
C LEU C 64 1.74 5.90 -47.24
N HIS C 65 1.42 6.06 -45.95
CA HIS C 65 0.03 6.07 -45.42
C HIS C 65 -0.20 7.42 -44.74
N LYS C 66 -1.29 8.10 -45.10
CA LYS C 66 -1.64 9.45 -44.58
C LYS C 66 -2.90 9.33 -43.70
N PHE C 67 -2.76 9.71 -42.42
CA PHE C 67 -3.87 9.93 -41.46
C PHE C 67 -3.91 11.42 -41.13
N SER C 68 -4.89 12.14 -41.70
CA SER C 68 -5.07 13.60 -41.55
C SER C 68 -6.32 13.85 -40.69
N PHE C 69 -6.20 14.68 -39.65
CA PHE C 69 -7.21 14.88 -38.60
C PHE C 69 -7.87 16.26 -38.76
N LYS C 70 -9.21 16.30 -38.74
CA LYS C 70 -10.02 17.53 -38.65
C LYS C 70 -11.16 17.33 -37.65
N GLU C 71 -11.17 18.14 -36.57
CA GLU C 71 -12.24 18.22 -35.54
C GLU C 71 -12.89 16.84 -35.33
N GLY C 72 -12.10 15.85 -34.89
CA GLY C 72 -12.60 14.53 -34.45
C GLY C 72 -12.75 13.53 -35.58
N LYS C 73 -12.73 13.99 -36.84
CA LYS C 73 -12.74 13.10 -38.04
C LYS C 73 -11.28 12.77 -38.39
N VAL C 74 -11.07 11.70 -39.16
CA VAL C 74 -9.74 11.29 -39.70
C VAL C 74 -9.91 10.83 -41.15
N SER C 75 -9.13 11.41 -42.07
CA SER C 75 -9.03 11.01 -43.50
C SER C 75 -7.83 10.09 -43.68
N TYR C 76 -7.88 9.18 -44.66
CA TYR C 76 -6.81 8.21 -44.97
C TYR C 76 -6.54 8.17 -46.48
N ALA C 77 -5.25 8.09 -46.82
CA ALA C 77 -4.75 7.85 -48.19
C ALA C 77 -3.45 7.05 -48.11
N ASN C 78 -3.20 6.18 -49.09
CA ASN C 78 -1.95 5.40 -49.23
C ASN C 78 -1.57 5.33 -50.71
N LYS C 79 -0.29 5.54 -51.01
CA LYS C 79 0.31 5.41 -52.36
C LYS C 79 1.72 4.80 -52.21
N PHE C 80 2.11 3.95 -53.15
CA PHE C 80 3.51 3.52 -53.36
C PHE C 80 4.35 4.75 -53.72
N LEU C 81 5.52 4.90 -53.09
CA LEU C 81 6.53 5.91 -53.48
C LEU C 81 6.95 5.58 -54.91
N GLU C 82 6.77 6.52 -55.85
CA GLU C 82 7.15 6.34 -57.28
C GLU C 82 8.64 6.63 -57.45
N SER C 83 9.48 5.97 -56.65
CA SER C 83 10.94 5.88 -56.81
C SER C 83 11.25 5.27 -58.17
N LYS C 84 12.50 5.43 -58.64
CA LYS C 84 13.03 4.71 -59.84
C LYS C 84 13.02 3.21 -59.54
N ALA C 85 13.28 2.82 -58.30
CA ALA C 85 13.22 1.42 -57.81
C ALA C 85 11.81 0.87 -58.10
N TYR C 86 10.77 1.57 -57.64
CA TYR C 86 9.34 1.15 -57.82
C TYR C 86 8.98 1.17 -59.30
N GLN C 87 9.19 2.32 -59.96
CA GLN C 87 8.82 2.53 -61.39
C GLN C 87 9.45 1.42 -62.26
N SER C 88 10.73 1.13 -62.05
CA SER C 88 11.50 0.12 -62.83
C SER C 88 10.92 -1.28 -62.61
N ALA C 89 10.60 -1.62 -61.35
CA ALA C 89 9.96 -2.89 -60.96
C ALA C 89 8.58 -3.00 -61.63
N ARG C 90 7.75 -1.95 -61.50
CA ARG C 90 6.38 -1.87 -62.05
C ARG C 90 6.42 -2.04 -63.58
N ASP C 91 7.40 -1.44 -64.27
CA ASP C 91 7.39 -1.27 -65.74
C ASP C 91 8.21 -2.35 -66.46
N THR C 92 9.11 -3.07 -65.77
CA THR C 92 9.96 -4.13 -66.37
C THR C 92 9.75 -5.48 -65.66
N ASP C 93 8.99 -5.51 -64.56
CA ASP C 93 8.79 -6.72 -63.70
C ASP C 93 10.14 -7.39 -63.42
N LYS C 94 11.15 -6.57 -63.16
CA LYS C 94 12.53 -6.99 -62.79
C LYS C 94 12.99 -6.10 -61.63
N ILE C 95 13.57 -6.69 -60.57
CA ILE C 95 14.26 -5.90 -59.51
C ILE C 95 15.46 -5.23 -60.19
N SER C 96 15.54 -3.90 -60.12
CA SER C 96 16.42 -3.07 -60.99
C SER C 96 17.50 -2.33 -60.20
N TYR C 97 17.31 -2.15 -58.89
CA TYR C 97 18.27 -1.47 -57.99
C TYR C 97 18.66 -2.40 -56.84
N ARG C 98 19.86 -2.17 -56.30
CA ARG C 98 20.45 -2.92 -55.17
C ARG C 98 19.80 -2.44 -53.87
N GLU C 99 19.16 -3.35 -53.14
CA GLU C 99 18.48 -3.06 -51.85
C GLU C 99 19.40 -3.51 -50.71
N PHE C 100 18.91 -3.40 -49.48
CA PHE C 100 19.62 -3.79 -48.23
C PHE C 100 20.18 -5.21 -48.34
N ALA C 101 19.40 -6.16 -48.88
CA ALA C 101 19.77 -7.60 -48.86
C ALA C 101 19.37 -8.34 -50.14
N THR C 102 18.95 -7.63 -51.20
CA THR C 102 18.63 -8.25 -52.50
C THR C 102 19.29 -7.42 -53.61
N ASP C 103 19.93 -8.09 -54.58
CA ASP C 103 20.54 -7.48 -55.78
C ASP C 103 19.71 -7.88 -57.00
N PRO C 104 19.60 -7.02 -58.04
CA PRO C 104 19.07 -7.44 -59.35
C PRO C 104 19.80 -8.66 -59.94
N CYS C 105 19.18 -9.33 -60.91
CA CYS C 105 19.66 -10.59 -61.54
C CYS C 105 20.60 -10.26 -62.71
N LYS C 119 25.03 4.64 -58.48
CA LYS C 119 23.66 4.11 -58.73
C LYS C 119 23.18 3.32 -57.51
N PHE C 120 22.72 4.04 -56.48
CA PHE C 120 22.06 3.51 -55.26
C PHE C 120 20.56 3.43 -55.50
N THR C 121 19.85 2.51 -54.81
CA THR C 121 18.37 2.48 -54.76
C THR C 121 17.85 3.78 -54.11
N ASP C 122 16.71 4.27 -54.60
CA ASP C 122 15.96 5.40 -54.01
C ASP C 122 14.69 4.84 -53.35
N ASN C 123 14.68 3.54 -53.01
CA ASN C 123 13.56 2.88 -52.29
C ASN C 123 13.55 3.40 -50.84
N ALA C 124 13.06 4.63 -50.64
CA ALA C 124 13.06 5.33 -49.33
C ALA C 124 11.87 4.82 -48.49
N ASN C 125 12.08 3.73 -47.76
CA ASN C 125 10.99 2.95 -47.09
C ASN C 125 11.07 3.05 -45.57
N VAL C 126 11.99 3.83 -45.01
CA VAL C 126 12.33 3.73 -43.55
C VAL C 126 11.59 4.80 -42.74
N ASN C 127 11.66 6.06 -43.15
CA ASN C 127 11.19 7.21 -42.33
C ASN C 127 10.77 8.35 -43.25
N VAL C 128 10.18 9.39 -42.68
CA VAL C 128 9.82 10.66 -43.38
C VAL C 128 10.19 11.82 -42.46
N THR C 129 10.52 12.98 -43.04
CA THR C 129 10.81 14.24 -42.30
C THR C 129 10.65 15.42 -43.26
N LYS C 130 10.97 16.63 -42.83
CA LYS C 130 10.97 17.83 -43.69
C LYS C 130 12.40 18.37 -43.78
N ILE C 131 12.86 18.64 -45.00
CA ILE C 131 14.15 19.35 -45.28
C ILE C 131 13.84 20.47 -46.27
N ALA C 132 14.31 21.69 -45.98
CA ALA C 132 14.07 22.89 -46.81
C ALA C 132 12.56 23.05 -47.06
N GLU C 133 11.75 22.88 -46.01
CA GLU C 133 10.27 23.02 -46.00
C GLU C 133 9.61 22.07 -47.02
N ARG C 134 10.29 20.97 -47.38
CA ARG C 134 9.77 19.91 -48.29
C ARG C 134 9.67 18.60 -47.51
N PHE C 135 8.65 17.80 -47.81
CA PHE C 135 8.43 16.45 -47.23
C PHE C 135 9.26 15.44 -48.03
N VAL C 136 10.08 14.66 -47.33
CA VAL C 136 11.00 13.65 -47.93
C VAL C 136 10.81 12.30 -47.22
N ALA C 137 10.78 11.23 -48.00
CA ALA C 137 10.95 9.83 -47.58
C ALA C 137 12.44 9.51 -47.56
N MET C 138 12.90 8.71 -46.60
CA MET C 138 14.34 8.42 -46.36
C MET C 138 14.60 6.92 -46.27
N THR C 139 15.72 6.47 -46.83
CA THR C 139 16.38 5.18 -46.52
C THR C 139 17.84 5.49 -46.16
N GLU C 140 18.76 4.56 -46.38
CA GLU C 140 20.16 4.65 -45.87
C GLU C 140 21.12 4.92 -47.03
N THR C 141 20.61 5.01 -48.25
CA THR C 141 21.35 5.52 -49.43
C THR C 141 21.39 7.05 -49.34
N PRO C 142 22.33 7.72 -50.02
CA PRO C 142 22.61 9.15 -49.79
C PRO C 142 21.44 10.16 -49.92
N LEU C 143 20.55 9.97 -50.89
CA LEU C 143 19.54 10.99 -51.29
C LEU C 143 18.15 10.56 -50.86
N PRO C 144 17.41 11.40 -50.10
CA PRO C 144 15.99 11.18 -49.85
C PRO C 144 15.14 11.37 -51.12
N VAL C 145 13.85 11.02 -51.03
CA VAL C 145 12.84 11.15 -52.13
C VAL C 145 11.72 12.06 -51.66
N GLU C 146 11.52 13.18 -52.36
CA GLU C 146 10.53 14.23 -52.04
C GLU C 146 9.13 13.77 -52.46
N PHE C 147 8.12 14.01 -51.62
CA PHE C 147 6.70 13.72 -51.91
C PHE C 147 5.83 14.90 -51.48
N ASP C 148 4.66 15.01 -52.10
CA ASP C 148 3.61 16.02 -51.78
C ASP C 148 2.72 15.42 -50.69
N ILE C 149 2.62 16.06 -49.53
CA ILE C 149 1.82 15.56 -48.37
C ILE C 149 0.31 15.63 -48.70
N ASN C 150 -0.10 16.53 -49.58
CA ASN C 150 -1.52 16.69 -49.98
C ASN C 150 -1.97 15.47 -50.79
N THR C 151 -1.19 15.07 -51.81
CA THR C 151 -1.56 14.07 -52.84
C THR C 151 -0.86 12.73 -52.60
N LEU C 152 0.23 12.71 -51.83
CA LEU C 152 1.19 11.58 -51.67
C LEU C 152 1.88 11.27 -53.01
N LYS C 153 1.88 12.21 -53.96
CA LYS C 153 2.63 12.07 -55.24
C LYS C 153 4.12 12.23 -54.95
N THR C 154 4.95 11.54 -55.73
CA THR C 154 6.43 11.58 -55.65
C THR C 154 6.95 12.68 -56.58
N VAL C 155 7.70 13.65 -56.04
CA VAL C 155 8.32 14.75 -56.82
C VAL C 155 9.62 14.24 -57.45
N GLY C 156 10.42 13.47 -56.70
CA GLY C 156 11.67 12.84 -57.20
C GLY C 156 12.80 12.94 -56.19
N VAL C 157 14.01 12.54 -56.58
CA VAL C 157 15.23 12.55 -55.71
C VAL C 157 15.46 13.99 -55.24
N PHE C 158 15.55 14.18 -53.91
CA PHE C 158 15.89 15.45 -53.22
C PHE C 158 17.42 15.55 -53.13
N ALA C 159 18.02 16.34 -54.02
CA ALA C 159 19.48 16.59 -54.05
C ALA C 159 19.86 17.55 -52.92
N TYR C 160 20.96 17.28 -52.22
CA TYR C 160 21.61 18.23 -51.31
C TYR C 160 22.48 19.17 -52.16
N ASP C 161 22.61 20.42 -51.73
CA ASP C 161 23.40 21.45 -52.46
C ASP C 161 24.70 21.67 -51.71
N ASP C 162 25.67 20.77 -51.87
CA ASP C 162 26.97 20.80 -51.16
C ASP C 162 27.91 19.77 -51.80
N LYS C 163 29.14 19.64 -51.30
CA LYS C 163 30.18 18.74 -51.86
C LYS C 163 30.52 17.65 -50.84
N ILE C 164 29.65 17.41 -49.86
CA ILE C 164 29.87 16.34 -48.83
C ILE C 164 29.73 14.98 -49.51
N GLU C 165 30.76 14.13 -49.38
CA GLU C 165 30.78 12.77 -49.95
C GLU C 165 30.03 11.84 -49.00
N SER C 166 29.20 10.94 -49.54
CA SER C 166 28.52 9.90 -48.76
C SER C 166 28.12 8.73 -49.66
N GLY C 167 28.13 7.52 -49.08
CA GLY C 167 27.58 6.30 -49.70
C GLY C 167 26.51 5.70 -48.82
N LEU C 168 26.63 5.86 -47.49
CA LEU C 168 25.75 5.24 -46.48
C LEU C 168 25.38 6.30 -45.45
N THR C 169 24.10 6.37 -45.04
CA THR C 169 23.61 7.39 -44.09
C THR C 169 22.47 6.77 -43.27
N THR C 170 21.81 7.57 -42.44
CA THR C 170 20.65 7.12 -41.62
C THR C 170 19.38 7.78 -42.13
N ALA C 171 18.25 7.11 -41.91
CA ALA C 171 16.90 7.67 -42.03
C ALA C 171 16.42 8.08 -40.64
N HIS C 172 17.35 8.39 -39.73
CA HIS C 172 17.07 8.79 -38.33
C HIS C 172 17.78 10.11 -38.00
N PRO C 173 17.57 11.18 -38.81
CA PRO C 173 18.15 12.48 -38.48
C PRO C 173 17.61 12.96 -37.14
N HIS C 174 18.43 13.68 -36.36
CA HIS C 174 17.99 14.45 -35.17
C HIS C 174 17.60 15.86 -35.61
N TYR C 175 16.85 16.59 -34.79
CA TYR C 175 16.51 18.03 -35.04
C TYR C 175 16.71 18.81 -33.74
N ASP C 176 17.53 19.87 -33.83
CA ASP C 176 17.79 20.87 -32.76
C ASP C 176 16.76 22.00 -32.91
N PHE C 177 15.82 22.10 -31.96
CA PHE C 177 14.69 23.08 -31.99
C PHE C 177 15.19 24.48 -31.61
N VAL C 178 16.25 24.56 -30.81
CA VAL C 178 16.89 25.85 -30.38
C VAL C 178 17.55 26.51 -31.59
N LYS C 179 18.43 25.78 -32.28
CA LYS C 179 19.25 26.27 -33.42
C LYS C 179 18.49 26.10 -34.74
N ASN C 180 17.39 25.34 -34.75
CA ASN C 180 16.59 25.03 -35.97
C ASN C 180 17.53 24.44 -37.03
N GLU C 181 18.24 23.37 -36.67
CA GLU C 181 19.14 22.59 -37.55
C GLU C 181 18.73 21.12 -37.50
N LEU C 182 18.57 20.48 -38.65
CA LEU C 182 18.59 19.00 -38.81
C LEU C 182 20.03 18.53 -38.65
N VAL C 183 20.24 17.42 -37.93
CA VAL C 183 21.58 16.83 -37.70
C VAL C 183 21.56 15.36 -38.12
N ASN C 184 22.55 14.95 -38.91
CA ASN C 184 22.71 13.55 -39.38
C ASN C 184 24.19 13.33 -39.64
N TYR C 185 24.57 12.10 -39.97
CA TYR C 185 25.92 11.78 -40.47
C TYR C 185 25.76 10.96 -41.75
N ALA C 186 26.81 10.97 -42.57
CA ALA C 186 26.93 10.13 -43.77
C ALA C 186 28.36 9.58 -43.81
N THR C 187 28.50 8.30 -44.17
CA THR C 187 29.80 7.61 -44.27
C THR C 187 30.25 7.65 -45.74
N LYS C 188 31.39 8.29 -45.98
CA LYS C 188 32.14 8.11 -47.24
C LYS C 188 32.82 6.75 -47.13
N ILE C 189 32.45 5.81 -47.99
CA ILE C 189 33.03 4.43 -48.01
C ILE C 189 34.05 4.37 -49.16
N SER C 190 35.32 4.31 -48.80
CA SER C 190 36.47 4.30 -49.72
C SER C 190 37.67 3.69 -48.99
N ARG C 191 38.84 3.75 -49.58
CA ARG C 191 40.08 3.20 -48.98
C ARG C 191 40.53 4.09 -47.81
N SER C 192 39.96 5.29 -47.67
CA SER C 192 40.07 6.13 -46.46
C SER C 192 38.70 6.68 -46.10
N SER C 193 37.89 5.84 -45.45
CA SER C 193 36.48 6.11 -45.10
C SER C 193 36.41 7.15 -43.99
N ASN C 194 35.29 7.87 -43.93
CA ASN C 194 35.01 8.96 -42.98
C ASN C 194 33.55 8.85 -42.55
N TYR C 195 33.29 9.02 -41.25
CA TYR C 195 31.97 9.41 -40.73
C TYR C 195 31.89 10.94 -40.83
N ASN C 196 31.01 11.45 -41.69
CA ASN C 196 30.83 12.90 -41.93
C ASN C 196 29.57 13.36 -41.19
N VAL C 197 29.74 13.96 -40.02
CA VAL C 197 28.64 14.55 -39.21
C VAL C 197 28.34 15.93 -39.80
N TYR C 198 27.06 16.20 -40.09
CA TYR C 198 26.63 17.46 -40.76
C TYR C 198 25.31 17.96 -40.15
N LYS C 199 24.97 19.19 -40.51
CA LYS C 199 23.71 19.88 -40.12
C LYS C 199 23.12 20.56 -41.36
N ILE C 200 21.80 20.72 -41.37
CA ILE C 200 21.06 21.51 -42.39
C ILE C 200 20.23 22.56 -41.66
N ALA C 201 20.60 23.83 -41.82
CA ALA C 201 19.85 25.00 -41.33
C ALA C 201 18.46 25.00 -41.98
N ASP C 202 17.47 25.52 -41.27
CA ASP C 202 16.09 25.74 -41.81
C ASP C 202 16.18 26.52 -43.14
N LYS C 203 15.30 26.16 -44.07
CA LYS C 203 15.07 26.87 -45.36
C LYS C 203 16.31 26.76 -46.25
N THR C 204 17.00 25.62 -46.21
CA THR C 204 18.14 25.30 -47.13
C THR C 204 18.30 23.78 -47.25
N ASN C 205 18.87 23.32 -48.38
CA ASN C 205 19.25 21.91 -48.63
C ASN C 205 20.78 21.78 -48.66
N HIS C 206 21.50 22.87 -48.33
CA HIS C 206 22.98 22.85 -48.13
C HIS C 206 23.27 22.24 -46.77
N ARG C 207 24.09 21.18 -46.74
CA ARG C 207 24.64 20.55 -45.50
C ARG C 207 25.97 21.24 -45.16
N ASN C 208 26.13 21.71 -43.92
CA ASN C 208 27.43 22.14 -43.35
C ASN C 208 28.07 20.91 -42.69
N LEU C 209 29.28 20.57 -43.09
CA LEU C 209 30.11 19.55 -42.40
C LEU C 209 30.45 20.08 -41.00
N ILE C 210 30.08 19.33 -39.96
CA ILE C 210 30.50 19.60 -38.55
C ILE C 210 31.91 19.01 -38.38
N GLY C 211 32.08 17.73 -38.70
CA GLY C 211 33.35 17.00 -38.51
C GLY C 211 33.39 15.71 -39.31
N SER C 212 34.59 15.28 -39.69
CA SER C 212 34.90 13.95 -40.26
C SER C 212 35.71 13.15 -39.25
N ILE C 213 35.25 11.93 -38.95
CA ILE C 213 36.01 10.95 -38.15
C ILE C 213 36.52 9.88 -39.11
N PRO C 214 37.85 9.75 -39.29
CA PRO C 214 38.42 8.70 -40.13
C PRO C 214 38.18 7.33 -39.47
N VAL C 215 37.95 6.30 -40.29
CA VAL C 215 37.61 4.93 -39.85
C VAL C 215 38.09 3.94 -40.91
N GLU C 216 38.76 2.86 -40.47
CA GLU C 216 39.29 1.80 -41.35
C GLU C 216 38.11 0.99 -41.91
N GLU C 217 37.24 0.51 -41.01
CA GLU C 217 36.10 -0.39 -41.34
C GLU C 217 34.82 0.21 -40.77
N PRO C 218 34.03 0.95 -41.59
CA PRO C 218 32.82 1.59 -41.10
C PRO C 218 31.81 0.60 -40.50
N ALA C 219 31.19 1.00 -39.40
CA ALA C 219 30.13 0.24 -38.70
C ALA C 219 28.78 0.62 -39.31
N TYR C 220 27.85 -0.33 -39.33
CA TYR C 220 26.42 -0.07 -39.64
C TYR C 220 25.80 0.54 -38.39
N MET C 221 25.58 1.86 -38.44
CA MET C 221 24.98 2.67 -37.36
C MET C 221 23.67 3.27 -37.89
N HIS C 222 22.58 2.53 -37.70
CA HIS C 222 21.20 2.85 -38.19
C HIS C 222 20.71 4.18 -37.63
N SER C 223 21.20 4.56 -36.45
CA SER C 223 20.85 5.80 -35.73
C SER C 223 22.02 6.20 -34.82
N PHE C 224 21.94 7.37 -34.21
CA PHE C 224 23.01 7.92 -33.33
C PHE C 224 22.35 8.75 -32.23
N ALA C 225 23.15 9.13 -31.23
CA ALA C 225 22.73 9.93 -30.05
C ALA C 225 23.08 11.40 -30.28
N MET C 226 22.23 12.30 -29.80
CA MET C 226 22.52 13.76 -29.73
C MET C 226 22.21 14.26 -28.30
N THR C 227 23.15 15.01 -27.72
CA THR C 227 22.99 15.74 -26.45
C THR C 227 22.96 17.24 -26.75
N GLU C 228 23.03 18.09 -25.71
CA GLU C 228 23.05 19.56 -25.86
C GLU C 228 24.25 19.96 -26.74
N ASN C 229 25.43 19.40 -26.46
CA ASN C 229 26.73 19.85 -27.02
C ASN C 229 27.33 18.82 -27.99
N TYR C 230 26.81 17.59 -28.03
CA TYR C 230 27.51 16.45 -28.67
C TYR C 230 26.61 15.70 -29.64
N VAL C 231 27.25 15.15 -30.68
CA VAL C 231 26.81 13.93 -31.41
C VAL C 231 27.63 12.77 -30.83
N VAL C 232 26.98 11.67 -30.48
CA VAL C 232 27.65 10.42 -30.04
C VAL C 232 27.32 9.35 -31.09
N LEU C 233 28.34 8.96 -31.88
CA LEU C 233 28.25 7.78 -32.78
C LEU C 233 28.63 6.56 -31.93
N VAL C 234 27.69 5.64 -31.73
CA VAL C 234 27.95 4.35 -31.03
C VAL C 234 28.26 3.32 -32.11
N GLU C 235 29.54 3.03 -32.25
CA GLU C 235 30.11 2.17 -33.32
C GLU C 235 30.11 0.72 -32.80
N TYR C 236 29.00 0.02 -33.03
CA TYR C 236 28.84 -1.44 -32.80
C TYR C 236 29.87 -2.12 -33.70
N PRO C 237 30.52 -3.22 -33.25
CA PRO C 237 31.51 -3.90 -34.06
C PRO C 237 30.88 -4.78 -35.14
N PHE C 238 29.90 -4.22 -35.87
CA PHE C 238 29.28 -4.80 -37.08
C PHE C 238 29.73 -3.95 -38.26
N VAL C 239 30.79 -4.39 -38.96
CA VAL C 239 31.67 -3.51 -39.78
C VAL C 239 31.90 -4.13 -41.16
N VAL C 240 32.23 -3.26 -42.12
CA VAL C 240 32.47 -3.64 -43.54
C VAL C 240 33.88 -3.20 -43.92
N LYS C 241 34.59 -4.03 -44.67
CA LYS C 241 35.81 -3.63 -45.41
C LYS C 241 35.34 -2.89 -46.66
N PRO C 242 35.68 -1.59 -46.81
CA PRO C 242 35.22 -0.82 -47.97
C PRO C 242 35.35 -1.53 -49.31
N LEU C 243 36.48 -2.17 -49.58
CA LEU C 243 36.76 -2.85 -50.87
C LEU C 243 35.82 -4.04 -51.07
N ASP C 244 35.38 -4.73 -49.99
CA ASP C 244 34.39 -5.84 -50.09
C ASP C 244 33.07 -5.27 -50.63
N LEU C 245 32.65 -4.11 -50.12
CA LEU C 245 31.41 -3.42 -50.56
C LEU C 245 31.55 -3.01 -52.03
N LEU C 246 32.73 -2.52 -52.44
CA LEU C 246 32.95 -1.97 -53.81
C LEU C 246 33.04 -3.11 -54.83
N LEU C 247 33.49 -4.31 -54.43
CA LEU C 247 33.96 -5.35 -55.40
C LEU C 247 33.27 -6.70 -55.23
N SER C 248 32.76 -7.06 -54.06
CA SER C 248 32.11 -8.39 -53.86
C SER C 248 30.88 -8.50 -54.76
N GLY C 249 30.38 -9.72 -54.98
CA GLY C 249 29.14 -9.94 -55.73
C GLY C 249 27.91 -9.72 -54.86
N LYS C 250 28.10 -9.50 -53.56
CA LYS C 250 27.10 -9.81 -52.49
C LYS C 250 26.23 -8.59 -52.20
N PRO C 251 24.92 -8.77 -51.94
CA PRO C 251 24.05 -7.68 -51.47
C PRO C 251 24.65 -6.96 -50.26
N PHE C 252 24.32 -5.67 -50.13
CA PHE C 252 24.87 -4.69 -49.17
C PHE C 252 25.19 -5.36 -47.81
N ILE C 253 24.18 -5.84 -47.10
CA ILE C 253 24.29 -6.23 -45.66
C ILE C 253 25.16 -7.48 -45.51
N GLU C 254 25.27 -8.33 -46.54
CA GLU C 254 26.07 -9.58 -46.48
C GLU C 254 27.57 -9.25 -46.33
N ASN C 255 27.98 -8.02 -46.63
CA ASN C 255 29.41 -7.60 -46.57
C ASN C 255 29.81 -7.20 -45.14
N PHE C 256 28.86 -7.10 -44.21
CA PHE C 256 29.13 -6.71 -42.80
C PHE C 256 29.43 -7.94 -41.95
N SER C 257 30.38 -7.83 -41.03
CA SER C 257 30.87 -8.90 -40.13
C SER C 257 30.75 -8.46 -38.66
N TRP C 258 30.37 -9.38 -37.80
CA TRP C 258 30.37 -9.21 -36.32
C TRP C 258 31.77 -9.51 -35.80
N LYS C 259 32.43 -8.50 -35.20
CA LYS C 259 33.80 -8.59 -34.65
C LYS C 259 33.78 -8.14 -33.19
N PRO C 260 33.21 -8.94 -32.27
CA PRO C 260 32.98 -8.49 -30.89
C PRO C 260 34.27 -8.20 -30.12
N GLU C 261 35.40 -8.74 -30.57
CA GLU C 261 36.75 -8.49 -29.98
C GLU C 261 37.10 -6.99 -30.05
N ASN C 262 36.55 -6.26 -31.02
CA ASN C 262 36.73 -4.79 -31.17
C ASN C 262 36.04 -4.02 -30.04
N GLY C 263 35.02 -4.62 -29.40
CA GLY C 263 34.15 -3.93 -28.44
C GLY C 263 33.27 -2.92 -29.16
N THR C 264 32.43 -2.19 -28.43
CA THR C 264 31.64 -1.05 -28.96
C THR C 264 32.41 0.24 -28.61
N ARG C 265 32.45 1.17 -29.54
CA ARG C 265 33.21 2.43 -29.39
C ARG C 265 32.22 3.59 -29.43
N PHE C 266 32.17 4.37 -28.35
CA PHE C 266 31.37 5.63 -28.26
C PHE C 266 32.29 6.78 -28.70
N ILE C 267 32.01 7.35 -29.87
CA ILE C 267 32.77 8.50 -30.46
C ILE C 267 31.98 9.77 -30.14
N ILE C 268 32.55 10.66 -29.33
CA ILE C 268 31.87 11.90 -28.84
C ILE C 268 32.43 13.09 -29.61
N VAL C 269 31.58 13.74 -30.40
CA VAL C 269 31.95 14.88 -31.29
C VAL C 269 31.16 16.10 -30.82
N ASN C 270 31.87 17.21 -30.58
CA ASN C 270 31.25 18.53 -30.33
C ASN C 270 30.52 18.94 -31.62
N ARG C 271 29.20 19.15 -31.54
CA ARG C 271 28.35 19.37 -32.74
C ARG C 271 28.21 20.87 -33.04
N GLN C 272 29.06 21.71 -32.45
CA GLN C 272 29.14 23.17 -32.79
C GLN C 272 30.50 23.49 -33.43
N ASN C 273 31.58 22.78 -33.10
CA ASN C 273 32.95 23.06 -33.62
C ASN C 273 33.63 21.80 -34.15
N GLY C 274 32.97 20.64 -34.10
CA GLY C 274 33.45 19.40 -34.75
C GLY C 274 34.64 18.76 -34.03
N ASN C 275 35.05 19.27 -32.86
CA ASN C 275 36.18 18.71 -32.08
C ASN C 275 35.81 17.30 -31.59
N LEU C 276 36.76 16.37 -31.61
CA LEU C 276 36.65 15.03 -30.99
C LEU C 276 36.84 15.15 -29.48
N VAL C 277 35.76 15.07 -28.72
CA VAL C 277 35.75 15.14 -27.23
C VAL C 277 36.49 13.92 -26.70
N GLY C 278 36.24 12.74 -27.28
CA GLY C 278 36.94 11.49 -26.93
C GLY C 278 36.22 10.27 -27.44
N THR C 279 36.90 9.11 -27.35
CA THR C 279 36.37 7.77 -27.67
C THR C 279 36.44 6.91 -26.40
N TYR C 280 35.38 6.14 -26.15
CA TYR C 280 35.25 5.25 -24.98
C TYR C 280 34.74 3.90 -25.47
N LYS C 281 35.19 2.82 -24.83
CA LYS C 281 34.84 1.42 -25.21
C LYS C 281 33.99 0.78 -24.12
N SER C 282 32.98 0.01 -24.55
CA SER C 282 32.24 -0.98 -23.74
C SER C 282 32.40 -2.36 -24.38
N ASP C 283 31.91 -3.41 -23.71
CA ASP C 283 31.76 -4.76 -24.31
C ASP C 283 30.88 -4.65 -25.55
N ALA C 284 31.12 -5.51 -26.54
CA ALA C 284 30.35 -5.57 -27.81
C ALA C 284 28.85 -5.67 -27.51
N PHE C 285 28.05 -4.91 -28.27
CA PHE C 285 26.59 -5.06 -28.41
C PHE C 285 26.19 -4.43 -29.74
N PHE C 286 24.95 -4.62 -30.17
CA PHE C 286 24.40 -4.04 -31.42
C PHE C 286 23.06 -3.36 -31.10
N ALA C 287 22.69 -2.38 -31.91
CA ALA C 287 21.41 -1.65 -31.80
C ALA C 287 21.05 -1.04 -33.15
N PHE C 288 19.75 -1.01 -33.46
CA PHE C 288 19.19 -0.19 -34.55
C PHE C 288 18.90 1.20 -34.00
N HIS C 289 18.21 1.27 -32.86
CA HIS C 289 17.51 2.50 -32.39
C HIS C 289 18.05 2.99 -31.05
N HIS C 290 18.57 4.22 -31.06
CA HIS C 290 18.75 5.08 -29.87
C HIS C 290 17.38 5.52 -29.36
N VAL C 291 17.27 5.74 -28.05
CA VAL C 291 16.03 6.21 -27.36
C VAL C 291 16.16 7.72 -27.11
N ASN C 292 17.22 8.09 -26.39
CA ASN C 292 17.54 9.49 -25.99
C ASN C 292 18.90 9.49 -25.28
N ALA C 293 19.57 10.63 -25.24
CA ALA C 293 20.84 10.83 -24.51
C ALA C 293 20.85 12.22 -23.88
N PHE C 294 21.64 12.44 -22.83
CA PHE C 294 21.75 13.75 -22.14
C PHE C 294 23.04 13.80 -21.32
N GLU C 295 23.58 15.01 -21.16
CA GLU C 295 24.73 15.34 -20.29
C GLU C 295 24.20 15.60 -18.88
N LYS C 296 24.92 15.14 -17.85
CA LYS C 296 24.58 15.38 -16.43
C LYS C 296 25.88 15.43 -15.64
N GLN C 297 26.24 16.61 -15.11
CA GLN C 297 27.55 16.90 -14.48
C GLN C 297 28.64 16.60 -15.53
N GLU C 298 29.65 15.79 -15.20
CA GLU C 298 30.79 15.46 -16.09
C GLU C 298 30.56 14.10 -16.76
N GLU C 299 29.29 13.74 -17.02
CA GLU C 299 28.89 12.41 -17.54
C GLU C 299 27.87 12.56 -18.67
N ILE C 300 27.87 11.60 -19.60
CA ILE C 300 26.85 11.45 -20.68
C ILE C 300 26.13 10.12 -20.47
N PHE C 301 24.79 10.16 -20.43
CA PHE C 301 23.91 8.97 -20.39
C PHE C 301 23.34 8.75 -21.79
N VAL C 302 23.53 7.55 -22.34
CA VAL C 302 23.08 7.16 -23.70
C VAL C 302 22.14 5.95 -23.54
N ASP C 303 20.85 6.15 -23.84
CA ASP C 303 19.81 5.10 -23.73
C ASP C 303 19.62 4.50 -25.13
N ILE C 304 19.81 3.17 -25.22
CA ILE C 304 19.86 2.42 -26.51
C ILE C 304 19.02 1.15 -26.37
N ILE C 305 18.31 0.80 -27.43
CA ILE C 305 17.62 -0.51 -27.62
C ILE C 305 18.68 -1.52 -28.09
N ALA C 306 19.28 -2.26 -27.15
CA ALA C 306 20.50 -3.05 -27.37
C ALA C 306 20.18 -4.54 -27.49
N TYR C 307 20.80 -5.20 -28.47
CA TYR C 307 20.87 -6.67 -28.63
C TYR C 307 22.26 -7.12 -28.19
N GLN C 308 22.42 -8.39 -27.80
N GLN C 308 22.41 -8.39 -27.82
CA GLN C 308 23.74 -8.94 -27.40
CA GLN C 308 23.70 -9.00 -27.41
C GLN C 308 24.67 -8.93 -28.61
C GLN C 308 24.67 -8.95 -28.60
N ASP C 309 24.15 -9.15 -29.82
CA ASP C 309 24.98 -9.17 -31.06
C ASP C 309 24.14 -8.75 -32.27
N SER C 310 24.68 -8.93 -33.48
CA SER C 310 24.09 -8.44 -34.75
C SER C 310 23.19 -9.50 -35.39
N SER C 311 22.89 -10.59 -34.69
CA SER C 311 22.16 -11.76 -35.25
C SER C 311 20.72 -11.36 -35.62
N ILE C 312 20.16 -10.36 -34.94
CA ILE C 312 18.82 -9.76 -35.27
C ILE C 312 18.72 -9.45 -36.77
N VAL C 313 19.80 -8.96 -37.38
CA VAL C 313 19.80 -8.54 -38.82
C VAL C 313 19.39 -9.74 -39.69
N ASN C 314 19.96 -10.93 -39.44
CA ASN C 314 19.69 -12.16 -40.23
C ASN C 314 18.32 -12.76 -39.85
N ALA C 315 17.75 -12.36 -38.71
CA ALA C 315 16.45 -12.86 -38.22
C ALA C 315 15.31 -12.12 -38.94
N LEU C 316 15.62 -10.97 -39.56
CA LEU C 316 14.61 -10.12 -40.23
C LEU C 316 14.58 -10.39 -41.73
N TYR C 317 15.19 -11.48 -42.19
CA TYR C 317 14.91 -12.09 -43.52
C TYR C 317 13.47 -12.61 -43.52
N LEU C 318 12.78 -12.50 -44.65
CA LEU C 318 11.30 -12.72 -44.75
C LEU C 318 10.98 -14.19 -44.47
N ASP C 319 11.85 -15.14 -44.84
CA ASP C 319 11.57 -16.59 -44.68
C ASP C 319 11.53 -16.95 -43.19
N ILE C 320 12.25 -16.21 -42.35
CA ILE C 320 12.21 -16.37 -40.86
C ILE C 320 10.96 -15.66 -40.33
N LEU C 321 10.74 -14.40 -40.72
CA LEU C 321 9.59 -13.58 -40.26
C LEU C 321 8.27 -14.27 -40.63
N ARG C 322 8.22 -15.05 -41.70
CA ARG C 322 6.97 -15.69 -42.19
C ARG C 322 6.85 -17.13 -41.65
N GLY C 323 7.91 -17.65 -41.00
CA GLY C 323 7.87 -18.96 -40.32
C GLY C 323 8.21 -20.12 -41.24
N GLN C 324 8.72 -19.81 -42.44
CA GLN C 324 9.10 -20.82 -43.46
C GLN C 324 10.45 -21.45 -43.08
N LYS C 325 11.28 -20.69 -42.37
CA LYS C 325 12.49 -21.17 -41.66
C LYS C 325 12.31 -20.89 -40.16
N THR C 326 12.39 -21.93 -39.33
CA THR C 326 12.38 -21.80 -37.86
C THR C 326 13.71 -21.17 -37.41
N ASP C 327 13.63 -20.02 -36.75
CA ASP C 327 14.80 -19.41 -36.06
C ASP C 327 14.25 -18.43 -35.01
N THR C 328 15.08 -18.02 -34.05
CA THR C 328 14.72 -17.09 -32.96
C THR C 328 14.89 -15.64 -33.46
N ILE C 329 13.88 -14.79 -33.28
CA ILE C 329 14.10 -13.32 -33.37
C ILE C 329 14.58 -12.83 -32.02
N PRO C 330 15.87 -12.44 -31.87
CA PRO C 330 16.40 -12.03 -30.57
C PRO C 330 15.67 -10.80 -30.05
N THR C 331 15.56 -10.69 -28.73
CA THR C 331 14.95 -9.53 -28.03
C THR C 331 16.03 -8.48 -27.73
N SER C 332 15.61 -7.22 -27.68
CA SER C 332 16.40 -6.04 -27.30
C SER C 332 15.78 -5.43 -26.04
N HIS C 333 16.59 -4.74 -25.22
CA HIS C 333 16.17 -4.08 -23.96
C HIS C 333 16.78 -2.68 -23.90
N ILE C 334 16.15 -1.76 -23.15
CA ILE C 334 16.65 -0.38 -22.94
C ILE C 334 17.85 -0.46 -21.99
N ARG C 335 19.04 -0.17 -22.51
CA ARG C 335 20.30 -0.04 -21.72
C ARG C 335 20.66 1.44 -21.59
N ARG C 336 20.87 1.91 -20.37
CA ARG C 336 21.46 3.25 -20.10
C ARG C 336 22.97 3.08 -19.93
N TYR C 337 23.74 3.48 -20.95
CA TYR C 337 25.22 3.53 -20.90
C TYR C 337 25.63 4.86 -20.23
N ARG C 338 26.54 4.77 -19.25
CA ARG C 338 27.12 5.93 -18.55
C ARG C 338 28.56 6.11 -19.02
N ILE C 339 28.83 7.21 -19.72
CA ILE C 339 30.19 7.60 -20.20
C ILE C 339 30.75 8.61 -19.20
N PRO C 340 31.75 8.23 -18.39
CA PRO C 340 32.43 9.19 -17.50
C PRO C 340 33.49 9.91 -18.33
N LEU C 341 33.24 11.18 -18.70
CA LEU C 341 34.17 11.98 -19.55
C LEU C 341 35.53 12.05 -18.84
N SER C 342 35.50 12.12 -17.50
CA SER C 342 36.67 12.05 -16.57
C SER C 342 37.61 10.89 -16.95
N GLY C 343 37.06 9.78 -17.44
CA GLY C 343 37.82 8.60 -17.90
C GLY C 343 37.34 7.33 -17.21
N GLY C 344 37.34 6.20 -17.94
CA GLY C 344 36.94 4.88 -17.41
C GLY C 344 36.15 4.09 -18.44
N GLN C 345 36.13 2.77 -18.31
CA GLN C 345 35.30 1.87 -19.15
C GLN C 345 33.83 2.29 -19.00
N VAL C 346 33.08 2.22 -20.11
CA VAL C 346 31.62 2.53 -20.17
C VAL C 346 30.85 1.31 -19.68
N GLU C 347 30.12 1.45 -18.58
CA GLU C 347 29.18 0.42 -18.04
C GLU C 347 27.75 0.84 -18.36
N TYR C 348 26.80 -0.08 -18.23
CA TYR C 348 25.35 0.18 -18.43
C TYR C 348 24.53 -0.49 -17.32
N GLU C 349 23.27 -0.04 -17.18
CA GLU C 349 22.20 -0.73 -16.41
C GLU C 349 20.95 -0.78 -17.30
N MET C 350 20.08 -1.77 -17.07
CA MET C 350 18.78 -1.92 -17.76
C MET C 350 17.76 -0.95 -17.13
N LEU C 351 17.00 -0.24 -17.96
CA LEU C 351 15.98 0.73 -17.51
C LEU C 351 14.62 0.02 -17.36
N SER C 352 14.51 -1.20 -17.88
CA SER C 352 13.29 -2.04 -17.86
C SER C 352 13.65 -3.49 -18.22
N SER C 353 12.89 -4.46 -17.71
CA SER C 353 13.05 -5.90 -18.05
C SER C 353 12.23 -6.25 -19.30
N GLU C 354 11.37 -5.35 -19.76
CA GLU C 354 10.51 -5.52 -20.96
C GLU C 354 11.40 -5.47 -22.20
N ALA C 355 11.17 -6.39 -23.14
CA ALA C 355 11.77 -6.35 -24.49
C ALA C 355 11.12 -5.18 -25.24
N VAL C 356 11.93 -4.31 -25.85
CA VAL C 356 11.45 -3.07 -26.54
C VAL C 356 12.12 -2.93 -27.91
N GLU C 357 11.35 -2.51 -28.90
CA GLU C 357 11.86 -1.97 -30.19
C GLU C 357 10.97 -0.79 -30.59
N LEU C 358 11.36 -0.10 -31.66
CA LEU C 358 10.65 1.07 -32.24
C LEU C 358 10.38 2.09 -31.13
N PRO C 359 11.43 2.54 -30.40
CA PRO C 359 11.24 3.45 -29.27
C PRO C 359 10.85 4.83 -29.76
N ARG C 360 10.01 5.52 -29.01
CA ARG C 360 9.61 6.94 -29.26
C ARG C 360 9.45 7.64 -27.91
N ILE C 361 9.73 8.95 -27.91
CA ILE C 361 9.63 9.80 -26.70
C ILE C 361 8.84 11.06 -27.05
N ASN C 362 8.58 11.89 -26.04
CA ASN C 362 8.22 13.32 -26.22
C ASN C 362 9.47 14.01 -26.78
N TYR C 363 9.73 13.82 -28.07
CA TYR C 363 11.00 14.23 -28.74
C TYR C 363 11.14 15.76 -28.65
N LYS C 364 10.09 16.50 -29.00
CA LYS C 364 10.12 17.98 -29.15
C LYS C 364 10.52 18.64 -27.84
N GLN C 365 10.19 18.06 -26.69
CA GLN C 365 10.42 18.70 -25.36
C GLN C 365 11.58 18.03 -24.60
N TYR C 366 11.90 16.76 -24.86
CA TYR C 366 12.79 15.95 -23.97
C TYR C 366 13.99 15.33 -24.72
N ASN C 367 14.07 15.39 -26.05
CA ASN C 367 15.29 14.92 -26.76
C ASN C 367 16.48 15.78 -26.29
N THR C 368 17.61 15.12 -25.99
CA THR C 368 18.88 15.72 -25.44
C THR C 368 18.75 16.02 -23.94
N LYS C 369 17.60 15.73 -23.32
CA LYS C 369 17.31 16.13 -21.92
C LYS C 369 17.00 14.89 -21.07
N ASP C 370 17.27 15.00 -19.76
CA ASP C 370 16.80 14.04 -18.73
C ASP C 370 15.28 13.91 -18.89
N TYR C 371 14.77 12.68 -18.79
CA TYR C 371 13.39 12.31 -19.17
C TYR C 371 12.98 11.06 -18.38
N ARG C 372 11.72 10.65 -18.51
CA ARG C 372 11.11 9.60 -17.67
C ARG C 372 10.42 8.50 -18.49
N PHE C 373 9.95 8.78 -19.71
CA PHE C 373 8.98 7.92 -20.43
C PHE C 373 9.48 7.53 -21.82
N VAL C 374 9.44 6.21 -22.10
CA VAL C 374 9.73 5.60 -23.43
C VAL C 374 8.50 4.80 -23.86
N TYR C 375 8.07 4.96 -25.10
CA TYR C 375 7.01 4.14 -25.75
C TYR C 375 7.70 3.25 -26.77
N GLY C 376 7.22 2.02 -26.94
CA GLY C 376 7.76 1.06 -27.91
C GLY C 376 6.87 -0.14 -28.11
N ILE C 377 7.34 -1.11 -28.88
CA ILE C 377 6.67 -2.42 -29.08
C ILE C 377 7.41 -3.46 -28.24
N SER C 378 6.68 -4.36 -27.59
CA SER C 378 7.23 -5.50 -26.83
C SER C 378 6.51 -6.75 -27.32
N THR C 379 6.83 -7.91 -26.77
CA THR C 379 6.06 -9.16 -27.02
C THR C 379 5.87 -9.87 -25.69
N TYR C 380 4.81 -10.67 -25.56
CA TYR C 380 4.55 -11.52 -24.37
C TYR C 380 5.40 -12.80 -24.48
N SER C 381 5.74 -13.19 -25.72
CA SER C 381 6.43 -14.47 -26.05
C SER C 381 6.95 -14.48 -27.49
N ALA C 382 7.79 -15.46 -27.82
CA ALA C 382 8.40 -15.63 -29.16
C ALA C 382 7.29 -15.85 -30.20
N SER C 383 6.28 -16.67 -29.87
CA SER C 383 5.11 -16.97 -30.75
C SER C 383 4.31 -15.70 -31.06
N ASP C 384 4.14 -14.81 -30.08
CA ASP C 384 3.36 -13.54 -30.19
C ASP C 384 4.11 -12.57 -31.14
N PHE C 385 5.44 -12.62 -31.12
CA PHE C 385 6.35 -11.90 -32.03
C PHE C 385 6.37 -10.40 -31.72
N ALA C 386 5.26 -9.70 -31.88
CA ALA C 386 5.20 -8.24 -31.63
C ALA C 386 3.77 -7.82 -31.37
N ASN C 387 3.19 -8.22 -30.23
CA ASN C 387 1.73 -8.10 -29.95
C ASN C 387 1.46 -7.09 -28.82
N GLN C 388 2.46 -6.34 -28.36
CA GLN C 388 2.24 -5.37 -27.26
C GLN C 388 2.78 -3.99 -27.64
N LEU C 389 2.02 -2.94 -27.32
CA LEU C 389 2.55 -1.59 -27.06
C LEU C 389 2.92 -1.52 -25.58
N VAL C 390 4.06 -0.90 -25.27
CA VAL C 390 4.60 -0.78 -23.89
C VAL C 390 4.93 0.70 -23.65
N LYS C 391 4.71 1.17 -22.43
CA LYS C 391 5.13 2.51 -21.94
C LYS C 391 6.01 2.26 -20.72
N ILE C 392 7.29 2.61 -20.82
CA ILE C 392 8.29 2.36 -19.75
C ILE C 392 8.42 3.63 -18.91
N ASP C 393 8.28 3.47 -17.60
CA ASP C 393 8.57 4.53 -16.59
C ASP C 393 10.00 4.31 -16.11
N ILE C 394 10.95 5.09 -16.60
CA ILE C 394 12.40 4.94 -16.31
C ILE C 394 12.64 5.22 -14.83
N LEU C 395 11.88 6.13 -14.21
CA LEU C 395 12.07 6.51 -12.79
C LEU C 395 11.73 5.29 -11.91
N ARG C 396 10.52 4.72 -12.07
CA ARG C 396 10.02 3.62 -11.22
C ARG C 396 10.47 2.26 -11.78
N LYS C 397 11.17 2.23 -12.92
CA LYS C 397 11.56 1.00 -13.65
C LYS C 397 10.35 0.05 -13.70
N SER C 398 9.22 0.56 -14.21
CA SER C 398 7.94 -0.17 -14.39
C SER C 398 7.39 0.10 -15.78
N SER C 399 6.34 -0.61 -16.19
CA SER C 399 5.74 -0.49 -17.55
C SER C 399 4.21 -0.64 -17.51
N LYS C 400 3.52 0.05 -18.41
CA LYS C 400 2.11 -0.19 -18.81
C LYS C 400 2.10 -0.86 -20.18
N ILE C 401 1.11 -1.71 -20.43
CA ILE C 401 1.00 -2.57 -21.64
C ILE C 401 -0.36 -2.37 -22.29
N TRP C 402 -0.39 -2.28 -23.62
CA TRP C 402 -1.64 -2.39 -24.43
C TRP C 402 -1.48 -3.58 -25.37
N SER C 403 -2.54 -4.40 -25.47
CA SER C 403 -2.60 -5.56 -26.39
C SER C 403 -4.07 -5.96 -26.61
N GLU C 404 -4.31 -6.76 -27.65
CA GLU C 404 -5.65 -7.24 -28.08
C GLU C 404 -5.46 -8.55 -28.86
N LYS C 405 -6.24 -9.59 -28.54
CA LYS C 405 -6.20 -10.92 -29.20
C LYS C 405 -5.97 -10.74 -30.72
N ASP C 406 -4.89 -11.33 -31.25
CA ASP C 406 -4.61 -11.47 -32.70
C ASP C 406 -4.38 -10.09 -33.33
N CYS C 407 -4.00 -9.08 -32.54
CA CYS C 407 -3.64 -7.73 -33.03
C CYS C 407 -2.13 -7.49 -32.82
N TYR C 408 -1.48 -6.85 -33.79
CA TYR C 408 -0.02 -6.59 -33.85
C TYR C 408 0.22 -5.09 -34.07
N PRO C 409 0.51 -4.33 -33.00
CA PRO C 409 0.62 -2.87 -33.10
C PRO C 409 1.96 -2.37 -33.65
N GLY C 410 1.92 -1.32 -34.47
CA GLY C 410 3.11 -0.64 -35.04
C GLY C 410 3.70 0.39 -34.09
N GLU C 411 4.72 1.11 -34.54
CA GLU C 411 5.47 2.15 -33.78
C GLU C 411 4.50 3.13 -33.10
N PRO C 412 4.64 3.34 -31.77
CA PRO C 412 3.83 4.32 -31.06
C PRO C 412 4.39 5.74 -31.26
N VAL C 413 3.69 6.56 -32.05
CA VAL C 413 4.05 7.99 -32.31
C VAL C 413 3.37 8.86 -31.26
N PHE C 414 4.16 9.57 -30.44
CA PHE C 414 3.68 10.50 -29.37
C PHE C 414 3.37 11.87 -29.98
N VAL C 415 2.22 12.46 -29.63
CA VAL C 415 1.85 13.88 -29.96
C VAL C 415 1.45 14.57 -28.65
N GLY C 416 2.23 15.55 -28.20
CA GLY C 416 1.98 16.32 -26.96
C GLY C 416 0.72 17.17 -27.08
N ALA C 417 -0.04 17.28 -26.00
CA ALA C 417 -1.31 18.07 -25.95
C ALA C 417 -0.96 19.55 -25.94
N PRO C 418 -1.91 20.44 -26.32
CA PRO C 418 -1.69 21.88 -26.26
C PRO C 418 -1.45 22.37 -24.82
N ASP C 419 -0.45 23.23 -24.62
CA ASP C 419 -0.09 23.85 -23.33
C ASP C 419 0.03 22.76 -22.24
N ALA C 420 0.64 21.63 -22.57
CA ALA C 420 0.89 20.50 -21.64
C ALA C 420 2.00 20.91 -20.66
N THR C 421 1.86 20.54 -19.38
CA THR C 421 2.86 20.79 -18.30
C THR C 421 3.59 19.49 -17.92
N LYS C 422 3.23 18.35 -18.54
CA LYS C 422 3.77 17.00 -18.19
C LYS C 422 4.37 16.33 -19.43
N GLU C 423 5.39 15.50 -19.22
CA GLU C 423 6.18 14.82 -20.28
C GLU C 423 5.27 13.88 -21.08
N ASP C 424 4.30 13.25 -20.42
CA ASP C 424 3.44 12.17 -21.00
C ASP C 424 2.00 12.68 -21.15
N GLU C 425 1.79 14.00 -21.19
CA GLU C 425 0.47 14.61 -21.47
C GLU C 425 0.34 14.73 -22.99
N GLY C 426 -0.46 13.85 -23.59
CA GLY C 426 -0.74 13.85 -25.05
C GLY C 426 -1.35 12.53 -25.50
N LEU C 427 -1.13 12.17 -26.77
CA LEU C 427 -1.70 10.96 -27.41
C LEU C 427 -0.57 10.08 -27.97
N ILE C 428 -0.84 8.78 -28.07
CA ILE C 428 -0.01 7.78 -28.81
C ILE C 428 -0.81 7.31 -30.01
N LEU C 429 -0.23 7.41 -31.22
CA LEU C 429 -0.84 6.90 -32.48
C LEU C 429 -0.03 5.68 -32.94
N SER C 430 -0.71 4.55 -33.14
CA SER C 430 -0.13 3.27 -33.60
C SER C 430 -1.02 2.65 -34.67
N ALA C 431 -0.47 2.37 -35.85
CA ALA C 431 -1.09 1.52 -36.89
C ALA C 431 -1.04 0.06 -36.41
N VAL C 432 -2.21 -0.56 -36.22
CA VAL C 432 -2.34 -1.93 -35.64
C VAL C 432 -2.91 -2.87 -36.70
N LEU C 433 -2.27 -4.01 -36.91
CA LEU C 433 -2.80 -5.11 -37.77
C LEU C 433 -3.74 -5.98 -36.92
N ASP C 434 -4.97 -6.16 -37.38
CA ASP C 434 -5.98 -7.11 -36.82
C ASP C 434 -6.01 -8.33 -37.75
N ALA C 435 -5.38 -9.43 -37.33
CA ALA C 435 -5.09 -10.62 -38.16
C ALA C 435 -6.38 -11.37 -38.49
N THR C 436 -7.32 -11.48 -37.54
CA THR C 436 -8.62 -12.18 -37.72
C THR C 436 -9.50 -11.40 -38.71
N ASN C 437 -9.45 -10.07 -38.63
CA ASN C 437 -10.20 -9.13 -39.50
C ASN C 437 -9.47 -8.93 -40.85
N ALA C 438 -8.17 -9.24 -40.90
CA ALA C 438 -7.30 -9.12 -42.11
C ALA C 438 -7.30 -7.67 -42.60
N LYS C 439 -7.37 -6.72 -41.66
CA LYS C 439 -7.36 -5.25 -41.90
C LYS C 439 -6.67 -4.58 -40.71
N SER C 440 -6.23 -3.33 -40.88
CA SER C 440 -5.52 -2.54 -39.85
C SER C 440 -6.43 -1.42 -39.34
N PHE C 441 -6.18 -0.96 -38.11
CA PHE C 441 -6.84 0.24 -37.51
C PHE C 441 -5.76 1.15 -36.92
N LEU C 442 -6.00 2.46 -36.91
CA LEU C 442 -5.20 3.45 -36.15
C LEU C 442 -5.73 3.49 -34.72
N LEU C 443 -4.88 3.12 -33.76
CA LEU C 443 -5.18 3.11 -32.31
C LEU C 443 -4.71 4.44 -31.70
N ILE C 444 -5.57 5.14 -30.98
CA ILE C 444 -5.21 6.39 -30.25
C ILE C 444 -5.36 6.11 -28.75
N LEU C 445 -4.23 6.08 -28.06
CA LEU C 445 -4.14 5.94 -26.58
C LEU C 445 -3.94 7.35 -26.00
N ASP C 446 -4.52 7.63 -24.83
CA ASP C 446 -4.03 8.73 -23.96
C ASP C 446 -2.66 8.31 -23.45
N ALA C 447 -1.65 9.18 -23.57
CA ALA C 447 -0.24 8.86 -23.24
C ALA C 447 -0.07 8.67 -21.73
N THR C 448 -0.89 9.34 -20.91
CA THR C 448 -0.80 9.33 -19.43
C THR C 448 -1.32 7.99 -18.88
N THR C 449 -2.57 7.63 -19.20
CA THR C 449 -3.22 6.36 -18.75
C THR C 449 -2.70 5.17 -19.57
N PHE C 450 -2.30 5.42 -20.83
CA PHE C 450 -1.92 4.40 -21.83
C PHE C 450 -3.14 3.51 -22.16
N GLU C 451 -4.35 4.06 -22.04
CA GLU C 451 -5.63 3.37 -22.38
C GLU C 451 -6.22 4.01 -23.65
N GLU C 452 -7.02 3.25 -24.39
CA GLU C 452 -7.64 3.65 -25.69
C GLU C 452 -8.63 4.80 -25.47
N VAL C 453 -8.56 5.83 -26.31
CA VAL C 453 -9.58 6.92 -26.39
C VAL C 453 -10.32 6.85 -27.73
N ALA C 454 -9.76 6.17 -28.74
CA ALA C 454 -10.37 6.06 -30.08
C ALA C 454 -9.61 5.06 -30.95
N ARG C 455 -10.26 4.61 -32.04
CA ARG C 455 -9.60 3.89 -33.16
C ARG C 455 -10.33 4.21 -34.47
N ALA C 456 -9.63 4.15 -35.60
CA ALA C 456 -10.15 4.39 -36.96
C ALA C 456 -9.84 3.19 -37.85
N GLU C 457 -10.87 2.56 -38.42
CA GLU C 457 -10.74 1.33 -39.26
C GLU C 457 -10.19 1.71 -40.63
N VAL C 458 -9.27 0.91 -41.18
CA VAL C 458 -8.75 1.03 -42.57
C VAL C 458 -9.30 -0.14 -43.39
N PRO C 459 -9.85 0.08 -44.61
CA PRO C 459 -10.45 -1.00 -45.40
C PRO C 459 -9.52 -2.16 -45.84
N HIS C 460 -8.20 -2.05 -45.59
CA HIS C 460 -7.20 -3.07 -45.95
C HIS C 460 -6.16 -3.22 -44.84
N HIS C 461 -5.28 -4.23 -44.96
CA HIS C 461 -4.10 -4.40 -44.06
C HIS C 461 -3.01 -3.40 -44.48
N ILE C 462 -2.41 -2.76 -43.47
CA ILE C 462 -1.15 -1.97 -43.62
C ILE C 462 -0.01 -2.92 -43.26
N PRO C 463 0.86 -3.31 -44.23
CA PRO C 463 1.99 -4.18 -43.95
C PRO C 463 2.87 -3.58 -42.84
N PHE C 464 3.51 -4.45 -42.06
CA PHE C 464 4.40 -4.06 -40.95
C PHE C 464 5.44 -3.08 -41.49
N GLY C 465 5.43 -1.86 -40.97
CA GLY C 465 6.24 -0.73 -41.44
C GLY C 465 7.36 -0.45 -40.47
N PHE C 466 8.08 0.64 -40.70
CA PHE C 466 9.22 1.09 -39.86
C PHE C 466 8.77 2.31 -39.07
N HIS C 467 8.96 3.51 -39.61
CA HIS C 467 8.80 4.78 -38.86
C HIS C 467 7.77 5.68 -39.55
N GLY C 468 7.13 6.52 -38.74
CA GLY C 468 6.25 7.62 -39.16
C GLY C 468 6.47 8.85 -38.32
N ASN C 469 5.88 9.97 -38.72
CA ASN C 469 5.96 11.24 -37.95
C ASN C 469 4.63 11.98 -38.08
N TYR C 470 4.26 12.70 -37.02
CA TYR C 470 3.09 13.62 -36.99
C TYR C 470 3.61 15.01 -37.33
N PHE C 471 3.01 15.63 -38.36
CA PHE C 471 3.28 17.02 -38.81
C PHE C 471 2.04 17.87 -38.53
N GLU C 472 2.21 18.94 -37.76
CA GLU C 472 1.12 19.86 -37.31
C GLU C 472 0.55 20.59 -38.54
N ASN D 7 -40.92 6.53 16.05
CA ASN D 7 -40.57 7.25 14.79
C ASN D 7 -39.89 8.57 15.16
N LYS D 8 -38.55 8.58 15.19
CA LYS D 8 -37.70 9.74 15.60
C LYS D 8 -37.82 10.89 14.58
N PHE D 9 -38.07 10.57 13.31
CA PHE D 9 -38.04 11.53 12.18
C PHE D 9 -39.44 12.08 11.90
N GLN D 10 -40.44 11.73 12.73
CA GLN D 10 -41.87 12.18 12.61
C GLN D 10 -41.94 13.70 12.38
N LEU D 11 -41.02 14.46 12.97
CA LEU D 11 -40.98 15.95 12.92
C LEU D 11 -40.79 16.42 11.47
N GLY D 12 -40.04 15.67 10.67
CA GLY D 12 -39.78 15.97 9.25
C GLY D 12 -41.03 15.93 8.39
N PHE D 13 -42.12 15.34 8.90
CA PHE D 13 -43.45 15.25 8.22
C PHE D 13 -44.51 16.00 9.03
N SER D 14 -44.10 16.95 9.86
CA SER D 14 -45.01 17.82 10.64
C SER D 14 -44.91 19.26 10.13
N THR D 15 -46.01 20.00 10.21
CA THR D 15 -46.14 21.38 9.68
C THR D 15 -45.08 22.29 10.31
N LEU D 16 -44.56 23.24 9.53
CA LEU D 16 -43.76 24.40 9.99
C LEU D 16 -44.56 25.68 9.69
N SER D 17 -45.15 26.31 10.71
CA SER D 17 -45.98 27.53 10.58
C SER D 17 -45.10 28.79 10.63
N GLU D 18 -43.88 28.70 11.17
CA GLU D 18 -42.97 29.86 11.41
C GLU D 18 -42.28 30.25 10.09
N GLU D 19 -42.43 31.51 9.68
CA GLU D 19 -41.70 32.15 8.55
C GLU D 19 -40.85 33.28 9.11
N LEU D 20 -39.53 33.27 8.89
CA LEU D 20 -38.62 34.33 9.39
C LEU D 20 -37.57 34.71 8.34
N ASP D 21 -36.86 35.82 8.58
CA ASP D 21 -35.78 36.37 7.73
C ASP D 21 -34.63 36.80 8.64
N LEU D 22 -33.46 36.18 8.50
CA LEU D 22 -32.28 36.34 9.40
C LEU D 22 -31.01 36.60 8.57
N GLU D 23 -30.27 37.66 8.91
CA GLU D 23 -29.11 38.15 8.11
C GLU D 23 -27.93 37.18 8.26
N SER D 24 -27.73 36.63 9.46
CA SER D 24 -26.64 35.66 9.77
C SER D 24 -27.18 34.49 10.61
N LEU D 25 -26.99 33.26 10.15
CA LEU D 25 -27.13 32.01 10.95
C LEU D 25 -25.82 31.77 11.69
N GLN D 26 -25.88 31.13 12.87
CA GLN D 26 -24.70 30.66 13.64
C GLN D 26 -23.97 29.62 12.77
N VAL D 27 -22.74 29.94 12.35
CA VAL D 27 -21.90 29.06 11.49
C VAL D 27 -20.86 28.37 12.37
N LYS D 28 -20.59 27.09 12.10
CA LYS D 28 -19.49 26.29 12.68
C LYS D 28 -18.68 25.70 11.52
N GLY D 29 -17.35 25.74 11.60
CA GLY D 29 -16.44 25.50 10.47
C GLY D 29 -16.22 26.78 9.69
N THR D 30 -15.87 26.68 8.41
CA THR D 30 -15.69 27.85 7.51
C THR D 30 -16.24 27.53 6.11
N ILE D 31 -17.05 28.44 5.58
CA ILE D 31 -17.69 28.38 4.23
C ILE D 31 -16.76 29.09 3.25
N PRO D 32 -16.26 28.41 2.20
CA PRO D 32 -15.33 29.05 1.25
C PRO D 32 -15.83 30.42 0.77
N LYS D 33 -14.91 31.39 0.66
CA LYS D 33 -15.19 32.81 0.29
C LYS D 33 -15.90 32.87 -1.07
N TRP D 34 -15.61 31.91 -1.96
CA TRP D 34 -16.03 31.93 -3.39
C TRP D 34 -17.51 31.55 -3.53
N LEU D 35 -18.11 30.95 -2.50
CA LEU D 35 -19.57 30.69 -2.43
C LEU D 35 -20.29 32.02 -2.18
N SER D 36 -20.85 32.64 -3.24
CA SER D 36 -21.46 33.99 -3.21
C SER D 36 -22.87 33.96 -3.81
N GLY D 37 -23.46 32.77 -3.97
CA GLY D 37 -24.79 32.59 -4.57
C GLY D 37 -25.85 32.32 -3.52
N THR D 38 -27.01 31.81 -3.95
CA THR D 38 -28.19 31.53 -3.10
C THR D 38 -28.65 30.09 -3.36
N LEU D 39 -28.81 29.31 -2.29
CA LEU D 39 -29.48 27.98 -2.32
C LEU D 39 -30.97 28.21 -2.01
N ILE D 40 -31.86 27.76 -2.90
CA ILE D 40 -33.33 27.71 -2.65
C ILE D 40 -33.74 26.24 -2.52
N ARG D 41 -34.40 25.89 -1.41
CA ARG D 41 -35.00 24.56 -1.14
C ARG D 41 -36.52 24.67 -1.28
N ASN D 42 -37.15 23.71 -1.97
CA ASN D 42 -38.62 23.63 -2.09
C ASN D 42 -39.08 22.30 -1.45
N GLY D 43 -40.29 22.30 -0.92
CA GLY D 43 -40.91 21.12 -0.31
C GLY D 43 -42.24 21.46 0.35
N PRO D 44 -42.98 20.42 0.79
CA PRO D 44 -44.21 20.63 1.55
C PRO D 44 -43.84 21.00 2.99
N ALA D 45 -44.56 21.95 3.60
CA ALA D 45 -44.32 22.41 4.98
C ALA D 45 -45.63 22.56 5.77
N LYS D 46 -46.79 22.29 5.16
CA LYS D 46 -48.12 22.34 5.82
C LYS D 46 -48.94 21.13 5.34
N PHE D 47 -49.25 20.20 6.24
CA PHE D 47 -49.78 18.85 5.91
C PHE D 47 -51.24 18.73 6.35
N GLU D 48 -51.84 19.83 6.80
CA GLU D 48 -53.29 19.88 7.16
C GLU D 48 -53.82 21.32 7.02
N VAL D 49 -55.14 21.42 6.81
CA VAL D 49 -55.93 22.67 6.72
C VAL D 49 -57.15 22.46 7.61
N GLY D 50 -57.24 23.20 8.72
CA GLY D 50 -58.24 22.96 9.77
C GLY D 50 -58.28 21.50 10.19
N LYS D 51 -59.44 20.85 10.03
CA LYS D 51 -59.70 19.44 10.42
C LYS D 51 -59.31 18.50 9.27
N GLU D 52 -59.14 19.02 8.05
CA GLU D 52 -58.81 18.23 6.83
C GLU D 52 -57.29 17.98 6.77
N LYS D 53 -56.87 16.72 6.68
CA LYS D 53 -55.45 16.31 6.54
C LYS D 53 -55.15 16.01 5.06
N PHE D 54 -53.98 16.45 4.58
CA PHE D 54 -53.41 15.99 3.29
C PHE D 54 -52.99 14.53 3.47
N GLN D 55 -53.29 13.68 2.48
CA GLN D 55 -53.11 12.21 2.57
C GLN D 55 -51.64 11.84 2.30
N HIS D 56 -50.99 12.54 1.37
CA HIS D 56 -49.69 12.15 0.77
C HIS D 56 -48.64 13.23 0.99
N TRP D 57 -47.39 12.80 1.11
CA TRP D 57 -46.19 13.67 1.24
C TRP D 57 -46.20 14.75 0.15
N PHE D 58 -46.56 14.37 -1.08
CA PHE D 58 -46.54 15.22 -2.29
C PHE D 58 -47.63 16.30 -2.23
N ASP D 59 -48.61 16.18 -1.34
CA ASP D 59 -49.78 17.09 -1.24
C ASP D 59 -49.49 18.36 -0.43
N GLY D 60 -48.47 18.34 0.44
CA GLY D 60 -48.21 19.43 1.40
C GLY D 60 -47.92 20.76 0.70
N LEU D 61 -48.40 21.86 1.28
CA LEU D 61 -48.35 23.22 0.68
C LEU D 61 -46.90 23.72 0.68
N ALA D 62 -46.44 24.18 -0.48
CA ALA D 62 -45.04 24.54 -0.79
C ALA D 62 -44.56 25.66 0.14
N MET D 63 -43.32 25.52 0.63
CA MET D 63 -42.56 26.55 1.38
C MET D 63 -41.15 26.62 0.79
N LEU D 64 -40.66 27.83 0.52
CA LEU D 64 -39.29 28.07 0.01
C LEU D 64 -38.37 28.41 1.19
N HIS D 65 -37.14 27.89 1.17
CA HIS D 65 -36.06 28.19 2.14
C HIS D 65 -34.88 28.79 1.37
N LYS D 66 -34.39 29.95 1.80
CA LYS D 66 -33.29 30.70 1.14
C LYS D 66 -32.05 30.67 2.04
N PHE D 67 -30.96 30.11 1.52
CA PHE D 67 -29.59 30.19 2.10
C PHE D 67 -28.73 31.00 1.12
N SER D 68 -28.46 32.27 1.48
CA SER D 68 -27.67 33.23 0.66
C SER D 68 -26.31 33.44 1.33
N PHE D 69 -25.23 33.32 0.55
CA PHE D 69 -23.83 33.31 1.03
C PHE D 69 -23.13 34.62 0.65
N LYS D 70 -22.46 35.24 1.62
CA LYS D 70 -21.55 36.40 1.43
C LYS D 70 -20.31 36.20 2.29
N GLU D 71 -19.12 36.14 1.64
CA GLU D 71 -17.78 36.07 2.27
C GLU D 71 -17.83 35.31 3.60
N GLY D 72 -18.24 34.03 3.56
CA GLY D 72 -18.16 33.09 4.70
C GLY D 72 -19.38 33.16 5.62
N LYS D 73 -20.20 34.21 5.51
CA LYS D 73 -21.48 34.35 6.24
C LYS D 73 -22.59 33.69 5.43
N VAL D 74 -23.70 33.32 6.08
CA VAL D 74 -24.90 32.74 5.42
C VAL D 74 -26.16 33.38 6.04
N SER D 75 -27.03 33.93 5.20
CA SER D 75 -28.37 34.48 5.57
C SER D 75 -29.44 33.42 5.28
N TYR D 76 -30.54 33.42 6.04
CA TYR D 76 -31.67 32.47 5.89
C TYR D 76 -33.01 33.21 5.91
N ALA D 77 -33.92 32.78 5.03
CA ALA D 77 -35.34 33.20 5.00
C ALA D 77 -36.19 32.01 4.52
N ASN D 78 -37.42 31.91 5.02
CA ASN D 78 -38.42 30.90 4.59
C ASN D 78 -39.79 31.56 4.56
N LYS D 79 -40.55 31.30 3.50
CA LYS D 79 -41.96 31.76 3.31
C LYS D 79 -42.74 30.64 2.61
N PHE D 80 -44.00 30.47 2.98
CA PHE D 80 -45.00 29.67 2.22
C PHE D 80 -45.20 30.34 0.86
N LEU D 81 -45.20 29.54 -0.21
CA LEU D 81 -45.60 30.01 -1.57
C LEU D 81 -47.06 30.45 -1.48
N GLU D 82 -47.35 31.70 -1.82
CA GLU D 82 -48.73 32.27 -1.78
C GLU D 82 -49.46 31.90 -3.07
N SER D 83 -49.48 30.60 -3.39
CA SER D 83 -50.33 29.99 -4.43
C SER D 83 -51.80 30.25 -4.09
N LYS D 84 -52.69 30.07 -5.06
CA LYS D 84 -54.16 30.06 -4.85
C LYS D 84 -54.50 28.90 -3.92
N ALA D 85 -53.79 27.78 -4.06
CA ALA D 85 -53.93 26.59 -3.17
C ALA D 85 -53.70 27.02 -1.71
N TYR D 86 -52.58 27.69 -1.43
CA TYR D 86 -52.21 28.15 -0.07
C TYR D 86 -53.19 29.22 0.41
N GLN D 87 -53.37 30.27 -0.38
CA GLN D 87 -54.24 31.44 -0.05
C GLN D 87 -55.65 30.93 0.31
N SER D 88 -56.21 30.04 -0.51
CA SER D 88 -57.57 29.49 -0.34
C SER D 88 -57.67 28.69 0.96
N ALA D 89 -56.66 27.85 1.24
CA ALA D 89 -56.54 27.06 2.49
C ALA D 89 -56.47 28.01 3.69
N ARG D 90 -55.57 29.00 3.64
CA ARG D 90 -55.34 30.00 4.71
C ARG D 90 -56.64 30.78 4.99
N ASP D 91 -57.41 31.13 3.97
CA ASP D 91 -58.50 32.14 4.06
C ASP D 91 -59.88 31.47 4.22
N THR D 92 -60.03 30.18 3.90
CA THR D 92 -61.32 29.44 4.03
C THR D 92 -61.18 28.21 4.93
N ASP D 93 -59.96 27.88 5.38
CA ASP D 93 -59.64 26.67 6.19
C ASP D 93 -60.31 25.44 5.57
N LYS D 94 -60.26 25.37 4.23
CA LYS D 94 -60.77 24.25 3.40
C LYS D 94 -59.73 23.94 2.31
N ILE D 95 -59.40 22.67 2.09
CA ILE D 95 -58.59 22.25 0.93
C ILE D 95 -59.43 22.57 -0.31
N SER D 96 -58.90 23.38 -1.23
CA SER D 96 -59.69 24.07 -2.30
C SER D 96 -59.29 23.60 -3.70
N TYR D 97 -58.11 23.02 -3.87
CA TYR D 97 -57.60 22.50 -5.18
C TYR D 97 -57.24 21.02 -5.04
N ARG D 98 -57.29 20.30 -6.17
CA ARG D 98 -56.96 18.88 -6.28
C ARG D 98 -55.44 18.72 -6.28
N GLU D 99 -54.90 17.98 -5.32
CA GLU D 99 -53.45 17.71 -5.17
C GLU D 99 -53.15 16.33 -5.75
N PHE D 100 -51.90 15.90 -5.64
CA PHE D 100 -51.40 14.58 -6.11
C PHE D 100 -52.31 13.44 -5.60
N ALA D 101 -52.73 13.48 -4.33
CA ALA D 101 -53.45 12.34 -3.69
C ALA D 101 -54.55 12.79 -2.73
N THR D 102 -54.91 14.07 -2.71
CA THR D 102 -56.04 14.58 -1.89
C THR D 102 -56.92 15.48 -2.75
N ASP D 103 -58.24 15.32 -2.66
CA ASP D 103 -59.27 16.15 -3.34
C ASP D 103 -60.00 16.99 -2.30
N PRO D 104 -60.43 18.23 -2.64
CA PRO D 104 -61.34 18.99 -1.78
C PRO D 104 -62.64 18.23 -1.46
N CYS D 105 -63.34 18.66 -0.42
CA CYS D 105 -64.67 18.14 -0.01
C CYS D 105 -65.75 18.90 -0.77
N PHE D 120 -56.43 23.09 -12.17
CA PHE D 120 -55.28 22.40 -11.53
C PHE D 120 -54.79 23.21 -10.33
N THR D 121 -54.26 22.54 -9.31
CA THR D 121 -53.53 23.18 -8.18
C THR D 121 -52.28 23.89 -8.71
N ASP D 122 -51.94 25.01 -8.09
CA ASP D 122 -50.67 25.75 -8.33
C ASP D 122 -49.76 25.56 -7.11
N ASN D 123 -49.98 24.49 -6.33
CA ASN D 123 -49.13 24.13 -5.15
C ASN D 123 -47.78 23.63 -5.68
N ALA D 124 -46.92 24.54 -6.10
CA ALA D 124 -45.61 24.25 -6.73
C ALA D 124 -44.57 23.93 -5.65
N ASN D 125 -44.51 22.67 -5.21
CA ASN D 125 -43.77 22.24 -3.99
C ASN D 125 -42.57 21.36 -4.33
N VAL D 126 -42.25 21.14 -5.61
CA VAL D 126 -41.31 20.06 -6.00
C VAL D 126 -39.90 20.62 -6.23
N ASN D 127 -39.76 21.68 -7.02
CA ASN D 127 -38.43 22.15 -7.49
C ASN D 127 -38.54 23.65 -7.78
N VAL D 128 -37.39 24.26 -8.06
CA VAL D 128 -37.27 25.70 -8.48
C VAL D 128 -36.25 25.77 -9.62
N THR D 129 -36.43 26.73 -10.52
CA THR D 129 -35.49 27.01 -11.64
C THR D 129 -35.72 28.45 -12.11
N LYS D 130 -35.04 28.86 -13.17
CA LYS D 130 -35.25 30.19 -13.82
C LYS D 130 -35.80 29.96 -15.23
N ILE D 131 -36.87 30.65 -15.58
CA ILE D 131 -37.43 30.72 -16.96
C ILE D 131 -37.63 32.20 -17.30
N ALA D 132 -37.14 32.62 -18.48
CA ALA D 132 -37.21 34.03 -18.94
C ALA D 132 -36.62 34.94 -17.86
N GLU D 133 -35.47 34.55 -17.28
CA GLU D 133 -34.69 35.28 -16.24
C GLU D 133 -35.55 35.57 -15.00
N ARG D 134 -36.60 34.77 -14.77
CA ARG D 134 -37.48 34.86 -13.57
C ARG D 134 -37.37 33.55 -12.78
N PHE D 135 -37.44 33.64 -11.45
CA PHE D 135 -37.41 32.50 -10.51
C PHE D 135 -38.83 31.92 -10.40
N VAL D 136 -38.97 30.62 -10.64
CA VAL D 136 -40.27 29.91 -10.63
C VAL D 136 -40.15 28.67 -9.73
N ALA D 137 -41.19 28.44 -8.93
CA ALA D 137 -41.48 27.16 -8.24
C ALA D 137 -42.30 26.28 -9.19
N MET D 138 -42.05 24.96 -9.16
CA MET D 138 -42.65 23.98 -10.11
C MET D 138 -43.29 22.81 -9.36
N THR D 139 -44.44 22.35 -9.85
CA THR D 139 -45.02 21.01 -9.56
C THR D 139 -45.29 20.35 -10.93
N GLU D 140 -46.27 19.44 -10.99
CA GLU D 140 -46.49 18.57 -12.19
C GLU D 140 -47.76 19.02 -12.93
N THR D 141 -48.44 20.04 -12.43
CA THR D 141 -49.53 20.76 -13.14
C THR D 141 -48.88 21.71 -14.15
N PRO D 142 -49.61 22.14 -15.20
CA PRO D 142 -49.00 22.83 -16.35
C PRO D 142 -48.18 24.11 -16.09
N LEU D 143 -48.60 24.98 -15.16
CA LEU D 143 -48.03 26.34 -15.00
C LEU D 143 -47.20 26.43 -13.72
N PRO D 144 -45.92 26.87 -13.81
CA PRO D 144 -45.14 27.22 -12.64
C PRO D 144 -45.67 28.48 -11.93
N VAL D 145 -45.12 28.75 -10.74
CA VAL D 145 -45.47 29.93 -9.89
C VAL D 145 -44.20 30.75 -9.68
N GLU D 146 -44.22 32.00 -10.13
CA GLU D 146 -43.08 32.95 -10.08
C GLU D 146 -42.96 33.52 -8.66
N PHE D 147 -41.73 33.62 -8.15
CA PHE D 147 -41.41 34.22 -6.83
C PHE D 147 -40.20 35.15 -6.97
N ASP D 148 -40.11 36.13 -6.05
CA ASP D 148 -38.98 37.08 -5.93
C ASP D 148 -37.93 36.42 -5.03
N ILE D 149 -36.70 36.23 -5.51
CA ILE D 149 -35.61 35.55 -4.75
C ILE D 149 -35.14 36.44 -3.60
N ASN D 150 -35.31 37.76 -3.70
CA ASN D 150 -34.91 38.72 -2.63
C ASN D 150 -35.83 38.53 -1.42
N THR D 151 -37.15 38.52 -1.62
CA THR D 151 -38.18 38.60 -0.55
C THR D 151 -38.85 37.24 -0.31
N LEU D 152 -38.74 36.31 -1.27
CA LEU D 152 -39.50 35.02 -1.34
C LEU D 152 -41.01 35.29 -1.48
N LYS D 153 -41.40 36.50 -1.90
CA LYS D 153 -42.81 36.83 -2.19
C LYS D 153 -43.21 36.16 -3.51
N THR D 154 -44.50 35.81 -3.62
CA THR D 154 -45.09 35.14 -4.80
C THR D 154 -45.62 36.22 -5.76
N VAL D 155 -45.16 36.21 -7.01
CA VAL D 155 -45.62 37.14 -8.08
C VAL D 155 -46.92 36.60 -8.68
N GLY D 156 -47.02 35.29 -8.91
CA GLY D 156 -48.24 34.64 -9.42
C GLY D 156 -47.94 33.57 -10.45
N VAL D 157 -48.99 33.03 -11.10
CA VAL D 157 -48.87 32.00 -12.18
C VAL D 157 -48.00 32.57 -13.30
N PHE D 158 -46.95 31.84 -13.66
CA PHE D 158 -46.05 32.11 -14.82
C PHE D 158 -46.66 31.43 -16.05
N ALA D 159 -47.35 32.20 -16.90
CA ALA D 159 -47.97 31.71 -18.15
C ALA D 159 -46.88 31.51 -19.21
N TYR D 160 -46.95 30.42 -19.97
CA TYR D 160 -46.15 30.21 -21.20
C TYR D 160 -46.86 30.95 -22.34
N ASP D 161 -46.08 31.47 -23.29
CA ASP D 161 -46.61 32.23 -24.46
C ASP D 161 -46.51 31.33 -25.69
N ASP D 162 -47.46 30.39 -25.84
CA ASP D 162 -47.46 29.40 -26.95
C ASP D 162 -48.81 28.68 -26.96
N LYS D 163 -49.01 27.74 -27.89
CA LYS D 163 -50.30 27.01 -28.07
C LYS D 163 -50.12 25.53 -27.74
N ILE D 164 -49.06 25.16 -27.02
CA ILE D 164 -48.81 23.75 -26.61
C ILE D 164 -49.85 23.36 -25.56
N GLU D 165 -50.58 22.27 -25.79
CA GLU D 165 -51.61 21.73 -24.86
C GLU D 165 -50.88 20.88 -23.82
N SER D 166 -51.25 20.99 -22.54
CA SER D 166 -50.72 20.10 -21.47
C SER D 166 -51.68 20.02 -20.29
N GLY D 167 -51.68 18.87 -19.62
CA GLY D 167 -52.38 18.65 -18.34
C GLY D 167 -51.41 18.21 -17.26
N LEU D 168 -50.35 17.49 -17.65
CA LEU D 168 -49.38 16.84 -16.72
C LEU D 168 -47.97 17.10 -17.25
N THR D 169 -47.04 17.48 -16.38
CA THR D 169 -45.64 17.80 -16.79
C THR D 169 -44.70 17.40 -15.65
N THR D 170 -43.41 17.73 -15.77
CA THR D 170 -42.39 17.45 -14.72
C THR D 170 -41.94 18.76 -14.09
N ALA D 171 -41.50 18.68 -12.84
CA ALA D 171 -40.74 19.74 -12.14
C ALA D 171 -39.26 19.39 -12.22
N HIS D 172 -38.86 18.63 -13.25
CA HIS D 172 -37.46 18.18 -13.49
C HIS D 172 -37.03 18.54 -14.90
N PRO D 173 -37.14 19.84 -15.31
CA PRO D 173 -36.64 20.26 -16.60
C PRO D 173 -35.13 20.01 -16.68
N HIS D 174 -34.62 19.67 -17.86
CA HIS D 174 -33.16 19.66 -18.15
C HIS D 174 -32.77 21.03 -18.69
N TYR D 175 -31.48 21.36 -18.65
CA TYR D 175 -30.93 22.62 -19.23
C TYR D 175 -29.69 22.32 -20.06
N ASP D 176 -29.72 22.73 -21.33
CA ASP D 176 -28.60 22.68 -22.31
C ASP D 176 -27.79 23.98 -22.16
N PHE D 177 -26.57 23.90 -21.64
CA PHE D 177 -25.70 25.08 -21.36
C PHE D 177 -25.06 25.59 -22.66
N VAL D 178 -24.87 24.71 -23.65
CA VAL D 178 -24.29 25.07 -24.98
C VAL D 178 -25.29 25.95 -25.75
N LYS D 179 -26.54 25.47 -25.88
CA LYS D 179 -27.62 26.12 -26.67
C LYS D 179 -28.41 27.10 -25.79
N ASN D 180 -28.22 27.05 -24.47
CA ASN D 180 -28.96 27.90 -23.49
C ASN D 180 -30.46 27.70 -23.70
N GLU D 181 -30.90 26.43 -23.65
CA GLU D 181 -32.32 26.01 -23.75
C GLU D 181 -32.70 25.17 -22.53
N LEU D 182 -33.80 25.52 -21.88
CA LEU D 182 -34.54 24.63 -20.96
C LEU D 182 -35.26 23.57 -21.80
N VAL D 183 -35.24 22.31 -21.36
CA VAL D 183 -35.92 21.18 -22.07
C VAL D 183 -36.82 20.45 -21.07
N ASN D 184 -38.05 20.19 -21.47
CA ASN D 184 -39.06 19.46 -20.66
C ASN D 184 -40.05 18.81 -21.62
N TYR D 185 -41.01 18.04 -21.09
CA TYR D 185 -42.17 17.53 -21.84
C TYR D 185 -43.42 17.82 -21.02
N ALA D 186 -44.57 17.86 -21.70
CA ALA D 186 -45.90 17.96 -21.08
C ALA D 186 -46.84 16.99 -21.82
N THR D 187 -47.68 16.29 -21.07
CA THR D 187 -48.67 15.32 -21.59
C THR D 187 -50.01 16.02 -21.74
N LYS D 188 -50.52 16.11 -22.97
CA LYS D 188 -51.95 16.39 -23.22
C LYS D 188 -52.72 15.12 -22.87
N ILE D 189 -53.58 15.18 -21.86
CA ILE D 189 -54.40 14.02 -21.41
C ILE D 189 -55.82 14.21 -21.94
N SER D 190 -56.20 13.40 -22.92
CA SER D 190 -57.50 13.45 -23.63
C SER D 190 -57.75 12.08 -24.26
N ARG D 191 -58.77 11.96 -25.09
CA ARG D 191 -59.13 10.69 -25.76
C ARG D 191 -58.11 10.39 -26.87
N SER D 192 -57.25 11.35 -27.22
CA SER D 192 -56.01 11.10 -28.03
C SER D 192 -54.82 11.85 -27.41
N SER D 193 -54.26 11.26 -26.35
CA SER D 193 -53.18 11.85 -25.52
C SER D 193 -51.86 11.92 -26.29
N ASN D 194 -50.99 12.85 -25.91
CA ASN D 194 -49.68 13.13 -26.55
C ASN D 194 -48.66 13.45 -25.47
N TYR D 195 -47.45 12.90 -25.58
CA TYR D 195 -46.24 13.43 -24.90
C TYR D 195 -45.68 14.53 -25.80
N ASN D 196 -45.71 15.78 -25.32
CA ASN D 196 -45.23 16.96 -26.08
C ASN D 196 -43.87 17.38 -25.50
N VAL D 197 -42.79 16.99 -26.18
CA VAL D 197 -41.40 17.40 -25.85
C VAL D 197 -41.17 18.81 -26.39
N TYR D 198 -40.65 19.72 -25.56
CA TYR D 198 -40.46 21.15 -25.93
C TYR D 198 -39.15 21.69 -25.32
N LYS D 199 -38.78 22.89 -25.79
CA LYS D 199 -37.61 23.67 -25.29
C LYS D 199 -38.02 25.13 -25.12
N ILE D 200 -37.34 25.85 -24.22
CA ILE D 200 -37.49 27.32 -24.00
C ILE D 200 -36.10 27.95 -24.11
N ALA D 201 -35.89 28.75 -25.16
CA ALA D 201 -34.68 29.59 -25.36
C ALA D 201 -34.59 30.59 -24.20
N ASP D 202 -33.36 30.95 -23.81
CA ASP D 202 -33.09 32.01 -22.80
C ASP D 202 -33.85 33.28 -23.19
N LYS D 203 -34.38 33.99 -22.18
CA LYS D 203 -35.00 35.34 -22.30
C LYS D 203 -36.29 35.23 -23.13
N THR D 204 -37.04 34.14 -22.96
CA THR D 204 -38.41 33.97 -23.52
C THR D 204 -39.20 32.96 -22.67
N ASN D 205 -40.53 33.08 -22.69
CA ASN D 205 -41.48 32.14 -22.06
C ASN D 205 -42.26 31.37 -23.15
N HIS D 206 -41.89 31.55 -24.42
CA HIS D 206 -42.42 30.75 -25.56
C HIS D 206 -41.72 29.39 -25.56
N ARG D 207 -42.50 28.30 -25.52
CA ARG D 207 -42.02 26.91 -25.71
C ARG D 207 -42.11 26.55 -27.19
N ASN D 208 -41.01 26.06 -27.78
CA ASN D 208 -41.00 25.43 -29.13
C ASN D 208 -41.28 23.93 -28.96
N LEU D 209 -42.31 23.42 -29.61
CA LEU D 209 -42.57 21.97 -29.70
C LEU D 209 -41.43 21.31 -30.47
N ILE D 210 -40.73 20.36 -29.85
CA ILE D 210 -39.73 19.49 -30.53
C ILE D 210 -40.48 18.37 -31.24
N GLY D 211 -41.35 17.65 -30.52
CA GLY D 211 -42.13 16.52 -31.06
C GLY D 211 -43.26 16.10 -30.15
N SER D 212 -44.30 15.50 -30.74
CA SER D 212 -45.44 14.85 -30.05
C SER D 212 -45.35 13.34 -30.30
N ILE D 213 -45.42 12.56 -29.23
CA ILE D 213 -45.59 11.08 -29.31
C ILE D 213 -47.01 10.77 -28.88
N PRO D 214 -47.87 10.24 -29.79
CA PRO D 214 -49.21 9.81 -29.41
C PRO D 214 -49.12 8.58 -28.50
N VAL D 215 -50.05 8.46 -27.55
CA VAL D 215 -50.07 7.40 -26.49
C VAL D 215 -51.51 7.18 -26.03
N GLU D 216 -51.94 5.91 -25.90
CA GLU D 216 -53.30 5.53 -25.45
C GLU D 216 -53.46 5.88 -23.96
N GLU D 217 -52.54 5.41 -23.14
CA GLU D 217 -52.59 5.49 -21.65
C GLU D 217 -51.31 6.13 -21.14
N PRO D 218 -51.29 7.45 -20.89
CA PRO D 218 -50.07 8.13 -20.47
C PRO D 218 -49.48 7.55 -19.17
N ALA D 219 -48.16 7.43 -19.13
CA ALA D 219 -47.38 6.98 -17.96
C ALA D 219 -47.06 8.18 -17.08
N TYR D 220 -47.00 7.97 -15.77
CA TYR D 220 -46.47 8.95 -14.80
C TYR D 220 -44.94 8.89 -14.89
N MET D 221 -44.35 9.89 -15.55
CA MET D 221 -42.88 10.02 -15.76
C MET D 221 -42.41 11.30 -15.07
N HIS D 222 -42.04 11.18 -13.79
CA HIS D 222 -41.65 12.27 -12.87
C HIS D 222 -40.44 13.05 -13.42
N SER D 223 -39.60 12.37 -14.19
CA SER D 223 -38.37 12.93 -14.80
C SER D 223 -38.05 12.15 -16.08
N PHE D 224 -37.07 12.62 -16.85
CA PHE D 224 -36.64 11.99 -18.12
C PHE D 224 -35.13 12.20 -18.30
N ALA D 225 -34.57 11.51 -19.29
CA ALA D 225 -33.14 11.54 -19.65
C ALA D 225 -32.90 12.51 -20.81
N MET D 226 -31.76 13.20 -20.79
CA MET D 226 -31.26 14.01 -21.92
C MET D 226 -29.80 13.64 -22.20
N THR D 227 -29.48 13.39 -23.48
CA THR D 227 -28.11 13.18 -23.99
C THR D 227 -27.73 14.40 -24.85
N GLU D 228 -26.61 14.32 -25.58
CA GLU D 228 -26.14 15.39 -26.48
C GLU D 228 -27.22 15.67 -27.53
N ASN D 229 -27.78 14.62 -28.13
CA ASN D 229 -28.66 14.71 -29.33
C ASN D 229 -30.12 14.34 -29.01
N TYR D 230 -30.40 13.74 -27.85
CA TYR D 230 -31.70 13.06 -27.59
C TYR D 230 -32.34 13.51 -26.28
N VAL D 231 -33.68 13.49 -26.30
CA VAL D 231 -34.54 13.28 -25.10
C VAL D 231 -34.92 11.80 -25.10
N VAL D 232 -34.78 11.14 -23.95
CA VAL D 232 -35.28 9.74 -23.75
C VAL D 232 -36.37 9.80 -22.67
N LEU D 233 -37.63 9.58 -23.07
CA LEU D 233 -38.75 9.38 -22.14
C LEU D 233 -38.77 7.90 -21.78
N VAL D 234 -38.55 7.56 -20.51
CA VAL D 234 -38.63 6.16 -20.02
C VAL D 234 -40.03 5.99 -19.45
N GLU D 235 -40.88 5.31 -20.23
CA GLU D 235 -42.33 5.12 -19.97
C GLU D 235 -42.49 3.85 -19.12
N TYR D 236 -42.44 4.01 -17.80
CA TYR D 236 -42.76 2.94 -16.81
C TYR D 236 -44.22 2.56 -17.04
N PRO D 237 -44.59 1.27 -16.91
CA PRO D 237 -45.97 0.85 -17.12
C PRO D 237 -46.87 1.17 -15.92
N PHE D 238 -46.76 2.41 -15.42
CA PHE D 238 -47.65 3.01 -14.38
C PHE D 238 -48.47 4.08 -15.10
N VAL D 239 -49.70 3.72 -15.50
CA VAL D 239 -50.43 4.41 -16.60
C VAL D 239 -51.87 4.72 -16.19
N VAL D 240 -52.46 5.73 -16.83
CA VAL D 240 -53.84 6.21 -16.54
C VAL D 240 -54.66 6.11 -17.83
N LYS D 241 -55.91 5.67 -17.70
CA LYS D 241 -56.95 5.83 -18.75
C LYS D 241 -57.43 7.27 -18.68
N PRO D 242 -57.24 8.09 -19.75
CA PRO D 242 -57.66 9.49 -19.73
C PRO D 242 -59.08 9.69 -19.18
N LEU D 243 -60.07 8.89 -19.58
CA LEU D 243 -61.48 9.05 -19.13
C LEU D 243 -61.61 8.84 -17.60
N ASP D 244 -60.80 7.97 -17.00
CA ASP D 244 -60.80 7.75 -15.53
C ASP D 244 -60.38 9.05 -14.84
N LEU D 245 -59.35 9.71 -15.37
CA LEU D 245 -58.85 11.01 -14.84
C LEU D 245 -59.94 12.08 -14.98
N LEU D 246 -60.66 12.09 -16.11
CA LEU D 246 -61.67 13.15 -16.41
C LEU D 246 -62.93 12.94 -15.56
N LEU D 247 -63.26 11.70 -15.17
CA LEU D 247 -64.63 11.36 -14.69
C LEU D 247 -64.66 10.66 -13.34
N SER D 248 -63.60 9.95 -12.92
CA SER D 248 -63.64 9.19 -11.64
C SER D 248 -63.80 10.17 -10.47
N GLY D 249 -64.18 9.66 -9.30
CA GLY D 249 -64.26 10.48 -8.08
C GLY D 249 -62.91 10.67 -7.44
N LYS D 250 -61.87 9.98 -7.95
CA LYS D 250 -60.66 9.64 -7.16
C LYS D 250 -59.57 10.68 -7.36
N PRO D 251 -58.79 11.01 -6.29
CA PRO D 251 -57.61 11.85 -6.42
C PRO D 251 -56.66 11.38 -7.53
N PHE D 252 -55.92 12.33 -8.11
CA PHE D 252 -55.06 12.17 -9.31
C PHE D 252 -54.39 10.79 -9.33
N ILE D 253 -53.51 10.50 -8.37
CA ILE D 253 -52.57 9.34 -8.43
C ILE D 253 -53.34 8.02 -8.30
N GLU D 254 -54.52 8.01 -7.68
CA GLU D 254 -55.32 6.77 -7.50
C GLU D 254 -55.80 6.24 -8.85
N ASN D 255 -55.78 7.06 -9.91
CA ASN D 255 -56.27 6.67 -11.25
C ASN D 255 -55.19 5.92 -12.03
N PHE D 256 -53.95 5.85 -11.53
CA PHE D 256 -52.82 5.18 -12.20
C PHE D 256 -52.76 3.72 -11.76
N SER D 257 -52.46 2.82 -12.70
CA SER D 257 -52.38 1.36 -12.52
C SER D 257 -51.01 0.85 -12.94
N TRP D 258 -50.48 -0.12 -12.19
CA TRP D 258 -49.27 -0.90 -12.53
C TRP D 258 -49.65 -2.02 -13.51
N LYS D 259 -49.11 -1.97 -14.73
CA LYS D 259 -49.38 -2.96 -15.80
C LYS D 259 -48.05 -3.52 -16.33
N PRO D 260 -47.36 -4.35 -15.53
CA PRO D 260 -46.00 -4.77 -15.88
C PRO D 260 -45.91 -5.59 -17.18
N GLU D 261 -47.04 -6.17 -17.62
CA GLU D 261 -47.13 -6.92 -18.91
C GLU D 261 -46.77 -6.00 -20.10
N ASN D 262 -46.95 -4.68 -19.96
CA ASN D 262 -46.58 -3.67 -21.00
C ASN D 262 -45.06 -3.55 -21.13
N GLY D 263 -44.30 -3.91 -20.09
CA GLY D 263 -42.85 -3.64 -19.99
C GLY D 263 -42.59 -2.16 -19.84
N THR D 264 -41.33 -1.74 -19.77
CA THR D 264 -40.92 -0.31 -19.81
C THR D 264 -40.51 0.00 -21.25
N ARG D 265 -40.90 1.19 -21.72
CA ARG D 265 -40.63 1.63 -23.11
C ARG D 265 -39.72 2.86 -23.06
N PHE D 266 -38.56 2.76 -23.69
CA PHE D 266 -37.61 3.89 -23.90
C PHE D 266 -37.95 4.54 -25.24
N ILE D 267 -38.49 5.76 -25.21
CA ILE D 267 -38.86 6.58 -26.41
C ILE D 267 -37.74 7.59 -26.66
N ILE D 268 -37.02 7.44 -27.77
CA ILE D 268 -35.82 8.26 -28.10
C ILE D 268 -36.18 9.27 -29.18
N VAL D 269 -36.12 10.56 -28.82
CA VAL D 269 -36.45 11.71 -29.72
C VAL D 269 -35.19 12.56 -29.92
N ASN D 270 -34.84 12.84 -31.16
CA ASN D 270 -33.84 13.87 -31.53
C ASN D 270 -34.36 15.24 -31.06
N ARG D 271 -33.64 15.90 -30.15
CA ARG D 271 -34.12 17.13 -29.47
C ARG D 271 -33.64 18.38 -30.23
N GLN D 272 -33.20 18.24 -31.48
CA GLN D 272 -32.91 19.39 -32.39
C GLN D 272 -33.89 19.42 -33.56
N ASN D 273 -34.39 18.26 -34.03
CA ASN D 273 -35.26 18.18 -35.24
C ASN D 273 -36.51 17.33 -34.96
N GLY D 274 -36.68 16.80 -33.75
CA GLY D 274 -37.92 16.11 -33.33
C GLY D 274 -38.10 14.73 -33.96
N ASN D 275 -37.12 14.22 -34.72
CA ASN D 275 -37.19 12.88 -35.36
C ASN D 275 -37.27 11.79 -34.28
N LEU D 276 -38.08 10.77 -34.51
CA LEU D 276 -38.19 9.56 -33.64
C LEU D 276 -37.03 8.63 -33.97
N VAL D 277 -36.04 8.57 -33.09
CA VAL D 277 -34.86 7.66 -33.24
C VAL D 277 -35.34 6.20 -33.12
N GLY D 278 -36.23 5.94 -32.16
CA GLY D 278 -36.93 4.66 -32.00
C GLY D 278 -37.49 4.46 -30.61
N THR D 279 -38.20 3.34 -30.43
CA THR D 279 -38.73 2.83 -29.14
C THR D 279 -38.12 1.47 -28.83
N TYR D 280 -37.75 1.25 -27.58
CA TYR D 280 -37.08 0.01 -27.09
C TYR D 280 -37.73 -0.40 -25.77
N LYS D 281 -37.86 -1.71 -25.55
CA LYS D 281 -38.53 -2.28 -24.36
C LYS D 281 -37.51 -2.99 -23.48
N SER D 282 -37.67 -2.83 -22.16
CA SER D 282 -37.06 -3.68 -21.09
C SER D 282 -38.20 -4.28 -20.26
N ASP D 283 -37.87 -5.18 -19.34
CA ASP D 283 -38.81 -5.67 -18.29
C ASP D 283 -39.31 -4.46 -17.50
N ALA D 284 -40.53 -4.54 -16.98
CA ALA D 284 -41.18 -3.49 -16.17
C ALA D 284 -40.27 -3.09 -15.00
N PHE D 285 -40.18 -1.79 -14.75
CA PHE D 285 -39.64 -1.16 -13.51
C PHE D 285 -40.26 0.24 -13.40
N PHE D 286 -40.08 0.90 -12.25
CA PHE D 286 -40.57 2.28 -12.00
C PHE D 286 -39.41 3.12 -11.45
N ALA D 287 -39.48 4.44 -11.64
CA ALA D 287 -38.49 5.41 -11.13
C ALA D 287 -39.14 6.77 -11.02
N PHE D 288 -38.74 7.53 -10.00
CA PHE D 288 -38.98 8.99 -9.91
C PHE D 288 -37.86 9.72 -10.66
N HIS D 289 -36.61 9.38 -10.34
CA HIS D 289 -35.42 10.23 -10.63
C HIS D 289 -34.43 9.51 -11.55
N HIS D 290 -34.18 10.13 -12.71
CA HIS D 290 -33.00 9.90 -13.57
C HIS D 290 -31.77 10.47 -12.87
N VAL D 291 -30.59 9.88 -13.11
CA VAL D 291 -29.27 10.32 -12.57
C VAL D 291 -28.55 11.12 -13.66
N ASN D 292 -28.34 10.48 -14.82
CA ASN D 292 -27.61 11.02 -15.98
C ASN D 292 -27.72 10.02 -17.14
N ALA D 293 -27.56 10.49 -18.37
CA ALA D 293 -27.52 9.64 -19.59
C ALA D 293 -26.47 10.20 -20.55
N PHE D 294 -25.94 9.36 -21.44
CA PHE D 294 -24.93 9.78 -22.44
C PHE D 294 -24.87 8.77 -23.59
N GLU D 295 -24.50 9.26 -24.78
CA GLU D 295 -24.25 8.47 -26.00
C GLU D 295 -22.80 7.98 -25.97
N LYS D 296 -22.56 6.76 -26.43
CA LYS D 296 -21.20 6.20 -26.63
C LYS D 296 -21.26 5.25 -27.83
N GLN D 297 -20.61 5.65 -28.93
CA GLN D 297 -20.72 4.99 -30.26
C GLN D 297 -22.20 4.97 -30.66
N GLU D 298 -22.74 3.80 -31.00
CA GLU D 298 -24.15 3.62 -31.46
C GLU D 298 -25.00 3.09 -30.29
N GLU D 299 -24.69 3.52 -29.07
CA GLU D 299 -25.37 3.10 -27.82
C GLU D 299 -25.69 4.32 -26.94
N ILE D 300 -26.78 4.23 -26.19
CA ILE D 300 -27.19 5.21 -25.14
C ILE D 300 -27.18 4.47 -23.80
N PHE D 301 -26.49 5.05 -22.80
CA PHE D 301 -26.50 4.59 -21.40
C PHE D 301 -27.39 5.54 -20.61
N VAL D 302 -28.39 4.98 -19.91
CA VAL D 302 -29.39 5.72 -19.11
C VAL D 302 -29.29 5.21 -17.67
N ASP D 303 -28.84 6.07 -16.75
CA ASP D 303 -28.66 5.76 -15.32
C ASP D 303 -29.91 6.26 -14.59
N ILE D 304 -30.62 5.37 -13.89
CA ILE D 304 -31.95 5.62 -13.28
C ILE D 304 -31.94 5.05 -11.86
N ILE D 305 -32.57 5.75 -10.92
CA ILE D 305 -32.90 5.26 -9.56
C ILE D 305 -34.18 4.43 -9.70
N ALA D 306 -34.04 3.11 -9.85
CA ALA D 306 -35.11 2.17 -10.25
C ALA D 306 -35.67 1.42 -9.03
N TYR D 307 -36.99 1.30 -8.95
CA TYR D 307 -37.74 0.39 -8.06
C TYR D 307 -38.24 -0.79 -8.91
N GLN D 308 -38.53 -1.93 -8.29
CA GLN D 308 -39.07 -3.12 -9.00
C GLN D 308 -40.45 -2.77 -9.59
N ASP D 309 -41.23 -1.94 -8.90
CA ASP D 309 -42.61 -1.58 -9.33
C ASP D 309 -42.98 -0.21 -8.73
N SER D 310 -44.25 0.16 -8.85
CA SER D 310 -44.79 1.50 -8.52
C SER D 310 -45.30 1.56 -7.09
N SER D 311 -45.05 0.52 -6.28
CA SER D 311 -45.61 0.41 -4.91
C SER D 311 -45.02 1.50 -4.00
N ILE D 312 -43.83 2.01 -4.31
CA ILE D 312 -43.20 3.17 -3.60
C ILE D 312 -44.21 4.33 -3.50
N VAL D 313 -45.00 4.57 -4.54
CA VAL D 313 -45.98 5.71 -4.58
C VAL D 313 -46.93 5.61 -3.38
N ASN D 314 -47.47 4.42 -3.10
CA ASN D 314 -48.43 4.19 -1.99
C ASN D 314 -47.71 4.15 -0.64
N ALA D 315 -46.39 3.98 -0.63
CA ALA D 315 -45.56 3.93 0.59
C ALA D 315 -45.28 5.36 1.08
N LEU D 316 -45.48 6.36 0.22
CA LEU D 316 -45.18 7.78 0.56
C LEU D 316 -46.44 8.53 0.97
N TYR D 317 -47.53 7.80 1.27
CA TYR D 317 -48.68 8.32 2.05
C TYR D 317 -48.19 8.60 3.48
N LEU D 318 -48.69 9.67 4.09
CA LEU D 318 -48.15 10.22 5.37
C LEU D 318 -48.33 9.20 6.51
N ASP D 319 -49.41 8.42 6.51
CA ASP D 319 -49.71 7.48 7.63
C ASP D 319 -48.66 6.35 7.65
N ILE D 320 -48.07 6.02 6.50
CA ILE D 320 -46.94 5.04 6.41
C ILE D 320 -45.65 5.74 6.80
N LEU D 321 -45.37 6.92 6.24
CA LEU D 321 -44.13 7.69 6.53
C LEU D 321 -44.02 8.01 8.03
N ARG D 322 -45.15 8.16 8.72
CA ARG D 322 -45.19 8.56 10.16
C ARG D 322 -45.28 7.32 11.06
N GLY D 323 -45.46 6.14 10.48
CA GLY D 323 -45.86 4.90 11.19
C GLY D 323 -44.69 4.07 11.67
N GLN D 324 -44.97 2.86 12.19
CA GLN D 324 -43.98 1.95 12.82
C GLN D 324 -43.58 0.85 11.82
N LYS D 325 -43.91 1.01 10.54
CA LYS D 325 -43.66 -0.02 9.50
C LYS D 325 -42.89 0.57 8.33
N THR D 326 -41.93 1.46 8.55
CA THR D 326 -41.24 2.19 7.45
C THR D 326 -40.25 1.27 6.72
N ASP D 327 -39.86 0.12 7.27
CA ASP D 327 -39.10 -0.88 6.50
C ASP D 327 -39.99 -1.53 5.43
N THR D 328 -41.25 -1.08 5.30
CA THR D 328 -42.18 -1.48 4.22
C THR D 328 -41.94 -0.66 2.95
N ILE D 329 -41.24 0.47 3.08
CA ILE D 329 -40.96 1.43 1.98
C ILE D 329 -39.92 0.81 1.06
N PRO D 330 -40.29 0.49 -0.20
CA PRO D 330 -39.37 -0.16 -1.14
C PRO D 330 -38.13 0.69 -1.41
N THR D 331 -37.00 0.02 -1.62
CA THR D 331 -35.68 0.62 -1.89
C THR D 331 -35.49 0.74 -3.41
N SER D 332 -34.71 1.73 -3.83
CA SER D 332 -34.31 1.98 -5.24
C SER D 332 -32.78 1.89 -5.34
N HIS D 333 -32.25 1.53 -6.50
CA HIS D 333 -30.80 1.35 -6.79
C HIS D 333 -30.47 1.95 -8.15
N ILE D 334 -29.20 2.34 -8.36
CA ILE D 334 -28.73 2.93 -9.64
C ILE D 334 -28.60 1.79 -10.65
N ARG D 335 -29.47 1.78 -11.67
CA ARG D 335 -29.41 0.86 -12.83
C ARG D 335 -28.91 1.63 -14.04
N ARG D 336 -27.87 1.11 -14.69
CA ARG D 336 -27.39 1.60 -16.01
C ARG D 336 -28.05 0.75 -17.09
N TYR D 337 -29.06 1.32 -17.78
CA TYR D 337 -29.71 0.70 -18.96
C TYR D 337 -28.85 1.01 -20.19
N ARG D 338 -28.58 -0.02 -21.00
CA ARG D 338 -27.83 0.08 -22.28
C ARG D 338 -28.82 -0.11 -23.43
N ILE D 339 -29.07 0.95 -24.20
CA ILE D 339 -29.94 0.93 -25.42
C ILE D 339 -29.05 0.77 -26.64
N PRO D 340 -29.05 -0.41 -27.30
CA PRO D 340 -28.35 -0.57 -28.56
C PRO D 340 -29.25 -0.01 -29.68
N LEU D 341 -28.92 1.16 -30.22
CA LEU D 341 -29.72 1.84 -31.29
C LEU D 341 -29.79 0.91 -32.50
N SER D 342 -28.71 0.15 -32.74
CA SER D 342 -28.59 -0.94 -33.75
C SER D 342 -29.80 -1.88 -33.70
N GLY D 343 -30.36 -2.11 -32.51
CA GLY D 343 -31.53 -2.97 -32.26
C GLY D 343 -31.21 -4.05 -31.25
N GLY D 344 -32.19 -4.42 -30.42
CA GLY D 344 -32.08 -5.47 -29.38
C GLY D 344 -32.79 -5.07 -28.11
N GLN D 345 -33.16 -6.04 -27.27
CA GLN D 345 -33.77 -5.81 -25.93
C GLN D 345 -32.81 -4.96 -25.11
N VAL D 346 -33.34 -4.03 -24.32
CA VAL D 346 -32.58 -3.16 -23.40
C VAL D 346 -32.30 -3.96 -22.12
N GLU D 347 -31.01 -4.19 -21.83
CA GLU D 347 -30.55 -4.85 -20.58
C GLU D 347 -29.97 -3.75 -19.67
N TYR D 348 -29.80 -4.06 -18.37
CA TYR D 348 -29.16 -3.13 -17.39
C TYR D 348 -28.17 -3.89 -16.50
N GLU D 349 -27.29 -3.14 -15.84
CA GLU D 349 -26.44 -3.60 -14.71
C GLU D 349 -26.54 -2.58 -13.57
N MET D 350 -26.28 -3.02 -12.34
CA MET D 350 -26.28 -2.16 -11.14
C MET D 350 -24.92 -1.43 -11.06
N LEU D 351 -24.93 -0.13 -10.77
CA LEU D 351 -23.70 0.68 -10.66
C LEU D 351 -23.18 0.65 -9.22
N SER D 352 -24.01 0.20 -8.27
CA SER D 352 -23.73 0.26 -6.81
C SER D 352 -24.70 -0.65 -6.07
N SER D 353 -24.28 -1.16 -4.92
CA SER D 353 -25.09 -2.02 -4.01
C SER D 353 -25.89 -1.15 -3.03
N GLU D 354 -25.61 0.16 -2.99
CA GLU D 354 -26.30 1.13 -2.09
C GLU D 354 -27.75 1.32 -2.59
N ALA D 355 -28.73 1.30 -1.70
CA ALA D 355 -30.07 1.89 -1.94
C ALA D 355 -29.91 3.41 -1.95
N VAL D 356 -30.39 4.10 -2.99
CA VAL D 356 -30.18 5.57 -3.20
C VAL D 356 -31.50 6.21 -3.62
N GLU D 357 -31.76 7.43 -3.14
CA GLU D 357 -32.76 8.37 -3.73
C GLU D 357 -32.19 9.78 -3.76
N LEU D 358 -32.93 10.71 -4.36
CA LEU D 358 -32.57 12.14 -4.50
C LEU D 358 -31.15 12.24 -5.08
N PRO D 359 -30.91 11.63 -6.26
CA PRO D 359 -29.59 11.68 -6.89
C PRO D 359 -29.28 13.09 -7.39
N ARG D 360 -28.01 13.47 -7.31
CA ARG D 360 -27.47 14.73 -7.88
C ARG D 360 -26.06 14.45 -8.41
N ILE D 361 -25.66 15.20 -9.43
CA ILE D 361 -24.30 15.10 -10.05
C ILE D 361 -23.74 16.51 -10.20
N ASN D 362 -22.49 16.58 -10.67
CA ASN D 362 -21.91 17.80 -11.27
C ASN D 362 -22.67 18.05 -12.57
N TYR D 363 -23.89 18.57 -12.46
CA TYR D 363 -24.85 18.72 -13.59
C TYR D 363 -24.24 19.64 -14.66
N LYS D 364 -23.74 20.80 -14.27
CA LYS D 364 -23.31 21.87 -15.21
C LYS D 364 -22.20 21.35 -16.13
N GLN D 365 -21.35 20.43 -15.68
CA GLN D 365 -20.17 19.96 -16.44
C GLN D 365 -20.36 18.55 -17.01
N TYR D 366 -21.22 17.72 -16.42
CA TYR D 366 -21.26 16.25 -16.72
C TYR D 366 -22.66 15.74 -17.12
N ASN D 367 -23.72 16.54 -17.03
CA ASN D 367 -25.05 16.12 -17.55
C ASN D 367 -24.89 15.89 -19.06
N THR D 368 -25.45 14.78 -19.58
CA THR D 368 -25.37 14.32 -20.99
C THR D 368 -24.01 13.67 -21.30
N LYS D 369 -23.10 13.60 -20.34
CA LYS D 369 -21.70 13.15 -20.57
C LYS D 369 -21.37 11.95 -19.68
N ASP D 370 -20.43 11.11 -20.14
CA ASP D 370 -19.79 10.03 -19.33
C ASP D 370 -19.22 10.70 -18.07
N TYR D 371 -19.39 10.06 -16.92
CA TYR D 371 -19.17 10.66 -15.57
C TYR D 371 -18.83 9.54 -14.59
N ARG D 372 -18.50 9.91 -13.35
CA ARG D 372 -17.93 8.98 -12.34
C ARG D 372 -18.67 9.03 -10.99
N PHE D 373 -19.33 10.15 -10.64
CA PHE D 373 -19.79 10.43 -9.26
C PHE D 373 -21.28 10.74 -9.21
N VAL D 374 -21.99 10.06 -8.30
CA VAL D 374 -23.42 10.31 -7.94
C VAL D 374 -23.48 10.58 -6.44
N TYR D 375 -24.19 11.64 -6.05
CA TYR D 375 -24.51 11.98 -4.64
C TYR D 375 -26.00 11.68 -4.43
N GLY D 376 -26.37 11.20 -3.24
CA GLY D 376 -27.77 10.89 -2.91
C GLY D 376 -27.95 10.61 -1.44
N ILE D 377 -29.17 10.21 -1.06
CA ILE D 377 -29.51 9.78 0.32
C ILE D 377 -29.58 8.25 0.32
N SER D 378 -29.02 7.61 1.36
CA SER D 378 -29.12 6.14 1.56
C SER D 378 -30.52 5.80 2.08
N THR D 379 -31.15 4.82 1.42
CA THR D 379 -32.44 4.21 1.80
C THR D 379 -32.21 2.70 2.03
N TYR D 380 -30.99 2.35 2.41
CA TYR D 380 -30.48 0.96 2.55
C TYR D 380 -30.94 0.39 3.90
N SER D 381 -31.17 1.28 4.88
CA SER D 381 -31.67 1.01 6.25
C SER D 381 -30.69 0.13 7.03
N ALA D 382 -29.38 0.42 6.90
CA ALA D 382 -28.31 -0.25 7.67
C ALA D 382 -28.50 0.03 9.17
N SER D 383 -28.85 1.28 9.52
CA SER D 383 -28.98 1.76 10.91
C SER D 383 -30.29 2.54 11.14
N ASP D 384 -30.79 3.25 10.13
CA ASP D 384 -32.03 4.05 10.21
C ASP D 384 -32.59 4.34 8.81
N PHE D 385 -33.78 4.92 8.77
CA PHE D 385 -34.47 5.45 7.55
C PHE D 385 -33.73 6.71 7.07
N ALA D 386 -33.28 6.76 5.83
CA ALA D 386 -32.82 8.00 5.15
C ALA D 386 -31.90 8.84 6.05
N ASN D 387 -30.87 8.22 6.65
CA ASN D 387 -30.03 8.85 7.70
C ASN D 387 -28.59 9.01 7.19
N GLN D 388 -28.33 8.77 5.92
CA GLN D 388 -26.97 8.87 5.34
C GLN D 388 -27.03 9.72 4.08
N LEU D 389 -26.02 10.60 3.92
CA LEU D 389 -25.57 11.09 2.60
C LEU D 389 -24.53 10.09 2.08
N VAL D 390 -24.60 9.78 0.79
CA VAL D 390 -23.70 8.80 0.12
C VAL D 390 -23.12 9.48 -1.12
N LYS D 391 -21.87 9.17 -1.44
CA LYS D 391 -21.19 9.55 -2.69
C LYS D 391 -20.72 8.26 -3.36
N ILE D 392 -21.28 7.94 -4.51
CA ILE D 392 -20.98 6.67 -5.24
C ILE D 392 -19.92 6.95 -6.28
N ASP D 393 -18.86 6.15 -6.27
CA ASP D 393 -17.80 6.16 -7.31
C ASP D 393 -18.13 5.04 -8.29
N ILE D 394 -18.70 5.40 -9.44
CA ILE D 394 -19.15 4.44 -10.48
C ILE D 394 -17.94 3.63 -10.98
N LEU D 395 -16.79 4.29 -11.12
CA LEU D 395 -15.59 3.68 -11.74
C LEU D 395 -15.03 2.60 -10.78
N ARG D 396 -14.79 2.96 -9.52
CA ARG D 396 -14.14 2.10 -8.50
C ARG D 396 -15.20 1.24 -7.79
N LYS D 397 -16.49 1.40 -8.13
CA LYS D 397 -17.59 0.62 -7.48
C LYS D 397 -17.42 0.72 -5.97
N SER D 398 -17.26 1.94 -5.44
CA SER D 398 -17.11 2.24 -3.99
C SER D 398 -18.01 3.41 -3.62
N SER D 399 -18.14 3.67 -2.31
CA SER D 399 -18.95 4.79 -1.77
C SER D 399 -18.28 5.40 -0.54
N LYS D 400 -18.45 6.71 -0.37
CA LYS D 400 -18.19 7.45 0.89
C LYS D 400 -19.53 7.80 1.52
N ILE D 401 -19.57 7.86 2.86
CA ILE D 401 -20.83 8.03 3.65
C ILE D 401 -20.64 9.19 4.63
N TRP D 402 -21.66 10.03 4.78
CA TRP D 402 -21.79 10.99 5.91
C TRP D 402 -23.06 10.65 6.69
N SER D 403 -22.98 10.66 8.02
CA SER D 403 -24.14 10.44 8.94
C SER D 403 -23.81 11.00 10.33
N GLU D 404 -24.85 11.19 11.15
CA GLU D 404 -24.78 11.72 12.53
C GLU D 404 -26.00 11.21 13.32
N LYS D 405 -25.77 10.72 14.55
CA LYS D 405 -26.82 10.21 15.47
C LYS D 405 -28.07 11.07 15.34
N ASP D 406 -29.21 10.46 14.99
CA ASP D 406 -30.57 11.07 15.04
C ASP D 406 -30.69 12.26 14.07
N CYS D 407 -29.84 12.30 13.03
CA CYS D 407 -29.87 13.32 11.97
C CYS D 407 -30.33 12.67 10.65
N TYR D 408 -31.16 13.38 9.88
CA TYR D 408 -31.77 12.93 8.61
C TYR D 408 -31.48 13.95 7.52
N PRO D 409 -30.45 13.71 6.66
CA PRO D 409 -30.02 14.69 5.67
C PRO D 409 -30.91 14.72 4.41
N GLY D 410 -31.14 15.93 3.88
CA GLY D 410 -31.88 16.16 2.63
C GLY D 410 -31.01 16.01 1.40
N GLU D 411 -31.58 16.28 0.23
CA GLU D 411 -30.92 16.18 -1.10
C GLU D 411 -29.56 16.85 -1.09
N PRO D 412 -28.49 16.14 -1.51
CA PRO D 412 -27.16 16.74 -1.63
C PRO D 412 -27.03 17.55 -2.93
N VAL D 413 -27.02 18.88 -2.81
CA VAL D 413 -26.85 19.82 -3.96
C VAL D 413 -25.35 20.10 -4.15
N PHE D 414 -24.80 19.72 -5.31
CA PHE D 414 -23.37 19.92 -5.67
C PHE D 414 -23.18 21.32 -6.26
N VAL D 415 -22.15 22.04 -5.80
CA VAL D 415 -21.69 23.33 -6.38
C VAL D 415 -20.19 23.21 -6.70
N GLY D 416 -19.83 23.23 -7.99
CA GLY D 416 -18.43 23.11 -8.47
C GLY D 416 -17.62 24.31 -8.05
N ALA D 417 -16.35 24.11 -7.69
CA ALA D 417 -15.42 25.18 -7.27
C ALA D 417 -15.01 25.99 -8.50
N PRO D 418 -14.52 27.24 -8.32
CA PRO D 418 -14.07 28.05 -9.45
C PRO D 418 -12.88 27.41 -10.17
N ASP D 419 -12.92 27.40 -11.52
CA ASP D 419 -11.85 26.87 -12.41
C ASP D 419 -11.43 25.46 -11.95
N ALA D 420 -12.40 24.62 -11.58
CA ALA D 420 -12.17 23.21 -11.15
C ALA D 420 -11.80 22.36 -12.37
N THR D 421 -10.83 21.45 -12.21
CA THR D 421 -10.34 20.53 -13.27
C THR D 421 -10.82 19.09 -12.97
N LYS D 422 -11.55 18.86 -11.88
CA LYS D 422 -12.03 17.53 -11.44
C LYS D 422 -13.56 17.54 -11.29
N GLU D 423 -14.19 16.40 -11.55
CA GLU D 423 -15.67 16.22 -11.55
C GLU D 423 -16.24 16.49 -10.15
N ASP D 424 -15.49 16.14 -9.11
CA ASP D 424 -15.94 16.16 -7.69
C ASP D 424 -15.19 17.26 -6.92
N GLU D 425 -14.62 18.25 -7.61
CA GLU D 425 -13.99 19.44 -6.98
C GLU D 425 -15.09 20.48 -6.76
N GLY D 426 -15.53 20.63 -5.50
CA GLY D 426 -16.56 21.60 -5.10
C GLY D 426 -17.14 21.27 -3.73
N LEU D 427 -18.39 21.68 -3.49
CA LEU D 427 -19.11 21.53 -2.20
C LEU D 427 -20.42 20.76 -2.41
N ILE D 428 -20.88 20.07 -1.36
CA ILE D 428 -22.23 19.47 -1.25
C ILE D 428 -22.99 20.24 -0.16
N LEU D 429 -24.19 20.75 -0.50
CA LEU D 429 -25.10 21.45 0.44
C LEU D 429 -26.32 20.55 0.68
N SER D 430 -26.59 20.25 1.95
CA SER D 430 -27.73 19.39 2.39
C SER D 430 -28.40 20.03 3.60
N ALA D 431 -29.71 20.30 3.52
CA ALA D 431 -30.56 20.62 4.68
C ALA D 431 -30.77 19.35 5.51
N VAL D 432 -30.31 19.35 6.76
CA VAL D 432 -30.30 18.16 7.66
C VAL D 432 -31.23 18.42 8.84
N LEU D 433 -32.15 17.49 9.11
CA LEU D 433 -33.01 17.50 10.32
C LEU D 433 -32.23 16.85 11.47
N ASP D 434 -32.10 17.55 12.60
CA ASP D 434 -31.56 17.04 13.88
C ASP D 434 -32.75 16.77 14.80
N ALA D 435 -33.15 15.51 14.94
CA ALA D 435 -34.42 15.08 15.57
C ALA D 435 -34.39 15.34 17.08
N THR D 436 -33.25 15.12 17.75
CA THR D 436 -33.06 15.33 19.21
C THR D 436 -33.13 16.84 19.52
N ASN D 437 -32.56 17.67 18.64
CA ASN D 437 -32.52 19.15 18.76
C ASN D 437 -33.84 19.76 18.26
N ALA D 438 -34.62 19.01 17.46
CA ALA D 438 -35.92 19.42 16.87
C ALA D 438 -35.72 20.68 16.02
N LYS D 439 -34.56 20.79 15.37
CA LYS D 439 -34.18 21.91 14.47
C LYS D 439 -33.28 21.36 13.36
N SER D 440 -33.15 22.09 12.26
CA SER D 440 -32.37 21.69 11.06
C SER D 440 -31.11 22.55 10.95
N PHE D 441 -30.09 22.02 10.28
CA PHE D 441 -28.84 22.76 9.93
C PHE D 441 -28.53 22.51 8.45
N LEU D 442 -27.90 23.50 7.81
CA LEU D 442 -27.30 23.34 6.46
C LEU D 442 -25.89 22.75 6.64
N LEU D 443 -25.67 21.56 6.08
CA LEU D 443 -24.36 20.86 6.12
C LEU D 443 -23.61 21.16 4.83
N ILE D 444 -22.36 21.60 4.93
CA ILE D 444 -21.46 21.83 3.76
C ILE D 444 -20.31 20.83 3.84
N LEU D 445 -20.29 19.87 2.92
CA LEU D 445 -19.20 18.88 2.74
C LEU D 445 -18.30 19.36 1.60
N ASP D 446 -17.00 19.14 1.70
CA ASP D 446 -16.10 19.11 0.52
C ASP D 446 -16.50 17.89 -0.31
N ALA D 447 -16.74 18.06 -1.61
CA ALA D 447 -17.26 17.00 -2.50
C ALA D 447 -16.20 15.90 -2.70
N THR D 448 -14.91 16.24 -2.64
CA THR D 448 -13.77 15.31 -2.90
C THR D 448 -13.61 14.35 -1.71
N THR D 449 -13.42 14.89 -0.50
CA THR D 449 -13.22 14.10 0.76
C THR D 449 -14.57 13.56 1.25
N PHE D 450 -15.66 14.29 0.95
CA PHE D 450 -17.04 14.06 1.45
C PHE D 450 -17.09 14.21 2.98
N GLU D 451 -16.21 15.06 3.52
CA GLU D 451 -16.17 15.40 4.97
C GLU D 451 -16.64 16.85 5.16
N GLU D 452 -17.15 17.15 6.36
CA GLU D 452 -17.75 18.45 6.73
C GLU D 452 -16.67 19.54 6.72
N VAL D 453 -16.98 20.69 6.10
CA VAL D 453 -16.13 21.92 6.17
C VAL D 453 -16.88 23.00 6.96
N ALA D 454 -18.20 22.89 7.11
CA ALA D 454 -19.02 23.90 7.84
C ALA D 454 -20.46 23.38 8.02
N ARG D 455 -21.19 24.02 8.94
CA ARG D 455 -22.67 23.90 9.07
C ARG D 455 -23.23 25.23 9.59
N ALA D 456 -24.49 25.52 9.25
CA ALA D 456 -25.24 26.72 9.69
C ALA D 456 -26.55 26.29 10.36
N GLU D 457 -26.75 26.66 11.62
CA GLU D 457 -27.94 26.27 12.44
C GLU D 457 -29.15 27.09 11.99
N VAL D 458 -30.33 26.47 11.91
CA VAL D 458 -31.64 27.15 11.63
C VAL D 458 -32.48 27.09 12.90
N PRO D 459 -33.11 28.21 13.34
CA PRO D 459 -33.88 28.23 14.60
C PRO D 459 -35.10 27.29 14.68
N HIS D 460 -35.47 26.62 13.59
CA HIS D 460 -36.64 25.70 13.53
C HIS D 460 -36.29 24.46 12.69
N HIS D 461 -37.19 23.47 12.66
CA HIS D 461 -37.11 22.29 11.76
C HIS D 461 -37.55 22.71 10.35
N ILE D 462 -36.80 22.29 9.34
CA ILE D 462 -37.18 22.32 7.89
C ILE D 462 -37.80 20.96 7.58
N PRO D 463 -39.12 20.87 7.31
CA PRO D 463 -39.77 19.60 6.95
C PRO D 463 -39.05 18.96 5.75
N PHE D 464 -39.06 17.63 5.70
CA PHE D 464 -38.45 16.84 4.59
C PHE D 464 -39.03 17.37 3.28
N GLY D 465 -38.14 17.90 2.44
CA GLY D 465 -38.49 18.56 1.16
C GLY D 465 -38.15 17.65 0.00
N PHE D 466 -38.26 18.19 -1.20
CA PHE D 466 -37.95 17.46 -2.46
C PHE D 466 -36.63 17.99 -3.01
N HIS D 467 -36.68 19.03 -3.83
CA HIS D 467 -35.51 19.50 -4.62
C HIS D 467 -35.20 20.96 -4.31
N GLY D 468 -33.92 21.31 -4.46
CA GLY D 468 -33.41 22.69 -4.42
C GLY D 468 -32.37 22.91 -5.49
N ASN D 469 -31.97 24.16 -5.69
CA ASN D 469 -30.92 24.52 -6.67
C ASN D 469 -30.11 25.68 -6.11
N TYR D 470 -28.82 25.71 -6.44
CA TYR D 470 -27.89 26.84 -6.16
C TYR D 470 -27.88 27.75 -7.39
N PHE D 471 -28.15 29.03 -7.17
CA PHE D 471 -28.11 30.12 -8.19
C PHE D 471 -26.97 31.07 -7.83
N GLU D 472 -26.06 31.32 -8.77
CA GLU D 472 -24.92 32.27 -8.59
C GLU D 472 -25.45 33.70 -8.42
N ASN E 7 3.98 5.04 15.96
CA ASN E 7 4.93 4.43 16.93
C ASN E 7 5.29 3.02 16.45
N LYS E 8 6.41 2.91 15.73
CA LYS E 8 6.92 1.65 15.10
C LYS E 8 7.35 0.65 16.17
N PHE E 9 7.82 1.13 17.33
CA PHE E 9 8.44 0.31 18.40
C PHE E 9 7.41 -0.11 19.44
N GLN E 10 6.12 0.22 19.23
CA GLN E 10 4.99 -0.11 20.15
C GLN E 10 5.03 -1.59 20.56
N LEU E 11 5.49 -2.46 19.66
CA LEU E 11 5.55 -3.93 19.85
C LEU E 11 6.49 -4.28 21.01
N GLY E 12 7.57 -3.51 21.20
CA GLY E 12 8.55 -3.71 22.28
C GLY E 12 7.95 -3.51 23.67
N PHE E 13 6.75 -2.90 23.76
CA PHE E 13 6.01 -2.65 25.02
C PHE E 13 4.67 -3.40 25.01
N SER E 14 4.57 -4.46 24.20
CA SER E 14 3.37 -5.33 24.13
C SER E 14 3.74 -6.72 24.67
N THR E 15 2.76 -7.40 25.27
CA THR E 15 2.93 -8.70 25.95
C THR E 15 3.51 -9.73 24.96
N LEU E 16 4.38 -10.62 25.44
CA LEU E 16 4.84 -11.85 24.75
C LEU E 16 4.34 -13.06 25.56
N SER E 17 3.31 -13.75 25.09
CA SER E 17 2.69 -14.94 25.73
C SER E 17 3.41 -16.23 25.33
N GLU E 18 4.17 -16.23 24.22
CA GLU E 18 4.83 -17.44 23.65
C GLU E 18 6.12 -17.74 24.42
N GLU E 19 6.22 -18.95 24.98
CA GLU E 19 7.44 -19.50 25.64
C GLU E 19 7.87 -20.74 24.84
N LEU E 20 9.11 -20.77 24.34
CA LEU E 20 9.61 -21.92 23.54
C LEU E 20 11.06 -22.26 23.91
N ASP E 21 11.53 -23.41 23.45
CA ASP E 21 12.92 -23.93 23.66
C ASP E 21 13.41 -24.50 22.32
N LEU E 22 14.47 -23.90 21.73
CA LEU E 22 14.94 -24.19 20.35
C LEU E 22 16.46 -24.41 20.36
N GLU E 23 16.90 -25.53 19.76
CA GLU E 23 18.30 -26.02 19.83
C GLU E 23 19.21 -25.11 19.00
N SER E 24 18.75 -24.63 17.83
CA SER E 24 19.53 -23.79 16.90
C SER E 24 18.65 -22.66 16.34
N LEU E 25 19.09 -21.40 16.52
CA LEU E 25 18.54 -20.21 15.82
C LEU E 25 19.26 -20.09 14.47
N GLN E 26 18.58 -19.55 13.44
CA GLN E 26 19.19 -19.23 12.12
C GLN E 26 20.26 -18.15 12.36
N VAL E 27 21.53 -18.48 12.12
CA VAL E 27 22.70 -17.57 12.33
C VAL E 27 23.13 -17.02 10.96
N LYS E 28 23.51 -15.74 10.93
CA LYS E 28 24.14 -15.05 9.78
C LYS E 28 25.42 -14.40 10.27
N GLY E 29 26.51 -14.50 9.50
CA GLY E 29 27.87 -14.13 9.93
C GLY E 29 28.54 -15.31 10.61
N THR E 30 29.49 -15.06 11.51
CA THR E 30 30.19 -16.11 12.30
C THR E 30 30.43 -15.63 13.73
N ILE E 31 30.06 -16.45 14.71
CA ILE E 31 30.10 -16.19 16.18
C ILE E 31 31.47 -16.63 16.73
N ILE E 40 21.83 -14.62 29.62
CA ILE E 40 20.44 -14.51 30.17
C ILE E 40 20.02 -13.04 30.12
N ARG E 41 18.86 -12.76 29.50
CA ARG E 41 18.22 -11.43 29.44
C ARG E 41 17.00 -11.44 30.37
N ASN E 42 16.84 -10.39 31.19
CA ASN E 42 15.64 -10.20 32.05
C ASN E 42 14.91 -8.94 31.62
N GLY E 43 13.59 -8.92 31.81
CA GLY E 43 12.73 -7.76 31.48
C GLY E 43 11.26 -8.09 31.68
N PRO E 44 10.39 -7.07 31.61
CA PRO E 44 8.94 -7.26 31.65
C PRO E 44 8.48 -7.80 30.29
N ALA E 45 7.53 -8.75 30.28
CA ALA E 45 7.00 -9.36 29.05
C ALA E 45 5.46 -9.50 29.10
N LYS E 46 4.81 -9.11 30.21
CA LYS E 46 3.32 -9.11 30.35
C LYS E 46 2.89 -7.82 31.07
N PHE E 47 2.16 -6.96 30.38
CA PHE E 47 1.91 -5.54 30.76
C PHE E 47 0.44 -5.35 31.18
N GLU E 48 -0.33 -6.42 31.28
CA GLU E 48 -1.74 -6.37 31.76
C GLU E 48 -2.16 -7.71 32.38
N VAL E 49 -3.16 -7.64 33.26
CA VAL E 49 -3.82 -8.81 33.92
C VAL E 49 -5.32 -8.55 33.84
N GLY E 50 -6.06 -9.36 33.09
CA GLY E 50 -7.51 -9.16 32.88
C GLY E 50 -7.81 -7.77 32.38
N LYS E 51 -8.62 -7.01 33.12
CA LYS E 51 -9.05 -5.62 32.76
C LYS E 51 -8.01 -4.60 33.24
N GLU E 52 -7.14 -5.00 34.17
CA GLU E 52 -6.14 -4.12 34.84
C GLU E 52 -4.88 -4.03 33.96
N LYS E 53 -4.47 -2.81 33.61
CA LYS E 53 -3.18 -2.55 32.90
C LYS E 53 -2.13 -2.12 33.93
N PHE E 54 -0.91 -2.63 33.79
CA PHE E 54 0.28 -2.10 34.51
C PHE E 54 0.56 -0.70 33.95
N GLN E 55 0.85 0.27 34.83
CA GLN E 55 0.97 1.70 34.45
C GLN E 55 2.36 1.98 33.86
N HIS E 56 3.40 1.31 34.38
CA HIS E 56 4.82 1.67 34.13
C HIS E 56 5.57 0.48 33.54
N TRP E 57 6.58 0.78 32.72
CA TRP E 57 7.49 -0.19 32.08
C TRP E 57 8.07 -1.14 33.15
N PHE E 58 8.42 -0.60 34.32
CA PHE E 58 9.08 -1.33 35.44
C PHE E 58 8.12 -2.32 36.11
N ASP E 59 6.81 -2.21 35.85
CA ASP E 59 5.75 -3.03 36.50
C ASP E 59 5.56 -4.40 35.82
N GLY E 60 5.95 -4.55 34.55
CA GLY E 60 5.64 -5.76 33.76
C GLY E 60 6.26 -7.03 34.35
N LEU E 61 5.55 -8.14 34.24
CA LEU E 61 5.90 -9.44 34.89
C LEU E 61 7.11 -10.07 34.18
N ALA E 62 8.13 -10.43 34.95
CA ALA E 62 9.47 -10.86 34.48
C ALA E 62 9.39 -12.07 33.56
N MET E 63 10.19 -12.06 32.49
CA MET E 63 10.45 -13.21 31.57
C MET E 63 11.96 -13.31 31.32
N LEU E 64 12.54 -14.51 31.42
CA LEU E 64 13.96 -14.77 31.14
C LEU E 64 14.12 -15.28 29.69
N HIS E 65 15.17 -14.84 29.01
CA HIS E 65 15.58 -15.28 27.64
C HIS E 65 16.99 -15.86 27.72
N LYS E 66 17.19 -17.07 27.19
CA LYS E 66 18.48 -17.82 27.25
C LYS E 66 19.06 -17.94 25.83
N PHE E 67 20.26 -17.39 25.62
CA PHE E 67 21.12 -17.60 24.43
C PHE E 67 22.36 -18.38 24.87
N SER E 68 22.41 -19.68 24.55
CA SER E 68 23.51 -20.61 24.90
C SER E 68 24.31 -20.95 23.64
N LYS E 70 27.16 -23.33 21.59
CA LYS E 70 28.16 -24.39 21.32
C LYS E 70 28.87 -24.12 19.98
N GLU E 71 30.19 -23.96 20.03
CA GLU E 71 31.11 -23.87 18.85
C GLU E 71 30.40 -23.17 17.68
N GLY E 72 29.99 -21.91 17.87
CA GLY E 72 29.49 -21.03 16.79
C GLY E 72 27.99 -21.19 16.53
N LYS E 73 27.36 -22.23 17.08
CA LYS E 73 25.88 -22.40 17.07
C LYS E 73 25.31 -21.70 18.30
N VAL E 74 24.02 -21.34 18.27
CA VAL E 74 23.33 -20.65 19.40
C VAL E 74 21.94 -21.26 19.58
N SER E 75 21.62 -21.69 20.81
CA SER E 75 20.29 -22.20 21.25
C SER E 75 19.56 -21.07 21.96
N TYR E 76 18.21 -21.09 21.94
CA TYR E 76 17.34 -20.06 22.57
C TYR E 76 16.20 -20.73 23.35
N ALA E 77 15.89 -20.18 24.52
CA ALA E 77 14.72 -20.52 25.35
C ALA E 77 14.23 -19.27 26.10
N ASN E 78 12.92 -19.17 26.33
CA ASN E 78 12.30 -18.07 27.13
C ASN E 78 11.14 -18.64 27.96
N LYS E 79 11.06 -18.23 29.23
CA LYS E 79 9.97 -18.58 30.17
C LYS E 79 9.66 -17.37 31.07
N PHE E 80 8.38 -17.16 31.42
CA PHE E 80 7.95 -16.25 32.50
C PHE E 80 8.51 -16.75 33.83
N LEU E 81 9.08 -15.86 34.63
CA LEU E 81 9.45 -16.14 36.04
C LEU E 81 8.15 -16.47 36.78
N GLU E 82 8.07 -17.67 37.37
CA GLU E 82 6.88 -18.13 38.14
C GLU E 82 6.96 -17.60 39.57
N SER E 83 7.13 -16.28 39.70
CA SER E 83 6.97 -15.51 40.96
C SER E 83 5.54 -15.70 41.48
N LYS E 84 5.32 -15.38 42.75
CA LYS E 84 3.96 -15.29 43.36
C LYS E 84 3.19 -14.18 42.64
N ALA E 85 3.87 -13.10 42.24
CA ALA E 85 3.29 -11.99 41.45
C ALA E 85 2.70 -12.55 40.15
N TYR E 86 3.49 -13.32 39.39
CA TYR E 86 3.07 -13.92 38.09
C TYR E 86 1.95 -14.95 38.35
N GLN E 87 2.21 -15.92 39.23
CA GLN E 87 1.29 -17.04 39.53
C GLN E 87 -0.07 -16.48 39.94
N SER E 88 -0.10 -15.49 40.83
CA SER E 88 -1.33 -14.86 41.36
C SER E 88 -2.11 -14.17 40.25
N ALA E 89 -1.41 -13.44 39.37
CA ALA E 89 -1.99 -12.76 38.19
C ALA E 89 -2.59 -13.81 37.24
N ARG E 90 -1.79 -14.84 36.90
CA ARG E 90 -2.18 -15.94 35.99
C ARG E 90 -3.44 -16.66 36.51
N ASP E 91 -3.53 -16.88 37.83
CA ASP E 91 -4.50 -17.83 38.43
C ASP E 91 -5.75 -17.11 38.96
N THR E 92 -5.70 -15.80 39.20
CA THR E 92 -6.84 -15.01 39.74
C THR E 92 -7.22 -13.86 38.79
N ASP E 93 -6.45 -13.63 37.72
CA ASP E 93 -6.63 -12.52 36.76
C ASP E 93 -6.85 -11.21 37.53
N LYS E 94 -6.08 -11.02 38.60
CA LYS E 94 -6.05 -9.82 39.46
C LYS E 94 -4.58 -9.47 39.74
N ILE E 95 -4.19 -8.20 39.60
CA ILE E 95 -2.87 -7.71 40.10
C ILE E 95 -2.92 -7.88 41.62
N SER E 96 -1.97 -8.62 42.20
CA SER E 96 -2.06 -9.15 43.59
C SER E 96 -0.97 -8.57 44.50
N TYR E 97 0.12 -8.05 43.93
CA TYR E 97 1.26 -7.46 44.68
C TYR E 97 1.50 -6.03 44.19
N ARG E 98 2.08 -5.18 45.04
CA ARG E 98 2.41 -3.77 44.76
C ARG E 98 3.69 -3.72 43.94
N GLU E 99 3.62 -3.11 42.75
CA GLU E 99 4.76 -2.98 41.81
C GLU E 99 5.33 -1.56 41.96
N PHE E 100 6.33 -1.23 41.14
CA PHE E 100 7.01 0.08 41.10
C PHE E 100 6.00 1.22 41.00
N ALA E 101 4.96 1.11 40.18
CA ALA E 101 4.03 2.22 39.88
C ALA E 101 2.58 1.77 39.71
N THR E 102 2.24 0.52 40.06
CA THR E 102 0.84 0.03 40.04
C THR E 102 0.58 -0.74 41.35
N ASP E 103 -0.58 -0.51 41.96
CA ASP E 103 -1.08 -1.22 43.18
C ASP E 103 -2.25 -2.12 42.79
N PRO E 104 -2.45 -3.27 43.48
CA PRO E 104 -3.69 -4.04 43.36
C PRO E 104 -4.96 -3.22 43.63
N LYS E 110 -5.87 -4.24 51.64
CA LYS E 110 -4.54 -4.81 51.98
C LYS E 110 -4.49 -5.12 53.48
N ARG E 111 -3.84 -4.27 54.28
CA ARG E 111 -3.18 -4.66 55.56
C ARG E 111 -3.46 -3.68 56.70
N VAL E 112 -3.04 -4.04 57.92
CA VAL E 112 -2.99 -3.19 59.14
C VAL E 112 -1.80 -2.22 58.99
N SER E 113 -1.85 -1.06 59.65
CA SER E 113 -0.88 0.07 59.51
C SER E 113 0.08 0.14 60.70
N SER E 114 -0.10 -0.73 61.70
CA SER E 114 0.70 -0.80 62.96
C SER E 114 2.21 -0.88 62.65
N MET E 115 2.58 -1.64 61.61
CA MET E 115 3.98 -1.98 61.24
C MET E 115 4.15 -1.84 59.72
N PHE E 116 5.40 -1.76 59.25
CA PHE E 116 5.77 -1.84 57.82
C PHE E 116 5.54 -3.28 57.33
N SER E 117 4.91 -3.40 56.14
CA SER E 117 4.60 -4.67 55.45
C SER E 117 5.87 -5.50 55.26
N THR E 118 5.74 -6.83 55.21
CA THR E 118 6.81 -7.76 54.77
C THR E 118 6.40 -8.46 53.46
N LYS E 119 5.18 -8.19 52.93
CA LYS E 119 4.61 -8.74 51.68
C LYS E 119 4.89 -7.77 50.52
N PHE E 120 6.11 -7.85 49.99
CA PHE E 120 6.61 -7.14 48.79
C PHE E 120 6.36 -8.00 47.55
N THR E 121 6.27 -7.40 46.35
CA THR E 121 6.27 -8.17 45.07
C THR E 121 7.60 -8.92 44.93
N ASP E 122 7.57 -10.12 44.33
CA ASP E 122 8.76 -10.90 43.94
C ASP E 122 8.89 -10.88 42.41
N ASN E 123 8.29 -9.87 41.76
CA ASN E 123 8.37 -9.69 40.29
C ASN E 123 9.79 -9.28 39.91
N ALA E 124 10.74 -10.21 39.91
CA ALA E 124 12.19 -9.95 39.71
C ALA E 124 12.48 -9.82 38.23
N ASN E 125 12.30 -8.61 37.67
CA ASN E 125 12.28 -8.35 36.21
C ASN E 125 13.49 -7.52 35.76
N VAL E 126 14.44 -7.20 36.64
CA VAL E 126 15.46 -6.15 36.34
C VAL E 126 16.76 -6.77 35.84
N ASN E 127 17.31 -7.75 36.57
CA ASN E 127 18.67 -8.26 36.31
C ASN E 127 18.76 -9.70 36.80
N VAL E 128 19.87 -10.36 36.50
CA VAL E 128 20.20 -11.74 36.95
C VAL E 128 21.67 -11.76 37.36
N THR E 129 22.01 -12.62 38.32
CA THR E 129 23.40 -12.84 38.80
C THR E 129 23.44 -14.21 39.48
N LYS E 130 24.59 -14.56 40.07
CA LYS E 130 24.76 -15.79 40.88
C LYS E 130 25.05 -15.41 42.32
N ILE E 131 24.31 -16.00 43.27
CA ILE E 131 24.57 -15.90 44.73
C ILE E 131 24.58 -17.32 45.29
N ALA E 132 25.61 -17.67 46.06
CA ALA E 132 25.78 -19.02 46.64
C ALA E 132 25.72 -20.08 45.53
N GLU E 133 26.39 -19.80 44.41
CA GLU E 133 26.50 -20.69 43.20
C GLU E 133 25.10 -21.03 42.65
N ARG E 134 24.10 -20.18 42.90
CA ARG E 134 22.71 -20.32 42.38
C ARG E 134 22.40 -19.12 41.49
N PHE E 135 21.63 -19.33 40.42
CA PHE E 135 21.15 -18.27 39.50
C PHE E 135 19.89 -17.63 40.09
N VAL E 136 19.91 -16.30 40.23
CA VAL E 136 18.79 -15.51 40.81
C VAL E 136 18.42 -14.37 39.86
N ALA E 137 17.11 -14.16 39.70
CA ALA E 137 16.50 -12.95 39.12
C ALA E 137 16.30 -11.93 40.24
N MET E 138 16.50 -10.64 39.95
CA MET E 138 16.49 -9.55 40.95
C MET E 138 15.55 -8.42 40.52
N THR E 139 14.84 -7.84 41.49
CA THR E 139 14.21 -6.49 41.40
C THR E 139 14.69 -5.70 42.62
N GLU E 140 13.91 -4.72 43.08
CA GLU E 140 14.34 -3.71 44.07
C GLU E 140 13.67 -3.98 45.43
N THR E 141 12.81 -5.00 45.50
CA THR E 141 12.29 -5.55 46.79
C THR E 141 13.37 -6.46 47.39
N PRO E 142 13.32 -6.76 48.70
CA PRO E 142 14.45 -7.38 49.41
C PRO E 142 15.02 -8.71 48.89
N LEU E 143 14.16 -9.63 48.44
CA LEU E 143 14.54 -11.04 48.16
C LEU E 143 14.57 -11.30 46.66
N PRO E 144 15.69 -11.81 46.11
CA PRO E 144 15.72 -12.34 44.74
C PRO E 144 14.89 -13.61 44.58
N VAL E 145 14.71 -14.03 43.32
CA VAL E 145 13.98 -15.27 42.94
C VAL E 145 14.95 -16.19 42.18
N GLU E 146 15.18 -17.39 42.72
CA GLU E 146 16.11 -18.41 42.17
C GLU E 146 15.45 -19.10 40.97
N PHE E 147 16.23 -19.33 39.91
CA PHE E 147 15.79 -20.07 38.70
C PHE E 147 16.89 -21.06 38.27
N ASP E 148 16.47 -22.12 37.57
CA ASP E 148 17.37 -23.14 36.98
C ASP E 148 17.78 -22.63 35.59
N ILE E 149 19.09 -22.47 35.33
CA ILE E 149 19.61 -21.93 34.04
C ILE E 149 19.40 -22.95 32.92
N ASN E 150 19.31 -24.25 33.25
CA ASN E 150 19.08 -25.32 32.25
C ASN E 150 17.66 -25.20 31.67
N THR E 151 16.65 -25.09 32.54
CA THR E 151 15.20 -25.21 32.20
C THR E 151 14.51 -23.84 32.19
N LEU E 152 15.11 -22.83 32.83
CA LEU E 152 14.51 -21.49 33.14
C LEU E 152 13.31 -21.66 34.08
N LYS E 153 13.20 -22.78 34.79
CA LYS E 153 12.13 -23.01 35.80
C LYS E 153 12.48 -22.19 37.05
N THR E 154 11.46 -21.75 37.78
CA THR E 154 11.58 -20.95 39.02
C THR E 154 11.65 -21.89 40.22
N VAL E 155 12.70 -21.81 41.03
CA VAL E 155 12.88 -22.60 42.28
C VAL E 155 12.09 -21.92 43.42
N GLY E 156 12.15 -20.59 43.52
CA GLY E 156 11.36 -19.80 44.49
C GLY E 156 12.19 -18.69 45.13
N VAL E 157 11.63 -18.02 46.14
CA VAL E 157 12.28 -16.89 46.88
C VAL E 157 13.61 -17.38 47.46
N PHE E 158 14.70 -16.69 47.12
CA PHE E 158 16.08 -16.92 47.65
C PHE E 158 16.23 -16.09 48.92
N ALA E 159 16.09 -16.73 50.08
CA ALA E 159 16.23 -16.08 51.41
C ALA E 159 17.72 -15.88 51.70
N TYR E 160 18.08 -14.72 52.25
CA TYR E 160 19.42 -14.46 52.82
C TYR E 160 19.43 -15.04 54.23
N ASP E 161 20.59 -15.53 54.68
CA ASP E 161 20.74 -16.15 56.01
C ASP E 161 21.49 -15.17 56.92
N ASP E 162 20.77 -14.16 57.44
CA ASP E 162 21.33 -13.07 58.26
C ASP E 162 20.16 -12.29 58.89
N LYS E 163 20.45 -11.25 59.67
CA LYS E 163 19.45 -10.44 60.41
C LYS E 163 19.45 -9.01 59.86
N ILE E 164 20.01 -8.77 58.67
CA ILE E 164 20.04 -7.42 58.04
C ILE E 164 18.60 -7.06 57.63
N GLU E 165 18.11 -5.91 58.09
CA GLU E 165 16.75 -5.42 57.78
C GLU E 165 16.82 -4.67 56.44
N SER E 166 15.83 -4.88 55.57
CA SER E 166 15.73 -4.14 54.30
C SER E 166 14.29 -4.09 53.79
N GLY E 167 13.94 -3.01 53.09
CA GLY E 167 12.67 -2.82 52.37
C GLY E 167 12.90 -2.54 50.90
N LEU E 168 14.02 -1.90 50.56
CA LEU E 168 14.36 -1.41 49.20
C LEU E 168 15.83 -1.73 48.92
N THR E 169 16.16 -2.22 47.73
CA THR E 169 17.55 -2.62 47.38
C THR E 169 17.74 -2.41 45.88
N THR E 170 18.90 -2.79 45.36
CA THR E 170 19.21 -2.69 43.91
C THR E 170 19.26 -4.08 43.31
N ALA E 171 18.97 -4.16 42.01
CA ALA E 171 19.24 -5.31 41.14
C ALA E 171 20.55 -5.05 40.40
N HIS E 172 21.44 -4.23 40.97
CA HIS E 172 22.76 -3.85 40.37
C HIS E 172 23.88 -4.11 41.37
N PRO E 173 23.99 -5.34 41.92
CA PRO E 173 25.12 -5.67 42.79
C PRO E 173 26.44 -5.51 42.02
N HIS E 174 27.50 -5.07 42.69
CA HIS E 174 28.90 -5.11 42.18
C HIS E 174 29.53 -6.44 42.59
N TYR E 175 30.61 -6.85 41.91
CA TYR E 175 31.37 -8.06 42.26
C TYR E 175 32.87 -7.75 42.29
N ASP E 176 33.51 -8.04 43.43
CA ASP E 176 34.98 -7.95 43.65
C ASP E 176 35.59 -9.30 43.25
N PHE E 177 36.37 -9.33 42.16
CA PHE E 177 36.98 -10.57 41.59
C PHE E 177 38.19 -11.00 42.42
N VAL E 178 38.86 -10.04 43.06
CA VAL E 178 40.05 -10.29 43.93
C VAL E 178 39.59 -11.04 45.19
N LYS E 179 38.60 -10.48 45.90
CA LYS E 179 38.09 -11.00 47.20
C LYS E 179 36.97 -12.02 46.98
N ASN E 180 36.43 -12.12 45.76
CA ASN E 180 35.31 -13.02 45.41
C ASN E 180 34.13 -12.74 46.36
N GLU E 181 33.72 -11.47 46.42
CA GLU E 181 32.55 -10.99 47.20
C GLU E 181 31.60 -10.24 46.27
N LEU E 182 30.31 -10.59 46.33
CA LEU E 182 29.21 -9.72 45.83
C LEU E 182 29.05 -8.55 46.80
N VAL E 183 28.83 -7.34 46.28
CA VAL E 183 28.63 -6.11 47.10
C VAL E 183 27.34 -5.44 46.65
N ASN E 184 26.48 -5.09 47.61
CA ASN E 184 25.20 -4.38 47.36
C ASN E 184 24.87 -3.59 48.61
N TYR E 185 23.80 -2.80 48.56
CA TYR E 185 23.21 -2.12 49.74
C TYR E 185 21.72 -2.42 49.75
N ALA E 186 21.12 -2.31 50.92
CA ALA E 186 19.66 -2.39 51.12
C ALA E 186 19.27 -1.30 52.11
N THR E 187 18.17 -0.61 51.85
CA THR E 187 17.61 0.46 52.70
C THR E 187 16.57 -0.16 53.62
N LYS E 188 16.80 -0.12 54.93
CA LYS E 188 15.74 -0.31 55.94
C LYS E 188 14.88 0.94 55.92
N ILE E 189 13.61 0.81 55.52
CA ILE E 189 12.65 1.94 55.46
C ILE E 189 11.75 1.85 56.69
N SER E 190 11.94 2.80 57.61
CA SER E 190 11.23 2.89 58.90
C SER E 190 11.33 4.34 59.37
N ARG E 191 10.93 4.60 60.61
CA ARG E 191 10.97 5.95 61.21
C ARG E 191 12.42 6.32 61.53
N SER E 192 13.35 5.36 61.49
CA SER E 192 14.81 5.62 61.49
C SER E 192 15.50 4.74 60.43
N SER E 193 15.40 5.18 59.18
CA SER E 193 15.89 4.46 57.98
C SER E 193 17.41 4.40 57.95
N ASN E 194 17.96 3.40 57.27
CA ASN E 194 19.41 3.13 57.15
C ASN E 194 19.70 2.64 55.73
N TYR E 195 20.76 3.13 55.10
CA TYR E 195 21.43 2.46 53.96
C TYR E 195 22.38 1.42 54.55
N ASN E 196 22.10 0.14 54.32
CA ASN E 196 22.90 -0.99 54.85
C ASN E 196 23.75 -1.54 53.70
N VAL E 197 25.02 -1.16 53.66
CA VAL E 197 26.03 -1.68 52.69
C VAL E 197 26.49 -3.04 53.20
N TYR E 198 26.49 -4.06 52.34
CA TYR E 198 26.84 -5.45 52.74
C TYR E 198 27.61 -6.15 51.61
N LYS E 199 28.16 -7.31 51.96
CA LYS E 199 28.89 -8.20 51.01
C LYS E 199 28.42 -9.64 51.24
N ILE E 200 28.50 -10.46 50.19
CA ILE E 200 28.26 -11.93 50.28
C ILE E 200 29.49 -12.64 49.70
N ALA E 201 30.24 -13.33 50.54
CA ALA E 201 31.37 -14.21 50.18
C ALA E 201 30.84 -15.31 49.25
N ASP E 202 31.67 -15.79 48.31
CA ASP E 202 31.36 -16.95 47.45
C ASP E 202 30.92 -18.14 48.32
N LYS E 203 29.93 -18.91 47.84
CA LYS E 203 29.45 -20.18 48.43
C LYS E 203 28.81 -19.91 49.81
N THR E 204 28.09 -18.81 49.94
CA THR E 204 27.22 -18.49 51.12
C THR E 204 26.09 -17.54 50.71
N ASN E 205 24.97 -17.56 51.44
CA ASN E 205 23.85 -16.61 51.29
C ASN E 205 23.76 -15.71 52.53
N HIS E 206 24.75 -15.79 53.44
CA HIS E 206 24.90 -14.88 54.61
C HIS E 206 25.49 -13.57 54.09
N ARG E 207 24.82 -12.44 54.34
CA ARG E 207 25.33 -11.07 54.08
C ARG E 207 26.06 -10.57 55.34
N ASN E 208 27.30 -10.10 55.19
CA ASN E 208 28.03 -9.36 56.24
C ASN E 208 27.73 -7.88 56.05
N LEU E 209 27.18 -7.23 57.08
CA LEU E 209 27.02 -5.75 57.11
C LEU E 209 28.40 -5.10 57.09
N ILE E 210 28.67 -4.28 56.08
CA ILE E 210 29.89 -3.43 56.01
C ILE E 210 29.63 -2.19 56.86
N GLY E 211 28.53 -1.48 56.62
CA GLY E 211 28.16 -0.27 57.38
C GLY E 211 26.71 0.13 57.17
N SER E 212 26.14 0.83 58.14
CA SER E 212 24.81 1.50 58.08
C SER E 212 25.03 3.01 58.06
N ILE E 213 24.43 3.68 57.08
CA ILE E 213 24.35 5.16 57.03
C ILE E 213 22.92 5.54 57.37
N PRO E 214 22.68 6.24 58.51
CA PRO E 214 21.33 6.69 58.85
C PRO E 214 20.91 7.79 57.89
N VAL E 215 19.61 7.83 57.57
CA VAL E 215 19.01 8.76 56.58
C VAL E 215 17.56 9.03 56.97
N GLU E 216 17.15 10.30 56.95
CA GLU E 216 15.76 10.70 57.32
C GLU E 216 14.83 10.29 56.18
N GLU E 217 15.20 10.66 54.94
CA GLU E 217 14.38 10.44 53.72
C GLU E 217 15.20 9.70 52.68
N PRO E 218 15.07 8.35 52.61
CA PRO E 218 15.86 7.56 51.66
C PRO E 218 15.66 8.00 50.20
N ALA E 219 16.77 8.03 49.44
CA ALA E 219 16.80 8.34 48.00
C ALA E 219 16.60 7.05 47.21
N TYR E 220 15.95 7.16 46.05
CA TYR E 220 15.88 6.06 45.07
C TYR E 220 17.22 6.00 44.34
N MET E 221 18.06 5.02 44.72
CA MET E 221 19.41 4.80 44.17
C MET E 221 19.43 3.41 43.52
N HIS E 222 19.08 3.38 42.24
CA HIS E 222 18.92 2.18 41.39
C HIS E 222 20.23 1.39 41.29
N SER E 223 21.36 2.09 41.44
CA SER E 223 22.74 1.52 41.38
C SER E 223 23.67 2.41 42.20
N PHE E 224 24.92 1.98 42.37
CA PHE E 224 25.95 2.70 43.17
C PHE E 224 27.32 2.45 42.55
N ALA E 225 28.32 3.19 43.02
CA ALA E 225 29.73 3.12 42.56
C ALA E 225 30.55 2.26 43.52
N MET E 226 31.51 1.52 42.97
CA MET E 226 32.56 0.82 43.76
C MET E 226 33.95 1.18 43.20
N THR E 227 34.89 1.52 44.07
CA THR E 227 36.33 1.73 43.77
C THR E 227 37.12 0.59 44.42
N GLU E 228 38.46 0.69 44.46
CA GLU E 228 39.34 -0.32 45.09
C GLU E 228 38.98 -0.46 46.56
N ASN E 229 38.81 0.68 47.26
CA ASN E 229 38.69 0.75 48.74
C ASN E 229 37.28 1.17 49.18
N TYR E 230 36.42 1.64 48.28
CA TYR E 230 35.17 2.36 48.67
C TYR E 230 33.93 1.81 47.95
N VAL E 231 32.80 1.88 48.64
CA VAL E 231 31.44 2.00 48.06
C VAL E 231 31.10 3.50 48.10
N VAL E 232 30.61 4.05 46.99
CA VAL E 232 30.09 5.44 46.92
C VAL E 232 28.60 5.36 46.59
N LEU E 233 27.75 5.68 47.55
CA LEU E 233 26.29 5.87 47.33
C LEU E 233 26.09 7.32 46.87
N VAL E 234 25.63 7.52 45.64
CA VAL E 234 25.28 8.88 45.13
C VAL E 234 23.79 9.09 45.36
N GLU E 235 23.48 9.86 46.39
CA GLU E 235 22.11 10.10 46.90
C GLU E 235 21.51 11.30 46.16
N TYR E 236 20.89 11.05 45.01
CA TYR E 236 20.10 12.03 44.23
C TYR E 236 18.98 12.53 45.13
N PRO E 237 18.60 13.81 45.07
CA PRO E 237 17.54 14.33 45.95
C PRO E 237 16.14 13.94 45.43
N PHE E 238 15.97 12.66 45.08
CA PHE E 238 14.68 12.03 44.73
C PHE E 238 14.35 11.07 45.88
N VAL E 239 13.54 11.52 46.83
CA VAL E 239 13.52 10.97 48.22
C VAL E 239 12.08 10.72 48.68
N VAL E 240 11.92 9.81 49.63
CA VAL E 240 10.60 9.38 50.17
C VAL E 240 10.60 9.62 51.69
N LYS E 241 9.48 10.09 52.22
CA LYS E 241 9.19 10.05 53.68
C LYS E 241 8.72 8.64 53.98
N PRO E 242 9.44 7.86 54.83
CA PRO E 242 9.02 6.51 55.18
C PRO E 242 7.53 6.38 55.52
N LEU E 243 6.96 7.29 56.31
CA LEU E 243 5.52 7.24 56.70
C LEU E 243 4.60 7.41 55.49
N ASP E 244 5.00 8.17 54.45
CA ASP E 244 4.20 8.31 53.19
C ASP E 244 4.11 6.95 52.50
N LEU E 245 5.21 6.21 52.48
CA LEU E 245 5.30 4.85 51.88
C LEU E 245 4.41 3.90 52.68
N LEU E 246 4.39 4.01 54.02
CA LEU E 246 3.62 3.10 54.91
C LEU E 246 2.12 3.40 54.82
N LEU E 247 1.71 4.65 54.57
CA LEU E 247 0.33 5.12 54.88
C LEU E 247 -0.40 5.75 53.69
N SER E 248 0.30 6.31 52.70
CA SER E 248 -0.37 6.93 51.51
C SER E 248 -1.14 5.84 50.75
N GLY E 249 -2.07 6.24 49.89
CA GLY E 249 -2.78 5.28 49.03
C GLY E 249 -1.96 4.91 47.81
N LYS E 250 -0.81 5.57 47.60
CA LYS E 250 -0.19 5.75 46.27
C LYS E 250 0.83 4.65 45.99
N PRO E 251 0.91 4.17 44.72
CA PRO E 251 1.97 3.25 44.31
C PRO E 251 3.37 3.77 44.66
N PHE E 252 4.30 2.82 44.88
CA PHE E 252 5.66 3.03 45.41
C PHE E 252 6.25 4.36 44.90
N ILE E 253 6.48 4.50 43.59
CA ILE E 253 7.32 5.58 43.00
C ILE E 253 6.62 6.93 43.15
N GLU E 254 5.30 6.97 43.25
CA GLU E 254 4.54 8.24 43.39
C GLU E 254 4.85 8.92 44.73
N ASN E 255 5.41 8.20 45.69
CA ASN E 255 5.70 8.72 47.05
C ASN E 255 7.07 9.42 47.07
N PHE E 256 7.84 9.36 45.98
CA PHE E 256 9.16 10.02 45.87
C PHE E 256 8.96 11.44 45.34
N SER E 257 9.73 12.38 45.89
CA SER E 257 9.70 13.83 45.58
C SER E 257 11.08 14.26 45.11
N TRP E 258 11.11 15.12 44.10
CA TRP E 258 12.30 15.82 43.62
C TRP E 258 12.51 17.05 44.51
N LYS E 259 13.63 17.10 45.25
CA LYS E 259 13.96 18.19 46.21
C LYS E 259 15.35 18.72 45.88
N PRO E 260 15.52 19.44 44.75
CA PRO E 260 16.85 19.83 44.27
C PRO E 260 17.60 20.76 45.23
N GLU E 261 16.89 21.45 46.13
CA GLU E 261 17.48 22.32 47.18
C GLU E 261 18.41 21.50 48.10
N ASN E 262 18.17 20.20 48.25
CA ASN E 262 19.02 19.27 49.05
C ASN E 262 20.38 19.06 48.37
N GLY E 263 20.45 19.26 47.05
CA GLY E 263 21.63 18.89 46.24
C GLY E 263 21.78 17.38 46.17
N THR E 264 22.81 16.88 45.49
CA THR E 264 23.18 15.44 45.48
C THR E 264 24.27 15.22 46.52
N ARG E 265 24.22 14.11 47.24
CA ARG E 265 25.16 13.78 48.34
C ARG E 265 25.92 12.51 47.96
N PHE E 266 27.24 12.61 47.88
CA PHE E 266 28.16 11.48 47.67
C PHE E 266 28.59 10.95 49.05
N ILE E 267 28.12 9.76 49.40
CA ILE E 267 28.46 9.06 50.68
C ILE E 267 29.55 8.04 50.40
N ILE E 268 30.74 8.25 50.96
CA ILE E 268 31.94 7.40 50.71
C ILE E 268 32.17 6.49 51.92
N VAL E 269 32.05 5.18 51.72
CA VAL E 269 32.22 4.14 52.78
C VAL E 269 33.40 3.24 52.39
N ASN E 270 34.34 3.05 53.30
CA ASN E 270 35.40 2.02 53.21
C ASN E 270 34.74 0.64 53.21
N ARG E 271 34.90 -0.14 52.14
CA ARG E 271 34.16 -1.41 51.94
C ARG E 271 34.97 -2.59 52.47
N GLN E 272 36.00 -2.35 53.30
CA GLN E 272 36.75 -3.40 54.02
C GLN E 272 36.53 -3.28 55.54
N ASN E 273 36.32 -2.08 56.07
CA ASN E 273 36.20 -1.84 57.53
C ASN E 273 34.96 -0.98 57.85
N GLY E 274 34.17 -0.58 56.85
CA GLY E 274 32.89 0.12 57.05
C GLY E 274 33.01 1.54 57.55
N ASN E 275 34.23 2.11 57.64
CA ASN E 275 34.45 3.50 58.09
C ASN E 275 33.81 4.47 57.10
N LEU E 276 33.17 5.52 57.61
CA LEU E 276 32.59 6.62 56.77
C LEU E 276 33.72 7.59 56.42
N VAL E 277 34.20 7.52 55.18
CA VAL E 277 35.31 8.36 54.65
C VAL E 277 34.86 9.82 54.65
N GLY E 278 33.61 10.06 54.21
CA GLY E 278 32.97 11.39 54.28
C GLY E 278 31.78 11.50 53.34
N THR E 279 31.07 12.62 53.46
CA THR E 279 29.94 13.04 52.60
C THR E 279 30.30 14.34 51.89
N TYR E 280 29.96 14.44 50.61
CA TYR E 280 30.26 15.60 49.72
C TYR E 280 29.00 15.92 48.92
N LYS E 281 28.75 17.20 48.65
CA LYS E 281 27.55 17.67 47.92
C LYS E 281 27.95 18.25 46.56
N SER E 282 27.14 17.98 45.54
CA SER E 282 27.10 18.68 44.24
C SER E 282 25.71 19.27 44.03
N ASP E 283 25.52 20.08 42.99
CA ASP E 283 24.17 20.50 42.54
C ASP E 283 23.33 19.26 42.23
N ALA E 284 22.01 19.36 42.41
CA ALA E 284 21.03 18.29 42.16
C ALA E 284 21.21 17.72 40.74
N PHE E 285 21.15 16.40 40.63
CA PHE E 285 20.96 15.63 39.36
C PHE E 285 20.37 14.26 39.74
N PHE E 286 19.93 13.48 38.75
CA PHE E 286 19.38 12.11 38.94
C PHE E 286 20.08 11.15 37.96
N ALA E 287 20.13 9.86 38.32
CA ALA E 287 20.68 8.78 37.47
C ALA E 287 20.09 7.44 37.90
N PHE E 288 19.88 6.54 36.95
CA PHE E 288 19.60 5.10 37.20
C PHE E 288 20.94 4.37 37.32
N HIS E 289 21.83 4.59 36.34
CA HIS E 289 23.00 3.73 36.07
C HIS E 289 24.31 4.50 36.24
N HIS E 290 25.15 4.01 37.15
CA HIS E 290 26.60 4.28 37.24
C HIS E 290 27.29 3.57 36.07
N VAL E 291 28.41 4.14 35.61
CA VAL E 291 29.25 3.58 34.51
C VAL E 291 30.44 2.85 35.13
N ASN E 292 31.23 3.59 35.92
CA ASN E 292 32.46 3.13 36.59
C ASN E 292 32.99 4.25 37.47
N ALA E 293 33.79 3.91 38.48
CA ALA E 293 34.46 4.86 39.39
C ALA E 293 35.85 4.34 39.72
N PHE E 294 36.77 5.23 40.13
CA PHE E 294 38.16 4.86 40.48
C PHE E 294 38.80 5.98 41.30
N GLU E 295 39.75 5.59 42.18
CA GLU E 295 40.59 6.50 42.99
C GLU E 295 41.81 6.88 42.15
N LYS E 296 42.26 8.13 42.23
CA LYS E 296 43.49 8.62 41.57
C LYS E 296 44.10 9.70 42.46
N GLN E 297 45.26 9.42 43.06
CA GLN E 297 45.93 10.29 44.06
C GLN E 297 44.96 10.51 45.23
N GLU E 298 44.66 11.76 45.59
CA GLU E 298 43.78 12.11 46.74
C GLU E 298 42.35 12.41 46.26
N GLU E 299 41.92 11.80 45.14
CA GLU E 299 40.63 12.10 44.46
C GLU E 299 39.91 10.81 44.07
N ILE E 300 38.58 10.86 44.00
CA ILE E 300 37.70 9.81 43.44
C ILE E 300 36.97 10.39 42.24
N PHE E 301 37.02 9.71 41.09
CA PHE E 301 36.25 10.02 39.87
C PHE E 301 35.09 9.05 39.78
N VAL E 302 33.86 9.57 39.67
CA VAL E 302 32.59 8.79 39.59
C VAL E 302 31.90 9.15 38.27
N ASP E 303 31.83 8.20 37.34
CA ASP E 303 31.19 8.37 36.01
C ASP E 303 29.76 7.84 36.11
N ILE E 304 28.79 8.70 35.78
CA ILE E 304 27.32 8.44 35.97
C ILE E 304 26.60 8.87 34.70
N ILE E 305 25.57 8.11 34.32
CA ILE E 305 24.57 8.48 33.28
C ILE E 305 23.55 9.41 33.94
N ALA E 306 23.75 10.72 33.84
CA ALA E 306 23.06 11.76 34.62
C ALA E 306 21.96 12.43 33.78
N TYR E 307 20.79 12.62 34.40
CA TYR E 307 19.68 13.48 33.94
C TYR E 307 19.72 14.76 34.77
N GLN E 308 19.14 15.84 34.27
CA GLN E 308 19.08 17.14 35.00
C GLN E 308 18.20 16.94 36.25
N ASP E 309 17.17 16.10 36.17
CA ASP E 309 16.23 15.84 37.29
C ASP E 309 15.61 14.44 37.13
N SER E 310 14.59 14.14 37.92
CA SER E 310 13.95 12.80 38.04
C SER E 310 12.78 12.64 37.06
N SER E 311 12.60 13.55 36.12
CA SER E 311 11.44 13.58 35.19
C SER E 311 11.44 12.34 34.27
N ILE E 312 12.62 11.77 33.98
CA ILE E 312 12.75 10.51 33.19
C ILE E 312 11.84 9.42 33.78
N VAL E 313 11.69 9.36 35.11
CA VAL E 313 10.90 8.30 35.79
C VAL E 313 9.46 8.34 35.26
N ASN E 314 8.88 9.53 35.14
CA ASN E 314 7.47 9.75 34.70
C ASN E 314 7.36 9.57 33.18
N ALA E 315 8.48 9.63 32.46
CA ALA E 315 8.52 9.48 30.98
C ALA E 315 8.46 8.00 30.60
N LEU E 316 8.74 7.10 31.56
CA LEU E 316 8.80 5.64 31.31
C LEU E 316 7.49 4.97 31.75
N TYR E 317 6.42 5.74 31.98
CA TYR E 317 5.03 5.24 32.01
C TYR E 317 4.66 4.76 30.59
N LEU E 318 3.89 3.68 30.51
CA LEU E 318 3.63 2.95 29.23
C LEU E 318 2.85 3.83 28.26
N ASP E 319 1.96 4.71 28.74
CA ASP E 319 1.11 5.54 27.85
C ASP E 319 1.97 6.56 27.08
N ILE E 320 3.11 6.96 27.65
CA ILE E 320 4.11 7.83 26.97
C ILE E 320 4.96 6.97 26.03
N LEU E 321 5.49 5.85 26.53
CA LEU E 321 6.37 4.94 25.74
C LEU E 321 5.62 4.41 24.51
N ARG E 322 4.29 4.29 24.57
CA ARG E 322 3.48 3.72 23.46
C ARG E 322 2.92 4.84 22.56
N GLY E 323 3.05 6.11 22.97
CA GLY E 323 2.67 7.27 22.13
C GLY E 323 1.20 7.62 22.23
N GLN E 324 0.52 7.09 23.26
CA GLN E 324 -0.90 7.41 23.57
C GLN E 324 -0.96 8.79 24.24
N LYS E 325 0.11 9.16 24.95
CA LYS E 325 0.42 10.55 25.37
C LYS E 325 1.74 10.98 24.70
N THR E 326 1.71 11.97 23.80
CA THR E 326 2.93 12.44 23.09
C THR E 326 3.80 13.22 24.08
N ASP E 327 5.03 12.77 24.32
CA ASP E 327 5.91 13.45 25.31
C ASP E 327 7.36 13.14 24.97
N THR E 328 8.28 13.96 25.47
CA THR E 328 9.75 13.82 25.30
C THR E 328 10.29 12.87 26.36
N ILE E 329 11.05 11.86 25.96
CA ILE E 329 11.90 11.06 26.89
C ILE E 329 13.18 11.86 27.12
N PRO E 330 13.42 12.41 28.33
CA PRO E 330 14.61 13.23 28.58
C PRO E 330 15.89 12.41 28.39
N THR E 331 16.95 13.08 27.92
CA THR E 331 18.25 12.45 27.56
C THR E 331 19.17 12.51 28.79
N SER E 332 20.07 11.52 28.89
CA SER E 332 21.13 11.42 29.93
C SER E 332 22.49 11.43 29.22
N HIS E 333 23.55 11.89 29.90
CA HIS E 333 24.93 12.00 29.37
C HIS E 333 25.92 11.52 30.44
N ILE E 334 27.10 11.05 30.03
CA ILE E 334 28.17 10.57 30.96
C ILE E 334 28.80 11.81 31.61
N ARG E 335 28.58 11.97 32.91
CA ARG E 335 29.23 13.01 33.75
C ARG E 335 30.30 12.35 34.62
N ARG E 336 31.53 12.88 34.56
CA ARG E 336 32.64 12.49 35.47
C ARG E 336 32.65 13.47 36.64
N TYR E 337 32.17 13.04 37.81
CA TYR E 337 32.23 13.80 39.08
C TYR E 337 33.61 13.57 39.71
N ARG E 338 34.26 14.66 40.13
CA ARG E 338 35.57 14.63 40.83
C ARG E 338 35.33 15.00 42.30
N ILE E 339 35.54 14.03 43.20
CA ILE E 339 35.44 14.23 44.68
C ILE E 339 36.86 14.46 45.22
N PRO E 340 37.21 15.69 45.65
CA PRO E 340 38.47 15.95 46.31
C PRO E 340 38.36 15.55 47.79
N VAL E 346 31.94 19.19 45.03
CA VAL E 346 32.11 18.20 43.94
C VAL E 346 31.67 18.86 42.62
N GLU E 347 32.59 19.01 41.67
CA GLU E 347 32.31 19.49 40.29
C GLU E 347 32.34 18.29 39.34
N TYR E 348 31.83 18.45 38.12
CA TYR E 348 31.86 17.43 37.04
C TYR E 348 32.23 18.05 35.70
N GLU E 349 32.63 17.20 34.76
CA GLU E 349 32.72 17.51 33.31
C GLU E 349 32.01 16.39 32.53
N MET E 350 31.50 16.70 31.33
CA MET E 350 30.90 15.69 30.43
C MET E 350 32.02 14.95 29.69
N LEU E 351 31.91 13.63 29.60
CA LEU E 351 32.91 12.75 28.91
C LEU E 351 32.49 12.60 27.46
N SER E 352 31.25 12.96 27.13
CA SER E 352 30.69 12.89 25.75
C SER E 352 29.39 13.72 25.69
N SER E 353 29.10 14.29 24.52
CA SER E 353 27.84 15.04 24.24
C SER E 353 26.75 14.08 23.75
N GLU E 354 27.10 12.82 23.47
CA GLU E 354 26.16 11.75 23.04
C GLU E 354 25.26 11.36 24.23
N ALA E 355 23.95 11.28 23.99
CA ALA E 355 22.97 10.79 24.96
C ALA E 355 23.17 9.28 25.10
N VAL E 356 23.26 8.79 26.34
CA VAL E 356 23.56 7.36 26.66
C VAL E 356 22.61 6.86 27.75
N GLU E 357 22.15 5.61 27.64
CA GLU E 357 21.58 4.80 28.76
C GLU E 357 22.04 3.36 28.62
N LEU E 358 21.71 2.52 29.62
CA LEU E 358 22.08 1.09 29.71
C LEU E 358 23.58 0.95 29.49
N PRO E 359 24.43 1.65 30.27
CA PRO E 359 25.86 1.61 30.11
C PRO E 359 26.42 0.23 30.51
N ARG E 360 27.45 -0.21 29.79
CA ARG E 360 28.23 -1.43 30.11
C ARG E 360 29.70 -1.14 29.78
N ILE E 361 30.61 -1.79 30.49
CA ILE E 361 32.08 -1.69 30.27
C ILE E 361 32.69 -3.09 30.20
N TYR E 363 33.82 -4.90 32.42
CA TYR E 363 33.61 -4.90 33.89
C TYR E 363 34.70 -5.75 34.57
N LYS E 364 34.92 -6.97 34.08
CA LYS E 364 35.81 -7.97 34.74
C LYS E 364 37.24 -7.40 34.85
N GLN E 365 37.68 -6.56 33.92
CA GLN E 365 39.08 -6.07 33.87
C GLN E 365 39.21 -4.61 34.33
N TYR E 366 38.15 -3.78 34.22
CA TYR E 366 38.27 -2.30 34.35
C TYR E 366 37.30 -1.70 35.40
N ASN E 367 36.35 -2.46 35.96
CA ASN E 367 35.52 -1.94 37.07
C ASN E 367 36.45 -1.57 38.22
N THR E 368 36.24 -0.40 38.85
CA THR E 368 37.05 0.20 39.94
C THR E 368 38.36 0.82 39.42
N LYS E 369 38.62 0.76 38.11
CA LYS E 369 39.92 1.18 37.52
C LYS E 369 39.71 2.29 36.48
N ASP E 370 40.74 3.11 36.28
CA ASP E 370 40.85 4.07 35.15
C ASP E 370 40.65 3.27 33.86
N TYR E 371 39.87 3.82 32.92
CA TYR E 371 39.35 3.11 31.73
C TYR E 371 39.08 4.13 30.62
N ARG E 372 38.69 3.65 29.44
CA ARG E 372 38.60 4.46 28.19
C ARG E 372 37.24 4.31 27.48
N PHE E 373 36.54 3.19 27.64
CA PHE E 373 35.42 2.78 26.74
C PHE E 373 34.14 2.48 27.53
N VAL E 374 33.02 3.09 27.09
CA VAL E 374 31.64 2.85 27.59
C VAL E 374 30.77 2.45 26.40
N TYR E 375 29.96 1.41 26.54
CA TYR E 375 28.93 0.98 25.56
C TYR E 375 27.56 1.31 26.16
N GLY E 376 26.61 1.72 25.31
CA GLY E 376 25.23 2.01 25.73
C GLY E 376 24.29 2.18 24.55
N ILE E 377 23.07 2.61 24.81
CA ILE E 377 22.04 2.96 23.80
C ILE E 377 21.98 4.48 23.67
N GLN E 388 19.92 3.48 18.39
CA GLN E 388 21.39 3.38 18.20
C GLN E 388 22.03 2.63 19.39
N LEU E 389 22.99 1.76 19.08
CA LEU E 389 24.09 1.37 19.99
C LEU E 389 25.22 2.36 19.78
N VAL E 390 25.86 2.78 20.87
CA VAL E 390 26.96 3.79 20.88
C VAL E 390 28.13 3.21 21.67
N LYS E 391 29.36 3.48 21.23
CA LYS E 391 30.63 3.20 21.95
C LYS E 391 31.34 4.54 22.15
N ILE E 392 31.48 5.04 23.38
CA ILE E 392 32.09 6.38 23.67
C ILE E 392 33.61 6.27 23.73
N SER E 398 35.14 11.15 21.41
CA SER E 398 34.50 10.66 20.17
C SER E 398 33.61 9.45 20.47
N SER E 399 32.81 9.01 19.49
CA SER E 399 31.88 7.85 19.60
C SER E 399 31.78 7.12 18.26
N LYS E 400 31.56 5.81 18.32
CA LYS E 400 31.16 4.94 17.18
C LYS E 400 29.69 4.55 17.38
N ILE E 401 28.94 4.38 16.29
CA ILE E 401 27.46 4.17 16.30
C ILE E 401 27.13 2.91 15.49
N TRP E 402 26.19 2.09 15.98
CA TRP E 402 25.51 1.03 15.19
C TRP E 402 24.01 1.33 15.18
N SER E 403 23.37 1.19 14.02
CA SER E 403 21.91 1.35 13.82
C SER E 403 21.47 0.65 12.52
N GLU E 404 20.16 0.42 12.37
CA GLU E 404 19.53 -0.24 11.21
C GLU E 404 18.07 0.23 11.11
N LYS E 405 17.61 0.61 9.92
CA LYS E 405 16.23 1.08 9.64
C LYS E 405 15.24 0.26 10.48
N ASP E 406 14.44 0.93 11.32
CA ASP E 406 13.28 0.35 12.04
C ASP E 406 13.72 -0.74 13.04
N CYS E 407 14.99 -0.72 13.48
CA CYS E 407 15.55 -1.64 14.50
C CYS E 407 15.85 -0.84 15.77
N TYR E 408 15.57 -1.44 16.94
CA TYR E 408 15.71 -0.82 18.28
C TYR E 408 16.55 -1.75 19.16
N PRO E 409 17.86 -1.47 19.32
CA PRO E 409 18.77 -2.36 20.03
C PRO E 409 18.70 -2.25 21.57
N GLY E 410 18.80 -3.38 22.26
CA GLY E 410 18.83 -3.47 23.73
C GLY E 410 20.23 -3.25 24.29
N GLU E 411 20.38 -3.41 25.61
CA GLU E 411 21.64 -3.24 26.38
C GLU E 411 22.80 -3.97 25.70
N PRO E 412 23.92 -3.27 25.41
CA PRO E 412 25.11 -3.90 24.86
C PRO E 412 25.92 -4.61 25.95
N VAL E 413 25.89 -5.94 26.00
CA VAL E 413 26.67 -6.77 26.95
C VAL E 413 28.06 -7.06 26.34
N PHE E 414 29.13 -6.59 26.98
CA PHE E 414 30.54 -6.81 26.55
C PHE E 414 31.03 -8.16 27.08
N VAL E 415 31.69 -8.96 26.23
CA VAL E 415 32.41 -10.20 26.62
C VAL E 415 33.84 -10.10 26.05
N GLY E 416 34.85 -10.01 26.93
CA GLY E 416 36.27 -9.89 26.56
C GLY E 416 36.76 -11.17 25.89
N ALA E 417 37.62 -11.05 24.89
CA ALA E 417 38.19 -12.19 24.13
C ALA E 417 39.23 -12.89 25.01
N PRO E 418 39.56 -14.17 24.73
CA PRO E 418 40.56 -14.90 25.51
C PRO E 418 41.94 -14.25 25.41
N ASP E 419 42.63 -14.08 26.55
CA ASP E 419 44.01 -13.53 26.66
C ASP E 419 44.10 -12.19 25.90
N ALA E 420 43.07 -11.35 26.02
CA ALA E 420 43.02 -10.00 25.39
C ALA E 420 43.97 -9.06 26.13
N THR E 421 44.69 -8.22 25.38
CA THR E 421 45.67 -7.21 25.90
C THR E 421 45.10 -5.80 25.80
N LYS E 422 43.88 -5.64 25.26
CA LYS E 422 43.22 -4.33 25.04
C LYS E 422 41.85 -4.30 25.74
N GLU E 423 41.43 -3.12 26.21
CA GLU E 423 40.19 -2.91 27.00
C GLU E 423 38.96 -3.26 26.16
N ASP E 424 39.01 -3.02 24.85
CA ASP E 424 37.85 -3.15 23.92
C ASP E 424 38.07 -4.33 22.96
N GLU E 425 38.94 -5.27 23.33
CA GLU E 425 39.15 -6.54 22.57
C GLU E 425 38.12 -7.56 23.08
N GLY E 426 37.07 -7.80 22.28
CA GLY E 426 36.00 -8.76 22.59
C GLY E 426 34.77 -8.54 21.73
N LEU E 427 33.60 -8.94 22.24
CA LEU E 427 32.31 -8.87 21.51
C LEU E 427 31.29 -8.06 22.33
N ILE E 428 30.32 -7.46 21.63
CA ILE E 428 29.11 -6.81 22.19
C ILE E 428 27.89 -7.65 21.77
N LEU E 429 27.07 -8.09 22.73
CA LEU E 429 25.81 -8.84 22.50
C LEU E 429 24.64 -7.93 22.85
N SER E 430 23.72 -7.71 21.91
CA SER E 430 22.53 -6.84 22.06
C SER E 430 21.31 -7.55 21.45
N ALA E 431 20.25 -7.74 22.25
CA ALA E 431 18.91 -8.16 21.78
C ALA E 431 18.27 -6.95 21.05
N VAL E 432 18.00 -7.10 19.77
CA VAL E 432 17.50 -6.00 18.88
C VAL E 432 16.08 -6.34 18.41
N LEU E 433 15.15 -5.39 18.57
CA LEU E 433 13.78 -5.50 17.99
C LEU E 433 13.83 -4.99 16.55
N ASP E 434 13.37 -5.82 15.60
CA ASP E 434 13.14 -5.44 14.18
C ASP E 434 11.64 -5.22 13.99
N ALA E 435 11.22 -3.95 13.93
CA ALA E 435 9.80 -3.52 14.01
C ALA E 435 9.03 -3.94 12.75
N THR E 436 9.65 -3.86 11.57
CA THR E 436 9.05 -4.23 10.26
C THR E 436 8.84 -5.74 10.20
N ASN E 437 9.80 -6.51 10.75
CA ASN E 437 9.78 -8.00 10.80
C ASN E 437 8.92 -8.47 11.98
N ALA E 438 8.67 -7.61 12.98
CA ALA E 438 7.88 -7.89 14.21
C ALA E 438 8.49 -9.08 14.96
N LYS E 439 9.83 -9.17 14.92
CA LYS E 439 10.63 -10.22 15.61
C LYS E 439 11.97 -9.60 16.02
N SER E 440 12.67 -10.22 16.96
CA SER E 440 13.97 -9.75 17.51
C SER E 440 15.11 -10.63 17.01
N PHE E 441 16.33 -10.10 16.96
CA PHE E 441 17.58 -10.86 16.67
C PHE E 441 18.63 -10.49 17.71
N LEU E 442 19.53 -11.44 18.02
CA LEU E 442 20.76 -11.19 18.82
C LEU E 442 21.85 -10.68 17.88
N LEU E 443 22.30 -9.45 18.09
CA LEU E 443 23.37 -8.78 17.29
C LEU E 443 24.71 -8.98 18.00
N ILE E 444 25.72 -9.48 17.29
CA ILE E 444 27.11 -9.62 17.82
C ILE E 444 28.02 -8.67 17.04
N LEU E 445 28.50 -7.63 17.72
CA LEU E 445 29.50 -6.67 17.18
C LEU E 445 30.89 -7.07 17.69
N ASP E 446 31.93 -6.88 16.89
CA ASP E 446 33.32 -6.79 17.40
C ASP E 446 33.40 -5.48 18.20
N ALA E 447 33.91 -5.54 19.43
CA ALA E 447 33.94 -4.38 20.36
C ALA E 447 34.91 -3.31 19.86
N THR E 448 35.96 -3.70 19.14
CA THR E 448 37.05 -2.80 18.66
C THR E 448 36.53 -1.95 17.48
N THR E 449 36.05 -2.59 16.41
CA THR E 449 35.51 -1.92 15.19
C THR E 449 34.11 -1.37 15.46
N PHE E 450 33.37 -2.03 16.35
CA PHE E 450 31.93 -1.78 16.66
C PHE E 450 31.08 -2.07 15.42
N GLU E 451 31.53 -2.99 14.57
CA GLU E 451 30.79 -3.47 13.37
C GLU E 451 30.31 -4.91 13.60
N GLU E 452 29.25 -5.31 12.90
CA GLU E 452 28.57 -6.63 13.04
C GLU E 452 29.52 -7.74 12.57
N VAL E 453 29.62 -8.82 13.35
CA VAL E 453 30.32 -10.08 12.96
C VAL E 453 29.29 -11.21 12.80
N ALA E 454 28.09 -11.08 13.38
CA ALA E 454 27.04 -12.13 13.32
C ALA E 454 25.71 -11.61 13.87
N ARG E 455 24.61 -12.32 13.56
CA ARG E 455 23.28 -12.16 14.23
C ARG E 455 22.54 -13.51 14.22
N ALA E 456 21.65 -13.73 15.20
CA ALA E 456 20.81 -14.93 15.34
C ALA E 456 19.33 -14.51 15.44
N GLU E 457 18.48 -15.01 14.54
CA GLU E 457 17.04 -14.63 14.45
C GLU E 457 16.27 -15.34 15.58
N VAL E 458 15.32 -14.67 16.22
CA VAL E 458 14.37 -15.26 17.21
C VAL E 458 12.97 -15.29 16.58
N PRO E 459 12.22 -16.42 16.67
CA PRO E 459 10.91 -16.53 16.02
C PRO E 459 9.81 -15.56 16.49
N HIS E 460 10.05 -14.77 17.53
CA HIS E 460 9.08 -13.79 18.09
C HIS E 460 9.80 -12.50 18.49
N HIS E 461 9.03 -11.48 18.87
CA HIS E 461 9.56 -10.21 19.47
C HIS E 461 9.93 -10.50 20.93
N ILE E 462 11.10 -10.01 21.34
CA ILE E 462 11.54 -9.91 22.76
C ILE E 462 11.16 -8.52 23.22
N PRO E 463 10.18 -8.36 24.15
CA PRO E 463 9.81 -7.05 24.67
C PRO E 463 11.06 -6.33 25.23
N PHE E 464 11.07 -5.00 25.13
CA PHE E 464 12.19 -4.16 25.61
C PHE E 464 12.43 -4.52 27.07
N GLY E 465 13.64 -5.00 27.36
CA GLY E 465 14.04 -5.52 28.68
C GLY E 465 14.94 -4.53 29.38
N PHE E 466 15.50 -4.93 30.51
CA PHE E 466 16.42 -4.10 31.32
C PHE E 466 17.83 -4.65 31.13
N HIS E 467 18.24 -5.61 31.96
CA HIS E 467 19.65 -6.06 32.05
C HIS E 467 19.75 -7.55 31.79
N GLY E 468 20.92 -7.95 31.29
CA GLY E 468 21.32 -9.36 31.14
C GLY E 468 22.79 -9.52 31.52
N ASN E 469 23.21 -10.79 31.66
CA ASN E 469 24.63 -11.11 31.94
C ASN E 469 25.03 -12.36 31.15
N TYR E 470 26.30 -12.40 30.75
CA TYR E 470 26.97 -13.57 30.15
C TYR E 470 27.62 -14.36 31.30
N PHE E 471 27.31 -15.66 31.37
CA PHE E 471 27.87 -16.62 32.37
C PHE E 471 28.75 -17.63 31.62
N GLU E 472 30.02 -17.73 32.01
CA GLU E 472 30.99 -18.68 31.42
C GLU E 472 30.56 -20.11 31.76
N GLN F 10 33.32 22.34 13.87
CA GLN F 10 33.98 23.56 14.42
C GLN F 10 33.86 24.72 13.41
N LEU F 11 33.94 24.41 12.12
CA LEU F 11 34.14 25.39 11.02
C LEU F 11 32.93 26.32 10.91
N GLY F 12 31.73 25.83 11.19
CA GLY F 12 30.48 26.61 11.16
C GLY F 12 30.45 27.72 12.20
N PHE F 13 31.35 27.68 13.20
CA PHE F 13 31.50 28.70 14.27
C PHE F 13 32.87 29.36 14.20
N SER F 14 33.51 29.33 13.03
CA SER F 14 34.81 30.01 12.76
C SER F 14 34.57 31.16 11.77
N THR F 15 35.36 32.22 11.89
CA THR F 15 35.24 33.47 11.10
C THR F 15 35.34 33.15 9.61
N LEU F 16 34.57 33.88 8.79
CA LEU F 16 34.71 33.94 7.31
C LEU F 16 35.12 35.37 6.94
N SER F 17 36.39 35.57 6.56
CA SER F 17 36.98 36.89 6.21
C SER F 17 36.75 37.20 4.72
N GLU F 18 36.47 36.19 3.89
CA GLU F 18 36.36 36.32 2.41
C GLU F 18 34.97 36.86 2.05
N GLU F 19 34.95 37.98 1.30
CA GLU F 19 33.74 38.58 0.67
C GLU F 19 33.93 38.53 -0.85
N LEU F 20 33.02 37.90 -1.60
CA LEU F 20 33.14 37.78 -3.08
C LEU F 20 31.77 37.98 -3.75
N ASP F 21 31.77 38.14 -5.08
CA ASP F 21 30.58 38.35 -5.94
C ASP F 21 30.75 37.50 -7.20
N LEU F 22 29.87 36.52 -7.43
CA LEU F 22 29.98 35.51 -8.52
C LEU F 22 28.66 35.42 -9.27
N GLU F 23 28.71 35.51 -10.61
CA GLU F 23 27.51 35.55 -11.50
C GLU F 23 26.83 34.18 -11.52
N SER F 24 27.61 33.09 -11.52
CA SER F 24 27.10 31.68 -11.58
C SER F 24 27.87 30.79 -10.59
N LEU F 25 27.15 30.10 -9.70
CA LEU F 25 27.69 28.99 -8.88
C LEU F 25 27.65 27.69 -9.68
N LYS F 28 23.98 21.85 -9.70
CA LYS F 28 23.77 20.44 -10.12
C LYS F 28 22.38 19.99 -9.66
N GLY F 29 21.71 19.19 -10.49
CA GLY F 29 20.25 19.04 -10.54
C GLY F 29 19.66 20.11 -11.43
N THR F 30 18.39 20.50 -11.20
CA THR F 30 17.73 21.60 -11.95
C THR F 30 16.87 22.44 -10.99
N ILE F 31 17.06 23.75 -11.05
CA ILE F 31 16.33 24.78 -10.27
C ILE F 31 15.11 25.22 -11.08
N ILE F 40 18.20 36.15 0.70
CA ILE F 40 19.22 36.78 1.59
C ILE F 40 19.28 36.00 2.90
N ARG F 41 20.48 35.56 3.28
CA ARG F 41 20.79 34.88 4.57
C ARG F 41 21.53 35.87 5.47
N ASN F 42 21.14 35.93 6.75
CA ASN F 42 21.84 36.76 7.77
C ASN F 42 22.38 35.82 8.86
N GLY F 43 23.49 36.22 9.49
CA GLY F 43 24.12 35.47 10.58
C GLY F 43 25.45 36.10 11.00
N PRO F 44 26.03 35.61 12.11
CA PRO F 44 27.37 36.04 12.53
C PRO F 44 28.41 35.35 11.65
N ALA F 45 29.47 36.06 11.26
CA ALA F 45 30.56 35.53 10.41
C ALA F 45 31.95 35.94 10.93
N LYS F 46 32.03 36.72 12.02
CA LYS F 46 33.30 37.15 12.67
C LYS F 46 33.12 37.05 14.18
N PHE F 47 33.86 36.15 14.83
CA PHE F 47 33.63 35.72 16.23
C PHE F 47 34.74 36.22 17.15
N GLU F 48 35.65 37.05 16.63
CA GLU F 48 36.74 37.67 17.43
C GLU F 48 37.18 38.99 16.78
N VAL F 49 37.76 39.86 17.60
CA VAL F 49 38.34 41.18 17.22
C VAL F 49 39.68 41.25 17.95
N GLY F 50 40.79 41.21 17.20
CA GLY F 50 42.15 41.09 17.76
C GLY F 50 42.25 39.94 18.76
N LYS F 51 42.60 40.26 20.01
CA LYS F 51 42.79 39.28 21.12
C LYS F 51 41.46 39.01 21.82
N GLU F 52 40.45 39.88 21.63
CA GLU F 52 39.11 39.77 22.27
C GLU F 52 38.23 38.79 21.48
N LYS F 53 37.69 37.78 22.15
CA LYS F 53 36.74 36.79 21.57
C LYS F 53 35.31 37.19 21.97
N PHE F 54 34.37 37.11 21.03
CA PHE F 54 32.91 37.17 21.33
C PHE F 54 32.56 35.90 22.10
N GLN F 55 31.75 36.00 23.16
CA GLN F 55 31.45 34.87 24.08
C GLN F 55 30.36 33.96 23.48
N HIS F 56 29.38 34.54 22.79
CA HIS F 56 28.11 33.87 22.42
C HIS F 56 27.92 33.89 20.90
N TRP F 57 27.25 32.86 20.39
CA TRP F 57 26.89 32.71 18.95
C TRP F 57 26.18 33.99 18.46
N PHE F 58 25.29 34.56 19.29
CA PHE F 58 24.45 35.74 18.96
C PHE F 58 25.29 37.02 18.85
N ASP F 59 26.54 37.01 19.32
CA ASP F 59 27.43 38.21 19.39
C ASP F 59 28.17 38.46 18.06
N GLY F 60 28.33 37.45 17.20
CA GLY F 60 29.18 37.54 16.00
C GLY F 60 28.69 38.60 15.02
N LEU F 61 29.63 39.29 14.36
CA LEU F 61 29.36 40.47 13.49
C LEU F 61 28.67 40.01 12.19
N ALA F 62 27.55 40.65 11.87
CA ALA F 62 26.61 40.26 10.80
C ALA F 62 27.31 40.22 9.43
N MET F 63 27.00 39.20 8.63
CA MET F 63 27.37 39.07 7.20
C MET F 63 26.12 38.65 6.41
N LEU F 64 25.85 39.30 5.29
CA LEU F 64 24.71 38.94 4.39
C LEU F 64 25.24 38.07 3.25
N HIS F 65 24.45 37.05 2.87
CA HIS F 65 24.71 36.15 1.72
C HIS F 65 23.54 36.27 0.75
N LYS F 66 23.82 36.52 -0.54
CA LYS F 66 22.81 36.73 -1.61
C LYS F 66 22.85 35.54 -2.59
N PHE F 67 21.72 34.83 -2.70
CA PHE F 67 21.46 33.81 -3.75
C PHE F 67 20.34 34.34 -4.65
N SER F 68 20.69 34.81 -5.85
CA SER F 68 19.75 35.39 -6.85
C SER F 68 19.60 34.42 -8.02
N PHE F 69 18.36 34.11 -8.41
CA PHE F 69 17.99 33.06 -9.39
C PHE F 69 17.52 33.69 -10.70
N LYS F 70 18.04 33.19 -11.83
CA LYS F 70 17.55 33.49 -13.21
C LYS F 70 17.56 32.19 -14.04
N GLU F 71 16.39 31.80 -14.53
CA GLU F 71 16.17 30.67 -15.49
C GLU F 71 17.18 29.54 -15.22
N GLY F 72 17.14 28.96 -14.02
CA GLY F 72 17.89 27.74 -13.66
C GLY F 72 19.31 28.03 -13.17
N LYS F 73 19.83 29.23 -13.41
CA LYS F 73 21.16 29.68 -12.91
C LYS F 73 20.98 30.33 -11.54
N VAL F 74 22.05 30.42 -10.75
CA VAL F 74 22.06 31.07 -9.40
C VAL F 74 23.37 31.87 -9.25
N SER F 75 23.25 33.16 -8.90
CA SER F 75 24.38 34.07 -8.59
C SER F 75 24.54 34.16 -7.06
N TYR F 76 25.76 34.40 -6.57
CA TYR F 76 26.10 34.49 -5.12
C TYR F 76 26.98 35.71 -4.85
N ALA F 77 26.71 36.40 -3.74
CA ALA F 77 27.53 37.48 -3.17
C ALA F 77 27.40 37.45 -1.64
N ASN F 78 28.47 37.83 -0.92
CA ASN F 78 28.48 37.95 0.56
C ASN F 78 29.32 39.18 0.95
N LYS F 79 28.83 39.98 1.89
CA LYS F 79 29.54 41.14 2.49
C LYS F 79 29.20 41.22 3.98
N PHE F 80 30.17 41.61 4.81
CA PHE F 80 29.96 42.03 6.22
C PHE F 80 29.07 43.28 6.22
N LEU F 81 28.06 43.31 7.09
CA LEU F 81 27.26 44.52 7.36
C LEU F 81 28.22 45.56 7.96
N GLU F 82 28.35 46.72 7.30
CA GLU F 82 29.23 47.83 7.76
C GLU F 82 28.51 48.65 8.82
N SER F 83 28.02 47.98 9.86
CA SER F 83 27.51 48.57 11.12
C SER F 83 28.64 49.38 11.77
N LYS F 84 28.30 50.26 12.71
CA LYS F 84 29.27 50.96 13.59
C LYS F 84 30.00 49.91 14.43
N ALA F 85 29.29 48.85 14.83
CA ALA F 85 29.84 47.68 15.57
C ALA F 85 31.00 47.09 14.74
N TYR F 86 30.74 46.75 13.48
CA TYR F 86 31.74 46.14 12.56
C TYR F 86 32.87 47.13 12.28
N GLN F 87 32.52 48.33 11.82
CA GLN F 87 33.49 49.38 11.42
C GLN F 87 34.46 49.66 12.57
N SER F 88 33.92 49.81 13.79
CA SER F 88 34.70 50.11 15.01
C SER F 88 35.66 48.97 15.33
N ALA F 89 35.19 47.73 15.24
CA ALA F 89 35.99 46.50 15.45
C ALA F 89 37.11 46.44 14.40
N ARG F 90 36.75 46.60 13.12
CA ARG F 90 37.69 46.55 11.96
C ARG F 90 38.78 47.62 12.13
N ASP F 91 38.44 48.82 12.60
CA ASP F 91 39.31 50.02 12.51
C ASP F 91 40.06 50.29 13.82
N THR F 92 39.63 49.72 14.95
CA THR F 92 40.30 49.91 16.28
C THR F 92 40.73 48.57 16.87
N ASP F 93 40.37 47.44 16.26
CA ASP F 93 40.63 46.06 16.77
C ASP F 93 40.25 46.01 18.26
N LYS F 94 39.12 46.63 18.60
CA LYS F 94 38.51 46.63 19.96
C LYS F 94 37.00 46.41 19.78
N ILE F 95 36.40 45.51 20.57
CA ILE F 95 34.92 45.38 20.67
C ILE F 95 34.44 46.71 21.27
N SER F 96 33.54 47.40 20.58
CA SER F 96 33.21 48.82 20.84
C SER F 96 31.76 49.02 21.31
N TYR F 97 30.86 48.06 21.06
CA TYR F 97 29.42 48.12 21.45
C TYR F 97 29.05 46.89 22.29
N ARG F 98 27.99 47.02 23.09
CA ARG F 98 27.45 45.93 23.95
C ARG F 98 26.62 44.98 23.08
N GLU F 99 27.01 43.70 23.04
CA GLU F 99 26.30 42.65 22.27
C GLU F 99 25.40 41.87 23.23
N PHE F 100 24.75 40.83 22.72
CA PHE F 100 23.84 39.94 23.48
C PHE F 100 24.53 39.42 24.76
N ALA F 101 25.80 39.03 24.68
CA ALA F 101 26.50 38.35 25.80
C ALA F 101 27.97 38.74 25.93
N THR F 102 28.43 39.79 25.23
CA THR F 102 29.80 40.32 25.36
C THR F 102 29.73 41.83 25.51
N ASP F 103 30.49 42.37 26.47
CA ASP F 103 30.64 43.82 26.72
C ASP F 103 32.03 44.27 26.27
N PRO F 104 32.14 45.47 25.66
CA PRO F 104 33.42 45.99 25.20
C PRO F 104 34.36 46.24 26.39
N CYS F 105 33.80 46.82 27.46
CA CYS F 105 34.47 47.18 28.73
C CYS F 105 35.56 48.24 28.54
N ARG F 106 36.60 48.21 29.39
CA ARG F 106 37.82 49.06 29.31
C ARG F 106 37.45 50.55 29.19
N SER F 107 36.44 51.02 29.93
CA SER F 107 35.98 52.43 29.93
C SER F 107 35.75 52.89 28.50
N ILE F 108 34.89 52.17 27.75
CA ILE F 108 34.38 52.59 26.42
C ILE F 108 32.89 52.95 26.58
N PHE F 109 32.07 52.02 27.10
CA PHE F 109 30.62 52.21 27.34
C PHE F 109 30.38 52.81 28.73
N LYS F 110 31.42 53.36 29.37
CA LYS F 110 31.30 54.23 30.58
C LYS F 110 30.18 55.25 30.32
N ARG F 111 29.06 55.10 31.03
CA ARG F 111 27.84 55.96 30.94
C ARG F 111 27.47 56.52 32.32
N VAL F 112 26.66 57.59 32.34
CA VAL F 112 26.00 58.16 33.56
C VAL F 112 24.81 57.25 33.87
N SER F 113 24.37 57.18 35.13
CA SER F 113 23.29 56.26 35.63
C SER F 113 21.97 57.00 35.82
N SER F 114 21.94 58.33 35.64
CA SER F 114 20.75 59.22 35.77
C SER F 114 19.61 58.70 34.87
N MET F 115 19.94 58.23 33.66
CA MET F 115 18.98 57.80 32.61
C MET F 115 19.46 56.48 31.99
N PHE F 116 18.55 55.77 31.30
CA PHE F 116 18.87 54.59 30.45
C PHE F 116 19.58 55.08 29.19
N SER F 117 20.67 54.39 28.81
CA SER F 117 21.50 54.65 27.60
C SER F 117 20.63 54.58 26.34
N THR F 118 21.04 55.30 25.29
CA THR F 118 20.50 55.18 23.91
C THR F 118 21.57 54.64 22.94
N LYS F 119 22.76 54.26 23.42
CA LYS F 119 23.90 53.75 22.58
C LYS F 119 23.90 52.20 22.57
N PHE F 120 23.04 51.63 21.72
CA PHE F 120 22.88 50.16 21.49
C PHE F 120 23.79 49.72 20.34
N THR F 121 24.21 48.45 20.29
CA THR F 121 24.88 47.86 19.09
C THR F 121 23.92 47.89 17.90
N ASP F 122 24.46 48.11 16.71
CA ASP F 122 23.72 48.01 15.42
C ASP F 122 24.18 46.75 14.68
N ASN F 123 24.73 45.77 15.41
CA ASN F 123 25.16 44.47 14.84
C ASN F 123 23.91 43.66 14.47
N ALA F 124 23.26 44.01 13.36
CA ALA F 124 21.98 43.41 12.91
C ALA F 124 22.25 42.08 12.19
N ASN F 125 22.35 41.00 12.97
CA ASN F 125 22.88 39.68 12.51
C ASN F 125 21.77 38.61 12.47
N VAL F 126 20.51 38.95 12.76
CA VAL F 126 19.48 37.91 13.07
C VAL F 126 18.62 37.61 11.82
N ASN F 127 18.08 38.65 11.17
CA ASN F 127 17.07 38.47 10.11
C ASN F 127 17.15 39.64 9.14
N VAL F 128 16.41 39.57 8.04
CA VAL F 128 16.25 40.65 7.03
C VAL F 128 14.77 40.72 6.63
N THR F 129 14.32 41.91 6.26
CA THR F 129 12.95 42.15 5.74
C THR F 129 12.96 43.46 4.96
N LYS F 130 11.79 43.91 4.49
CA LYS F 130 11.62 45.23 3.83
C LYS F 130 10.72 46.11 4.69
N ILE F 131 11.17 47.33 4.96
CA ILE F 131 10.36 48.40 5.62
C ILE F 131 10.46 49.65 4.74
N ALA F 132 9.33 50.26 4.42
CA ALA F 132 9.24 51.46 3.55
C ALA F 132 9.97 51.19 2.23
N GLU F 133 9.74 50.01 1.65
CA GLU F 133 10.31 49.56 0.35
C GLU F 133 11.84 49.57 0.38
N ARG F 134 12.44 49.47 1.57
CA ARG F 134 13.92 49.40 1.77
C ARG F 134 14.26 48.07 2.43
N PHE F 135 15.39 47.49 2.07
CA PHE F 135 15.93 46.22 2.66
C PHE F 135 16.69 46.58 3.95
N VAL F 136 16.32 45.92 5.05
CA VAL F 136 16.92 46.16 6.40
C VAL F 136 17.36 44.82 7.00
N ALA F 137 18.55 44.83 7.62
CA ALA F 137 19.03 43.79 8.54
C ALA F 137 18.55 44.14 9.95
N MET F 138 18.18 43.14 10.76
CA MET F 138 17.55 43.32 12.08
C MET F 138 18.30 42.51 13.14
N THR F 139 18.43 43.10 14.35
CA THR F 139 18.73 42.40 15.61
C THR F 139 17.65 42.81 16.63
N GLU F 140 17.96 42.79 17.92
CA GLU F 140 16.95 42.95 19.00
C GLU F 140 17.12 44.32 19.67
N THR F 141 18.09 45.11 19.23
CA THR F 141 18.22 46.54 19.59
C THR F 141 17.22 47.32 18.73
N PRO F 142 16.81 48.55 19.13
CA PRO F 142 15.67 49.25 18.54
C PRO F 142 15.67 49.47 17.02
N LEU F 143 16.82 49.81 16.42
CA LEU F 143 16.90 50.30 15.03
C LEU F 143 17.51 49.24 14.12
N PRO F 144 16.83 48.86 13.02
CA PRO F 144 17.45 48.07 11.96
C PRO F 144 18.54 48.82 11.19
N VAL F 145 19.28 48.10 10.35
CA VAL F 145 20.37 48.64 9.48
C VAL F 145 19.99 48.38 8.03
N GLU F 146 19.86 49.45 7.25
CA GLU F 146 19.47 49.41 5.81
C GLU F 146 20.67 48.99 4.96
N PHE F 147 20.42 48.13 3.97
CA PHE F 147 21.44 47.67 2.99
C PHE F 147 20.84 47.68 1.58
N ASP F 148 21.70 47.80 0.57
CA ASP F 148 21.36 47.73 -0.86
C ASP F 148 21.39 46.26 -1.27
N ILE F 149 20.29 45.72 -1.80
CA ILE F 149 20.19 44.27 -2.17
C ILE F 149 21.04 44.00 -3.42
N ASN F 150 21.29 45.01 -4.25
CA ASN F 150 22.11 44.87 -5.48
C ASN F 150 23.58 44.61 -5.09
N THR F 151 24.14 45.44 -4.20
CA THR F 151 25.59 45.52 -3.87
C THR F 151 25.90 44.87 -2.52
N LEU F 152 24.89 44.68 -1.65
CA LEU F 152 24.99 44.29 -0.22
C LEU F 152 25.75 45.37 0.58
N LYS F 153 25.85 46.59 0.05
CA LYS F 153 26.47 47.74 0.77
C LYS F 153 25.51 48.22 1.86
N THR F 154 26.04 48.74 2.95
CA THR F 154 25.29 49.24 4.12
C THR F 154 24.99 50.73 3.93
N VAL F 155 23.72 51.12 3.98
CA VAL F 155 23.28 52.55 3.88
C VAL F 155 23.43 53.20 5.27
N GLY F 156 23.04 52.49 6.33
CA GLY F 156 23.17 52.97 7.73
C GLY F 156 21.93 52.67 8.56
N VAL F 157 21.89 53.19 9.80
CA VAL F 157 20.77 52.98 10.78
C VAL F 157 19.48 53.50 10.13
N PHE F 158 18.46 52.64 10.06
CA PHE F 158 17.09 52.93 9.56
C PHE F 158 16.28 53.44 10.75
N ALA F 159 16.10 54.75 10.85
CA ALA F 159 15.30 55.41 11.90
C ALA F 159 13.81 55.24 11.57
N TYR F 160 13.01 54.94 12.60
CA TYR F 160 11.53 54.99 12.52
C TYR F 160 11.12 56.46 12.72
N ASP F 161 10.03 56.87 12.08
CA ASP F 161 9.52 58.26 12.15
C ASP F 161 8.28 58.26 13.05
N ASP F 162 8.48 58.26 14.36
CA ASP F 162 7.41 58.19 15.38
C ASP F 162 8.03 58.47 16.76
N LYS F 163 7.21 58.45 17.82
CA LYS F 163 7.63 58.78 19.20
C LYS F 163 7.55 57.54 20.10
N ILE F 164 7.46 56.33 19.51
CA ILE F 164 7.40 55.06 20.27
C ILE F 164 8.76 54.82 20.93
N GLU F 165 8.78 54.65 22.24
CA GLU F 165 10.01 54.40 23.04
C GLU F 165 10.28 52.91 22.99
N SER F 166 11.54 52.51 22.82
CA SER F 166 11.97 51.09 22.87
C SER F 166 13.43 50.96 23.25
N GLY F 167 13.77 49.87 23.94
CA GLY F 167 15.14 49.44 24.25
C GLY F 167 15.42 48.05 23.72
N LEU F 168 14.40 47.19 23.61
CA LEU F 168 14.51 45.76 23.23
C LEU F 168 13.36 45.44 22.27
N THR F 169 13.62 44.69 21.19
CA THR F 169 12.58 44.34 20.19
C THR F 169 12.93 42.97 19.60
N THR F 170 12.19 42.54 18.58
CA THR F 170 12.44 41.26 17.87
C THR F 170 12.94 41.56 16.46
N ALA F 171 13.70 40.62 15.91
CA ALA F 171 14.06 40.52 14.48
C ALA F 171 13.10 39.53 13.82
N HIS F 172 11.89 39.36 14.38
CA HIS F 172 10.87 38.40 13.91
C HIS F 172 9.54 39.12 13.72
N PRO F 173 9.49 40.22 12.94
CA PRO F 173 8.23 40.89 12.64
C PRO F 173 7.29 39.91 11.91
N HIS F 174 5.98 40.00 12.15
CA HIS F 174 4.94 39.34 11.33
C HIS F 174 4.52 40.30 10.20
N TYR F 175 3.89 39.78 9.14
CA TYR F 175 3.35 40.60 8.04
C TYR F 175 1.91 40.15 7.71
N ASP F 176 0.98 41.10 7.75
CA ASP F 176 -0.44 40.94 7.34
C ASP F 176 -0.55 41.26 5.85
N PHE F 177 -0.82 40.25 5.00
CA PHE F 177 -0.86 40.37 3.52
C PHE F 177 -2.18 41.03 3.08
N VAL F 178 -3.24 40.87 3.88
CA VAL F 178 -4.58 41.48 3.62
C VAL F 178 -4.48 42.99 3.79
N LYS F 179 -3.99 43.45 4.94
CA LYS F 179 -3.90 44.88 5.33
C LYS F 179 -2.59 45.51 4.86
N ASN F 180 -1.62 44.69 4.43
CA ASN F 180 -0.28 45.14 3.99
C ASN F 180 0.35 45.97 5.12
N GLU F 181 0.42 45.38 6.31
CA GLU F 181 1.07 45.96 7.52
C GLU F 181 2.11 44.98 8.06
N LEU F 182 3.32 45.47 8.32
CA LEU F 182 4.31 44.79 9.21
C LEU F 182 3.82 44.94 10.66
N VAL F 183 3.93 43.89 11.47
CA VAL F 183 3.54 43.89 12.91
C VAL F 183 4.71 43.40 13.74
N ASN F 184 5.03 44.15 14.81
CA ASN F 184 6.11 43.80 15.76
C ASN F 184 5.75 44.41 17.11
N TYR F 185 6.56 44.15 18.14
CA TYR F 185 6.48 44.84 19.45
C TYR F 185 7.90 45.32 19.81
N ALA F 186 7.98 46.32 20.67
CA ALA F 186 9.23 46.81 21.27
C ALA F 186 8.96 47.09 22.75
N THR F 187 9.90 46.72 23.61
CA THR F 187 9.82 46.90 25.07
C THR F 187 10.55 48.19 25.44
N LYS F 188 9.82 49.17 25.99
CA LYS F 188 10.43 50.30 26.73
C LYS F 188 10.92 49.74 28.06
N ILE F 189 12.23 49.76 28.30
CA ILE F 189 12.84 49.26 29.56
C ILE F 189 13.17 50.46 30.44
N SER F 190 12.43 50.62 31.52
CA SER F 190 12.54 51.73 32.49
C SER F 190 11.95 51.28 33.81
N ARG F 191 11.77 52.19 34.76
CA ARG F 191 11.18 51.88 36.09
C ARG F 191 9.67 51.64 35.94
N SER F 192 9.09 51.98 34.79
CA SER F 192 7.72 51.56 34.38
C SER F 192 7.74 51.09 32.92
N SER F 193 8.19 49.86 32.72
CA SER F 193 8.40 49.21 31.41
C SER F 193 7.06 48.92 30.73
N ASN F 194 7.06 48.84 29.41
CA ASN F 194 5.88 48.62 28.54
C ASN F 194 6.28 47.70 27.39
N TYR F 195 5.46 46.71 27.08
CA TYR F 195 5.45 46.04 25.75
C TYR F 195 4.61 46.91 24.82
N ASN F 196 5.24 47.50 23.81
CA ASN F 196 4.58 48.39 22.82
C ASN F 196 4.38 47.61 21.52
N VAL F 197 3.17 47.10 21.30
CA VAL F 197 2.76 46.40 20.05
C VAL F 197 2.44 47.48 19.01
N TYR F 198 3.01 47.35 17.81
CA TYR F 198 2.86 48.38 16.73
C TYR F 198 2.75 47.70 15.36
N LYS F 199 2.39 48.51 14.37
CA LYS F 199 2.30 48.13 12.93
C LYS F 199 2.96 49.22 12.09
N ILE F 200 3.46 48.83 10.92
CA ILE F 200 3.98 49.78 9.88
C ILE F 200 3.26 49.48 8.56
N ALA F 201 2.42 50.42 8.12
CA ALA F 201 1.74 50.41 6.80
C ALA F 201 2.81 50.39 5.70
N ASP F 202 2.52 49.74 4.57
CA ASP F 202 3.39 49.75 3.36
C ASP F 202 3.73 51.21 2.99
N LYS F 203 4.96 51.45 2.55
CA LYS F 203 5.47 52.74 2.00
C LYS F 203 5.46 53.81 3.11
N THR F 204 5.82 53.44 4.34
CA THR F 204 6.09 54.38 5.46
C THR F 204 7.04 53.75 6.49
N ASN F 205 7.78 54.57 7.23
CA ASN F 205 8.64 54.14 8.36
C ASN F 205 8.04 54.63 9.69
N HIS F 206 6.83 55.21 9.65
CA HIS F 206 6.04 55.57 10.85
C HIS F 206 5.40 54.29 11.42
N ARG F 207 5.65 53.99 12.69
CA ARG F 207 4.98 52.91 13.46
C ARG F 207 3.75 53.49 14.15
N ASN F 208 2.58 52.86 13.96
CA ASN F 208 1.36 53.15 14.75
C ASN F 208 1.35 52.22 15.96
N LEU F 209 1.29 52.79 17.16
CA LEU F 209 1.08 52.03 18.40
C LEU F 209 -0.29 51.36 18.36
N ILE F 210 -0.34 50.03 18.47
CA ILE F 210 -1.60 49.27 18.64
C ILE F 210 -1.97 49.32 20.12
N GLY F 211 -1.05 48.95 21.01
CA GLY F 211 -1.27 48.97 22.47
C GLY F 211 0.02 48.85 23.26
N SER F 212 0.01 49.38 24.49
CA SER F 212 1.06 49.22 25.52
C SER F 212 0.54 48.33 26.63
N ILE F 213 1.28 47.27 26.95
CA ILE F 213 1.04 46.43 28.15
C ILE F 213 2.11 46.77 29.17
N PRO F 214 1.73 47.34 30.34
CA PRO F 214 2.69 47.62 31.40
C PRO F 214 3.20 46.30 32.01
N VAL F 215 4.46 46.27 32.42
CA VAL F 215 5.15 45.06 32.93
C VAL F 215 6.25 45.50 33.92
N GLU F 216 6.31 44.83 35.07
CA GLU F 216 7.31 45.12 36.14
C GLU F 216 8.69 44.65 35.64
N GLU F 217 8.78 43.39 35.19
CA GLU F 217 10.03 42.70 34.79
C GLU F 217 9.87 42.14 33.38
N PRO F 218 10.30 42.86 32.33
CA PRO F 218 10.15 42.40 30.96
C PRO F 218 10.79 41.02 30.71
N ALA F 219 10.08 40.18 29.95
CA ALA F 219 10.54 38.84 29.52
C ALA F 219 11.32 38.99 28.21
N TYR F 220 12.31 38.14 28.00
CA TYR F 220 13.00 37.99 26.70
C TYR F 220 12.09 37.16 25.80
N MET F 221 11.40 37.84 24.87
CA MET F 221 10.45 37.23 23.90
C MET F 221 11.00 37.47 22.49
N HIS F 222 11.81 36.53 22.00
CA HIS F 222 12.56 36.57 20.72
C HIS F 222 11.60 36.69 19.54
N SER F 223 10.38 36.19 19.70
CA SER F 223 9.29 36.20 18.67
C SER F 223 7.93 36.17 19.38
N PHE F 224 6.84 36.29 18.63
CA PHE F 224 5.47 36.32 19.17
C PHE F 224 4.52 35.70 18.14
N ALA F 225 3.27 35.45 18.55
CA ALA F 225 2.20 34.85 17.74
C ALA F 225 1.30 35.94 17.17
N MET F 226 0.81 35.74 15.95
CA MET F 226 -0.27 36.55 15.32
C MET F 226 -1.37 35.63 14.79
N THR F 227 -2.63 35.95 15.10
CA THR F 227 -3.84 35.30 14.54
C THR F 227 -4.54 36.32 13.62
N GLU F 228 -5.76 36.01 13.17
CA GLU F 228 -6.57 36.92 12.32
C GLU F 228 -6.78 38.25 13.05
N ASN F 229 -7.16 38.19 14.34
CA ASN F 229 -7.63 39.35 15.12
C ASN F 229 -6.64 39.76 16.22
N TYR F 230 -5.63 38.94 16.53
CA TYR F 230 -4.82 39.09 17.77
C TYR F 230 -3.32 39.06 17.49
N VAL F 231 -2.59 39.81 18.33
CA VAL F 231 -1.18 39.53 18.70
C VAL F 231 -1.22 38.79 20.04
N VAL F 232 -0.49 37.69 20.16
CA VAL F 232 -0.30 36.95 21.45
C VAL F 232 1.19 37.05 21.81
N LEU F 233 1.51 37.81 22.87
CA LEU F 233 2.86 37.81 23.49
C LEU F 233 2.88 36.67 24.50
N VAL F 234 3.73 35.66 24.28
CA VAL F 234 3.92 34.55 25.25
C VAL F 234 5.12 34.91 26.12
N GLU F 235 4.84 35.36 27.34
CA GLU F 235 5.82 35.89 28.31
C GLU F 235 6.37 34.73 29.14
N TYR F 236 7.43 34.09 28.64
CA TYR F 236 8.22 33.07 29.37
C TYR F 236 8.77 33.74 30.61
N PRO F 237 8.85 33.04 31.76
CA PRO F 237 9.36 33.65 32.99
C PRO F 237 10.90 33.74 33.00
N PHE F 238 11.46 34.22 31.89
CA PHE F 238 12.89 34.58 31.73
C PHE F 238 12.96 36.10 31.63
N VAL F 239 13.22 36.77 32.75
CA VAL F 239 12.84 38.19 32.98
C VAL F 239 14.01 38.98 33.56
N VAL F 240 13.98 40.29 33.34
CA VAL F 240 15.05 41.23 33.79
C VAL F 240 14.39 42.29 34.69
N LYS F 241 15.07 42.66 35.78
CA LYS F 241 14.76 43.89 36.53
C LYS F 241 15.37 45.04 35.74
N PRO F 242 14.59 46.02 35.26
CA PRO F 242 15.15 47.16 34.53
C PRO F 242 16.39 47.77 35.19
N LEU F 243 16.39 47.98 36.51
CA LEU F 243 17.54 48.60 37.26
C LEU F 243 18.79 47.69 37.19
N ASP F 244 18.66 46.37 37.11
CA ASP F 244 19.82 45.43 36.94
C ASP F 244 20.47 45.70 35.59
N LEU F 245 19.66 45.90 34.55
CA LEU F 245 20.12 46.20 33.18
C LEU F 245 20.83 47.57 33.19
N LEU F 246 20.30 48.56 33.92
CA LEU F 246 20.83 49.95 33.94
C LEU F 246 22.14 50.01 34.74
N LEU F 247 22.34 49.15 35.75
CA LEU F 247 23.37 49.37 36.80
C LEU F 247 24.35 48.20 36.97
N SER F 248 24.00 46.96 36.63
CA SER F 248 24.91 45.80 36.79
C SER F 248 26.14 46.00 35.89
N GLY F 249 27.21 45.26 36.15
CA GLY F 249 28.39 45.27 35.27
C GLY F 249 28.20 44.37 34.05
N LYS F 250 27.10 43.60 34.01
CA LYS F 250 27.03 42.29 33.29
C LYS F 250 26.50 42.48 31.88
N PRO F 251 27.01 41.72 30.88
CA PRO F 251 26.44 41.71 29.53
C PRO F 251 24.92 41.45 29.54
N PHE F 252 24.23 41.97 28.52
CA PHE F 252 22.75 42.00 28.39
C PHE F 252 22.11 40.73 28.98
N ILE F 253 22.37 39.57 28.38
CA ILE F 253 21.59 38.31 28.64
C ILE F 253 21.85 37.81 30.07
N GLU F 254 22.99 38.13 30.67
CA GLU F 254 23.34 37.66 32.05
C GLU F 254 22.40 38.30 33.08
N ASN F 255 21.68 39.36 32.73
CA ASN F 255 20.79 40.09 33.66
C ASN F 255 19.41 39.44 33.72
N PHE F 256 19.14 38.45 32.86
CA PHE F 256 17.85 37.72 32.82
C PHE F 256 17.93 36.53 33.77
N SER F 257 16.83 36.27 34.47
CA SER F 257 16.66 35.20 35.49
C SER F 257 15.49 34.31 35.09
N TRP F 258 15.66 33.01 35.29
CA TRP F 258 14.59 31.99 35.18
C TRP F 258 13.80 31.97 36.48
N LYS F 259 12.50 32.31 36.41
CA LYS F 259 11.59 32.39 37.58
C LYS F 259 10.36 31.56 37.31
N PRO F 260 10.48 30.21 37.29
CA PRO F 260 9.38 29.34 36.84
C PRO F 260 8.13 29.43 37.74
N GLU F 261 8.28 29.92 38.98
CA GLU F 261 7.15 30.13 39.93
C GLU F 261 6.14 31.13 39.34
N ASN F 262 6.58 32.04 38.45
CA ASN F 262 5.71 33.03 37.76
C ASN F 262 4.78 32.33 36.74
N GLY F 263 5.18 31.15 36.26
CA GLY F 263 4.52 30.48 35.12
C GLY F 263 4.76 31.24 33.83
N THR F 264 4.21 30.79 32.71
CA THR F 264 4.20 31.52 31.42
C THR F 264 2.87 32.26 31.29
N ARG F 265 2.89 33.48 30.78
CA ARG F 265 1.70 34.35 30.65
C ARG F 265 1.45 34.63 29.17
N PHE F 266 0.27 34.24 28.68
CA PHE F 266 -0.21 34.53 27.31
C PHE F 266 -1.00 35.84 27.36
N ILE F 267 -0.45 36.91 26.78
CA ILE F 267 -1.10 38.26 26.71
C ILE F 267 -1.73 38.40 25.32
N ILE F 268 -3.06 38.48 25.27
CA ILE F 268 -3.84 38.52 24.00
C ILE F 268 -4.31 39.96 23.75
N VAL F 269 -3.83 40.56 22.67
CA VAL F 269 -4.15 41.96 22.26
C VAL F 269 -4.85 41.92 20.90
N ASN F 270 -6.02 42.57 20.80
CA ASN F 270 -6.71 42.86 19.52
C ASN F 270 -5.80 43.78 18.71
N ARG F 271 -5.36 43.33 17.52
CA ARG F 271 -4.33 44.03 16.72
C ARG F 271 -5.00 44.97 15.70
N GLN F 272 -6.29 45.28 15.87
CA GLN F 272 -7.01 46.31 15.08
C GLN F 272 -7.43 47.50 15.95
N ASN F 273 -7.70 47.28 17.24
CA ASN F 273 -8.20 48.34 18.16
C ASN F 273 -7.40 48.36 19.48
N GLY F 274 -6.40 47.49 19.64
CA GLY F 274 -5.47 47.51 20.79
C GLY F 274 -6.10 47.08 22.11
N ASN F 275 -7.35 46.59 22.11
CA ASN F 275 -8.04 46.12 23.34
C ASN F 275 -7.31 44.90 23.90
N LEU F 276 -7.18 44.82 25.23
CA LEU F 276 -6.61 43.66 25.95
C LEU F 276 -7.70 42.59 26.06
N VAL F 277 -7.63 41.54 25.25
CA VAL F 277 -8.61 40.42 25.23
C VAL F 277 -8.52 39.68 26.57
N GLY F 278 -7.29 39.46 27.06
CA GLY F 278 -7.04 38.88 28.39
C GLY F 278 -5.64 38.33 28.52
N THR F 279 -5.30 37.90 29.75
CA THR F 279 -4.04 37.20 30.10
C THR F 279 -4.39 35.82 30.66
N TYR F 280 -3.63 34.80 30.27
CA TYR F 280 -3.81 33.39 30.67
C TYR F 280 -2.45 32.80 31.06
N LYS F 281 -2.43 31.91 32.04
CA LYS F 281 -1.17 31.31 32.57
C LYS F 281 -1.14 29.81 32.24
N SER F 282 0.05 29.32 31.88
CA SER F 282 0.43 27.89 31.83
C SER F 282 1.63 27.67 32.77
N ASP F 283 2.03 26.42 32.99
CA ASP F 283 3.31 26.08 33.67
C ASP F 283 4.46 26.72 32.88
N ALA F 284 5.54 27.06 33.56
CA ALA F 284 6.75 27.68 32.98
C ALA F 284 7.27 26.84 31.81
N PHE F 285 7.67 27.51 30.73
CA PHE F 285 8.50 26.98 29.62
C PHE F 285 9.17 28.17 28.93
N PHE F 286 10.13 27.91 28.03
CA PHE F 286 10.86 28.95 27.25
C PHE F 286 10.82 28.57 25.77
N ALA F 287 10.94 29.57 24.89
CA ALA F 287 10.99 29.40 23.42
C ALA F 287 11.67 30.61 22.78
N PHE F 288 12.43 30.38 21.72
CA PHE F 288 12.90 31.45 20.80
C PHE F 288 11.83 31.69 19.74
N HIS F 289 11.35 30.62 19.11
CA HIS F 289 10.60 30.67 17.83
C HIS F 289 9.19 30.11 17.99
N HIS F 290 8.20 30.96 17.69
CA HIS F 290 6.80 30.59 17.36
C HIS F 290 6.79 29.91 15.99
N VAL F 291 5.84 29.00 15.78
CA VAL F 291 5.64 28.26 14.50
C VAL F 291 4.50 28.93 13.73
N ASN F 292 3.32 28.99 14.37
CA ASN F 292 2.07 29.55 13.81
C ASN F 292 1.00 29.52 14.91
N ALA F 293 -0.03 30.36 14.79
CA ALA F 293 -1.19 30.40 15.70
C ALA F 293 -2.45 30.68 14.89
N PHE F 294 -3.62 30.31 15.41
CA PHE F 294 -4.93 30.53 14.72
C PHE F 294 -6.07 30.42 15.73
N GLU F 295 -7.15 31.15 15.45
CA GLU F 295 -8.43 31.12 16.21
C GLU F 295 -9.28 29.98 15.65
N LYS F 296 -10.00 29.26 16.51
CA LYS F 296 -10.99 28.23 16.10
C LYS F 296 -12.12 28.22 17.14
N GLN F 297 -13.31 28.67 16.73
CA GLN F 297 -14.48 28.90 17.62
C GLN F 297 -14.06 29.91 18.69
N GLU F 298 -14.23 29.60 19.99
CA GLU F 298 -13.92 30.50 21.12
C GLU F 298 -12.56 30.13 21.73
N GLU F 299 -11.62 29.63 20.90
CA GLU F 299 -10.29 29.14 21.33
C GLU F 299 -9.19 29.69 20.40
N ILE F 300 -7.99 29.86 20.96
CA ILE F 300 -6.74 30.19 20.21
C ILE F 300 -5.75 29.04 20.40
N PHE F 301 -5.22 28.51 19.29
CA PHE F 301 -4.13 27.50 19.29
C PHE F 301 -2.83 28.22 18.94
N VAL F 302 -1.81 28.07 19.78
CA VAL F 302 -0.47 28.69 19.64
C VAL F 302 0.56 27.57 19.58
N ASP F 303 1.21 27.40 18.43
CA ASP F 303 2.26 26.38 18.20
C ASP F 303 3.62 27.05 18.42
N ILE F 304 4.42 26.51 19.35
CA ILE F 304 5.71 27.09 19.80
C ILE F 304 6.77 25.97 19.84
N ILE F 305 8.00 26.29 19.46
CA ILE F 305 9.20 25.43 19.67
C ILE F 305 9.66 25.66 21.12
N ALA F 306 9.22 24.80 22.03
CA ALA F 306 9.31 24.98 23.49
C ALA F 306 10.45 24.15 24.08
N TYR F 307 11.23 24.76 24.97
CA TYR F 307 12.21 24.11 25.88
C TYR F 307 11.57 24.05 27.27
N GLN F 308 12.03 23.15 28.13
CA GLN F 308 11.53 23.02 29.53
C GLN F 308 11.86 24.31 30.29
N ASP F 309 13.00 24.93 30.00
CA ASP F 309 13.48 26.15 30.69
C ASP F 309 14.42 26.94 29.77
N SER F 310 15.10 27.95 30.30
CA SER F 310 15.91 28.94 29.54
C SER F 310 17.38 28.50 29.43
N SER F 311 17.70 27.26 29.81
CA SER F 311 19.10 26.76 29.87
C SER F 311 19.72 26.70 28.47
N ILE F 312 18.91 26.55 27.42
CA ILE F 312 19.37 26.60 25.99
C ILE F 312 20.21 27.86 25.76
N VAL F 313 19.84 29.00 26.38
CA VAL F 313 20.54 30.30 26.15
C VAL F 313 22.03 30.15 26.50
N ASN F 314 22.33 29.50 27.63
CA ASN F 314 23.73 29.30 28.12
C ASN F 314 24.43 28.20 27.33
N ALA F 315 23.69 27.36 26.62
CA ALA F 315 24.23 26.25 25.80
C ALA F 315 24.76 26.79 24.47
N LEU F 316 24.34 27.99 24.07
CA LEU F 316 24.71 28.60 22.76
C LEU F 316 25.86 29.59 22.93
N TYR F 317 26.56 29.55 24.07
CA TYR F 317 27.92 30.13 24.21
C TYR F 317 28.89 29.33 23.32
N LEU F 318 29.84 30.03 22.70
CA LEU F 318 30.71 29.46 21.63
C LEU F 318 31.59 28.33 22.20
N ASP F 319 32.03 28.41 23.45
CA ASP F 319 32.96 27.41 24.04
C ASP F 319 32.24 26.06 24.18
N ILE F 320 30.91 26.06 24.34
CA ILE F 320 30.06 24.83 24.36
C ILE F 320 29.84 24.38 22.91
N LEU F 321 29.41 25.29 22.03
CA LEU F 321 29.12 24.97 20.59
C LEU F 321 30.40 24.45 19.93
N PRO F 330 20.15 21.48 25.06
CA PRO F 330 18.81 20.98 25.31
C PRO F 330 17.94 21.01 24.04
N THR F 331 17.02 20.05 23.90
CA THR F 331 16.14 19.89 22.73
C THR F 331 14.83 20.66 22.95
N SER F 332 14.23 21.14 21.87
CA SER F 332 12.91 21.81 21.83
C SER F 332 11.98 20.97 20.96
N HIS F 333 10.67 21.04 21.21
CA HIS F 333 9.60 20.25 20.52
C HIS F 333 8.41 21.18 20.25
N ILE F 334 7.63 20.89 19.20
CA ILE F 334 6.43 21.69 18.81
C ILE F 334 5.32 21.40 19.84
N ARG F 335 4.97 22.39 20.64
CA ARG F 335 3.83 22.33 21.60
C ARG F 335 2.69 23.18 21.04
N ARG F 336 1.50 22.59 20.94
CA ARG F 336 0.24 23.31 20.64
C ARG F 336 -0.44 23.67 21.96
N TYR F 337 -0.36 24.95 22.35
CA TYR F 337 -1.08 25.51 23.52
C TYR F 337 -2.51 25.87 23.07
N ARG F 338 -3.50 25.46 23.86
CA ARG F 338 -4.93 25.79 23.66
C ARG F 338 -5.35 26.80 24.73
N ILE F 339 -5.66 28.03 24.30
CA ILE F 339 -6.19 29.12 25.17
C ILE F 339 -7.70 29.14 25.05
N PRO F 340 -8.46 28.72 26.10
CA PRO F 340 -9.90 28.83 26.09
C PRO F 340 -10.26 30.27 26.53
N LEU F 341 -10.67 31.11 25.58
CA LEU F 341 -11.02 32.54 25.84
C LEU F 341 -12.13 32.57 26.89
N SER F 342 -13.04 31.59 26.85
CA SER F 342 -14.12 31.33 27.83
C SER F 342 -13.59 31.37 29.27
N GLY F 343 -12.34 30.94 29.48
CA GLY F 343 -11.66 30.93 30.79
C GLY F 343 -11.16 29.53 31.14
N GLY F 344 -10.02 29.46 31.81
CA GLY F 344 -9.39 28.19 32.26
C GLY F 344 -7.89 28.22 32.08
N GLN F 345 -7.17 27.35 32.80
CA GLN F 345 -5.69 27.17 32.66
C GLN F 345 -5.41 26.76 31.21
N VAL F 346 -4.31 27.26 30.66
CA VAL F 346 -3.81 26.92 29.30
C VAL F 346 -3.06 25.58 29.38
N GLU F 347 -3.57 24.56 28.69
CA GLU F 347 -2.91 23.23 28.56
C GLU F 347 -2.28 23.15 27.15
N TYR F 348 -1.39 22.19 26.92
CA TYR F 348 -0.77 21.92 25.59
C TYR F 348 -0.72 20.41 25.32
N GLU F 349 -0.54 20.06 24.04
CA GLU F 349 -0.09 18.71 23.60
C GLU F 349 1.07 18.89 22.62
N MET F 350 1.96 17.89 22.54
CA MET F 350 3.07 17.84 21.55
C MET F 350 2.52 17.41 20.19
N LEU F 351 2.93 18.11 19.13
CA LEU F 351 2.47 17.84 17.74
C LEU F 351 3.44 16.83 17.08
N SER F 352 4.59 16.60 17.70
CA SER F 352 5.63 15.63 17.26
C SER F 352 6.62 15.40 18.40
N SER F 353 7.23 14.22 18.48
CA SER F 353 8.28 13.86 19.47
C SER F 353 9.67 14.24 18.92
N GLU F 354 9.75 14.59 17.64
CA GLU F 354 11.01 15.02 16.96
C GLU F 354 11.42 16.41 17.48
N ALA F 355 12.69 16.54 17.82
CA ALA F 355 13.29 17.81 18.29
C ALA F 355 13.41 18.73 17.07
N VAL F 356 12.95 19.98 17.20
CA VAL F 356 12.89 20.98 16.10
C VAL F 356 13.43 22.32 16.58
N GLU F 357 14.16 23.03 15.71
CA GLU F 357 14.42 24.49 15.82
C GLU F 357 14.38 25.11 14.42
N LEU F 358 14.48 26.45 14.36
CA LEU F 358 14.44 27.24 13.11
C LEU F 358 13.21 26.84 12.29
N PRO F 359 11.99 26.90 12.88
CA PRO F 359 10.78 26.50 12.20
C PRO F 359 10.43 27.49 11.08
N ARG F 360 9.89 26.98 9.98
CA ARG F 360 9.34 27.77 8.85
C ARG F 360 8.10 27.06 8.32
N ILE F 361 7.15 27.83 7.78
CA ILE F 361 5.88 27.31 7.20
C ILE F 361 5.68 27.95 5.83
N ASN F 362 4.62 27.54 5.14
CA ASN F 362 4.01 28.29 4.02
C ASN F 362 3.40 29.55 4.62
N TYR F 363 4.25 30.53 4.96
CA TYR F 363 3.86 31.74 5.74
C TYR F 363 2.81 32.53 4.96
N LYS F 364 3.06 32.81 3.67
CA LYS F 364 2.24 33.74 2.85
C LYS F 364 0.79 33.24 2.79
N GLN F 365 0.55 31.92 2.84
CA GLN F 365 -0.81 31.34 2.65
C GLN F 365 -1.42 30.84 3.98
N TYR F 366 -0.61 30.48 4.98
CA TYR F 366 -1.08 29.71 6.16
C TYR F 366 -0.74 30.37 7.50
N ASN F 367 0.06 31.44 7.55
CA ASN F 367 0.27 32.20 8.82
C ASN F 367 -1.09 32.72 9.28
N THR F 368 -1.40 32.59 10.57
CA THR F 368 -2.68 32.97 11.24
C THR F 368 -3.79 31.94 10.97
N LYS F 369 -3.51 30.88 10.21
CA LYS F 369 -4.54 29.92 9.74
C LYS F 369 -4.19 28.50 10.21
N ASP F 370 -5.23 27.66 10.36
CA ASP F 370 -5.08 26.19 10.55
C ASP F 370 -4.23 25.66 9.39
N TYR F 371 -3.30 24.76 9.69
CA TYR F 371 -2.22 24.33 8.76
C TYR F 371 -1.78 22.91 9.14
N ARG F 372 -0.88 22.32 8.35
CA ARG F 372 -0.51 20.88 8.44
C ARG F 372 1.01 20.68 8.53
N PHE F 373 1.84 21.59 8.00
CA PHE F 373 3.28 21.32 7.71
C PHE F 373 4.18 22.36 8.37
N VAL F 374 5.20 21.87 9.09
CA VAL F 374 6.31 22.66 9.68
C VAL F 374 7.63 22.10 9.15
N TYR F 375 8.53 22.98 8.70
CA TYR F 375 9.92 22.64 8.31
C TYR F 375 10.85 23.20 9.40
N GLY F 376 11.93 22.49 9.70
CA GLY F 376 12.91 22.91 10.70
C GLY F 376 14.17 22.07 10.67
N ILE F 377 15.07 22.30 11.63
CA ILE F 377 16.31 21.50 11.84
C ILE F 377 16.06 20.54 13.02
N GLN F 388 20.14 17.33 10.57
CA GLN F 388 18.93 16.93 9.80
C GLN F 388 18.07 18.16 9.48
N LEU F 389 17.55 18.22 8.27
CA LEU F 389 16.29 18.94 7.93
C LEU F 389 15.13 17.98 8.16
N VAL F 390 14.04 18.49 8.75
CA VAL F 390 12.83 17.69 9.10
C VAL F 390 11.62 18.43 8.54
N LYS F 391 10.63 17.67 8.07
CA LYS F 391 9.28 18.17 7.68
C LYS F 391 8.26 17.42 8.54
N ILE F 392 7.56 18.09 9.47
CA ILE F 392 6.64 17.42 10.44
C ILE F 392 5.25 17.24 9.79
N SER F 398 3.65 12.27 11.85
CA SER F 398 4.79 11.70 11.10
C SER F 398 5.78 12.82 10.74
N SER F 399 6.95 12.45 10.23
CA SER F 399 8.01 13.38 9.75
C SER F 399 8.78 12.75 8.58
N LYS F 400 9.26 13.59 7.66
CA LYS F 400 10.25 13.26 6.60
C LYS F 400 11.57 13.93 6.99
N ILE F 401 12.71 13.31 6.66
CA ILE F 401 14.07 13.74 7.08
C ILE F 401 14.97 13.87 5.86
N TRP F 402 15.79 14.92 5.82
CA TRP F 402 16.95 15.03 4.88
C TRP F 402 18.23 15.15 5.71
N SER F 403 19.28 14.43 5.32
CA SER F 403 20.63 14.47 5.94
C SER F 403 21.67 13.91 4.97
N GLU F 404 22.94 14.18 5.24
CA GLU F 404 24.11 13.74 4.43
C GLU F 404 25.34 13.69 5.33
N LYS F 405 26.13 12.61 5.25
CA LYS F 405 27.36 12.40 6.06
C LYS F 405 28.13 13.73 6.20
N ASP F 406 28.36 14.18 7.44
CA ASP F 406 29.25 15.32 7.78
C ASP F 406 28.72 16.64 7.21
N CYS F 407 27.41 16.72 6.93
CA CYS F 407 26.72 17.95 6.46
C CYS F 407 25.78 18.45 7.56
N TYR F 408 25.73 19.78 7.72
CA TYR F 408 24.95 20.48 8.78
C TYR F 408 24.07 21.53 8.11
N PRO F 409 22.77 21.24 7.89
CA PRO F 409 21.89 22.14 7.15
C PRO F 409 21.34 23.32 7.99
N GLY F 410 21.24 24.50 7.37
CA GLY F 410 20.66 25.72 7.96
C GLY F 410 19.15 25.77 7.84
N GLU F 411 18.55 26.88 8.27
CA GLU F 411 17.08 27.13 8.27
C GLU F 411 16.47 26.78 6.92
N PRO F 412 15.41 25.93 6.90
CA PRO F 412 14.69 25.63 5.67
C PRO F 412 13.70 26.74 5.31
N VAL F 413 14.02 27.53 4.28
CA VAL F 413 13.14 28.62 3.76
C VAL F 413 12.21 28.04 2.69
N PHE F 414 10.89 28.08 2.93
CA PHE F 414 9.84 27.59 1.99
C PHE F 414 9.50 28.68 0.97
N VAL F 415 9.44 28.33 -0.32
CA VAL F 415 8.92 29.20 -1.41
C VAL F 415 7.84 28.43 -2.16
N GLY F 416 6.58 28.88 -2.09
CA GLY F 416 5.43 28.24 -2.76
C GLY F 416 5.54 28.35 -4.27
N ALA F 417 5.13 27.29 -4.98
CA ALA F 417 5.20 27.21 -6.46
C ALA F 417 4.11 28.11 -7.06
N PRO F 418 4.24 28.54 -8.34
CA PRO F 418 3.22 29.36 -8.98
C PRO F 418 1.87 28.62 -9.09
N ASP F 419 0.77 29.30 -8.73
CA ASP F 419 -0.63 28.79 -8.81
C ASP F 419 -0.72 27.42 -8.13
N ALA F 420 -0.07 27.25 -6.98
CA ALA F 420 -0.08 26.02 -6.16
C ALA F 420 -1.45 25.88 -5.48
N THR F 421 -1.98 24.65 -5.42
CA THR F 421 -3.29 24.33 -4.78
C THR F 421 -3.08 23.59 -3.45
N LYS F 422 -1.82 23.32 -3.06
CA LYS F 422 -1.46 22.53 -1.85
C LYS F 422 -0.54 23.35 -0.93
N GLU F 423 -0.61 23.11 0.38
CA GLU F 423 0.15 23.85 1.42
C GLU F 423 1.66 23.63 1.23
N ASP F 424 2.06 22.43 0.78
CA ASP F 424 3.47 21.99 0.71
C ASP F 424 3.92 21.85 -0.76
N GLU F 425 3.20 22.51 -1.68
CA GLU F 425 3.60 22.59 -3.12
C GLU F 425 4.56 23.77 -3.27
N GLY F 426 5.86 23.47 -3.41
CA GLY F 426 6.91 24.48 -3.57
C GLY F 426 8.31 23.91 -3.34
N LEU F 427 9.24 24.77 -2.94
CA LEU F 427 10.67 24.40 -2.71
C LEU F 427 11.07 24.77 -1.28
N ILE F 428 12.07 24.06 -0.75
CA ILE F 428 12.80 24.38 0.52
C ILE F 428 14.24 24.76 0.14
N LEU F 429 14.70 25.94 0.57
CA LEU F 429 16.09 26.42 0.38
C LEU F 429 16.79 26.41 1.73
N SER F 430 17.94 25.72 1.82
CA SER F 430 18.76 25.57 3.05
C SER F 430 20.23 25.73 2.70
N ALA F 431 20.92 26.68 3.33
CA ALA F 431 22.40 26.79 3.33
C ALA F 431 22.98 25.66 4.18
N VAL F 432 23.76 24.76 3.58
CA VAL F 432 24.28 23.53 4.23
C VAL F 432 25.81 23.62 4.30
N LEU F 433 26.37 23.38 5.49
CA LEU F 433 27.84 23.24 5.69
C LEU F 433 28.24 21.80 5.40
N ASP F 434 29.20 21.61 4.49
CA ASP F 434 29.86 20.30 4.23
C ASP F 434 31.23 20.33 4.91
N ALA F 435 31.35 19.67 6.06
CA ALA F 435 32.49 19.77 7.00
C ALA F 435 33.76 19.15 6.38
N THR F 436 33.63 18.02 5.67
CA THR F 436 34.76 17.30 5.02
C THR F 436 35.30 18.14 3.86
N ASN F 437 34.41 18.81 3.13
CA ASN F 437 34.72 19.69 1.96
C ASN F 437 35.16 21.07 2.45
N ALA F 438 34.81 21.45 3.69
CA ALA F 438 35.14 22.74 4.33
C ALA F 438 34.56 23.89 3.51
N LYS F 439 33.40 23.65 2.89
CA LYS F 439 32.64 24.63 2.06
C LYS F 439 31.15 24.35 2.21
N SER F 440 30.30 25.31 1.88
CA SER F 440 28.82 25.23 2.01
C SER F 440 28.19 25.13 0.62
N PHE F 441 26.98 24.56 0.55
CA PHE F 441 26.15 24.52 -0.68
C PHE F 441 24.72 24.94 -0.32
N LEU F 442 24.01 25.55 -1.27
CA LEU F 442 22.56 25.81 -1.19
C LEU F 442 21.82 24.54 -1.66
N LEU F 443 21.05 23.92 -0.77
CA LEU F 443 20.25 22.69 -1.05
C LEU F 443 18.83 23.13 -1.41
N ILE F 444 18.32 22.64 -2.55
CA ILE F 444 16.90 22.88 -2.96
C ILE F 444 16.16 21.55 -2.95
N LEU F 445 15.23 21.39 -2.00
CA LEU F 445 14.33 20.22 -1.89
C LEU F 445 12.99 20.60 -2.52
N ASP F 446 12.31 19.66 -3.17
CA ASP F 446 10.85 19.74 -3.41
C ASP F 446 10.17 19.61 -2.05
N ALA F 447 9.27 20.53 -1.70
CA ALA F 447 8.63 20.60 -0.37
C ALA F 447 7.70 19.39 -0.15
N THR F 448 7.11 18.84 -1.22
CA THR F 448 6.13 17.73 -1.15
C THR F 448 6.84 16.41 -0.84
N THR F 449 7.83 16.02 -1.65
CA THR F 449 8.62 14.76 -1.49
C THR F 449 9.66 14.94 -0.37
N PHE F 450 10.13 16.17 -0.16
CA PHE F 450 11.24 16.55 0.75
C PHE F 450 12.55 15.89 0.27
N GLU F 451 12.67 15.66 -1.04
CA GLU F 451 13.90 15.12 -1.69
C GLU F 451 14.56 16.21 -2.53
N GLU F 452 15.87 16.08 -2.75
CA GLU F 452 16.72 17.08 -3.46
C GLU F 452 16.30 17.17 -4.94
N VAL F 453 16.17 18.40 -5.45
CA VAL F 453 15.96 18.68 -6.91
C VAL F 453 17.20 19.41 -7.46
N ALA F 454 18.04 20.02 -6.61
CA ALA F 454 19.25 20.75 -7.05
C ALA F 454 20.12 21.14 -5.84
N ARG F 455 21.39 21.49 -6.11
CA ARG F 455 22.27 22.18 -5.13
C ARG F 455 23.25 23.09 -5.89
N ALA F 456 23.70 24.17 -5.24
CA ALA F 456 24.66 25.16 -5.78
C ALA F 456 25.85 25.29 -4.83
N GLU F 457 27.06 25.02 -5.32
CA GLU F 457 28.31 24.98 -4.50
C GLU F 457 28.75 26.42 -4.25
N VAL F 458 29.21 26.74 -3.02
CA VAL F 458 29.83 28.04 -2.66
C VAL F 458 31.32 27.84 -2.43
N PRO F 459 32.23 28.68 -2.99
CA PRO F 459 33.67 28.47 -2.86
C PRO F 459 34.26 28.50 -1.43
N HIS F 460 33.45 28.85 -0.41
CA HIS F 460 33.90 28.94 1.01
C HIS F 460 32.80 28.39 1.92
N HIS F 461 33.10 28.26 3.22
CA HIS F 461 32.11 27.92 4.28
C HIS F 461 31.29 29.17 4.59
N ILE F 462 29.97 29.00 4.71
CA ILE F 462 29.02 29.98 5.28
C ILE F 462 28.86 29.62 6.75
N PRO F 463 29.35 30.46 7.70
CA PRO F 463 29.19 30.20 9.12
C PRO F 463 27.70 29.99 9.47
N PHE F 464 27.43 29.15 10.47
CA PHE F 464 26.05 28.86 10.94
C PHE F 464 25.35 30.18 11.23
N GLY F 465 24.28 30.43 10.49
CA GLY F 465 23.52 31.70 10.54
C GLY F 465 22.23 31.52 11.30
N PHE F 466 21.38 32.55 11.29
CA PHE F 466 20.06 32.54 11.97
C PHE F 466 18.98 32.44 10.90
N HIS F 467 18.52 33.57 10.36
CA HIS F 467 17.32 33.63 9.49
C HIS F 467 17.67 34.25 8.14
N GLY F 468 16.90 33.84 7.13
CA GLY F 468 16.90 34.44 5.79
C GLY F 468 15.50 34.55 5.24
N ASN F 469 15.33 35.25 4.12
CA ASN F 469 14.03 35.42 3.44
C ASN F 469 14.25 35.45 1.93
N TYR F 470 13.27 34.93 1.20
CA TYR F 470 13.22 34.96 -0.28
C TYR F 470 12.41 36.19 -0.69
N PHE F 471 12.99 37.04 -1.54
CA PHE F 471 12.36 38.26 -2.11
C PHE F 471 12.17 38.06 -3.61
N GLU F 472 10.93 38.18 -4.09
CA GLU F 472 10.55 37.94 -5.51
C GLU F 472 11.20 39.00 -6.39
CO CO G . 21.99 -29.77 -15.19
C1 QVM H . 38.68 -30.43 -8.45
C3 QVM H . 37.43 -31.00 -9.17
C6 QVM H . 33.84 -29.48 -9.13
O QVM H . 24.12 -26.73 -13.39
C16 QVM H . 24.81 -27.21 -12.53
C15 QVM H . 26.21 -27.60 -12.64
C14 QVM H . 26.95 -27.87 -11.56
C13 QVM H . 28.32 -28.25 -11.55
C11 QVM H . 29.09 -28.52 -10.47
C12 QVM H . 28.56 -28.33 -9.07
C10 QVM H . 30.44 -29.02 -10.63
C9 QVM H . 31.44 -28.99 -9.73
C8 QVM H . 32.78 -29.50 -9.97
C7 QVM H . 33.77 -28.92 -7.75
C5 QVM H . 35.11 -30.03 -9.57
C4 QVM H . 36.11 -30.42 -8.78
C17 QVM H . 37.50 -31.99 -10.09
C18 QVM H . 36.31 -32.70 -10.68
C19 QVM H . 38.83 -32.48 -10.64
C20 QVM H . 39.97 -32.30 -9.65
O1 QVM H . 41.21 -32.69 -10.25
C21 QVM H . 40.01 -30.86 -9.16
C2 QVM H . 38.73 -30.94 -6.99
C QVM H . 38.65 -28.90 -8.43
CL CL I . 48.21 -31.49 -19.51
CO CO J . -30.17 -20.14 9.96
NA NA K . -26.25 -0.97 11.47
C1 QVM L . -33.28 -32.11 -3.16
C3 QVM L . -33.43 -31.44 -1.77
C6 QVM L . -31.04 -29.01 0.02
O QVM L . -28.64 -20.37 6.42
C16 QVM L . -28.36 -21.38 5.80
C15 QVM L . -29.28 -22.17 5.00
C14 QVM L . -28.89 -23.32 4.44
C13 QVM L . -29.73 -24.18 3.63
C11 QVM L . -29.38 -25.36 3.05
C12 QVM L . -27.97 -25.88 3.13
C10 QVM L . -30.36 -26.15 2.35
C9 QVM L . -30.13 -27.21 1.54
C8 QVM L . -31.18 -27.96 0.88
C7 QVM L . -29.70 -29.58 -0.38
C5 QVM L . -32.23 -29.63 -0.52
C4 QVM L . -32.26 -30.77 -1.22
C17 QVM L . -34.54 -31.58 -1.01
C18 QVM L . -34.60 -31.28 0.47
C19 QVM L . -35.84 -32.06 -1.60
C20 QVM L . -35.62 -33.11 -2.66
O1 QVM L . -36.86 -33.55 -3.22
C21 QVM L . -34.68 -32.58 -3.74
C2 QVM L . -32.34 -33.33 -3.05
C QVM L . -32.67 -31.13 -4.18
CO CO M . 14.82 2.67 -37.78
C1 QVM N . 25.02 -0.23 -52.30
C3 QVM N . 24.60 0.51 -51.02
C6 QVM N . 21.18 0.08 -49.20
O QVM N . 14.97 -0.65 -40.21
C16 QVM N . 15.08 -0.46 -41.40
C15 QVM N . 16.33 -0.35 -42.14
C14 QVM N . 16.34 -0.21 -43.47
C13 QVM N . 17.54 -0.10 -44.26
C11 QVM N . 17.63 0.04 -45.61
C12 QVM N . 16.41 0.04 -46.50
C10 QVM N . 18.94 0.22 -46.22
C9 QVM N . 19.30 0.05 -47.50
C8 QVM N . 20.68 0.24 -47.94
C7 QVM N . 20.33 -0.27 -50.38
C5 QVM N . 22.61 0.22 -49.43
C4 QVM N . 23.18 0.36 -50.62
C17 QVM N . 25.43 1.30 -50.31
C18 QVM N . 25.01 2.18 -49.18
C19 QVM N . 26.92 1.34 -50.60
C20 QVM N . 27.25 0.97 -52.03
O1 QVM N . 28.67 0.87 -52.25
C21 QVM N . 26.56 -0.33 -52.40
C2 QVM N . 24.49 0.50 -53.54
C QVM N . 24.45 -1.66 -52.31
NA NA O . 6.76 -7.93 -23.18
CO CO P . -38.33 14.74 -7.97
C1 QVM Q . -55.94 17.04 -12.02
C3 QVM Q . -54.45 16.94 -12.39
C6 QVM Q . -51.53 17.04 -9.73
O QVM Q . -41.78 13.89 -5.82
C16 QVM Q . -42.72 14.67 -5.79
C15 QVM Q . -43.83 14.70 -6.73
C14 QVM Q . -44.83 15.60 -6.62
C13 QVM Q . -45.93 15.65 -7.54
C11 QVM Q . -47.00 16.49 -7.52
C12 QVM Q . -47.19 17.51 -6.43
C10 QVM Q . -48.01 16.39 -8.57
C9 QVM Q . -49.28 16.82 -8.55
C8 QVM Q . -50.22 16.67 -9.67
C7 QVM Q . -52.23 17.74 -8.60
C5 QVM Q . -52.33 16.68 -10.90
C4 QVM Q . -53.51 17.21 -11.23
C17 QVM Q . -54.02 16.71 -13.65
C18 QVM Q . -52.59 16.81 -14.09
C19 QVM Q . -54.97 16.30 -14.75
C20 QVM Q . -56.39 16.80 -14.53
O1 QVM Q . -57.28 16.22 -15.48
C21 QVM Q . -56.84 16.44 -13.12
C2 QVM Q . -56.36 18.51 -11.78
C QVM Q . -56.23 16.25 -10.74
CO CO R . 19.03 -0.90 35.80
CL CL S . 28.61 -10.07 60.35
CO CO T . 15.34 33.85 15.63
#